data_5CG0
#
_entry.id   5CG0
#
_cell.length_a   53.825
_cell.length_b   64.994
_cell.length_c   257.189
_cell.angle_alpha   93.160
_cell.angle_beta   92.040
_cell.angle_gamma   112.180
#
_symmetry.space_group_name_H-M   'P 1'
#
loop_
_entity.id
_entity.type
_entity.pdbx_description
1 polymer Beta-glucosidase
2 branched 2-acetamido-2-deoxy-beta-D-glucopyranose-(1-4)-2-acetamido-2-deoxy-beta-D-glucopyranose
3 non-polymer 2-AMINO-2-HYDROXYMETHYL-PROPANE-1,3-DIOL
4 non-polymer 2-acetamido-2-deoxy-beta-D-glucopyranose
5 water water
#
_entity_poly.entity_id   1
_entity_poly.type   'polypeptide(L)'
_entity_poly.pdbx_seq_one_letter_code
;QQRRFPDDFLFGTATASYQIEGAWDEDGKGENIWDYMVHNTPEVIRDLSNGDIAADSYHNYKRDVEMMRELGLDAYRFSL
SWARILPTGMANEVNPAGIAFYNNYIDEMLKYNITPLITLYHWDLPQKLQELGGFANPLISDWFEDYARVVFENFGDRVK
MFITFNEPREICFEGYGSATKAPILNATAMGAYLCAKNLVTAHAKAYYLYDREFRPVQGGQCGITISVNWFGPATPTPED
EMAAELRRQGEWGIYAHPIFSAEGGFPKELSDKIAEKSAQQGYPWSRLPEFTEEEKAFVRGTSDFFGVNHYTAFLVSATE
RKGPYPVPSLLDDVDTGSWADDSWLKSASAWLTLAPNSIHTALTHLNNLYNKPVFYITENGWSTDESRENSLIDDDRIQY
YRASMESLLNCLDDGINLKGYMAWSLMDNFEWMEGYIERFGLYEVDFSDPARTRTPRKAAFVYKHIIKHRVVDYEYEPET
MVMTIDEGH
;
_entity_poly.pdbx_strand_id   A,B,C,D,E,F
#
loop_
_chem_comp.id
_chem_comp.type
_chem_comp.name
_chem_comp.formula
NAG D-saccharide, beta linking 2-acetamido-2-deoxy-beta-D-glucopyranose 'C8 H15 N O6'
TRS non-polymer 2-AMINO-2-HYDROXYMETHYL-PROPANE-1,3-DIOL 'C4 H12 N O3 1'
#
# COMPACT_ATOMS: atom_id res chain seq x y z
N GLN A 2 49.53 -29.91 -11.12
CA GLN A 2 48.69 -28.94 -10.32
C GLN A 2 47.82 -28.08 -11.24
N ARG A 3 46.53 -27.98 -10.92
CA ARG A 3 45.68 -27.06 -11.67
C ARG A 3 45.93 -25.66 -11.15
N ARG A 4 46.03 -24.70 -12.07
CA ARG A 4 46.51 -23.37 -11.74
C ARG A 4 45.57 -22.31 -12.29
N PHE A 5 45.33 -21.27 -11.49
CA PHE A 5 44.54 -20.13 -11.97
C PHE A 5 45.40 -19.32 -12.94
N PRO A 6 44.82 -18.85 -14.06
CA PRO A 6 45.61 -18.00 -14.97
C PRO A 6 46.00 -16.70 -14.29
N ASP A 7 47.11 -16.12 -14.71
CA ASP A 7 47.59 -14.87 -14.11
C ASP A 7 46.61 -13.70 -14.16
N ASP A 8 45.81 -13.67 -15.20
CA ASP A 8 44.88 -12.57 -15.43
C ASP A 8 43.53 -12.73 -14.70
N PHE A 9 43.28 -13.91 -14.11
CA PHE A 9 42.04 -14.14 -13.36
C PHE A 9 41.95 -13.19 -12.15
N LEU A 10 40.85 -12.46 -12.00
CA LEU A 10 40.76 -11.40 -10.99
C LEU A 10 40.26 -11.89 -9.63
N PHE A 11 41.11 -11.82 -8.62
CA PHE A 11 40.69 -12.13 -7.25
C PHE A 11 40.47 -10.86 -6.47
N GLY A 12 39.32 -10.80 -5.81
CA GLY A 12 39.01 -9.68 -4.92
C GLY A 12 38.12 -10.06 -3.76
N THR A 13 37.59 -9.03 -3.11
CA THR A 13 36.57 -9.19 -2.09
C THR A 13 35.50 -8.14 -2.36
N ALA A 14 34.38 -8.27 -1.69
CA ALA A 14 33.25 -7.37 -1.90
C ALA A 14 32.65 -6.87 -0.58
N THR A 15 32.08 -5.67 -0.62
CA THR A 15 31.31 -5.09 0.50
C THR A 15 30.14 -4.30 -0.08
N ALA A 16 29.25 -3.82 0.79
CA ALA A 16 28.14 -2.93 0.43
C ALA A 16 28.08 -1.77 1.40
N SER A 17 27.66 -0.63 0.88
CA SER A 17 27.76 0.63 1.59
C SER A 17 27.10 0.60 2.96
N TYR A 18 25.87 0.12 3.05
CA TYR A 18 25.19 0.16 4.35
C TYR A 18 25.82 -0.78 5.37
N GLN A 19 26.43 -1.85 4.88
CA GLN A 19 26.96 -2.88 5.73
C GLN A 19 28.25 -2.46 6.39
N ILE A 20 29.01 -1.55 5.77
CA ILE A 20 30.33 -1.10 6.30
C ILE A 20 30.50 0.37 6.66
N GLU A 21 29.78 1.28 6.01
CA GLU A 21 30.16 2.71 6.03
C GLU A 21 29.98 3.40 7.39
N GLY A 22 28.85 3.17 8.03
CA GLY A 22 28.44 3.95 9.17
C GLY A 22 28.19 5.38 8.73
N ALA A 23 28.43 6.34 9.63
CA ALA A 23 28.27 7.75 9.30
C ALA A 23 26.92 8.04 8.63
N TRP A 24 25.85 7.46 9.19
CA TRP A 24 24.54 7.40 8.51
C TRP A 24 23.82 8.75 8.35
N ASP A 25 24.14 9.72 9.21
CA ASP A 25 23.56 11.05 9.12
C ASP A 25 24.64 12.14 9.06
N GLU A 26 25.82 11.77 8.62
CA GLU A 26 26.95 12.67 8.59
C GLU A 26 27.06 13.37 7.23
N ASP A 27 27.59 14.58 7.26
CA ASP A 27 27.93 15.37 6.08
C ASP A 27 26.83 15.42 5.00
N GLY A 28 25.60 15.62 5.44
CA GLY A 28 24.49 15.84 4.55
C GLY A 28 23.89 14.58 3.91
N LYS A 29 24.25 13.40 4.40
CA LYS A 29 23.64 12.19 3.86
C LYS A 29 22.14 12.09 4.19
N GLY A 30 21.33 11.75 3.19
CA GLY A 30 19.90 11.54 3.40
C GLY A 30 19.58 10.22 4.07
N GLU A 31 18.40 10.14 4.64
CA GLU A 31 17.87 8.90 5.21
C GLU A 31 17.61 7.83 4.13
N ASN A 32 18.08 6.59 4.31
CA ASN A 32 17.71 5.49 3.38
C ASN A 32 16.70 4.56 4.04
N ILE A 33 16.24 3.59 3.27
CA ILE A 33 15.21 2.67 3.75
C ILE A 33 15.65 1.80 4.93
N TRP A 34 16.94 1.49 5.01
CA TRP A 34 17.48 0.77 6.18
C TRP A 34 17.54 1.66 7.42
N ASP A 35 18.08 2.88 7.28
CA ASP A 35 18.04 3.86 8.38
C ASP A 35 16.63 3.97 8.88
N TYR A 36 15.70 4.17 7.94
CA TYR A 36 14.31 4.37 8.29
C TYR A 36 13.79 3.16 9.06
N MET A 37 13.99 1.97 8.52
CA MET A 37 13.45 0.76 9.15
C MET A 37 14.00 0.52 10.56
N VAL A 38 15.32 0.52 10.71
CA VAL A 38 15.92 0.14 11.98
C VAL A 38 15.69 1.20 13.06
N HIS A 39 15.52 2.46 12.69
CA HIS A 39 15.20 3.47 13.68
C HIS A 39 13.74 3.43 14.12
N ASN A 40 12.82 3.14 13.21
CA ASN A 40 11.40 3.07 13.56
C ASN A 40 10.96 1.74 14.16
N THR A 41 11.47 0.63 13.63
CA THR A 41 11.16 -0.70 14.15
C THR A 41 12.43 -1.52 14.39
N PRO A 42 13.20 -1.17 15.44
CA PRO A 42 14.46 -1.86 15.71
C PRO A 42 14.34 -3.39 15.92
N GLU A 43 13.22 -3.83 16.47
CA GLU A 43 12.92 -5.25 16.70
C GLU A 43 13.01 -6.22 15.49
N VAL A 44 12.96 -5.69 14.27
CA VAL A 44 13.11 -6.54 13.07
C VAL A 44 14.54 -7.06 12.86
N ILE A 45 15.53 -6.44 13.51
CA ILE A 45 16.90 -6.94 13.51
C ILE A 45 17.11 -7.88 14.68
N ARG A 46 17.69 -9.05 14.44
CA ARG A 46 17.61 -10.14 15.39
C ARG A 46 18.31 -9.82 16.71
N ASP A 47 19.46 -9.15 16.64
CA ASP A 47 20.21 -8.72 17.83
C ASP A 47 20.00 -7.23 18.18
N LEU A 48 19.00 -6.58 17.56
CA LEU A 48 18.61 -5.20 17.87
C LEU A 48 19.71 -4.16 17.56
N SER A 49 20.59 -4.49 16.62
CA SER A 49 21.68 -3.64 16.21
C SER A 49 21.30 -2.93 14.92
N ASN A 50 22.13 -2.01 14.50
CA ASN A 50 21.89 -1.28 13.25
C ASN A 50 23.23 -0.91 12.62
N GLY A 51 23.17 -0.29 11.43
CA GLY A 51 24.34 0.15 10.70
C GLY A 51 24.72 1.61 10.87
N ASP A 52 24.22 2.25 11.94
CA ASP A 52 24.55 3.64 12.23
C ASP A 52 26.06 3.87 12.16
N ILE A 53 26.83 2.98 12.81
CA ILE A 53 28.29 3.01 12.72
C ILE A 53 28.91 1.87 11.93
N ALA A 54 28.32 0.68 12.01
CA ALA A 54 28.80 -0.50 11.31
C ALA A 54 30.31 -0.68 11.51
N ALA A 55 31.07 -0.85 10.42
CA ALA A 55 32.53 -0.96 10.47
C ALA A 55 33.21 0.41 10.35
N ASP A 56 32.41 1.46 10.26
CA ASP A 56 32.89 2.83 10.15
C ASP A 56 33.88 3.03 9.01
N SER A 57 33.62 2.40 7.88
CA SER A 57 34.50 2.58 6.74
C SER A 57 34.50 4.01 6.24
N TYR A 58 33.45 4.78 6.52
CA TYR A 58 33.44 6.18 6.13
C TYR A 58 34.70 6.91 6.61
N HIS A 59 35.08 6.64 7.85
CA HIS A 59 36.31 7.20 8.41
C HIS A 59 37.54 6.32 8.21
N ASN A 60 37.36 5.00 8.18
CA ASN A 60 38.47 4.06 8.20
C ASN A 60 38.89 3.49 6.82
N TYR A 61 38.49 4.15 5.72
CA TYR A 61 38.73 3.64 4.37
C TYR A 61 40.20 3.38 3.99
N LYS A 62 41.14 4.16 4.54
CA LYS A 62 42.55 3.88 4.30
C LYS A 62 43.02 2.53 4.88
N ARG A 63 42.48 2.17 6.03
CA ARG A 63 42.73 0.87 6.60
C ARG A 63 42.12 -0.23 5.74
N ASP A 64 40.91 -0.01 5.22
CA ASP A 64 40.31 -1.00 4.32
C ASP A 64 41.28 -1.31 3.18
N VAL A 65 41.82 -0.28 2.54
CA VAL A 65 42.76 -0.46 1.43
C VAL A 65 44.05 -1.11 1.88
N GLU A 66 44.53 -0.73 3.06
CA GLU A 66 45.64 -1.44 3.68
C GLU A 66 45.34 -2.95 3.80
N MET A 67 44.13 -3.30 4.20
CA MET A 67 43.73 -4.73 4.25
C MET A 67 43.71 -5.41 2.88
N MET A 68 43.27 -4.69 1.84
CA MET A 68 43.25 -5.24 0.49
C MET A 68 44.66 -5.56 0.01
N ARG A 69 45.59 -4.67 0.33
CA ARG A 69 47.00 -4.82 -0.01
C ARG A 69 47.62 -5.98 0.73
N GLU A 70 47.31 -6.10 2.02
CA GLU A 70 47.78 -7.24 2.81
C GLU A 70 47.38 -8.57 2.14
N LEU A 71 46.16 -8.60 1.61
CA LEU A 71 45.65 -9.78 0.90
C LEU A 71 46.30 -10.00 -0.48
N GLY A 72 46.79 -8.93 -1.10
CA GLY A 72 47.29 -8.99 -2.45
C GLY A 72 46.16 -9.06 -3.46
N LEU A 73 45.04 -8.41 -3.16
CA LEU A 73 43.90 -8.44 -4.06
C LEU A 73 44.21 -7.76 -5.39
N ASP A 74 43.59 -8.25 -6.45
CA ASP A 74 43.60 -7.59 -7.76
C ASP A 74 42.50 -6.54 -7.83
N ALA A 75 41.37 -6.82 -7.20
CA ALA A 75 40.18 -5.97 -7.31
C ALA A 75 39.33 -5.94 -6.04
N TYR A 76 38.55 -4.88 -5.91
CA TYR A 76 37.65 -4.71 -4.79
C TYR A 76 36.32 -4.20 -5.30
N ARG A 77 35.27 -4.87 -4.86
CA ARG A 77 33.93 -4.49 -5.23
C ARG A 77 33.27 -3.80 -4.05
N PHE A 78 32.77 -2.58 -4.25
CA PHE A 78 32.01 -1.89 -3.23
C PHE A 78 30.78 -1.23 -3.84
N SER A 79 29.92 -0.67 -3.01
CA SER A 79 28.69 -0.06 -3.50
C SER A 79 28.63 1.39 -3.08
N LEU A 80 27.85 2.18 -3.81
CA LEU A 80 27.69 3.60 -3.51
C LEU A 80 26.36 3.81 -2.83
N SER A 81 26.34 4.71 -1.84
CA SER A 81 25.11 5.03 -1.16
C SER A 81 24.43 6.16 -1.95
N TRP A 82 23.28 5.82 -2.55
CA TRP A 82 22.49 6.76 -3.33
C TRP A 82 22.13 7.99 -2.50
N ALA A 83 21.67 7.80 -1.26
CA ALA A 83 21.32 8.93 -0.37
C ALA A 83 22.52 9.75 0.12
N ARG A 84 23.72 9.19 0.08
CA ARG A 84 24.89 9.94 0.47
C ARG A 84 25.28 10.86 -0.66
N ILE A 85 24.96 10.44 -1.88
CA ILE A 85 25.33 11.15 -3.08
C ILE A 85 24.25 12.13 -3.48
N LEU A 86 22.99 11.67 -3.45
CA LEU A 86 21.81 12.48 -3.72
C LEU A 86 20.82 12.35 -2.56
N PRO A 87 20.96 13.18 -1.52
CA PRO A 87 20.18 13.06 -0.28
C PRO A 87 18.67 13.09 -0.43
N THR A 88 18.18 13.79 -1.46
CA THR A 88 16.75 13.83 -1.76
C THR A 88 16.34 12.66 -2.63
N GLY A 89 17.30 11.97 -3.22
CA GLY A 89 16.99 10.97 -4.23
C GLY A 89 17.11 11.47 -5.67
N MET A 90 16.84 12.76 -5.91
CA MET A 90 16.93 13.38 -7.23
C MET A 90 18.25 14.11 -7.45
N ALA A 91 18.53 14.39 -8.73
CA ALA A 91 19.83 14.90 -9.15
C ALA A 91 19.99 16.43 -9.08
N ASN A 92 19.03 17.13 -8.50
CA ASN A 92 19.17 18.57 -8.30
C ASN A 92 20.22 18.92 -7.24
N GLU A 93 20.42 18.03 -6.28
CA GLU A 93 21.35 18.30 -5.19
C GLU A 93 22.36 17.17 -5.08
N VAL A 94 23.58 17.44 -5.54
CA VAL A 94 24.65 16.48 -5.47
C VAL A 94 25.53 16.84 -4.27
N ASN A 95 25.59 15.94 -3.30
CA ASN A 95 26.29 16.17 -2.05
C ASN A 95 27.80 16.04 -2.23
N PRO A 96 28.55 17.14 -2.09
CA PRO A 96 29.98 17.09 -2.37
C PRO A 96 30.80 16.32 -1.34
N ALA A 97 30.32 16.20 -0.11
CA ALA A 97 31.00 15.37 0.87
C ALA A 97 30.88 13.88 0.50
N GLY A 98 29.71 13.46 0.03
CA GLY A 98 29.52 12.08 -0.41
C GLY A 98 30.41 11.76 -1.59
N ILE A 99 30.46 12.68 -2.55
CA ILE A 99 31.30 12.51 -3.71
C ILE A 99 32.79 12.52 -3.36
N ALA A 100 33.18 13.37 -2.42
CA ALA A 100 34.60 13.43 -2.06
C ALA A 100 35.03 12.11 -1.43
N PHE A 101 34.20 11.54 -0.56
CA PHE A 101 34.51 10.28 0.08
C PHE A 101 34.76 9.16 -0.94
N TYR A 102 33.84 8.98 -1.89
CA TYR A 102 34.03 7.92 -2.84
C TYR A 102 35.26 8.16 -3.71
N ASN A 103 35.51 9.42 -4.08
CA ASN A 103 36.75 9.74 -4.77
C ASN A 103 37.97 9.41 -3.93
N ASN A 104 37.91 9.74 -2.64
CA ASN A 104 39.01 9.37 -1.75
C ASN A 104 39.26 7.86 -1.72
N TYR A 105 38.20 7.08 -1.56
CA TYR A 105 38.30 5.62 -1.47
C TYR A 105 38.85 5.05 -2.79
N ILE A 106 38.27 5.47 -3.90
CA ILE A 106 38.74 5.05 -5.21
C ILE A 106 40.20 5.40 -5.42
N ASP A 107 40.57 6.66 -5.14
CA ASP A 107 41.92 7.13 -5.42
C ASP A 107 42.91 6.35 -4.57
N GLU A 108 42.55 6.05 -3.34
CA GLU A 108 43.41 5.24 -2.48
C GLU A 108 43.63 3.85 -3.09
N MET A 109 42.58 3.24 -3.61
CA MET A 109 42.70 1.94 -4.29
C MET A 109 43.66 2.00 -5.48
N LEU A 110 43.49 3.00 -6.35
CA LEU A 110 44.30 3.06 -7.57
C LEU A 110 45.75 3.37 -7.25
N LYS A 111 46.01 4.03 -6.13
CA LYS A 111 47.37 4.30 -5.69
C LYS A 111 48.18 3.01 -5.48
N TYR A 112 47.49 1.95 -5.06
CA TYR A 112 48.13 0.65 -4.86
C TYR A 112 47.65 -0.41 -5.88
N ASN A 113 47.27 0.07 -7.06
N ASN A 113 47.27 0.07 -7.06
CA ASN A 113 46.88 -0.76 -8.22
CA ASN A 113 46.89 -0.76 -8.20
C ASN A 113 45.80 -1.80 -7.96
C ASN A 113 45.80 -1.81 -7.93
N ILE A 114 44.83 -1.46 -7.11
CA ILE A 114 43.66 -2.30 -6.87
C ILE A 114 42.52 -1.79 -7.74
N THR A 115 41.92 -2.70 -8.51
CA THR A 115 40.88 -2.35 -9.46
C THR A 115 39.54 -2.21 -8.76
N PRO A 116 38.91 -1.04 -8.89
CA PRO A 116 37.57 -0.85 -8.33
C PRO A 116 36.43 -1.35 -9.22
N LEU A 117 35.49 -2.05 -8.59
CA LEU A 117 34.28 -2.52 -9.23
C LEU A 117 33.14 -1.85 -8.45
N ILE A 118 32.36 -1.01 -9.10
CA ILE A 118 31.33 -0.27 -8.39
C ILE A 118 29.95 -0.80 -8.67
N THR A 119 29.22 -1.08 -7.59
CA THR A 119 27.81 -1.38 -7.65
C THR A 119 27.00 -0.13 -7.35
N LEU A 120 26.07 0.21 -8.23
CA LEU A 120 25.30 1.43 -8.06
C LEU A 120 24.26 1.33 -6.98
N TYR A 121 23.62 0.16 -6.88
CA TYR A 121 22.54 -0.07 -5.94
C TYR A 121 22.71 -1.41 -5.23
N HIS A 122 22.96 -1.33 -3.92
CA HIS A 122 23.05 -2.51 -3.08
C HIS A 122 22.19 -2.30 -1.83
N TRP A 123 20.94 -1.87 -2.09
CA TRP A 123 19.77 -2.04 -1.23
C TRP A 123 19.43 -0.83 -0.35
N ASP A 124 20.09 0.29 -0.59
CA ASP A 124 19.91 1.46 0.24
C ASP A 124 19.28 2.64 -0.50
N LEU A 125 18.06 2.44 -0.95
CA LEU A 125 17.23 3.48 -1.57
C LEU A 125 16.96 4.64 -0.63
N PRO A 126 17.05 5.89 -1.10
CA PRO A 126 16.60 7.03 -0.27
C PRO A 126 15.16 6.88 0.20
N GLN A 127 14.90 7.18 1.47
CA GLN A 127 13.57 7.02 2.04
C GLN A 127 12.53 7.88 1.33
N LYS A 128 12.95 9.02 0.82
CA LYS A 128 12.06 9.89 0.07
C LYS A 128 11.56 9.24 -1.23
N LEU A 129 12.41 8.48 -1.90
CA LEU A 129 11.94 7.70 -3.04
C LEU A 129 11.00 6.56 -2.63
N GLN A 130 11.22 5.96 -1.46
CA GLN A 130 10.34 4.88 -1.00
C GLN A 130 8.93 5.40 -0.73
N GLU A 131 8.83 6.55 -0.08
CA GLU A 131 7.57 7.27 0.10
C GLU A 131 6.72 7.41 -1.19
N LEU A 132 7.39 7.52 -2.34
CA LEU A 132 6.71 7.58 -3.65
C LEU A 132 6.48 6.22 -4.30
N GLY A 133 6.63 5.12 -3.54
CA GLY A 133 6.45 3.76 -4.05
C GLY A 133 7.71 2.97 -4.29
N GLY A 134 8.84 3.67 -4.47
CA GLY A 134 10.13 3.01 -4.69
C GLY A 134 10.18 2.17 -5.95
N PHE A 135 10.69 0.95 -5.84
CA PHE A 135 10.69 0.00 -6.95
C PHE A 135 9.31 -0.45 -7.44
N ALA A 136 8.24 -0.18 -6.69
CA ALA A 136 6.88 -0.41 -7.20
C ALA A 136 6.43 0.65 -8.21
N ASN A 137 7.09 1.81 -8.20
CA ASN A 137 6.78 2.91 -9.10
C ASN A 137 7.65 2.82 -10.34
N PRO A 138 7.02 2.67 -11.52
CA PRO A 138 7.77 2.68 -12.78
C PRO A 138 8.65 3.90 -13.00
N LEU A 139 8.36 5.02 -12.36
CA LEU A 139 9.23 6.19 -12.43
C LEU A 139 10.64 5.93 -11.81
N ILE A 140 10.82 4.85 -11.06
CA ILE A 140 12.15 4.50 -10.55
C ILE A 140 13.19 4.34 -11.67
N SER A 141 12.74 3.95 -12.86
CA SER A 141 13.63 3.87 -14.01
C SER A 141 14.30 5.21 -14.31
N ASP A 142 13.51 6.27 -14.21
CA ASP A 142 14.01 7.63 -14.46
C ASP A 142 14.92 8.10 -13.34
N TRP A 143 14.48 7.88 -12.10
CA TRP A 143 15.26 8.34 -10.96
C TRP A 143 16.60 7.64 -10.95
N PHE A 144 16.59 6.35 -11.28
CA PHE A 144 17.81 5.57 -11.33
C PHE A 144 18.70 5.97 -12.49
N GLU A 145 18.11 6.27 -13.64
CA GLU A 145 18.88 6.77 -14.79
C GLU A 145 19.63 8.04 -14.41
N ASP A 146 18.96 8.97 -13.76
CA ASP A 146 19.57 10.25 -13.36
C ASP A 146 20.70 10.08 -12.34
N TYR A 147 20.50 9.17 -11.38
CA TYR A 147 21.54 8.81 -10.41
C TYR A 147 22.73 8.18 -11.15
N ALA A 148 22.48 7.21 -12.01
CA ALA A 148 23.55 6.62 -12.82
C ALA A 148 24.39 7.66 -13.62
N ARG A 149 23.75 8.72 -14.11
CA ARG A 149 24.51 9.79 -14.76
C ARG A 149 25.50 10.43 -13.78
N VAL A 150 25.02 10.79 -12.61
CA VAL A 150 25.90 11.37 -11.59
C VAL A 150 27.08 10.43 -11.28
N VAL A 151 26.79 9.15 -11.14
CA VAL A 151 27.86 8.15 -10.89
C VAL A 151 28.86 8.02 -12.05
N PHE A 152 28.39 7.86 -13.28
CA PHE A 152 29.31 7.67 -14.40
C PHE A 152 30.18 8.90 -14.66
N GLU A 153 29.60 10.09 -14.54
CA GLU A 153 30.35 11.31 -14.82
C GLU A 153 31.33 11.64 -13.69
N ASN A 154 31.00 11.30 -12.46
CA ASN A 154 31.94 11.56 -11.37
C ASN A 154 33.04 10.50 -11.19
N PHE A 155 32.74 9.25 -11.54
CA PHE A 155 33.69 8.18 -11.23
C PHE A 155 34.20 7.40 -12.45
N GLY A 156 33.54 7.54 -13.58
CA GLY A 156 33.83 6.71 -14.74
C GLY A 156 35.17 6.92 -15.40
N ASP A 157 35.77 8.09 -15.21
CA ASP A 157 37.12 8.34 -15.68
C ASP A 157 38.11 7.32 -15.12
N ARG A 158 37.89 6.90 -13.88
CA ARG A 158 38.79 5.98 -13.20
C ARG A 158 38.24 4.55 -13.05
N VAL A 159 36.92 4.40 -12.94
CA VAL A 159 36.30 3.10 -12.71
C VAL A 159 35.75 2.56 -14.01
N LYS A 160 36.16 1.36 -14.40
CA LYS A 160 35.79 0.79 -15.69
C LYS A 160 34.86 -0.41 -15.59
N MET A 161 34.32 -0.69 -14.42
CA MET A 161 33.38 -1.80 -14.27
C MET A 161 32.27 -1.39 -13.32
N PHE A 162 31.07 -1.26 -13.86
CA PHE A 162 29.92 -0.84 -13.07
C PHE A 162 28.90 -1.96 -13.03
N ILE A 163 28.30 -2.13 -11.87
CA ILE A 163 27.19 -3.03 -11.70
C ILE A 163 26.00 -2.17 -11.34
N THR A 164 24.92 -2.31 -12.08
CA THR A 164 23.74 -1.52 -11.79
C THR A 164 23.12 -1.97 -10.46
N PHE A 165 22.76 -3.25 -10.36
CA PHE A 165 22.03 -3.76 -9.22
C PHE A 165 22.68 -4.99 -8.68
N ASN A 166 22.64 -5.13 -7.37
CA ASN A 166 23.04 -6.33 -6.71
C ASN A 166 21.85 -7.12 -6.18
N GLU A 167 21.65 -8.31 -6.70
CA GLU A 167 20.66 -9.26 -6.18
C GLU A 167 19.23 -8.73 -6.15
N PRO A 168 18.60 -8.65 -7.33
CA PRO A 168 17.20 -8.25 -7.51
C PRO A 168 16.20 -9.07 -6.71
N ARG A 169 16.50 -10.36 -6.48
CA ARG A 169 15.56 -11.19 -5.75
C ARG A 169 15.40 -10.63 -4.35
N GLU A 170 16.52 -10.26 -3.76
CA GLU A 170 16.56 -9.75 -2.42
C GLU A 170 15.94 -8.35 -2.34
N ILE A 171 16.07 -7.57 -3.41
CA ILE A 171 15.35 -6.32 -3.48
C ILE A 171 13.84 -6.57 -3.58
N CYS A 172 13.44 -7.27 -4.63
CA CYS A 172 12.03 -7.42 -5.03
C CYS A 172 11.22 -8.39 -4.18
N PHE A 173 11.58 -9.66 -4.21
CA PHE A 173 10.85 -10.64 -3.44
C PHE A 173 10.94 -10.36 -1.93
N GLU A 174 12.17 -10.25 -1.43
CA GLU A 174 12.36 -10.13 0.03
C GLU A 174 11.90 -8.78 0.58
N GLY A 175 12.07 -7.70 -0.19
CA GLY A 175 11.75 -6.38 0.31
C GLY A 175 10.35 -5.87 0.04
N TYR A 176 9.81 -6.25 -1.11
CA TYR A 176 8.51 -5.75 -1.56
C TYR A 176 7.46 -6.81 -1.49
N GLY A 177 7.86 -8.06 -1.73
CA GLY A 177 6.95 -9.18 -1.76
C GLY A 177 6.88 -9.90 -0.43
N SER A 178 7.68 -9.47 0.54
CA SER A 178 7.70 -10.11 1.87
C SER A 178 8.30 -9.16 2.90
N ALA A 179 8.69 -9.70 4.05
CA ALA A 179 9.13 -8.89 5.14
C ALA A 179 10.48 -9.33 5.65
N THR A 180 11.39 -9.69 4.75
CA THR A 180 12.73 -10.13 5.20
C THR A 180 13.87 -9.15 4.87
N LYS A 181 13.58 -8.09 4.12
CA LYS A 181 14.52 -7.00 3.84
C LYS A 181 13.74 -5.69 3.73
N ALA A 182 14.42 -4.57 3.98
CA ALA A 182 13.80 -3.29 3.86
C ALA A 182 13.29 -3.16 2.42
N PRO A 183 12.11 -2.57 2.20
CA PRO A 183 11.33 -1.90 3.22
C PRO A 183 10.22 -2.75 3.80
N ILE A 184 10.37 -4.07 3.80
CA ILE A 184 9.38 -4.97 4.41
C ILE A 184 7.94 -4.61 4.07
N LEU A 185 7.68 -4.39 2.80
CA LEU A 185 6.35 -3.96 2.36
C LEU A 185 5.34 -5.09 2.49
N ASN A 186 5.80 -6.33 2.30
CA ASN A 186 4.95 -7.50 2.45
C ASN A 186 3.73 -7.47 1.54
N ALA A 187 3.92 -6.97 0.31
CA ALA A 187 2.87 -6.98 -0.70
C ALA A 187 2.97 -8.29 -1.47
N THR A 188 2.45 -9.36 -0.87
CA THR A 188 2.81 -10.72 -1.29
C THR A 188 2.28 -11.08 -2.69
N ALA A 189 1.14 -10.53 -3.06
CA ALA A 189 0.48 -10.93 -4.30
C ALA A 189 1.23 -10.44 -5.53
N MET A 190 1.60 -9.15 -5.50
CA MET A 190 2.11 -8.48 -6.70
C MET A 190 3.40 -7.69 -6.56
N GLY A 191 3.85 -7.49 -5.34
CA GLY A 191 4.97 -6.62 -5.07
C GLY A 191 6.23 -7.05 -5.78
N ALA A 192 6.56 -8.33 -5.65
CA ALA A 192 7.76 -8.88 -6.24
C ALA A 192 7.80 -8.70 -7.76
N TYR A 193 6.65 -8.92 -8.39
CA TYR A 193 6.55 -8.92 -9.86
C TYR A 193 6.62 -7.52 -10.45
N LEU A 194 5.93 -6.60 -9.80
CA LEU A 194 5.95 -5.21 -10.16
C LEU A 194 7.37 -4.70 -10.02
N CYS A 195 7.98 -4.99 -8.87
CA CYS A 195 9.36 -4.59 -8.63
C CYS A 195 10.29 -5.17 -9.68
N ALA A 196 10.11 -6.45 -10.00
CA ALA A 196 10.95 -7.13 -10.96
C ALA A 196 10.99 -6.36 -12.27
N LYS A 197 9.80 -6.06 -12.79
CA LYS A 197 9.64 -5.39 -14.07
C LYS A 197 10.33 -4.03 -14.05
N ASN A 198 10.09 -3.24 -13.01
CA ASN A 198 10.63 -1.89 -12.95
C ASN A 198 12.13 -1.90 -12.77
N LEU A 199 12.63 -2.87 -12.00
CA LEU A 199 14.06 -2.94 -11.79
C LEU A 199 14.81 -3.27 -13.08
N VAL A 200 14.39 -4.30 -13.80
CA VAL A 200 15.11 -4.63 -15.05
C VAL A 200 15.01 -3.53 -16.10
N THR A 201 13.94 -2.74 -16.06
CA THR A 201 13.78 -1.59 -16.94
C THR A 201 14.74 -0.45 -16.55
N ALA A 202 14.92 -0.26 -15.24
CA ALA A 202 15.91 0.69 -14.72
C ALA A 202 17.29 0.30 -15.13
N HIS A 203 17.58 -1.00 -14.99
CA HIS A 203 18.85 -1.51 -15.41
C HIS A 203 19.14 -1.13 -16.86
N ALA A 204 18.20 -1.50 -17.73
CA ALA A 204 18.30 -1.27 -19.14
C ALA A 204 18.55 0.21 -19.43
N LYS A 205 17.77 1.10 -18.85
CA LYS A 205 18.02 2.55 -19.04
C LYS A 205 19.43 2.96 -18.66
N ALA A 206 19.85 2.57 -17.46
CA ALA A 206 21.22 2.83 -17.02
C ALA A 206 22.23 2.28 -18.02
N TYR A 207 21.98 1.08 -18.54
CA TYR A 207 22.87 0.47 -19.50
C TYR A 207 23.00 1.29 -20.78
N TYR A 208 21.86 1.65 -21.38
CA TYR A 208 21.90 2.47 -22.61
C TYR A 208 22.55 3.83 -22.42
N LEU A 209 22.40 4.41 -21.23
CA LEU A 209 23.07 5.65 -20.91
C LEU A 209 24.58 5.45 -20.97
N TYR A 210 25.05 4.40 -20.30
CA TYR A 210 26.47 4.13 -20.27
C TYR A 210 26.99 3.90 -21.69
N ASP A 211 26.25 3.07 -22.43
CA ASP A 211 26.64 2.65 -23.77
C ASP A 211 26.66 3.85 -24.70
N ARG A 212 25.64 4.70 -24.61
CA ARG A 212 25.50 5.85 -25.49
C ARG A 212 26.46 7.00 -25.15
N GLU A 213 26.53 7.35 -23.86
CA GLU A 213 27.10 8.63 -23.45
C GLU A 213 28.40 8.57 -22.64
N PHE A 214 28.83 7.39 -22.23
CA PHE A 214 30.10 7.29 -21.48
C PHE A 214 31.07 6.25 -22.01
N ARG A 215 30.56 5.14 -22.51
CA ARG A 215 31.45 4.11 -23.03
C ARG A 215 32.42 4.65 -24.08
N PRO A 216 31.94 5.46 -25.05
CA PRO A 216 32.89 5.92 -26.09
C PRO A 216 34.08 6.67 -25.51
N VAL A 217 33.87 7.49 -24.48
CA VAL A 217 34.98 8.18 -23.82
C VAL A 217 35.68 7.33 -22.77
N GLN A 218 34.92 6.56 -21.98
CA GLN A 218 35.49 5.90 -20.78
C GLN A 218 36.02 4.47 -20.99
N GLY A 219 35.40 3.71 -21.87
CA GLY A 219 35.93 2.41 -22.26
C GLY A 219 35.78 1.31 -21.21
N GLY A 220 34.76 1.42 -20.36
CA GLY A 220 34.51 0.41 -19.35
C GLY A 220 33.31 -0.45 -19.74
N GLN A 221 32.76 -1.14 -18.74
CA GLN A 221 31.67 -2.07 -18.94
C GLN A 221 30.61 -1.87 -17.89
N CYS A 222 29.37 -2.21 -18.21
CA CYS A 222 28.24 -2.07 -17.30
C CYS A 222 27.49 -3.40 -17.33
N GLY A 223 27.21 -3.97 -16.15
CA GLY A 223 26.48 -5.22 -16.05
C GLY A 223 25.54 -5.23 -14.86
N ILE A 224 25.20 -6.41 -14.41
CA ILE A 224 24.27 -6.59 -13.30
C ILE A 224 24.71 -7.88 -12.62
N THR A 225 24.43 -8.01 -11.32
CA THR A 225 24.68 -9.26 -10.61
C THR A 225 23.41 -9.84 -10.07
N ILE A 226 23.28 -11.14 -10.25
CA ILE A 226 22.09 -11.85 -9.89
C ILE A 226 22.49 -13.01 -9.01
N SER A 227 21.71 -13.26 -7.97
CA SER A 227 21.96 -14.40 -7.13
C SER A 227 21.53 -15.71 -7.80
N VAL A 228 22.49 -16.56 -8.13
CA VAL A 228 22.19 -17.84 -8.72
C VAL A 228 22.80 -18.99 -7.94
N ASN A 229 22.13 -19.35 -6.86
CA ASN A 229 22.38 -20.64 -6.23
C ASN A 229 21.88 -21.77 -7.13
N TRP A 230 22.40 -22.98 -6.93
CA TRP A 230 21.91 -24.12 -7.66
C TRP A 230 20.64 -24.68 -6.99
N PHE A 231 19.61 -24.89 -7.80
CA PHE A 231 18.37 -25.55 -7.36
C PHE A 231 18.17 -26.78 -8.23
N GLY A 232 18.25 -27.94 -7.61
CA GLY A 232 18.17 -29.21 -8.33
C GLY A 232 17.03 -30.04 -7.79
N PRO A 233 16.68 -31.11 -8.53
CA PRO A 233 15.54 -31.93 -8.12
C PRO A 233 15.88 -32.80 -6.94
N ALA A 234 14.98 -32.87 -5.96
CA ALA A 234 15.22 -33.65 -4.75
C ALA A 234 15.33 -35.14 -5.04
N THR A 235 14.56 -35.62 -6.00
CA THR A 235 14.62 -37.02 -6.46
C THR A 235 14.67 -37.00 -7.98
N PRO A 236 15.38 -37.96 -8.60
CA PRO A 236 15.46 -37.93 -10.07
C PRO A 236 14.17 -38.38 -10.73
N THR A 237 13.15 -37.54 -10.61
CA THR A 237 11.79 -37.87 -11.04
C THR A 237 11.36 -36.77 -11.99
N PRO A 238 10.46 -37.08 -12.94
CA PRO A 238 9.97 -36.01 -13.81
C PRO A 238 9.32 -34.83 -13.07
N GLU A 239 8.53 -35.11 -12.03
CA GLU A 239 7.85 -34.06 -11.30
C GLU A 239 8.80 -33.16 -10.50
N ASP A 240 9.92 -33.70 -10.00
CA ASP A 240 10.89 -32.89 -9.28
C ASP A 240 11.83 -32.14 -10.26
N GLU A 241 12.06 -32.70 -11.45
CA GLU A 241 12.78 -31.99 -12.51
C GLU A 241 11.98 -30.74 -12.87
N MET A 242 10.67 -30.90 -12.94
CA MET A 242 9.80 -29.79 -13.27
C MET A 242 9.74 -28.75 -12.14
N ALA A 243 9.56 -29.20 -10.91
CA ALA A 243 9.57 -28.34 -9.74
C ALA A 243 10.87 -27.52 -9.65
N ALA A 244 12.01 -28.17 -9.90
CA ALA A 244 13.28 -27.49 -9.81
C ALA A 244 13.39 -26.41 -10.87
N GLU A 245 12.91 -26.71 -12.08
CA GLU A 245 12.91 -25.74 -13.17
C GLU A 245 12.08 -24.50 -12.82
N LEU A 246 10.90 -24.71 -12.28
CA LEU A 246 10.07 -23.59 -11.84
C LEU A 246 10.70 -22.81 -10.69
N ARG A 247 11.34 -23.52 -9.78
CA ARG A 247 11.97 -22.88 -8.63
C ARG A 247 13.09 -21.96 -9.10
N ARG A 248 13.89 -22.43 -10.05
CA ARG A 248 14.94 -21.62 -10.67
C ARG A 248 14.38 -20.36 -11.33
N GLN A 249 13.29 -20.50 -12.07
CA GLN A 249 12.68 -19.38 -12.72
C GLN A 249 12.16 -18.36 -11.71
N GLY A 250 11.64 -18.85 -10.60
CA GLY A 250 11.10 -17.98 -9.56
C GLY A 250 12.17 -17.35 -8.70
N GLU A 251 13.30 -18.05 -8.55
CA GLU A 251 14.39 -17.55 -7.73
C GLU A 251 15.27 -16.56 -8.46
N TRP A 252 15.66 -16.86 -9.72
CA TRP A 252 16.51 -15.96 -10.51
C TRP A 252 16.09 -15.74 -11.98
N GLY A 253 15.33 -16.68 -12.56
CA GLY A 253 14.89 -16.58 -13.95
C GLY A 253 14.11 -15.31 -14.26
N ILE A 254 13.21 -14.89 -13.38
CA ILE A 254 12.46 -13.66 -13.65
C ILE A 254 13.33 -12.41 -13.84
N TYR A 255 14.52 -12.38 -13.22
CA TYR A 255 15.43 -11.23 -13.32
C TYR A 255 16.42 -11.39 -14.44
N ALA A 256 16.90 -12.61 -14.62
CA ALA A 256 17.94 -12.84 -15.59
C ALA A 256 17.36 -12.97 -16.99
N HIS A 257 16.22 -13.63 -17.10
CA HIS A 257 15.65 -13.88 -18.42
C HIS A 257 15.47 -12.63 -19.28
N PRO A 258 14.81 -11.61 -18.74
CA PRO A 258 14.58 -10.44 -19.57
C PRO A 258 15.87 -9.83 -20.12
N ILE A 259 16.96 -9.93 -19.37
CA ILE A 259 18.23 -9.31 -19.75
C ILE A 259 19.13 -10.20 -20.61
N PHE A 260 19.16 -11.49 -20.29
CA PHE A 260 20.14 -12.38 -20.87
C PHE A 260 19.61 -13.37 -21.89
N SER A 261 18.31 -13.56 -22.00
CA SER A 261 17.76 -14.47 -23.03
C SER A 261 17.73 -13.84 -24.42
N ALA A 262 17.76 -14.69 -25.45
CA ALA A 262 17.61 -14.28 -26.84
C ALA A 262 16.29 -13.53 -27.11
N GLU A 263 15.18 -14.07 -26.61
CA GLU A 263 13.84 -13.49 -26.85
C GLU A 263 13.47 -12.34 -25.88
N GLY A 264 13.95 -12.42 -24.64
CA GLY A 264 13.60 -11.46 -23.60
C GLY A 264 12.27 -11.81 -22.96
N GLY A 265 11.76 -10.90 -22.14
CA GLY A 265 10.59 -11.17 -21.29
C GLY A 265 10.89 -12.13 -20.14
N PHE A 266 9.84 -12.49 -19.42
CA PHE A 266 9.95 -13.37 -18.27
C PHE A 266 9.94 -14.81 -18.75
N PRO A 267 10.48 -15.75 -17.93
CA PRO A 267 10.47 -17.17 -18.32
C PRO A 267 9.07 -17.72 -18.59
N LYS A 268 8.94 -18.52 -19.64
CA LYS A 268 7.62 -18.89 -20.14
C LYS A 268 6.84 -19.77 -19.19
N GLU A 269 7.49 -20.78 -18.62
CA GLU A 269 6.78 -21.75 -17.81
C GLU A 269 6.23 -21.13 -16.55
N LEU A 270 7.06 -20.39 -15.83
CA LEU A 270 6.57 -19.71 -14.65
C LEU A 270 5.49 -18.69 -15.03
N SER A 271 5.67 -18.00 -16.15
CA SER A 271 4.67 -17.05 -16.57
C SER A 271 3.27 -17.67 -16.78
N ASP A 272 3.19 -18.84 -17.40
CA ASP A 272 1.89 -19.50 -17.59
C ASP A 272 1.27 -19.94 -16.25
N LYS A 273 2.09 -20.37 -15.31
CA LYS A 273 1.58 -20.85 -14.03
C LYS A 273 1.05 -19.70 -13.16
N ILE A 274 1.70 -18.54 -13.22
CA ILE A 274 1.20 -17.34 -12.55
C ILE A 274 -0.10 -16.88 -13.23
N ALA A 275 -0.15 -16.88 -14.55
CA ALA A 275 -1.38 -16.53 -15.25
C ALA A 275 -2.55 -17.43 -14.83
N GLU A 276 -2.34 -18.74 -14.81
CA GLU A 276 -3.37 -19.70 -14.38
C GLU A 276 -3.84 -19.40 -12.99
N LYS A 277 -2.87 -19.14 -12.12
CA LYS A 277 -3.15 -18.94 -10.71
C LYS A 277 -3.94 -17.64 -10.49
N SER A 278 -3.52 -16.58 -11.17
CA SER A 278 -4.20 -15.29 -11.10
C SER A 278 -5.67 -15.37 -11.52
N ALA A 279 -5.97 -16.09 -12.61
CA ALA A 279 -7.37 -16.30 -13.04
C ALA A 279 -8.19 -17.07 -12.01
N GLN A 280 -7.69 -18.21 -11.55
CA GLN A 280 -8.35 -18.96 -10.47
C GLN A 280 -8.62 -18.07 -9.26
N GLN A 281 -7.71 -17.11 -9.02
CA GLN A 281 -7.82 -16.20 -7.88
C GLN A 281 -8.72 -14.99 -8.12
N GLY A 282 -9.12 -14.76 -9.37
CA GLY A 282 -10.11 -13.71 -9.68
C GLY A 282 -9.56 -12.42 -10.25
N TYR A 283 -8.27 -12.39 -10.61
CA TYR A 283 -7.68 -11.17 -11.08
C TYR A 283 -8.04 -11.04 -12.53
N PRO A 284 -8.50 -9.86 -12.96
CA PRO A 284 -8.79 -9.69 -14.39
C PRO A 284 -7.55 -9.65 -15.29
N TRP A 285 -6.36 -9.79 -14.71
CA TRP A 285 -5.14 -9.96 -15.50
C TRP A 285 -4.13 -10.77 -14.71
N SER A 286 -2.97 -11.04 -15.30
CA SER A 286 -1.95 -11.82 -14.60
C SER A 286 -1.25 -10.93 -13.60
N ARG A 287 -1.10 -11.42 -12.38
CA ARG A 287 -0.23 -10.75 -11.38
C ARG A 287 1.21 -10.51 -11.89
N LEU A 288 1.63 -11.30 -12.88
CA LEU A 288 2.88 -11.08 -13.57
C LEU A 288 2.70 -10.28 -14.85
N PRO A 289 2.96 -8.98 -14.81
CA PRO A 289 2.78 -8.20 -16.04
C PRO A 289 3.63 -8.74 -17.23
N GLU A 290 2.99 -9.18 -18.29
CA GLU A 290 3.71 -9.61 -19.49
C GLU A 290 4.40 -8.43 -20.16
N PHE A 291 5.58 -8.65 -20.74
CA PHE A 291 6.26 -7.63 -21.51
C PHE A 291 5.56 -7.46 -22.85
N THR A 292 5.45 -6.24 -23.36
CA THR A 292 5.11 -6.04 -24.77
C THR A 292 6.36 -6.32 -25.58
N GLU A 293 6.18 -6.53 -26.87
CA GLU A 293 7.28 -6.87 -27.76
C GLU A 293 8.40 -5.82 -27.78
N GLU A 294 8.07 -4.53 -27.69
CA GLU A 294 9.13 -3.52 -27.68
C GLU A 294 9.81 -3.39 -26.31
N GLU A 295 9.12 -3.74 -25.23
CA GLU A 295 9.74 -3.81 -23.89
C GLU A 295 10.79 -4.93 -23.82
N LYS A 296 10.44 -6.10 -24.38
CA LYS A 296 11.37 -7.23 -24.49
C LYS A 296 12.61 -6.84 -25.25
N ALA A 297 12.42 -6.17 -26.37
CA ALA A 297 13.54 -5.71 -27.19
C ALA A 297 14.41 -4.72 -26.43
N PHE A 298 13.76 -3.82 -25.70
CA PHE A 298 14.46 -2.75 -24.99
C PHE A 298 15.39 -3.30 -23.90
N VAL A 299 14.90 -4.28 -23.14
CA VAL A 299 15.62 -4.82 -21.99
C VAL A 299 16.67 -5.91 -22.31
N ARG A 300 16.41 -6.74 -23.32
CA ARG A 300 17.33 -7.82 -23.65
C ARG A 300 18.61 -7.27 -24.27
N GLY A 301 19.72 -7.99 -24.08
CA GLY A 301 21.04 -7.57 -24.58
C GLY A 301 21.73 -6.46 -23.79
N THR A 302 21.16 -6.05 -22.66
CA THR A 302 21.64 -4.86 -21.97
C THR A 302 22.65 -5.15 -20.84
N SER A 303 23.58 -6.06 -21.06
CA SER A 303 24.57 -6.34 -20.03
C SER A 303 25.83 -6.80 -20.65
N ASP A 304 26.94 -6.21 -20.24
CA ASP A 304 28.24 -6.63 -20.72
C ASP A 304 28.73 -7.90 -20.03
N PHE A 305 28.14 -8.26 -18.91
CA PHE A 305 28.52 -9.48 -18.22
C PHE A 305 27.45 -9.94 -17.27
N PHE A 306 27.55 -11.20 -16.90
CA PHE A 306 26.62 -11.80 -15.99
C PHE A 306 27.37 -11.93 -14.67
N GLY A 307 27.02 -11.07 -13.72
CA GLY A 307 27.61 -11.13 -12.39
C GLY A 307 26.81 -12.14 -11.61
N VAL A 308 27.49 -13.11 -11.01
CA VAL A 308 26.80 -14.17 -10.29
C VAL A 308 27.16 -14.16 -8.81
N ASN A 309 26.16 -13.99 -7.97
CA ASN A 309 26.34 -14.19 -6.54
C ASN A 309 25.93 -15.64 -6.25
N HIS A 310 26.86 -16.42 -5.73
CA HIS A 310 26.61 -17.85 -5.53
C HIS A 310 27.19 -18.33 -4.22
N TYR A 311 26.37 -19.05 -3.47
CA TYR A 311 26.78 -19.58 -2.20
C TYR A 311 26.64 -21.08 -2.07
N THR A 312 25.59 -21.66 -2.65
CA THR A 312 25.13 -22.96 -2.18
C THR A 312 24.16 -23.65 -3.16
N ALA A 313 23.60 -24.76 -2.73
CA ALA A 313 22.68 -25.55 -3.54
C ALA A 313 21.49 -25.89 -2.69
N PHE A 314 20.40 -26.27 -3.38
CA PHE A 314 19.18 -26.71 -2.74
C PHE A 314 18.58 -27.91 -3.47
N LEU A 315 17.93 -28.79 -2.71
CA LEU A 315 17.08 -29.84 -3.27
C LEU A 315 15.67 -29.29 -3.32
N VAL A 316 14.96 -29.55 -4.42
CA VAL A 316 13.62 -29.02 -4.65
C VAL A 316 12.62 -30.17 -4.81
N SER A 317 11.46 -30.08 -4.20
CA SER A 317 10.41 -31.10 -4.32
C SER A 317 9.09 -30.47 -4.72
N ALA A 318 8.42 -31.10 -5.68
CA ALA A 318 7.07 -30.72 -6.03
C ALA A 318 6.08 -31.03 -4.89
N THR A 319 6.45 -31.90 -3.94
CA THR A 319 5.49 -32.35 -2.91
C THR A 319 5.94 -32.21 -1.45
N GLU A 320 7.21 -32.39 -1.16
CA GLU A 320 7.64 -32.44 0.22
C GLU A 320 8.07 -31.09 0.77
N ARG A 321 7.78 -30.90 2.05
CA ARG A 321 8.42 -29.85 2.84
C ARG A 321 8.23 -28.46 2.23
N LYS A 322 7.01 -28.23 1.74
CA LYS A 322 6.54 -26.92 1.32
C LYS A 322 6.05 -26.18 2.55
N GLY A 323 6.91 -25.34 3.12
CA GLY A 323 6.56 -24.57 4.31
C GLY A 323 5.40 -23.66 3.99
N PRO A 324 4.47 -23.47 4.95
CA PRO A 324 3.30 -22.62 4.68
C PRO A 324 3.64 -21.25 4.10
N TYR A 325 3.30 -21.05 2.82
CA TYR A 325 3.53 -19.79 2.13
C TYR A 325 2.25 -18.95 2.12
N PRO A 326 2.40 -17.61 2.01
CA PRO A 326 1.22 -16.78 1.88
C PRO A 326 0.55 -16.98 0.52
N VAL A 327 -0.74 -16.64 0.44
CA VAL A 327 -1.52 -16.78 -0.79
C VAL A 327 -2.29 -15.48 -1.06
N PRO A 328 -2.19 -14.89 -2.24
CA PRO A 328 -1.22 -15.25 -3.30
C PRO A 328 0.20 -14.88 -2.91
N SER A 329 1.16 -15.47 -3.59
CA SER A 329 2.57 -15.14 -3.42
C SER A 329 3.40 -15.92 -4.40
N LEU A 330 4.61 -15.44 -4.63
CA LEU A 330 5.53 -16.04 -5.58
C LEU A 330 5.87 -17.50 -5.25
N LEU A 331 6.18 -17.79 -3.99
CA LEU A 331 6.53 -19.17 -3.64
C LEU A 331 5.32 -20.08 -3.66
N ASP A 332 4.12 -19.52 -3.48
CA ASP A 332 2.89 -20.29 -3.66
C ASP A 332 2.62 -20.53 -5.14
N ASP A 333 2.88 -19.52 -5.97
CA ASP A 333 2.83 -19.66 -7.44
C ASP A 333 3.78 -20.78 -7.92
N VAL A 334 5.01 -20.77 -7.40
CA VAL A 334 6.01 -21.77 -7.78
C VAL A 334 5.60 -23.15 -7.24
N ASP A 335 5.16 -23.20 -5.98
CA ASP A 335 4.53 -24.39 -5.38
C ASP A 335 5.51 -25.57 -5.15
N THR A 336 6.62 -25.30 -4.48
CA THR A 336 7.64 -26.29 -4.24
C THR A 336 8.20 -26.16 -2.85
N GLY A 337 8.78 -27.25 -2.34
CA GLY A 337 9.53 -27.24 -1.09
C GLY A 337 11.01 -27.34 -1.42
N SER A 338 11.87 -26.89 -0.51
CA SER A 338 13.27 -26.64 -0.82
C SER A 338 14.14 -26.80 0.44
N TRP A 339 15.27 -27.49 0.35
CA TRP A 339 16.09 -27.69 1.55
C TRP A 339 17.49 -28.14 1.16
N ALA A 340 18.40 -28.08 2.13
CA ALA A 340 19.75 -28.58 1.99
C ALA A 340 19.83 -30.07 2.32
N ASP A 341 20.70 -30.79 1.61
CA ASP A 341 21.06 -32.14 2.00
C ASP A 341 21.67 -32.11 3.39
N ASP A 342 21.20 -32.98 4.26
CA ASP A 342 21.59 -32.91 5.67
C ASP A 342 23.07 -33.27 5.89
N SER A 343 23.71 -33.87 4.89
CA SER A 343 25.13 -34.16 4.94
C SER A 343 26.04 -32.94 4.63
N TRP A 344 25.52 -31.96 3.90
CA TRP A 344 26.31 -30.78 3.55
C TRP A 344 26.71 -29.98 4.79
N LEU A 345 27.98 -29.59 4.87
CA LEU A 345 28.46 -28.80 6.01
C LEU A 345 27.61 -27.54 6.25
N LYS A 346 27.26 -27.27 7.51
CA LYS A 346 26.39 -26.16 7.86
C LYS A 346 27.18 -24.97 8.39
N SER A 347 26.70 -23.78 8.08
CA SER A 347 27.33 -22.54 8.51
C SER A 347 26.50 -21.97 9.65
N ALA A 348 26.79 -20.73 10.03
CA ALA A 348 25.96 -20.05 10.99
C ALA A 348 24.66 -19.51 10.36
N SER A 349 24.47 -19.66 9.03
CA SER A 349 23.26 -19.17 8.34
C SER A 349 22.45 -20.34 7.80
N ALA A 350 21.18 -20.46 8.20
CA ALA A 350 20.35 -21.67 7.89
C ALA A 350 20.33 -22.04 6.41
N TRP A 351 20.16 -21.03 5.56
CA TRP A 351 20.17 -21.23 4.11
C TRP A 351 21.54 -21.59 3.50
N LEU A 352 22.62 -21.48 4.26
CA LEU A 352 23.97 -21.57 3.66
C LEU A 352 24.69 -22.86 4.04
N THR A 353 24.88 -23.74 3.06
CA THR A 353 25.63 -24.97 3.28
C THR A 353 26.74 -25.09 2.25
N LEU A 354 27.72 -25.93 2.56
CA LEU A 354 28.77 -26.26 1.63
C LEU A 354 28.25 -27.33 0.70
N ALA A 355 27.85 -26.94 -0.50
CA ALA A 355 27.39 -27.90 -1.49
C ALA A 355 28.50 -28.14 -2.49
N PRO A 356 29.06 -29.35 -2.50
CA PRO A 356 30.21 -29.62 -3.35
C PRO A 356 30.01 -29.30 -4.84
N ASN A 357 30.98 -28.59 -5.40
CA ASN A 357 30.98 -28.16 -6.79
C ASN A 357 29.76 -27.34 -7.23
N SER A 358 29.10 -26.65 -6.29
CA SER A 358 27.88 -25.93 -6.58
C SER A 358 28.08 -24.75 -7.54
N ILE A 359 29.23 -24.08 -7.50
CA ILE A 359 29.50 -22.99 -8.44
C ILE A 359 29.50 -23.52 -9.87
N HIS A 360 30.21 -24.61 -10.10
CA HIS A 360 30.29 -25.21 -11.42
C HIS A 360 28.94 -25.69 -11.92
N THR A 361 28.14 -26.29 -11.05
CA THR A 361 26.82 -26.76 -11.44
C THR A 361 25.93 -25.61 -11.91
N ALA A 362 25.86 -24.55 -11.10
CA ALA A 362 25.10 -23.35 -11.46
C ALA A 362 25.56 -22.67 -12.74
N LEU A 363 26.87 -22.49 -12.90
CA LEU A 363 27.39 -21.76 -14.06
C LEU A 363 27.24 -22.56 -15.35
N THR A 364 27.39 -23.88 -15.28
CA THR A 364 27.19 -24.72 -16.47
C THR A 364 25.76 -24.58 -16.96
N HIS A 365 24.80 -24.62 -16.05
CA HIS A 365 23.41 -24.40 -16.43
C HIS A 365 23.20 -23.03 -17.08
N LEU A 366 23.72 -21.96 -16.46
CA LEU A 366 23.60 -20.60 -17.04
C LEU A 366 24.31 -20.46 -18.36
N ASN A 367 25.50 -21.04 -18.43
CA ASN A 367 26.32 -20.94 -19.63
C ASN A 367 25.64 -21.58 -20.85
N ASN A 368 24.88 -22.65 -20.63
CA ASN A 368 24.16 -23.29 -21.73
C ASN A 368 22.87 -22.55 -22.02
N LEU A 369 22.18 -22.11 -20.96
CA LEU A 369 20.90 -21.43 -21.10
C LEU A 369 21.00 -20.05 -21.76
N TYR A 370 22.08 -19.32 -21.48
CA TYR A 370 22.18 -17.93 -21.94
C TYR A 370 23.31 -17.67 -22.91
N ASN A 371 23.67 -18.67 -23.72
CA ASN A 371 24.53 -18.42 -24.87
C ASN A 371 25.96 -17.98 -24.48
N LYS A 372 26.51 -18.60 -23.43
CA LYS A 372 27.94 -18.40 -23.07
C LYS A 372 28.37 -16.94 -22.86
N PRO A 373 27.81 -16.29 -21.85
CA PRO A 373 28.18 -14.91 -21.56
C PRO A 373 29.51 -14.81 -20.80
N VAL A 374 29.92 -13.59 -20.49
CA VAL A 374 31.08 -13.34 -19.66
C VAL A 374 30.63 -13.37 -18.20
N PHE A 375 31.28 -14.19 -17.38
CA PHE A 375 30.89 -14.36 -15.97
C PHE A 375 31.92 -13.81 -14.99
N TYR A 376 31.42 -13.20 -13.93
CA TYR A 376 32.19 -12.91 -12.74
C TYR A 376 31.43 -13.48 -11.58
N ILE A 377 32.14 -14.13 -10.65
CA ILE A 377 31.53 -14.49 -9.38
C ILE A 377 31.70 -13.32 -8.44
N THR A 378 30.61 -12.60 -8.18
CA THR A 378 30.67 -11.33 -7.47
C THR A 378 30.45 -11.45 -5.94
N GLU A 379 29.94 -12.60 -5.48
CA GLU A 379 29.89 -12.91 -4.05
C GLU A 379 29.96 -14.42 -3.84
N ASN A 380 30.69 -14.82 -2.82
CA ASN A 380 30.77 -16.20 -2.39
C ASN A 380 31.50 -16.17 -1.04
N GLY A 381 30.97 -16.84 -0.03
CA GLY A 381 31.59 -16.81 1.28
C GLY A 381 30.86 -17.63 2.34
N TRP A 382 31.32 -17.50 3.57
CA TRP A 382 30.90 -18.39 4.64
C TRP A 382 30.70 -17.63 5.93
N SER A 383 29.60 -17.93 6.64
CA SER A 383 29.31 -17.30 7.93
C SER A 383 29.66 -18.18 9.11
N THR A 384 30.14 -17.54 10.17
CA THR A 384 30.48 -18.16 11.44
C THR A 384 29.79 -17.37 12.55
N ASP A 385 29.41 -18.04 13.63
CA ASP A 385 28.69 -17.35 14.70
C ASP A 385 29.65 -16.44 15.49
N GLU A 386 29.17 -15.25 15.86
CA GLU A 386 29.99 -14.29 16.60
C GLU A 386 30.40 -14.80 18.00
N SER A 387 29.66 -15.77 18.55
CA SER A 387 29.95 -16.37 19.86
C SER A 387 31.01 -17.47 19.86
N ARG A 388 31.38 -17.95 18.69
CA ARG A 388 32.37 -19.02 18.55
C ARG A 388 33.61 -18.81 19.42
N GLU A 389 34.09 -19.87 20.05
CA GLU A 389 35.38 -19.85 20.73
C GLU A 389 36.50 -19.78 19.69
N ASN A 390 37.51 -18.96 19.93
CA ASN A 390 38.60 -18.83 18.99
C ASN A 390 38.07 -18.47 17.61
N SER A 391 37.39 -17.34 17.53
CA SER A 391 36.72 -16.95 16.30
C SER A 391 37.69 -16.57 15.17
N LEU A 392 38.98 -16.47 15.45
CA LEU A 392 39.97 -16.16 14.41
C LEU A 392 40.42 -17.40 13.66
N ILE A 393 40.19 -18.56 14.27
CA ILE A 393 40.52 -19.85 13.67
C ILE A 393 39.25 -20.42 13.03
N ASP A 394 39.19 -20.41 11.70
CA ASP A 394 37.97 -20.70 10.97
C ASP A 394 38.22 -21.76 9.90
N ASP A 395 38.46 -22.97 10.38
CA ASP A 395 38.78 -24.07 9.50
C ASP A 395 37.62 -24.43 8.57
N ASP A 396 36.39 -24.21 9.03
CA ASP A 396 35.19 -24.41 8.20
C ASP A 396 35.14 -23.41 7.02
N ARG A 397 35.40 -22.14 7.28
CA ARG A 397 35.48 -21.15 6.21
C ARG A 397 36.57 -21.53 5.20
N ILE A 398 37.71 -21.97 5.71
CA ILE A 398 38.77 -22.42 4.84
C ILE A 398 38.34 -23.62 3.99
N GLN A 399 37.66 -24.56 4.61
CA GLN A 399 37.13 -25.66 3.85
C GLN A 399 36.20 -25.17 2.70
N TYR A 400 35.31 -24.25 3.02
CA TYR A 400 34.37 -23.75 2.04
C TYR A 400 35.12 -23.02 0.91
N TYR A 401 36.09 -22.18 1.24
CA TYR A 401 36.80 -21.45 0.18
C TYR A 401 37.57 -22.36 -0.76
N ARG A 402 38.26 -23.36 -0.22
CA ARG A 402 38.98 -24.29 -1.06
C ARG A 402 38.07 -25.09 -2.00
N ALA A 403 36.91 -25.46 -1.51
CA ALA A 403 35.92 -26.13 -2.34
C ALA A 403 35.42 -25.19 -3.46
N SER A 404 35.22 -23.91 -3.16
CA SER A 404 34.82 -22.96 -4.22
C SER A 404 35.90 -22.81 -5.27
N MET A 405 37.15 -22.78 -4.83
CA MET A 405 38.29 -22.68 -5.75
C MET A 405 38.38 -23.88 -6.68
N GLU A 406 38.18 -25.09 -6.15
CA GLU A 406 38.19 -26.26 -6.99
C GLU A 406 37.09 -26.16 -8.03
N SER A 407 35.93 -25.66 -7.62
CA SER A 407 34.80 -25.54 -8.52
C SER A 407 35.07 -24.48 -9.58
N LEU A 408 35.74 -23.40 -9.22
CA LEU A 408 36.14 -22.39 -10.20
C LEU A 408 37.10 -22.99 -11.22
N LEU A 409 38.01 -23.82 -10.75
CA LEU A 409 38.95 -24.49 -11.67
C LEU A 409 38.26 -25.47 -12.59
N ASN A 410 37.22 -26.15 -12.11
CA ASN A 410 36.42 -26.99 -13.01
C ASN A 410 35.78 -26.18 -14.11
N CYS A 411 35.24 -25.00 -13.78
CA CYS A 411 34.64 -24.10 -14.77
C CYS A 411 35.62 -23.67 -15.85
N LEU A 412 36.85 -23.37 -15.46
CA LEU A 412 37.85 -22.93 -16.41
C LEU A 412 38.27 -24.05 -17.37
N ASP A 413 38.40 -25.29 -16.89
N ASP A 413 38.40 -25.27 -16.85
CA ASP A 413 38.76 -26.38 -17.80
CA ASP A 413 38.70 -26.47 -17.65
C ASP A 413 37.57 -26.95 -18.59
C ASP A 413 37.63 -26.73 -18.71
N ASP A 414 36.39 -26.38 -18.41
CA ASP A 414 35.28 -26.58 -19.35
C ASP A 414 35.12 -25.42 -20.32
N GLY A 415 36.02 -24.44 -20.25
CA GLY A 415 35.98 -23.30 -21.17
C GLY A 415 34.86 -22.31 -20.90
N ILE A 416 34.37 -22.28 -19.67
CA ILE A 416 33.38 -21.25 -19.30
C ILE A 416 34.13 -19.95 -19.13
N ASN A 417 33.57 -18.87 -19.69
CA ASN A 417 34.26 -17.60 -19.73
C ASN A 417 34.12 -16.85 -18.40
N LEU A 418 34.80 -17.38 -17.39
CA LEU A 418 34.79 -16.86 -16.04
C LEU A 418 36.05 -16.05 -15.80
N LYS A 419 35.89 -14.79 -15.42
CA LYS A 419 36.99 -13.84 -15.37
C LYS A 419 37.43 -13.44 -13.96
N GLY A 420 36.62 -13.70 -12.95
CA GLY A 420 36.93 -13.24 -11.62
C GLY A 420 36.11 -13.85 -10.50
N TYR A 421 36.62 -13.72 -9.28
CA TYR A 421 35.96 -14.16 -8.07
C TYR A 421 36.17 -13.14 -6.97
N MET A 422 35.09 -12.77 -6.28
CA MET A 422 35.14 -11.83 -5.16
C MET A 422 34.60 -12.56 -3.92
N ALA A 423 35.41 -12.64 -2.87
CA ALA A 423 34.95 -13.26 -1.65
C ALA A 423 34.07 -12.28 -0.89
N TRP A 424 32.95 -12.78 -0.36
CA TRP A 424 32.13 -12.01 0.54
C TRP A 424 32.49 -12.49 1.94
N SER A 425 33.15 -11.70 2.79
CA SER A 425 33.42 -10.27 2.61
C SER A 425 34.82 -9.95 3.11
N LEU A 426 35.32 -8.77 2.78
CA LEU A 426 36.62 -8.32 3.26
C LEU A 426 36.69 -8.38 4.78
N MET A 427 35.61 -7.94 5.41
CA MET A 427 35.55 -7.78 6.85
C MET A 427 34.12 -8.00 7.32
N ASP A 428 33.97 -8.37 8.59
CA ASP A 428 32.64 -8.43 9.17
C ASP A 428 31.92 -7.09 9.02
N ASN A 429 30.61 -7.18 8.91
CA ASN A 429 29.77 -6.05 8.65
C ASN A 429 28.34 -6.31 9.08
N PHE A 430 27.52 -5.27 9.06
CA PHE A 430 26.10 -5.41 9.41
C PHE A 430 25.39 -6.33 8.42
N GLU A 431 24.99 -7.52 8.88
CA GLU A 431 24.43 -8.54 8.02
C GLU A 431 22.89 -8.47 8.00
N TRP A 432 22.40 -7.32 7.58
CA TRP A 432 20.96 -7.09 7.39
C TRP A 432 20.13 -7.51 8.63
N MET A 433 19.10 -8.33 8.45
CA MET A 433 18.20 -8.70 9.56
C MET A 433 18.91 -9.50 10.65
N GLU A 434 20.05 -10.08 10.31
CA GLU A 434 20.82 -10.91 11.19
C GLU A 434 21.80 -10.08 12.05
N GLY A 435 21.98 -8.79 11.71
CA GLY A 435 22.83 -7.87 12.47
C GLY A 435 24.28 -8.31 12.48
N TYR A 436 24.88 -8.39 13.68
CA TYR A 436 26.27 -8.87 13.82
C TYR A 436 26.41 -10.33 14.36
N ILE A 437 25.31 -11.10 14.33
CA ILE A 437 25.32 -12.48 14.79
C ILE A 437 26.10 -13.39 13.82
N GLU A 438 25.88 -13.19 12.52
CA GLU A 438 26.55 -13.97 11.49
C GLU A 438 27.70 -13.16 10.88
N ARG A 439 28.90 -13.71 10.92
CA ARG A 439 30.10 -13.02 10.49
C ARG A 439 30.64 -13.67 9.22
N PHE A 440 30.83 -12.88 8.16
CA PHE A 440 31.39 -13.35 6.88
C PHE A 440 32.80 -12.87 6.60
N GLY A 441 33.39 -12.09 7.49
CA GLY A 441 34.67 -11.48 7.19
C GLY A 441 35.85 -12.42 7.07
N LEU A 442 36.71 -12.13 6.10
CA LEU A 442 38.06 -12.63 6.13
C LEU A 442 38.81 -11.96 7.29
N TYR A 443 38.47 -10.69 7.54
CA TYR A 443 38.89 -9.97 8.73
C TYR A 443 37.75 -9.87 9.73
N GLU A 444 38.03 -10.17 10.98
CA GLU A 444 37.08 -9.96 12.06
C GLU A 444 37.06 -8.47 12.42
N VAL A 445 35.88 -7.93 12.72
CA VAL A 445 35.78 -6.57 13.25
C VAL A 445 35.28 -6.58 14.69
N ASP A 446 35.84 -5.70 15.53
CA ASP A 446 35.35 -5.56 16.90
C ASP A 446 34.31 -4.43 16.97
N PHE A 447 33.04 -4.81 17.10
CA PHE A 447 31.97 -3.84 17.09
C PHE A 447 31.73 -3.18 18.46
N SER A 448 32.46 -3.59 19.49
CA SER A 448 32.45 -2.89 20.81
C SER A 448 33.44 -1.73 20.86
N ASP A 449 34.42 -1.77 19.97
CA ASP A 449 35.56 -0.87 19.98
C ASP A 449 35.31 0.27 18.99
N PRO A 450 35.42 1.53 19.45
CA PRO A 450 35.07 2.64 18.58
C PRO A 450 36.01 2.81 17.38
N ALA A 451 37.23 2.31 17.47
CA ALA A 451 38.11 2.28 16.31
C ALA A 451 37.78 1.13 15.34
N ARG A 452 36.83 0.25 15.71
CA ARG A 452 36.37 -0.87 14.87
C ARG A 452 37.53 -1.66 14.29
N THR A 453 38.45 -2.08 15.16
CA THR A 453 39.67 -2.78 14.74
C THR A 453 39.36 -4.04 13.95
N ARG A 454 40.01 -4.14 12.78
CA ARG A 454 39.94 -5.32 11.92
C ARG A 454 41.17 -6.22 12.11
N THR A 455 40.92 -7.48 12.45
CA THR A 455 41.98 -8.47 12.65
CA THR A 455 41.97 -8.48 12.68
C THR A 455 41.78 -9.65 11.73
N PRO A 456 42.87 -10.07 11.04
CA PRO A 456 42.73 -11.17 10.09
C PRO A 456 42.44 -12.54 10.70
N ARG A 457 41.48 -13.25 10.11
CA ARG A 457 41.24 -14.63 10.46
C ARG A 457 42.21 -15.52 9.69
N LYS A 458 42.36 -16.77 10.14
CA LYS A 458 43.15 -17.76 9.44
C LYS A 458 42.84 -17.83 7.93
N ALA A 459 41.58 -17.73 7.56
CA ALA A 459 41.21 -17.80 6.14
C ALA A 459 41.71 -16.62 5.30
N ALA A 460 41.90 -15.46 5.92
CA ALA A 460 42.51 -14.34 5.21
C ALA A 460 43.88 -14.75 4.66
N PHE A 461 44.65 -15.49 5.45
CA PHE A 461 45.99 -15.94 5.06
C PHE A 461 45.92 -17.00 3.96
N VAL A 462 44.93 -17.88 4.05
CA VAL A 462 44.71 -18.90 3.06
C VAL A 462 44.33 -18.29 1.71
N TYR A 463 43.44 -17.31 1.74
CA TYR A 463 43.05 -16.59 0.51
C TYR A 463 44.25 -15.84 -0.05
N LYS A 464 45.00 -15.17 0.83
CA LYS A 464 46.23 -14.50 0.42
C LYS A 464 47.16 -15.48 -0.31
N HIS A 465 47.27 -16.69 0.24
CA HIS A 465 48.14 -17.73 -0.30
C HIS A 465 47.65 -18.25 -1.67
N ILE A 466 46.35 -18.45 -1.81
CA ILE A 466 45.76 -18.86 -3.08
C ILE A 466 45.99 -17.80 -4.15
N ILE A 467 45.82 -16.54 -3.79
CA ILE A 467 45.95 -15.47 -4.77
C ILE A 467 47.40 -15.41 -5.27
N LYS A 468 48.36 -15.56 -4.35
CA LYS A 468 49.77 -15.42 -4.69
C LYS A 468 50.32 -16.60 -5.48
N HIS A 469 50.03 -17.80 -5.01
CA HIS A 469 50.53 -19.01 -5.63
C HIS A 469 49.66 -19.48 -6.81
N ARG A 470 48.41 -19.03 -6.85
CA ARG A 470 47.47 -19.40 -7.92
C ARG A 470 47.12 -20.90 -7.94
N VAL A 471 47.36 -21.60 -6.84
CA VAL A 471 46.95 -22.99 -6.66
C VAL A 471 46.44 -23.14 -5.25
N VAL A 472 45.68 -24.20 -5.01
CA VAL A 472 45.19 -24.57 -3.68
C VAL A 472 46.10 -25.63 -3.05
N ASP A 473 46.90 -25.22 -2.06
CA ASP A 473 47.75 -26.13 -1.29
C ASP A 473 46.99 -26.53 -0.05
N TYR A 474 46.56 -27.78 0.00
CA TYR A 474 45.76 -28.26 1.13
C TYR A 474 46.57 -28.43 2.40
N GLU A 475 47.90 -28.35 2.32
CA GLU A 475 48.71 -28.38 3.54
C GLU A 475 49.06 -26.99 4.04
N TYR A 476 48.56 -25.93 3.39
CA TYR A 476 48.96 -24.59 3.82
C TYR A 476 48.24 -24.16 5.10
N GLU A 477 49.02 -23.82 6.11
CA GLU A 477 48.52 -23.12 7.28
C GLU A 477 49.55 -22.06 7.64
N PRO A 478 49.09 -20.84 7.99
CA PRO A 478 50.07 -19.79 8.30
C PRO A 478 50.83 -20.09 9.59
N GLU A 479 52.10 -19.76 9.65
CA GLU A 479 52.87 -19.89 10.89
C GLU A 479 52.63 -18.68 11.80
N THR A 480 52.42 -17.52 11.20
CA THR A 480 52.11 -16.30 11.95
C THR A 480 50.73 -15.76 11.53
N MET A 481 49.98 -15.23 12.50
CA MET A 481 48.68 -14.58 12.26
C MET A 481 48.78 -13.05 12.15
N VAL A 482 49.95 -12.54 11.82
CA VAL A 482 50.11 -11.10 11.59
C VAL A 482 50.35 -10.88 10.11
N MET A 483 49.64 -9.92 9.55
CA MET A 483 49.72 -9.61 8.12
C MET A 483 50.85 -8.67 7.79
N THR A 484 51.51 -8.93 6.66
CA THR A 484 52.46 -8.01 6.05
C THR A 484 52.00 -7.79 4.62
N ILE A 485 52.43 -6.70 4.04
CA ILE A 485 52.22 -6.44 2.63
C ILE A 485 53.47 -6.94 1.92
N ASP A 486 53.29 -7.75 0.88
CA ASP A 486 54.41 -8.31 0.12
C ASP A 486 54.91 -7.29 -0.92
N GLU A 487 56.12 -7.48 -1.44
CA GLU A 487 56.75 -6.55 -2.39
C GLU A 487 55.90 -6.36 -3.65
N GLY A 488 55.75 -5.11 -4.09
CA GLY A 488 54.97 -4.78 -5.28
C GLY A 488 53.48 -4.63 -5.02
N HIS A 489 53.04 -4.87 -3.78
CA HIS A 489 51.65 -4.68 -3.40
C HIS A 489 51.49 -3.47 -2.49
N GLN B 2 -39.77 39.09 -7.43
CA GLN B 2 -39.01 38.01 -6.71
C GLN B 2 -38.60 36.88 -7.65
N ARG B 3 -37.38 36.38 -7.43
CA ARG B 3 -36.78 35.39 -8.33
C ARG B 3 -37.02 33.98 -7.84
N ARG B 4 -36.93 33.04 -8.76
CA ARG B 4 -37.42 31.70 -8.53
C ARG B 4 -36.51 30.65 -9.16
N PHE B 5 -36.24 29.58 -8.41
CA PHE B 5 -35.51 28.44 -8.94
C PHE B 5 -36.44 27.63 -9.82
N PRO B 6 -36.04 27.32 -11.05
CA PRO B 6 -36.95 26.52 -11.87
C PRO B 6 -37.18 25.17 -11.22
N ASP B 7 -38.28 24.50 -11.56
CA ASP B 7 -38.63 23.21 -10.94
C ASP B 7 -37.60 22.11 -11.15
N ASP B 8 -36.88 22.14 -12.27
CA ASP B 8 -35.89 21.11 -12.61
C ASP B 8 -34.57 21.20 -11.83
N PHE B 9 -34.39 22.30 -11.09
CA PHE B 9 -33.17 22.47 -10.34
C PHE B 9 -33.04 21.41 -9.26
N LEU B 10 -31.91 20.71 -9.24
CA LEU B 10 -31.67 19.65 -8.27
C LEU B 10 -31.07 20.18 -6.97
N PHE B 11 -31.89 20.24 -5.92
CA PHE B 11 -31.40 20.51 -4.57
C PHE B 11 -31.07 19.23 -3.80
N GLY B 12 -29.88 19.20 -3.21
CA GLY B 12 -29.51 18.09 -2.37
C GLY B 12 -28.50 18.43 -1.29
N THR B 13 -27.91 17.36 -0.74
CA THR B 13 -26.79 17.51 0.18
C THR B 13 -25.75 16.48 -0.17
N ALA B 14 -24.57 16.69 0.41
CA ALA B 14 -23.42 15.86 0.16
C ALA B 14 -22.82 15.32 1.46
N THR B 15 -22.20 14.14 1.35
CA THR B 15 -21.40 13.53 2.43
C THR B 15 -20.26 12.76 1.79
N ALA B 16 -19.31 12.29 2.61
CA ALA B 16 -18.23 11.43 2.13
C ALA B 16 -18.05 10.22 3.04
N SER B 17 -17.65 9.09 2.48
CA SER B 17 -17.69 7.81 3.20
C SER B 17 -16.96 7.78 4.55
N TYR B 18 -15.69 8.19 4.59
CA TYR B 18 -14.94 8.16 5.85
C TYR B 18 -15.51 9.12 6.91
N GLN B 19 -16.15 10.19 6.46
CA GLN B 19 -16.68 11.20 7.36
C GLN B 19 -17.95 10.76 8.07
N ILE B 20 -18.71 9.83 7.49
CA ILE B 20 -19.99 9.39 8.09
C ILE B 20 -20.17 7.89 8.40
N GLU B 21 -19.43 7.01 7.74
CA GLU B 21 -19.80 5.59 7.70
C GLU B 21 -19.56 4.83 8.98
N GLY B 22 -18.41 5.04 9.59
CA GLY B 22 -17.98 4.17 10.68
C GLY B 22 -17.68 2.78 10.15
N ALA B 23 -17.90 1.78 11.00
CA ALA B 23 -17.67 0.38 10.62
C ALA B 23 -16.34 0.20 9.90
N TRP B 24 -15.29 0.81 10.43
CA TRP B 24 -14.03 0.94 9.71
C TRP B 24 -13.30 -0.38 9.49
N ASP B 25 -13.58 -1.40 10.29
CA ASP B 25 -12.97 -2.70 10.08
C ASP B 25 -14.01 -3.84 10.13
N GLU B 26 -15.25 -3.51 9.79
CA GLU B 26 -16.34 -4.45 9.81
C GLU B 26 -16.50 -5.10 8.45
N ASP B 27 -16.93 -6.35 8.45
CA ASP B 27 -17.37 -7.04 7.23
C ASP B 27 -16.36 -7.02 6.08
N GLY B 28 -15.11 -7.33 6.41
CA GLY B 28 -14.06 -7.46 5.40
C GLY B 28 -13.46 -6.16 4.87
N LYS B 29 -13.93 -5.01 5.35
CA LYS B 29 -13.37 -3.76 4.89
C LYS B 29 -11.86 -3.67 5.13
N GLY B 30 -11.11 -3.25 4.13
CA GLY B 30 -9.67 -3.07 4.23
C GLY B 30 -9.31 -1.74 4.86
N GLU B 31 -8.08 -1.64 5.33
CA GLU B 31 -7.53 -0.43 5.88
C GLU B 31 -7.39 0.64 4.81
N ASN B 32 -7.89 1.84 5.07
CA ASN B 32 -7.59 2.98 4.20
C ASN B 32 -6.56 3.91 4.82
N ILE B 33 -6.14 4.90 4.05
CA ILE B 33 -5.08 5.80 4.48
C ILE B 33 -5.41 6.67 5.70
N TRP B 34 -6.69 6.92 5.95
CA TRP B 34 -7.12 7.68 7.11
C TRP B 34 -7.10 6.78 8.34
N ASP B 35 -7.66 5.57 8.25
CA ASP B 35 -7.52 4.57 9.32
C ASP B 35 -6.06 4.45 9.74
N TYR B 36 -5.19 4.34 8.74
CA TYR B 36 -3.77 4.16 9.03
C TYR B 36 -3.19 5.39 9.70
N MET B 37 -3.45 6.56 9.17
CA MET B 37 -2.88 7.78 9.73
C MET B 37 -3.32 7.99 11.18
N VAL B 38 -4.60 7.83 11.44
CA VAL B 38 -5.17 8.19 12.74
C VAL B 38 -4.86 7.15 13.82
N HIS B 39 -4.69 5.89 13.43
CA HIS B 39 -4.35 4.86 14.41
C HIS B 39 -2.87 4.83 14.72
N ASN B 40 -2.04 5.28 13.80
CA ASN B 40 -0.61 5.27 13.99
C ASN B 40 -0.11 6.58 14.58
N THR B 41 -0.68 7.70 14.13
CA THR B 41 -0.29 9.00 14.66
C THR B 41 -1.52 9.83 15.00
N PRO B 42 -2.29 9.40 16.03
CA PRO B 42 -3.55 10.07 16.37
C PRO B 42 -3.46 11.56 16.65
N GLU B 43 -2.32 12.01 17.16
CA GLU B 43 -2.09 13.44 17.46
C GLU B 43 -2.23 14.41 16.28
N VAL B 44 -2.23 13.94 15.03
CA VAL B 44 -2.44 14.85 13.88
C VAL B 44 -3.87 15.37 13.79
N ILE B 45 -4.81 14.70 14.44
CA ILE B 45 -6.16 15.22 14.56
C ILE B 45 -6.25 16.15 15.77
N ARG B 46 -6.68 17.39 15.53
CA ARG B 46 -6.73 18.42 16.56
C ARG B 46 -7.38 17.94 17.87
N ASP B 47 -8.56 17.33 17.81
CA ASP B 47 -9.24 16.87 19.05
C ASP B 47 -9.01 15.39 19.38
N LEU B 48 -8.01 14.77 18.78
CA LEU B 48 -7.70 13.35 19.01
C LEU B 48 -8.86 12.40 18.68
N SER B 49 -9.69 12.80 17.72
CA SER B 49 -10.82 12.01 17.24
C SER B 49 -10.41 11.16 16.06
N ASN B 50 -11.33 10.29 15.64
CA ASN B 50 -11.18 9.58 14.38
C ASN B 50 -12.52 9.24 13.75
N GLY B 51 -12.46 8.62 12.58
CA GLY B 51 -13.65 8.08 11.92
C GLY B 51 -13.98 6.62 12.17
N ASP B 52 -13.48 6.01 13.24
CA ASP B 52 -13.78 4.59 13.56
C ASP B 52 -15.28 4.35 13.59
N ILE B 53 -16.00 5.28 14.19
CA ILE B 53 -17.46 5.19 14.25
C ILE B 53 -18.16 6.35 13.53
N ALA B 54 -17.65 7.57 13.70
CA ALA B 54 -18.18 8.76 13.00
C ALA B 54 -19.69 8.89 13.28
N ALA B 55 -20.51 9.13 12.26
CA ALA B 55 -21.96 9.14 12.41
C ALA B 55 -22.58 7.76 12.32
N ASP B 56 -21.76 6.74 12.07
CA ASP B 56 -22.18 5.36 12.02
C ASP B 56 -23.25 5.09 10.98
N SER B 57 -23.15 5.77 9.84
CA SER B 57 -24.14 5.60 8.77
C SER B 57 -24.16 4.19 8.20
N TYR B 58 -23.04 3.47 8.31
CA TYR B 58 -23.02 2.05 7.94
C TYR B 58 -24.22 1.33 8.56
N HIS B 59 -24.54 1.64 9.80
CA HIS B 59 -25.72 1.08 10.45
C HIS B 59 -26.96 1.97 10.39
N ASN B 60 -26.74 3.29 10.31
CA ASN B 60 -27.82 4.27 10.38
C ASN B 60 -28.31 4.83 9.05
N TYR B 61 -27.99 4.15 7.95
CA TYR B 61 -28.33 4.66 6.62
C TYR B 61 -29.83 4.93 6.42
N LYS B 62 -30.70 4.13 7.03
CA LYS B 62 -32.16 4.35 6.88
C LYS B 62 -32.61 5.65 7.52
N ARG B 63 -32.06 5.95 8.68
CA ARG B 63 -32.33 7.22 9.30
C ARG B 63 -31.79 8.36 8.44
N ASP B 64 -30.64 8.14 7.79
CA ASP B 64 -30.06 9.14 6.86
C ASP B 64 -31.05 9.51 5.74
N VAL B 65 -31.65 8.50 5.13
CA VAL B 65 -32.63 8.71 4.06
C VAL B 65 -33.89 9.39 4.60
N GLU B 66 -34.33 9.00 5.80
CA GLU B 66 -35.44 9.67 6.45
C GLU B 66 -35.15 11.16 6.56
N MET B 67 -33.91 11.53 6.90
CA MET B 67 -33.52 12.93 6.98
C MET B 67 -33.57 13.65 5.61
N MET B 68 -33.26 12.93 4.53
CA MET B 68 -33.35 13.51 3.17
C MET B 68 -34.82 13.78 2.82
N ARG B 69 -35.70 12.90 3.29
CA ARG B 69 -37.14 13.04 3.08
C ARG B 69 -37.72 14.23 3.83
N GLU B 70 -37.27 14.41 5.07
CA GLU B 70 -37.69 15.51 5.89
C GLU B 70 -37.32 16.83 5.25
N LEU B 71 -36.12 16.90 4.68
CA LEU B 71 -35.67 18.11 3.99
C LEU B 71 -36.37 18.31 2.65
N GLY B 72 -36.93 17.23 2.11
CA GLY B 72 -37.51 17.26 0.77
C GLY B 72 -36.47 17.34 -0.33
N LEU B 73 -35.34 16.67 -0.14
CA LEU B 73 -34.25 16.68 -1.12
C LEU B 73 -34.64 16.06 -2.45
N ASP B 74 -34.16 16.65 -3.53
CA ASP B 74 -34.25 16.05 -4.86
C ASP B 74 -33.15 14.99 -5.04
N ALA B 75 -31.99 15.24 -4.44
CA ALA B 75 -30.81 14.40 -4.67
C ALA B 75 -29.85 14.35 -3.49
N TYR B 76 -28.97 13.34 -3.51
CA TYR B 76 -28.01 13.08 -2.43
C TYR B 76 -26.68 12.62 -3.03
N ARG B 77 -25.62 13.32 -2.70
CA ARG B 77 -24.31 12.99 -3.16
C ARG B 77 -23.56 12.29 -2.03
N PHE B 78 -23.05 11.09 -2.28
CA PHE B 78 -22.26 10.39 -1.28
C PHE B 78 -21.09 9.73 -1.98
N SER B 79 -20.09 9.30 -1.22
CA SER B 79 -18.91 8.62 -1.77
C SER B 79 -18.87 7.13 -1.46
N LEU B 80 -18.19 6.39 -2.31
CA LEU B 80 -17.98 4.96 -2.14
C LEU B 80 -16.59 4.74 -1.54
N SER B 81 -16.51 3.83 -0.57
CA SER B 81 -15.25 3.47 0.05
C SER B 81 -14.55 2.36 -0.74
N TRP B 82 -13.47 2.73 -1.41
CA TRP B 82 -12.66 1.82 -2.24
C TRP B 82 -12.30 0.57 -1.43
N ALA B 83 -11.83 0.76 -0.21
CA ALA B 83 -11.40 -0.36 0.63
C ALA B 83 -12.56 -1.21 1.16
N ARG B 84 -13.76 -0.66 1.23
CA ARG B 84 -14.90 -1.48 1.62
C ARG B 84 -15.34 -2.41 0.49
N ILE B 85 -15.19 -1.93 -0.75
CA ILE B 85 -15.57 -2.70 -1.92
C ILE B 85 -14.43 -3.66 -2.29
N LEU B 86 -13.22 -3.12 -2.42
CA LEU B 86 -12.03 -3.91 -2.77
C LEU B 86 -11.00 -3.85 -1.64
N PRO B 87 -11.12 -4.74 -0.65
CA PRO B 87 -10.27 -4.64 0.55
C PRO B 87 -8.76 -4.64 0.30
N THR B 88 -8.30 -5.39 -0.68
CA THR B 88 -6.89 -5.36 -1.08
C THR B 88 -6.55 -4.19 -2.01
N GLY B 89 -7.56 -3.50 -2.55
CA GLY B 89 -7.34 -2.42 -3.53
C GLY B 89 -7.49 -2.85 -4.99
N MET B 90 -7.32 -4.15 -5.23
CA MET B 90 -7.42 -4.75 -6.56
C MET B 90 -8.73 -5.51 -6.72
N ALA B 91 -9.10 -5.69 -7.97
CA ALA B 91 -10.42 -6.21 -8.32
C ALA B 91 -10.56 -7.74 -8.21
N ASN B 92 -9.57 -8.42 -7.62
CA ASN B 92 -9.68 -9.88 -7.44
C ASN B 92 -10.78 -10.27 -6.47
N GLU B 93 -10.82 -9.61 -5.31
CA GLU B 93 -11.80 -9.90 -4.29
C GLU B 93 -12.73 -8.69 -4.22
N VAL B 94 -13.99 -8.91 -4.54
CA VAL B 94 -15.02 -7.89 -4.38
C VAL B 94 -15.83 -8.23 -3.14
N ASN B 95 -15.78 -7.36 -2.14
CA ASN B 95 -16.37 -7.65 -0.82
C ASN B 95 -17.91 -7.57 -0.87
N PRO B 96 -18.61 -8.71 -0.73
CA PRO B 96 -20.07 -8.71 -0.89
C PRO B 96 -20.87 -7.87 0.13
N ALA B 97 -20.43 -7.83 1.39
CA ALA B 97 -21.10 -7.01 2.39
C ALA B 97 -20.90 -5.52 2.07
N GLY B 98 -19.73 -5.19 1.53
CA GLY B 98 -19.49 -3.85 1.00
C GLY B 98 -20.50 -3.46 -0.05
N ILE B 99 -20.62 -4.27 -1.11
CA ILE B 99 -21.57 -4.01 -2.19
C ILE B 99 -23.01 -3.92 -1.69
N ALA B 100 -23.39 -4.86 -0.82
CA ALA B 100 -24.72 -4.91 -0.23
C ALA B 100 -25.09 -3.64 0.53
N PHE B 101 -24.13 -3.08 1.25
CA PHE B 101 -24.38 -1.84 1.98
C PHE B 101 -24.73 -0.73 1.01
N TYR B 102 -23.92 -0.56 -0.04
CA TYR B 102 -24.20 0.50 -1.02
C TYR B 102 -25.46 0.26 -1.81
N ASN B 103 -25.78 -1.01 -2.07
CA ASN B 103 -27.03 -1.34 -2.72
C ASN B 103 -28.23 -1.04 -1.82
N ASN B 104 -28.10 -1.30 -0.51
CA ASN B 104 -29.17 -0.94 0.42
C ASN B 104 -29.36 0.55 0.52
N TYR B 105 -28.26 1.31 0.67
CA TYR B 105 -28.34 2.77 0.79
C TYR B 105 -29.05 3.29 -0.46
N ILE B 106 -28.59 2.84 -1.63
CA ILE B 106 -29.12 3.33 -2.91
C ILE B 106 -30.58 2.98 -3.08
N ASP B 107 -30.95 1.75 -2.77
CA ASP B 107 -32.32 1.29 -3.01
C ASP B 107 -33.29 2.02 -2.05
N GLU B 108 -32.78 2.46 -0.90
CA GLU B 108 -33.57 3.28 0.02
C GLU B 108 -33.80 4.69 -0.50
N MET B 109 -32.80 5.30 -1.14
CA MET B 109 -32.97 6.61 -1.76
C MET B 109 -33.99 6.56 -2.86
N LEU B 110 -33.88 5.55 -3.72
CA LEU B 110 -34.75 5.42 -4.87
C LEU B 110 -36.18 5.08 -4.46
N LYS B 111 -36.35 4.37 -3.36
CA LYS B 111 -37.69 4.00 -2.87
C LYS B 111 -38.51 5.24 -2.53
N TYR B 112 -37.83 6.31 -2.10
CA TYR B 112 -38.47 7.57 -1.78
C TYR B 112 -38.03 8.67 -2.75
N ASN B 113 -37.75 8.28 -3.99
CA ASN B 113 -37.49 9.18 -5.09
C ASN B 113 -36.43 10.27 -4.87
N ILE B 114 -35.32 9.90 -4.24
CA ILE B 114 -34.16 10.77 -4.13
C ILE B 114 -33.11 10.24 -5.12
N THR B 115 -32.48 11.14 -5.89
CA THR B 115 -31.53 10.75 -6.93
C THR B 115 -30.13 10.60 -6.36
N PRO B 116 -29.53 9.40 -6.46
CA PRO B 116 -28.16 9.22 -5.98
C PRO B 116 -27.12 9.79 -6.94
N LEU B 117 -26.20 10.61 -6.43
CA LEU B 117 -25.00 10.97 -7.17
C LEU B 117 -23.83 10.34 -6.42
N ILE B 118 -23.04 9.55 -7.11
CA ILE B 118 -21.96 8.83 -6.44
C ILE B 118 -20.60 9.37 -6.81
N THR B 119 -19.80 9.63 -5.78
CA THR B 119 -18.38 9.97 -5.91
C THR B 119 -17.58 8.70 -5.72
N LEU B 120 -16.74 8.37 -6.70
CA LEU B 120 -15.93 7.16 -6.64
C LEU B 120 -14.82 7.30 -5.58
N TYR B 121 -14.13 8.44 -5.58
CA TYR B 121 -13.01 8.65 -4.67
C TYR B 121 -13.17 9.95 -3.90
N HIS B 122 -13.41 9.84 -2.59
CA HIS B 122 -13.37 10.99 -1.69
C HIS B 122 -12.40 10.73 -0.52
N TRP B 123 -11.15 10.45 -0.91
CA TRP B 123 -9.94 10.59 -0.07
C TRP B 123 -9.55 9.38 0.78
N ASP B 124 -10.18 8.24 0.54
CA ASP B 124 -9.91 7.04 1.32
C ASP B 124 -9.29 5.92 0.48
N LEU B 125 -8.10 6.19 -0.05
CA LEU B 125 -7.30 5.19 -0.76
C LEU B 125 -6.99 4.01 0.17
N PRO B 126 -7.14 2.75 -0.34
CA PRO B 126 -6.70 1.58 0.46
C PRO B 126 -5.23 1.69 0.82
N GLN B 127 -4.90 1.40 2.07
CA GLN B 127 -3.51 1.54 2.54
C GLN B 127 -2.57 0.62 1.73
N LYS B 128 -3.05 -0.56 1.32
CA LYS B 128 -2.26 -1.44 0.45
C LYS B 128 -1.77 -0.74 -0.84
N LEU B 129 -2.59 0.13 -1.42
CA LEU B 129 -2.18 0.85 -2.62
C LEU B 129 -1.27 2.02 -2.31
N GLN B 130 -1.42 2.60 -1.13
CA GLN B 130 -0.53 3.67 -0.72
C GLN B 130 0.87 3.16 -0.48
N GLU B 131 0.99 1.94 0.03
CA GLU B 131 2.29 1.28 0.20
C GLU B 131 3.07 1.19 -1.13
N LEU B 132 2.35 1.06 -2.24
CA LEU B 132 2.95 1.05 -3.57
C LEU B 132 3.15 2.43 -4.18
N GLY B 133 2.89 3.48 -3.42
CA GLY B 133 3.09 4.86 -3.92
C GLY B 133 1.83 5.68 -4.09
N GLY B 134 0.67 5.02 -4.07
CA GLY B 134 -0.61 5.69 -4.28
C GLY B 134 -0.60 6.56 -5.53
N PHE B 135 -1.06 7.79 -5.38
CA PHE B 135 -1.18 8.73 -6.49
C PHE B 135 0.14 9.19 -7.07
N ALA B 136 1.24 8.93 -6.37
CA ALA B 136 2.56 9.14 -6.92
C ALA B 136 2.92 8.10 -7.99
N ASN B 137 2.20 6.98 -8.01
CA ASN B 137 2.50 5.87 -8.90
C ASN B 137 1.57 5.90 -10.12
N PRO B 138 2.13 6.09 -11.33
CA PRO B 138 1.36 6.09 -12.57
C PRO B 138 0.41 4.89 -12.72
N LEU B 139 0.75 3.76 -12.11
CA LEU B 139 -0.13 2.59 -12.18
C LEU B 139 -1.48 2.77 -11.48
N ILE B 140 -1.58 3.79 -10.62
CA ILE B 140 -2.86 4.22 -10.04
C ILE B 140 -3.96 4.42 -11.10
N SER B 141 -3.60 4.92 -12.29
CA SER B 141 -4.52 5.01 -13.43
C SER B 141 -5.27 3.70 -13.63
N ASP B 142 -4.51 2.63 -13.74
CA ASP B 142 -5.04 1.30 -14.03
C ASP B 142 -5.77 0.68 -12.84
N TRP B 143 -5.26 0.90 -11.64
CA TRP B 143 -5.96 0.45 -10.42
C TRP B 143 -7.30 1.11 -10.32
N PHE B 144 -7.34 2.42 -10.61
CA PHE B 144 -8.57 3.19 -10.52
C PHE B 144 -9.58 2.73 -11.56
N GLU B 145 -9.11 2.49 -12.79
CA GLU B 145 -9.97 2.00 -13.88
C GLU B 145 -10.62 0.68 -13.49
N ASP B 146 -9.85 -0.21 -12.88
CA ASP B 146 -10.40 -1.49 -12.43
C ASP B 146 -11.43 -1.30 -11.34
N TYR B 147 -11.17 -0.39 -10.43
CA TYR B 147 -12.12 -0.05 -9.40
C TYR B 147 -13.39 0.57 -10.02
N ALA B 148 -13.22 1.52 -10.94
CA ALA B 148 -14.37 2.12 -11.63
C ALA B 148 -15.24 1.09 -12.35
N ARG B 149 -14.64 0.12 -13.05
CA ARG B 149 -15.38 -0.94 -13.71
CA ARG B 149 -15.41 -0.92 -13.72
C ARG B 149 -16.34 -1.58 -12.70
N VAL B 150 -15.82 -1.90 -11.53
CA VAL B 150 -16.62 -2.56 -10.49
C VAL B 150 -17.77 -1.68 -10.06
N VAL B 151 -17.48 -0.38 -9.93
CA VAL B 151 -18.49 0.58 -9.52
C VAL B 151 -19.60 0.72 -10.58
N PHE B 152 -19.20 0.94 -11.83
CA PHE B 152 -20.18 1.07 -12.90
C PHE B 152 -20.97 -0.24 -13.10
N GLU B 153 -20.31 -1.40 -13.02
CA GLU B 153 -20.94 -2.73 -13.17
C GLU B 153 -22.03 -2.89 -12.13
N ASN B 154 -21.72 -2.55 -10.90
CA ASN B 154 -22.59 -2.89 -9.78
C ASN B 154 -23.71 -1.92 -9.53
N PHE B 155 -23.50 -0.66 -9.85
CA PHE B 155 -24.44 0.39 -9.44
C PHE B 155 -24.96 1.26 -10.56
N GLY B 156 -24.38 1.17 -11.76
CA GLY B 156 -24.77 2.01 -12.87
C GLY B 156 -26.15 1.74 -13.47
N ASP B 157 -26.79 0.63 -13.13
CA ASP B 157 -28.15 0.38 -13.62
C ASP B 157 -29.10 1.39 -12.98
N ARG B 158 -28.81 1.77 -11.73
CA ARG B 158 -29.66 2.70 -10.99
C ARG B 158 -29.05 4.10 -10.87
N VAL B 159 -27.74 4.22 -10.80
CA VAL B 159 -27.10 5.53 -10.60
C VAL B 159 -26.67 6.10 -11.94
N LYS B 160 -27.17 7.27 -12.28
CA LYS B 160 -26.90 7.86 -13.58
C LYS B 160 -26.00 9.10 -13.51
N MET B 161 -25.42 9.35 -12.34
CA MET B 161 -24.46 10.45 -12.17
C MET B 161 -23.26 9.96 -11.36
N PHE B 162 -22.09 9.94 -11.99
CA PHE B 162 -20.87 9.55 -11.30
C PHE B 162 -19.84 10.68 -11.32
N ILE B 163 -19.20 10.89 -10.17
CA ILE B 163 -18.06 11.77 -10.08
C ILE B 163 -16.86 10.93 -9.75
N THR B 164 -15.78 11.09 -10.51
CA THR B 164 -14.60 10.26 -10.34
C THR B 164 -13.89 10.66 -9.03
N PHE B 165 -13.38 11.89 -9.01
CA PHE B 165 -12.59 12.38 -7.90
C PHE B 165 -13.25 13.60 -7.30
N ASN B 166 -13.27 13.67 -5.97
CA ASN B 166 -13.59 14.90 -5.27
C ASN B 166 -12.34 15.69 -4.93
N GLU B 167 -12.26 16.91 -5.42
CA GLU B 167 -11.23 17.88 -5.00
C GLU B 167 -9.77 17.37 -5.13
N PRO B 168 -9.26 17.31 -6.37
CA PRO B 168 -7.88 16.92 -6.58
C PRO B 168 -6.84 17.74 -5.81
N ARG B 169 -7.13 18.99 -5.46
CA ARG B 169 -6.14 19.80 -4.73
C ARG B 169 -5.89 19.21 -3.34
N GLU B 170 -6.96 18.83 -2.68
CA GLU B 170 -6.88 18.35 -1.32
C GLU B 170 -6.18 16.99 -1.28
N ILE B 171 -6.36 16.20 -2.33
CA ILE B 171 -5.68 14.91 -2.49
C ILE B 171 -4.19 15.11 -2.74
N CYS B 172 -3.88 15.95 -3.71
CA CYS B 172 -2.54 16.03 -4.21
C CYS B 172 -1.67 17.02 -3.47
N PHE B 173 -2.14 18.25 -3.37
CA PHE B 173 -1.32 19.26 -2.74
C PHE B 173 -1.27 19.00 -1.24
N GLU B 174 -2.42 18.85 -0.62
CA GLU B 174 -2.47 18.74 0.81
C GLU B 174 -1.97 17.38 1.31
N GLY B 175 -2.14 16.36 0.48
CA GLY B 175 -1.90 14.98 0.88
C GLY B 175 -0.51 14.46 0.55
N TYR B 176 -0.02 14.81 -0.63
CA TYR B 176 1.27 14.35 -1.11
C TYR B 176 2.28 15.48 -1.10
N GLY B 177 1.80 16.69 -1.38
CA GLY B 177 2.66 17.88 -1.43
C GLY B 177 2.85 18.61 -0.12
N SER B 178 2.16 18.20 0.94
CA SER B 178 2.38 18.76 2.27
C SER B 178 1.81 17.80 3.37
N ALA B 179 1.46 18.33 4.54
CA ALA B 179 1.08 17.48 5.67
C ALA B 179 -0.28 17.81 6.30
N THR B 180 -1.25 18.19 5.47
CA THR B 180 -2.57 18.58 5.99
C THR B 180 -3.68 17.60 5.64
N LYS B 181 -3.37 16.59 4.85
CA LYS B 181 -4.29 15.48 4.59
C LYS B 181 -3.51 14.19 4.49
N ALA B 182 -4.13 13.08 4.87
CA ALA B 182 -3.58 11.78 4.58
C ALA B 182 -3.26 11.72 3.08
N PRO B 183 -2.13 11.13 2.70
CA PRO B 183 -1.23 10.41 3.59
C PRO B 183 -0.06 11.26 4.13
N ILE B 184 -0.21 12.59 4.20
CA ILE B 184 0.80 13.52 4.78
C ILE B 184 2.24 13.22 4.39
N LEU B 185 2.43 12.98 3.10
CA LEU B 185 3.72 12.57 2.57
C LEU B 185 4.71 13.71 2.58
N ASN B 186 4.19 14.93 2.49
CA ASN B 186 4.99 16.12 2.59
C ASN B 186 6.16 16.13 1.58
N ALA B 187 5.90 15.68 0.36
CA ALA B 187 6.93 15.73 -0.67
C ALA B 187 6.76 17.06 -1.40
N THR B 188 7.29 18.12 -0.78
CA THR B 188 6.89 19.48 -1.15
C THR B 188 7.35 19.85 -2.56
N ALA B 189 8.53 19.38 -2.95
CA ALA B 189 9.12 19.79 -4.24
C ALA B 189 8.33 19.33 -5.48
N MET B 190 7.83 18.10 -5.47
CA MET B 190 7.14 17.59 -6.66
C MET B 190 5.98 16.60 -6.42
N GLY B 191 5.70 16.24 -5.18
CA GLY B 191 4.57 15.37 -4.89
C GLY B 191 3.26 15.83 -5.50
N ALA B 192 2.91 17.10 -5.32
CA ALA B 192 1.65 17.67 -5.85
C ALA B 192 1.54 17.46 -7.36
N TYR B 193 2.63 17.74 -8.06
CA TYR B 193 2.66 17.71 -9.53
C TYR B 193 2.59 16.31 -10.13
N LEU B 194 3.23 15.37 -9.44
CA LEU B 194 3.24 13.97 -9.84
C LEU B 194 1.83 13.43 -9.70
N CYS B 195 1.24 13.65 -8.53
CA CYS B 195 -0.13 13.27 -8.22
C CYS B 195 -1.11 13.88 -9.22
N ALA B 196 -0.91 15.15 -9.54
CA ALA B 196 -1.80 15.86 -10.44
C ALA B 196 -1.89 15.14 -11.79
N LYS B 197 -0.73 14.80 -12.33
CA LYS B 197 -0.63 14.11 -13.61
C LYS B 197 -1.32 12.75 -13.54
N ASN B 198 -1.03 11.99 -12.50
CA ASN B 198 -1.58 10.66 -12.39
C ASN B 198 -3.07 10.66 -12.13
N LEU B 199 -3.54 11.64 -11.35
CA LEU B 199 -4.97 11.74 -11.07
C LEU B 199 -5.79 12.10 -12.34
N VAL B 200 -5.36 13.09 -13.12
CA VAL B 200 -6.17 13.47 -14.31
C VAL B 200 -6.17 12.36 -15.35
N THR B 201 -5.10 11.57 -15.35
CA THR B 201 -4.98 10.41 -16.22
C THR B 201 -5.91 9.27 -15.77
N ALA B 202 -5.99 9.03 -14.46
CA ALA B 202 -6.93 8.05 -13.91
C ALA B 202 -8.37 8.45 -14.17
N HIS B 203 -8.67 9.74 -14.02
CA HIS B 203 -9.97 10.26 -14.37
C HIS B 203 -10.32 9.90 -15.80
N ALA B 204 -9.41 10.21 -16.72
CA ALA B 204 -9.68 10.05 -18.13
C ALA B 204 -9.90 8.59 -18.50
N LYS B 205 -9.15 7.69 -17.89
CA LYS B 205 -9.37 6.26 -18.10
C LYS B 205 -10.74 5.80 -17.62
N ALA B 206 -11.13 6.23 -16.43
CA ALA B 206 -12.46 5.91 -15.93
C ALA B 206 -13.52 6.46 -16.89
N TYR B 207 -13.28 7.66 -17.43
CA TYR B 207 -14.24 8.29 -18.32
C TYR B 207 -14.45 7.50 -19.62
N TYR B 208 -13.36 7.15 -20.27
CA TYR B 208 -13.45 6.41 -21.51
C TYR B 208 -14.00 5.01 -21.26
N LEU B 209 -13.76 4.47 -20.08
CA LEU B 209 -14.34 3.20 -19.73
C LEU B 209 -15.85 3.39 -19.63
N TYR B 210 -16.29 4.43 -18.95
CA TYR B 210 -17.71 4.66 -18.83
C TYR B 210 -18.37 4.92 -20.21
N ASP B 211 -17.75 5.76 -21.01
CA ASP B 211 -18.26 6.18 -22.31
C ASP B 211 -18.44 4.99 -23.25
N ARG B 212 -17.44 4.13 -23.30
CA ARG B 212 -17.50 2.99 -24.20
C ARG B 212 -18.33 1.81 -23.70
N GLU B 213 -18.22 1.43 -22.43
CA GLU B 213 -18.81 0.15 -21.97
C GLU B 213 -20.07 0.26 -21.12
N PHE B 214 -20.42 1.46 -20.68
CA PHE B 214 -21.53 1.57 -19.75
C PHE B 214 -22.58 2.57 -20.16
N ARG B 215 -22.16 3.68 -20.76
CA ARG B 215 -23.08 4.74 -21.07
C ARG B 215 -24.14 4.29 -22.07
N PRO B 216 -23.75 3.49 -23.08
CA PRO B 216 -24.74 3.18 -24.10
C PRO B 216 -25.95 2.47 -23.50
N VAL B 217 -25.70 1.52 -22.62
CA VAL B 217 -26.78 0.85 -21.90
C VAL B 217 -27.38 1.70 -20.77
N GLN B 218 -26.52 2.27 -19.92
CA GLN B 218 -26.97 2.90 -18.68
C GLN B 218 -27.53 4.34 -18.83
N GLY B 219 -27.04 5.10 -19.81
CA GLY B 219 -27.51 6.46 -20.05
C GLY B 219 -27.20 7.50 -19.00
N GLY B 220 -26.09 7.35 -18.27
CA GLY B 220 -25.76 8.32 -17.23
C GLY B 220 -24.65 9.26 -17.68
N GLN B 221 -24.07 9.98 -16.72
CA GLN B 221 -22.94 10.86 -16.97
C GLN B 221 -21.80 10.62 -16.00
N CYS B 222 -20.62 11.01 -16.43
CA CYS B 222 -19.43 10.86 -15.65
C CYS B 222 -18.66 12.18 -15.67
N GLY B 223 -18.38 12.71 -14.48
CA GLY B 223 -17.70 13.98 -14.33
C GLY B 223 -16.67 13.97 -13.20
N ILE B 224 -16.19 15.15 -12.86
CA ILE B 224 -15.21 15.33 -11.81
C ILE B 224 -15.63 16.57 -11.04
N THR B 225 -15.25 16.66 -9.76
CA THR B 225 -15.51 17.87 -8.99
C THR B 225 -14.19 18.50 -8.57
N ILE B 226 -14.09 19.80 -8.78
CA ILE B 226 -12.89 20.54 -8.47
C ILE B 226 -13.27 21.70 -7.58
N SER B 227 -12.45 21.94 -6.57
CA SER B 227 -12.64 23.06 -5.67
C SER B 227 -12.22 24.34 -6.35
N VAL B 228 -13.19 25.21 -6.58
CA VAL B 228 -12.95 26.49 -7.22
C VAL B 228 -13.50 27.63 -6.38
N ASN B 229 -12.73 28.00 -5.36
CA ASN B 229 -12.96 29.25 -4.66
C ASN B 229 -12.51 30.40 -5.55
N TRP B 230 -13.06 31.57 -5.32
CA TRP B 230 -12.69 32.71 -6.12
C TRP B 230 -11.41 33.29 -5.54
N PHE B 231 -10.45 33.58 -6.41
CA PHE B 231 -9.20 34.23 -6.06
C PHE B 231 -9.10 35.45 -6.96
N GLY B 232 -9.23 36.64 -6.38
CA GLY B 232 -9.21 37.88 -7.15
C GLY B 232 -8.11 38.79 -6.69
N PRO B 233 -7.82 39.84 -7.48
CA PRO B 233 -6.71 40.71 -7.15
C PRO B 233 -6.97 41.53 -5.89
N ALA B 234 -5.96 41.72 -5.07
CA ALA B 234 -6.09 42.49 -3.82
C ALA B 234 -6.23 43.98 -4.11
N THR B 235 -5.56 44.46 -5.14
CA THR B 235 -5.71 45.83 -5.61
C THR B 235 -5.92 45.76 -7.11
N PRO B 236 -6.57 46.78 -7.69
CA PRO B 236 -6.85 46.76 -9.12
C PRO B 236 -5.61 47.17 -9.90
N THR B 237 -4.68 46.23 -10.01
CA THR B 237 -3.34 46.50 -10.50
C THR B 237 -2.90 45.35 -11.42
N PRO B 238 -2.11 45.67 -12.47
CA PRO B 238 -1.59 44.61 -13.34
C PRO B 238 -0.84 43.51 -12.59
N GLU B 239 0.01 43.92 -11.65
CA GLU B 239 0.74 42.98 -10.79
C GLU B 239 -0.19 42.05 -10.00
N ASP B 240 -1.27 42.57 -9.43
CA ASP B 240 -2.18 41.74 -8.63
C ASP B 240 -3.21 41.00 -9.51
N GLU B 241 -3.47 41.50 -10.70
CA GLU B 241 -4.21 40.70 -11.71
C GLU B 241 -3.40 39.44 -12.07
N MET B 242 -2.12 39.66 -12.34
CA MET B 242 -1.24 38.59 -12.75
C MET B 242 -1.01 37.61 -11.59
N ALA B 243 -0.89 38.12 -10.39
CA ALA B 243 -0.76 37.26 -9.21
C ALA B 243 -2.01 36.41 -8.99
N ALA B 244 -3.17 37.01 -9.20
CA ALA B 244 -4.43 36.30 -9.01
C ALA B 244 -4.60 35.18 -10.04
N GLU B 245 -4.17 35.42 -11.27
CA GLU B 245 -4.29 34.41 -12.30
C GLU B 245 -3.42 33.21 -11.96
N LEU B 246 -2.17 33.48 -11.60
CA LEU B 246 -1.24 32.41 -11.28
C LEU B 246 -1.74 31.63 -10.08
N ARG B 247 -2.37 32.31 -9.13
CA ARG B 247 -2.84 31.63 -7.93
C ARG B 247 -4.02 30.73 -8.26
N ARG B 248 -4.89 31.20 -9.14
CA ARG B 248 -5.97 30.35 -9.62
C ARG B 248 -5.46 29.11 -10.34
N GLN B 249 -4.42 29.28 -11.15
CA GLN B 249 -3.84 28.15 -11.86
C GLN B 249 -3.23 27.14 -10.89
N GLY B 250 -2.64 27.61 -9.80
CA GLY B 250 -2.05 26.75 -8.81
C GLY B 250 -3.06 26.03 -7.94
N GLU B 251 -4.17 26.70 -7.64
CA GLU B 251 -5.15 26.14 -6.72
C GLU B 251 -6.08 25.15 -7.39
N TRP B 252 -6.53 25.48 -8.61
CA TRP B 252 -7.44 24.60 -9.35
C TRP B 252 -7.15 24.40 -10.83
N GLY B 253 -6.48 25.35 -11.48
CA GLY B 253 -6.24 25.26 -12.92
C GLY B 253 -5.38 24.06 -13.29
N ILE B 254 -4.45 23.76 -12.41
CA ILE B 254 -3.56 22.64 -12.60
C ILE B 254 -4.36 21.33 -12.78
N TYR B 255 -5.50 21.21 -12.11
CA TYR B 255 -6.34 20.02 -12.19
C TYR B 255 -7.41 20.17 -13.26
N ALA B 256 -7.96 21.37 -13.42
CA ALA B 256 -9.05 21.56 -14.37
C ALA B 256 -8.59 21.74 -15.82
N HIS B 257 -7.47 22.42 -16.03
CA HIS B 257 -7.08 22.77 -17.40
C HIS B 257 -6.90 21.53 -18.27
N PRO B 258 -6.18 20.50 -17.79
CA PRO B 258 -5.97 19.33 -18.63
C PRO B 258 -7.27 18.67 -19.11
N ILE B 259 -8.30 18.75 -18.29
CA ILE B 259 -9.55 18.08 -18.57
C ILE B 259 -10.52 18.97 -19.33
N PHE B 260 -10.56 20.26 -19.00
CA PHE B 260 -11.64 21.13 -19.49
C PHE B 260 -11.26 22.11 -20.58
N SER B 261 -9.98 22.38 -20.80
CA SER B 261 -9.60 23.38 -21.83
C SER B 261 -9.61 22.73 -23.21
N ALA B 262 -9.60 23.58 -24.23
CA ALA B 262 -9.58 23.16 -25.62
C ALA B 262 -8.28 22.50 -26.02
N GLU B 263 -7.17 22.95 -25.45
CA GLU B 263 -5.83 22.46 -25.83
C GLU B 263 -5.35 21.31 -24.96
N GLY B 264 -5.81 21.29 -23.71
CA GLY B 264 -5.34 20.31 -22.74
C GLY B 264 -4.00 20.70 -22.16
N GLY B 265 -3.41 19.80 -21.39
CA GLY B 265 -2.15 20.08 -20.70
C GLY B 265 -2.38 20.94 -19.49
N PHE B 266 -1.30 21.41 -18.90
CA PHE B 266 -1.34 22.20 -17.70
C PHE B 266 -1.40 23.67 -18.11
N PRO B 267 -1.87 24.57 -17.21
CA PRO B 267 -1.90 25.98 -17.63
C PRO B 267 -0.53 26.52 -17.93
N LYS B 268 -0.43 27.38 -18.95
CA LYS B 268 0.84 27.80 -19.54
C LYS B 268 1.67 28.70 -18.63
N GLU B 269 1.01 29.67 -18.01
CA GLU B 269 1.71 30.69 -17.23
C GLU B 269 2.35 30.03 -16.02
N LEU B 270 1.58 29.22 -15.31
CA LEU B 270 2.11 28.50 -14.18
C LEU B 270 3.22 27.51 -14.59
N SER B 271 3.09 26.91 -15.76
CA SER B 271 4.08 25.94 -16.23
C SER B 271 5.45 26.55 -16.51
N ASP B 272 5.48 27.71 -17.16
CA ASP B 272 6.74 28.41 -17.42
C ASP B 272 7.39 28.85 -16.11
N LYS B 273 6.56 29.33 -15.20
CA LYS B 273 7.04 29.72 -13.88
C LYS B 273 7.71 28.53 -13.15
N ILE B 274 7.10 27.35 -13.22
CA ILE B 274 7.70 26.21 -12.53
C ILE B 274 8.99 25.79 -13.23
N ALA B 275 8.99 25.81 -14.55
CA ALA B 275 10.17 25.39 -15.33
C ALA B 275 11.36 26.30 -15.04
N GLU B 276 11.08 27.58 -14.85
CA GLU B 276 12.11 28.56 -14.53
C GLU B 276 12.69 28.30 -13.14
N LYS B 277 11.82 28.08 -12.15
CA LYS B 277 12.28 27.83 -10.79
C LYS B 277 13.05 26.52 -10.70
N SER B 278 12.55 25.50 -11.40
CA SER B 278 13.16 24.18 -11.39
C SER B 278 14.55 24.25 -12.00
N ALA B 279 14.70 25.05 -13.05
CA ALA B 279 16.00 25.25 -13.68
C ALA B 279 17.00 25.92 -12.73
N GLN B 280 16.59 26.99 -12.06
CA GLN B 280 17.49 27.68 -11.11
C GLN B 280 17.67 26.93 -9.77
N GLN B 281 16.81 25.96 -9.49
CA GLN B 281 17.01 25.02 -8.39
C GLN B 281 17.92 23.85 -8.77
N GLY B 282 18.38 23.81 -10.02
CA GLY B 282 19.31 22.80 -10.47
C GLY B 282 18.68 21.49 -10.90
N TYR B 283 17.35 21.42 -11.00
CA TYR B 283 16.72 20.19 -11.48
C TYR B 283 17.05 20.07 -12.97
N PRO B 284 17.26 18.84 -13.46
CA PRO B 284 17.62 18.64 -14.87
C PRO B 284 16.42 18.76 -15.82
N TRP B 285 15.21 18.79 -15.28
CA TRP B 285 13.97 18.99 -16.03
C TRP B 285 13.04 19.84 -15.17
N SER B 286 11.83 20.13 -15.64
CA SER B 286 10.88 20.84 -14.80
C SER B 286 10.25 19.92 -13.78
N ARG B 287 10.00 20.45 -12.60
CA ARG B 287 9.24 19.70 -11.59
C ARG B 287 7.78 19.47 -11.99
N LEU B 288 7.30 20.18 -13.00
CA LEU B 288 5.97 19.90 -13.57
C LEU B 288 6.14 19.14 -14.88
N PRO B 289 5.86 17.84 -14.86
CA PRO B 289 6.03 17.07 -16.09
C PRO B 289 5.10 17.59 -17.21
N GLU B 290 5.64 18.29 -18.20
CA GLU B 290 4.82 18.75 -19.31
C GLU B 290 4.20 17.58 -20.08
N PHE B 291 2.93 17.72 -20.44
CA PHE B 291 2.21 16.70 -21.25
C PHE B 291 2.83 16.54 -22.64
N THR B 292 2.96 15.30 -23.12
CA THR B 292 3.19 15.06 -24.54
C THR B 292 1.90 15.42 -25.30
N GLU B 293 2.01 15.63 -26.60
CA GLU B 293 0.81 15.91 -27.41
C GLU B 293 -0.25 14.80 -27.30
N GLU B 294 0.18 13.56 -27.21
CA GLU B 294 -0.74 12.43 -27.08
C GLU B 294 -1.43 12.42 -25.73
N GLU B 295 -0.68 12.70 -24.67
CA GLU B 295 -1.26 12.81 -23.33
C GLU B 295 -2.30 13.94 -23.25
N LYS B 296 -1.99 15.09 -23.87
CA LYS B 296 -2.91 16.21 -23.85
C LYS B 296 -4.26 15.87 -24.46
N ALA B 297 -4.24 15.13 -25.58
CA ALA B 297 -5.45 14.73 -26.28
C ALA B 297 -6.18 13.62 -25.52
N PHE B 298 -5.43 12.74 -24.85
CA PHE B 298 -6.08 11.69 -24.08
C PHE B 298 -6.92 12.31 -22.96
N VAL B 299 -6.36 13.23 -22.19
CA VAL B 299 -7.03 13.72 -20.97
C VAL B 299 -8.11 14.80 -21.24
N ARG B 300 -7.93 15.63 -22.26
CA ARG B 300 -8.88 16.69 -22.54
C ARG B 300 -10.22 16.19 -23.11
N GLY B 301 -11.30 16.82 -22.69
CA GLY B 301 -12.64 16.49 -23.16
C GLY B 301 -13.28 15.33 -22.42
N THR B 302 -12.74 14.97 -21.26
CA THR B 302 -13.14 13.72 -20.60
C THR B 302 -14.08 13.95 -19.44
N SER B 303 -14.93 14.97 -19.50
CA SER B 303 -15.91 15.16 -18.43
C SER B 303 -17.24 15.64 -18.98
N ASP B 304 -18.34 15.03 -18.54
CA ASP B 304 -19.67 15.45 -18.99
C ASP B 304 -20.16 16.71 -18.28
N PHE B 305 -19.61 17.03 -17.12
CA PHE B 305 -19.96 18.24 -16.42
C PHE B 305 -18.82 18.71 -15.56
N PHE B 306 -18.91 19.96 -15.12
CA PHE B 306 -17.95 20.54 -14.22
C PHE B 306 -18.59 20.66 -12.84
N GLY B 307 -18.26 19.71 -11.97
CA GLY B 307 -18.71 19.73 -10.59
C GLY B 307 -17.82 20.68 -9.85
N VAL B 308 -18.44 21.60 -9.13
CA VAL B 308 -17.71 22.66 -8.46
C VAL B 308 -17.96 22.61 -6.98
N ASN B 309 -16.89 22.46 -6.22
CA ASN B 309 -16.94 22.72 -4.78
C ASN B 309 -16.51 24.14 -4.58
N HIS B 310 -17.40 24.94 -4.02
CA HIS B 310 -17.09 26.33 -3.78
C HIS B 310 -17.62 26.78 -2.45
N TYR B 311 -16.79 27.50 -1.69
CA TYR B 311 -17.21 28.03 -0.40
C TYR B 311 -17.06 29.54 -0.21
N THR B 312 -16.02 30.12 -0.80
CA THR B 312 -15.60 31.45 -0.43
C THR B 312 -14.62 32.06 -1.46
N ALA B 313 -14.01 33.17 -1.07
CA ALA B 313 -13.15 33.92 -1.96
C ALA B 313 -11.98 34.47 -1.18
N PHE B 314 -10.94 34.84 -1.92
CA PHE B 314 -9.70 35.31 -1.35
C PHE B 314 -9.18 36.47 -2.18
N LEU B 315 -8.48 37.38 -1.54
CA LEU B 315 -7.80 38.47 -2.23
C LEU B 315 -6.37 38.04 -2.41
N VAL B 316 -5.75 38.41 -3.53
CA VAL B 316 -4.42 37.92 -3.84
C VAL B 316 -3.47 39.04 -4.22
N SER B 317 -2.28 39.02 -3.61
CA SER B 317 -1.24 40.01 -3.86
C SER B 317 0.02 39.39 -4.40
N ALA B 318 0.69 40.12 -5.30
CA ALA B 318 1.99 39.72 -5.81
C ALA B 318 3.13 39.96 -4.82
N THR B 319 2.93 40.83 -3.82
CA THR B 319 4.02 41.22 -2.92
C THR B 319 3.71 41.08 -1.42
N GLU B 320 2.44 41.16 -1.04
CA GLU B 320 2.03 41.30 0.37
C GLU B 320 1.61 39.99 1.02
N ARG B 321 2.01 39.82 2.28
CA ARG B 321 1.55 38.73 3.15
C ARG B 321 1.79 37.35 2.59
N LYS B 322 2.97 37.14 2.02
CA LYS B 322 3.36 35.83 1.56
C LYS B 322 3.75 35.03 2.78
N GLY B 323 2.95 34.01 3.11
CA GLY B 323 3.27 33.14 4.23
C GLY B 323 4.61 32.49 4.00
N PRO B 324 5.15 31.81 5.03
CA PRO B 324 6.41 31.09 4.85
C PRO B 324 6.18 29.80 4.08
N TYR B 325 6.66 29.74 2.84
CA TYR B 325 6.46 28.54 1.99
C TYR B 325 7.74 27.75 1.87
N PRO B 326 7.66 26.41 1.96
CA PRO B 326 8.82 25.57 1.68
C PRO B 326 9.38 25.83 0.27
N VAL B 327 10.69 25.61 0.12
CA VAL B 327 11.39 25.77 -1.17
C VAL B 327 12.14 24.46 -1.50
N PRO B 328 11.80 23.76 -2.59
CA PRO B 328 10.73 24.12 -3.52
C PRO B 328 9.35 23.72 -3.05
N SER B 329 8.34 24.45 -3.53
CA SER B 329 6.94 24.04 -3.32
C SER B 329 6.02 24.75 -4.31
N LEU B 330 4.78 24.28 -4.35
CA LEU B 330 3.77 24.82 -5.25
C LEU B 330 3.46 26.27 -4.93
N LEU B 331 3.23 26.58 -3.66
CA LEU B 331 2.95 27.97 -3.27
C LEU B 331 4.16 28.87 -3.42
N ASP B 332 5.35 28.31 -3.27
CA ASP B 332 6.55 29.07 -3.55
C ASP B 332 6.75 29.36 -5.04
N ASP B 333 6.39 28.39 -5.89
CA ASP B 333 6.42 28.56 -7.35
C ASP B 333 5.43 29.63 -7.81
N VAL B 334 4.25 29.59 -7.23
CA VAL B 334 3.21 30.59 -7.49
C VAL B 334 3.63 31.96 -6.98
N ASP B 335 4.20 31.97 -5.77
CA ASP B 335 4.82 33.14 -5.17
C ASP B 335 3.84 34.30 -4.94
N THR B 336 2.71 34.02 -4.30
CA THR B 336 1.73 35.06 -3.99
C THR B 336 1.31 35.00 -2.52
N GLY B 337 0.68 36.10 -2.07
CA GLY B 337 0.05 36.15 -0.77
C GLY B 337 -1.45 36.21 -0.98
N SER B 338 -2.19 35.55 -0.07
CA SER B 338 -3.63 35.40 -0.20
C SER B 338 -4.30 35.50 1.16
N TRP B 339 -5.45 36.17 1.22
CA TRP B 339 -6.20 36.29 2.45
C TRP B 339 -7.64 36.65 2.13
N ALA B 340 -8.55 36.27 3.02
CA ALA B 340 -9.92 36.73 2.92
C ALA B 340 -10.04 38.20 3.34
N ASP B 341 -10.91 38.93 2.68
CA ASP B 341 -11.27 40.28 3.09
C ASP B 341 -11.73 40.25 4.55
N ASP B 342 -11.12 41.10 5.38
CA ASP B 342 -11.39 41.11 6.82
C ASP B 342 -12.80 41.59 7.19
N SER B 343 -13.44 42.32 6.28
CA SER B 343 -14.82 42.79 6.49
C SER B 343 -15.92 41.72 6.31
N TRP B 344 -15.59 40.51 5.86
CA TRP B 344 -16.60 39.49 5.64
C TRP B 344 -16.84 38.71 6.92
N LEU B 345 -18.04 38.18 7.05
CA LEU B 345 -18.40 37.34 8.18
C LEU B 345 -17.53 36.07 8.27
N LYS B 346 -17.03 35.79 9.48
CA LYS B 346 -16.17 34.62 9.72
C LYS B 346 -16.92 33.43 10.30
N SER B 347 -16.53 32.24 9.85
CA SER B 347 -17.08 30.99 10.38
C SER B 347 -16.13 30.44 11.45
N ALA B 348 -16.37 29.21 11.87
CA ALA B 348 -15.47 28.47 12.76
C ALA B 348 -14.25 27.86 12.06
N SER B 349 -14.05 28.10 10.75
CA SER B 349 -12.88 27.59 10.03
C SER B 349 -12.12 28.77 9.48
N ALA B 350 -10.81 28.81 9.71
CA ALA B 350 -9.99 29.99 9.36
C ALA B 350 -10.08 30.39 7.88
N TRP B 351 -10.15 29.39 7.01
CA TRP B 351 -10.20 29.60 5.54
C TRP B 351 -11.60 30.06 5.04
N LEU B 352 -12.64 29.83 5.83
CA LEU B 352 -14.03 29.97 5.38
C LEU B 352 -14.71 31.26 5.87
N THR B 353 -14.92 32.19 4.94
CA THR B 353 -15.69 33.39 5.18
C THR B 353 -16.85 33.51 4.20
N LEU B 354 -17.89 34.25 4.56
CA LEU B 354 -19.02 34.47 3.69
C LEU B 354 -18.65 35.59 2.74
N ALA B 355 -18.15 35.23 1.57
CA ALA B 355 -17.83 36.19 0.52
C ALA B 355 -19.06 36.40 -0.34
N PRO B 356 -19.60 37.62 -0.34
CA PRO B 356 -20.86 37.88 -1.04
C PRO B 356 -20.76 37.61 -2.54
N ASN B 357 -21.75 36.91 -3.09
CA ASN B 357 -21.83 36.60 -4.53
C ASN B 357 -20.61 35.84 -5.12
N SER B 358 -19.87 35.14 -4.27
CA SER B 358 -18.64 34.47 -4.69
C SER B 358 -18.93 33.33 -5.66
N ILE B 359 -20.03 32.61 -5.48
CA ILE B 359 -20.40 31.56 -6.41
C ILE B 359 -20.52 32.13 -7.82
N HIS B 360 -21.28 33.21 -7.96
CA HIS B 360 -21.44 33.87 -9.26
C HIS B 360 -20.11 34.32 -9.85
N THR B 361 -19.26 34.91 -9.04
CA THR B 361 -17.94 35.35 -9.51
C THR B 361 -17.04 34.19 -9.99
N ALA B 362 -16.98 33.12 -9.21
CA ALA B 362 -16.23 31.91 -9.62
C ALA B 362 -16.77 31.26 -10.89
N LEU B 363 -18.08 31.07 -10.95
CA LEU B 363 -18.68 30.37 -12.09
C LEU B 363 -18.66 31.18 -13.36
N THR B 364 -18.87 32.49 -13.25
CA THR B 364 -18.78 33.35 -14.42
C THR B 364 -17.41 33.21 -15.06
N HIS B 365 -16.36 33.27 -14.23
CA HIS B 365 -15.01 33.10 -14.72
C HIS B 365 -14.81 31.76 -15.42
N LEU B 366 -15.32 30.69 -14.84
CA LEU B 366 -15.17 29.36 -15.43
C LEU B 366 -15.93 29.25 -16.75
N ASN B 367 -17.16 29.73 -16.74
CA ASN B 367 -18.04 29.69 -17.90
C ASN B 367 -17.35 30.27 -19.13
N ASN B 368 -16.69 31.40 -18.95
CA ASN B 368 -15.96 32.03 -20.05
C ASN B 368 -14.64 31.33 -20.38
N LEU B 369 -13.94 30.84 -19.37
CA LEU B 369 -12.66 30.16 -19.59
C LEU B 369 -12.80 28.82 -20.31
N TYR B 370 -13.83 28.06 -19.99
CA TYR B 370 -13.93 26.71 -20.48
C TYR B 370 -15.16 26.48 -21.37
N ASN B 371 -15.60 27.54 -22.04
CA ASN B 371 -16.58 27.42 -23.11
C ASN B 371 -17.93 26.80 -22.71
N LYS B 372 -18.55 27.38 -21.70
CA LYS B 372 -19.97 27.13 -21.42
C LYS B 372 -20.34 25.69 -21.08
N PRO B 373 -19.60 25.04 -20.17
CA PRO B 373 -19.98 23.68 -19.81
C PRO B 373 -21.19 23.59 -18.88
N VAL B 374 -21.59 22.37 -18.57
CA VAL B 374 -22.63 22.09 -17.60
C VAL B 374 -22.04 22.13 -16.20
N PHE B 375 -22.64 22.91 -15.31
CA PHE B 375 -22.12 23.01 -13.95
C PHE B 375 -23.07 22.43 -12.91
N TYR B 376 -22.49 21.79 -11.90
CA TYR B 376 -23.15 21.50 -10.63
C TYR B 376 -22.33 22.10 -9.49
N ILE B 377 -23.00 22.63 -8.48
CA ILE B 377 -22.32 22.98 -7.23
C ILE B 377 -22.41 21.73 -6.38
N THR B 378 -21.28 21.07 -6.18
CA THR B 378 -21.29 19.77 -5.52
C THR B 378 -21.07 19.89 -4.02
N GLU B 379 -20.56 21.04 -3.58
CA GLU B 379 -20.38 21.33 -2.15
C GLU B 379 -20.38 22.81 -1.90
N ASN B 380 -21.09 23.20 -0.86
CA ASN B 380 -21.15 24.58 -0.39
C ASN B 380 -21.79 24.53 0.99
N GLY B 381 -21.23 25.23 1.96
CA GLY B 381 -21.73 25.11 3.32
C GLY B 381 -20.97 25.93 4.33
N TRP B 382 -21.39 25.82 5.59
CA TRP B 382 -20.90 26.70 6.67
C TRP B 382 -20.58 25.95 7.96
N SER B 383 -19.54 26.43 8.63
CA SER B 383 -18.93 25.78 9.79
C SER B 383 -19.31 26.50 11.09
N THR B 384 -19.71 25.76 12.12
CA THR B 384 -19.92 26.35 13.46
C THR B 384 -19.18 25.56 14.55
N ASP B 385 -18.78 26.23 15.63
CA ASP B 385 -17.99 25.55 16.66
C ASP B 385 -18.85 24.55 17.44
N GLU B 386 -18.25 23.39 17.72
CA GLU B 386 -18.79 22.34 18.58
C GLU B 386 -19.27 22.90 19.92
N SER B 387 -18.45 23.77 20.52
CA SER B 387 -18.72 24.33 21.85
C SER B 387 -19.81 25.42 21.87
N ARG B 388 -20.17 25.97 20.72
CA ARG B 388 -21.25 26.97 20.64
C ARG B 388 -22.41 26.67 21.58
N GLU B 389 -22.86 27.72 22.28
CA GLU B 389 -24.03 27.64 23.13
C GLU B 389 -25.28 27.75 22.25
N ASN B 390 -26.26 26.88 22.48
CA ASN B 390 -27.43 26.80 21.59
C ASN B 390 -27.01 26.46 20.16
N SER B 391 -26.37 25.30 20.01
CA SER B 391 -25.79 24.89 18.72
C SER B 391 -26.82 24.60 17.63
N LEU B 392 -28.08 24.34 18.02
CA LEU B 392 -29.17 24.17 17.06
C LEU B 392 -29.70 25.48 16.44
N ILE B 393 -29.36 26.62 17.04
CA ILE B 393 -29.68 27.94 16.49
C ILE B 393 -28.48 28.46 15.70
N ASP B 394 -28.62 28.53 14.38
CA ASP B 394 -27.51 28.88 13.50
C ASP B 394 -27.94 29.91 12.47
N ASP B 395 -28.14 31.15 12.94
CA ASP B 395 -28.52 32.25 12.07
C ASP B 395 -27.39 32.63 11.08
N ASP B 396 -26.14 32.47 11.51
CA ASP B 396 -25.00 32.70 10.60
C ASP B 396 -25.00 31.70 9.43
N ARG B 397 -25.37 30.46 9.71
CA ARG B 397 -25.51 29.46 8.67
C ARG B 397 -26.63 29.87 7.73
N ILE B 398 -27.76 30.29 8.30
CA ILE B 398 -28.90 30.86 7.53
C ILE B 398 -28.43 31.99 6.60
N GLN B 399 -27.67 32.94 7.13
CA GLN B 399 -27.13 34.03 6.31
C GLN B 399 -26.31 33.47 5.15
N TYR B 400 -25.42 32.52 5.43
CA TYR B 400 -24.54 31.95 4.40
C TYR B 400 -25.35 31.31 3.29
N TYR B 401 -26.25 30.42 3.67
CA TYR B 401 -27.05 29.70 2.72
C TYR B 401 -27.92 30.61 1.90
N ARG B 402 -28.50 31.64 2.52
CA ARG B 402 -29.33 32.54 1.76
C ARG B 402 -28.52 33.37 0.78
N ALA B 403 -27.33 33.80 1.17
CA ALA B 403 -26.45 34.48 0.23
C ALA B 403 -26.08 33.55 -0.94
N SER B 404 -25.89 32.27 -0.64
CA SER B 404 -25.52 31.32 -1.67
C SER B 404 -26.66 31.18 -2.66
N MET B 405 -27.89 31.05 -2.16
CA MET B 405 -29.10 31.02 -3.02
C MET B 405 -29.20 32.25 -3.92
N GLU B 406 -28.96 33.44 -3.38
CA GLU B 406 -29.00 34.65 -4.21
C GLU B 406 -27.97 34.57 -5.32
N SER B 407 -26.78 34.05 -5.01
CA SER B 407 -25.71 33.97 -6.01
C SER B 407 -26.05 32.97 -7.11
N LEU B 408 -26.70 31.87 -6.75
CA LEU B 408 -27.14 30.90 -7.75
C LEU B 408 -28.17 31.50 -8.71
N LEU B 409 -29.06 32.33 -8.18
CA LEU B 409 -30.12 32.92 -8.98
C LEU B 409 -29.50 33.95 -9.95
N ASN B 410 -28.43 34.60 -9.53
CA ASN B 410 -27.68 35.48 -10.43
C ASN B 410 -27.03 34.74 -11.55
N CYS B 411 -26.57 33.52 -11.27
CA CYS B 411 -26.02 32.62 -12.29
C CYS B 411 -27.07 32.20 -13.29
N LEU B 412 -28.20 31.72 -12.79
CA LEU B 412 -29.27 31.34 -13.69
C LEU B 412 -29.71 32.54 -14.54
N ASP B 413 -29.90 33.71 -13.93
CA ASP B 413 -30.23 34.93 -14.69
C ASP B 413 -29.20 35.31 -15.78
N ASP B 414 -27.92 35.01 -15.54
CA ASP B 414 -26.85 35.23 -16.52
C ASP B 414 -26.79 34.18 -17.62
N GLY B 415 -27.63 33.15 -17.58
CA GLY B 415 -27.60 32.08 -18.57
C GLY B 415 -26.49 31.04 -18.39
N ILE B 416 -25.94 30.96 -17.18
CA ILE B 416 -24.97 29.91 -16.87
C ILE B 416 -25.74 28.61 -16.67
N ASN B 417 -25.33 27.56 -17.36
CA ASN B 417 -26.01 26.29 -17.35
C ASN B 417 -25.70 25.53 -16.06
N LEU B 418 -26.23 26.05 -14.96
CA LEU B 418 -26.10 25.44 -13.64
C LEU B 418 -27.31 24.55 -13.36
N LYS B 419 -27.10 23.29 -13.02
CA LYS B 419 -28.19 22.33 -12.91
C LYS B 419 -28.56 21.92 -11.49
N GLY B 420 -27.75 22.29 -10.51
CA GLY B 420 -28.08 21.85 -9.16
C GLY B 420 -27.14 22.32 -8.10
N TYR B 421 -27.46 21.97 -6.86
CA TYR B 421 -26.77 22.46 -5.70
C TYR B 421 -26.80 21.43 -4.60
N MET B 422 -25.63 21.13 -4.01
CA MET B 422 -25.53 20.16 -2.92
C MET B 422 -24.92 20.86 -1.72
N ALA B 423 -25.67 20.97 -0.63
CA ALA B 423 -25.18 21.59 0.59
C ALA B 423 -24.26 20.60 1.33
N TRP B 424 -23.09 21.11 1.74
CA TRP B 424 -22.24 20.38 2.67
C TRP B 424 -22.59 20.86 4.08
N SER B 425 -23.18 20.03 4.94
CA SER B 425 -23.41 18.61 4.73
C SER B 425 -24.75 18.25 5.32
N LEU B 426 -25.25 17.06 4.99
CA LEU B 426 -26.52 16.62 5.54
C LEU B 426 -26.46 16.57 7.06
N MET B 427 -25.30 16.21 7.59
CA MET B 427 -25.15 16.09 9.02
C MET B 427 -23.72 16.28 9.44
N ASP B 428 -23.55 16.56 10.72
CA ASP B 428 -22.23 16.68 11.29
C ASP B 428 -21.44 15.40 11.01
N ASN B 429 -20.15 15.56 10.80
CA ASN B 429 -19.32 14.44 10.47
C ASN B 429 -17.86 14.72 10.81
N PHE B 430 -17.01 13.70 10.65
CA PHE B 430 -15.60 13.80 10.97
C PHE B 430 -14.91 14.71 9.95
N GLU B 431 -14.48 15.89 10.42
CA GLU B 431 -14.00 16.94 9.54
C GLU B 431 -12.48 16.87 9.41
N TRP B 432 -12.02 15.69 9.03
CA TRP B 432 -10.63 15.43 8.69
C TRP B 432 -9.70 15.87 9.85
N MET B 433 -8.75 16.77 9.62
CA MET B 433 -7.77 17.13 10.65
C MET B 433 -8.40 17.91 11.81
N GLU B 434 -9.60 18.45 11.61
CA GLU B 434 -10.31 19.17 12.67
C GLU B 434 -11.24 18.31 13.52
N GLY B 435 -11.30 17.00 13.24
CA GLY B 435 -12.19 16.11 13.97
C GLY B 435 -13.61 16.61 13.99
N TYR B 436 -14.21 16.63 15.18
CA TYR B 436 -15.58 17.09 15.39
C TYR B 436 -15.70 18.50 15.99
N ILE B 437 -14.66 19.32 15.82
CA ILE B 437 -14.63 20.67 16.38
C ILE B 437 -15.41 21.65 15.51
N GLU B 438 -15.25 21.52 14.20
CA GLU B 438 -15.95 22.35 13.22
C GLU B 438 -17.14 21.55 12.69
N ARG B 439 -18.34 22.05 12.89
CA ARG B 439 -19.57 21.33 12.54
C ARG B 439 -20.20 21.96 11.31
N PHE B 440 -20.41 21.15 10.27
CA PHE B 440 -20.97 21.61 9.00
C PHE B 440 -22.42 21.16 8.75
N GLY B 441 -22.99 20.39 9.65
CA GLY B 441 -24.25 19.75 9.35
C GLY B 441 -25.47 20.66 9.39
N LEU B 442 -26.38 20.43 8.45
CA LEU B 442 -27.76 20.88 8.60
C LEU B 442 -28.42 20.16 9.77
N TYR B 443 -28.04 18.90 10.00
CA TYR B 443 -28.43 18.18 11.19
C TYR B 443 -27.23 18.04 12.12
N GLU B 444 -27.47 18.24 13.41
CA GLU B 444 -26.45 18.10 14.43
C GLU B 444 -26.41 16.65 14.84
N VAL B 445 -25.21 16.15 15.08
CA VAL B 445 -25.00 14.80 15.53
C VAL B 445 -24.37 14.85 16.92
N ASP B 446 -24.87 13.99 17.80
CA ASP B 446 -24.36 13.80 19.14
C ASP B 446 -23.35 12.66 19.09
N PHE B 447 -22.06 13.01 19.05
CA PHE B 447 -21.00 12.03 18.87
C PHE B 447 -20.59 11.31 20.16
N SER B 448 -21.13 11.74 21.29
CA SER B 448 -20.92 11.03 22.53
C SER B 448 -22.04 10.00 22.74
N ASP B 449 -23.05 10.03 21.89
CA ASP B 449 -24.15 9.09 21.99
C ASP B 449 -23.84 7.90 21.11
N PRO B 450 -23.99 6.67 21.65
CA PRO B 450 -23.83 5.47 20.80
C PRO B 450 -24.76 5.41 19.57
N ALA B 451 -26.01 5.86 19.72
CA ALA B 451 -26.96 5.86 18.60
C ALA B 451 -26.68 6.98 17.57
N ARG B 452 -25.77 7.90 17.92
CA ARG B 452 -25.41 9.03 17.07
C ARG B 452 -26.68 9.70 16.56
N THR B 453 -27.46 10.18 17.51
CA THR B 453 -28.76 10.80 17.22
C THR B 453 -28.59 12.03 16.36
N ARG B 454 -29.43 12.14 15.31
CA ARG B 454 -29.43 13.30 14.43
C ARG B 454 -30.61 14.21 14.74
N THR B 455 -30.34 15.48 15.03
CA THR B 455 -31.40 16.44 15.30
C THR B 455 -31.25 17.73 14.44
N PRO B 456 -32.35 18.16 13.81
CA PRO B 456 -32.25 19.29 12.88
C PRO B 456 -31.93 20.64 13.50
N ARG B 457 -30.97 21.35 12.92
CA ARG B 457 -30.74 22.75 13.25
C ARG B 457 -31.78 23.61 12.56
N LYS B 458 -31.87 24.86 13.01
CA LYS B 458 -32.77 25.81 12.38
C LYS B 458 -32.54 25.87 10.88
N ALA B 459 -31.27 25.88 10.47
CA ALA B 459 -30.91 25.88 9.05
C ALA B 459 -31.52 24.74 8.23
N ALA B 460 -31.73 23.58 8.83
CA ALA B 460 -32.44 22.50 8.13
C ALA B 460 -33.85 22.91 7.70
N PHE B 461 -34.50 23.70 8.55
CA PHE B 461 -35.85 24.19 8.26
C PHE B 461 -35.85 25.29 7.20
N VAL B 462 -34.85 26.15 7.21
CA VAL B 462 -34.73 27.17 6.17
C VAL B 462 -34.44 26.55 4.80
N TYR B 463 -33.52 25.61 4.74
CA TYR B 463 -33.21 24.92 3.46
C TYR B 463 -34.40 24.17 2.92
N LYS B 464 -35.11 23.47 3.79
CA LYS B 464 -36.34 22.76 3.44
C LYS B 464 -37.39 23.68 2.83
N HIS B 465 -37.46 24.92 3.32
CA HIS B 465 -38.40 25.93 2.85
C HIS B 465 -38.02 26.39 1.44
N ILE B 466 -36.72 26.64 1.25
CA ILE B 466 -36.19 27.06 -0.04
C ILE B 466 -36.43 26.02 -1.14
N ILE B 467 -36.28 24.74 -0.81
CA ILE B 467 -36.52 23.68 -1.78
C ILE B 467 -38.01 23.56 -2.09
N LYS B 468 -38.87 23.69 -1.08
CA LYS B 468 -40.32 23.61 -1.28
C LYS B 468 -40.86 24.76 -2.13
N HIS B 469 -40.56 25.99 -1.74
CA HIS B 469 -41.15 27.15 -2.41
C HIS B 469 -40.29 27.74 -3.53
N ARG B 470 -39.07 27.25 -3.69
CA ARG B 470 -38.19 27.67 -4.78
C ARG B 470 -37.83 29.16 -4.80
N VAL B 471 -37.90 29.80 -3.64
CA VAL B 471 -37.54 31.20 -3.47
C VAL B 471 -36.91 31.37 -2.11
N VAL B 472 -36.14 32.44 -1.94
CA VAL B 472 -35.62 32.84 -0.65
C VAL B 472 -36.55 33.82 0.04
N ASP B 473 -37.16 33.40 1.15
CA ASP B 473 -38.02 34.26 1.98
C ASP B 473 -37.24 34.74 3.18
N TYR B 474 -36.84 36.01 3.14
CA TYR B 474 -36.05 36.58 4.21
C TYR B 474 -36.81 36.80 5.49
N GLU B 475 -38.14 36.74 5.44
CA GLU B 475 -38.95 36.92 6.63
C GLU B 475 -39.35 35.58 7.23
N TYR B 476 -39.05 34.47 6.55
CA TYR B 476 -39.45 33.16 7.05
C TYR B 476 -38.62 32.75 8.24
N GLU B 477 -39.29 32.28 9.29
CA GLU B 477 -38.61 31.72 10.43
C GLU B 477 -39.38 30.48 10.90
N PRO B 478 -38.67 29.36 11.10
CA PRO B 478 -39.39 28.11 11.37
C PRO B 478 -40.25 28.19 12.62
N GLU B 479 -41.46 27.64 12.52
CA GLU B 479 -42.42 27.61 13.61
C GLU B 479 -41.98 26.62 14.67
N THR B 480 -41.48 25.47 14.21
CA THR B 480 -41.23 24.32 15.05
C THR B 480 -39.76 23.90 14.94
N MET B 481 -39.23 23.24 15.97
CA MET B 481 -37.93 22.60 15.89
C MET B 481 -38.08 21.11 15.59
N VAL B 482 -39.32 20.65 15.46
CA VAL B 482 -39.63 19.28 15.08
C VAL B 482 -39.86 19.18 13.58
N MET B 483 -39.37 18.11 12.99
CA MET B 483 -39.33 17.94 11.54
C MET B 483 -40.34 16.87 11.12
N THR B 484 -41.03 17.10 9.99
CA THR B 484 -41.95 16.11 9.40
C THR B 484 -41.75 15.95 7.87
N ILE B 485 -42.19 14.81 7.35
CA ILE B 485 -42.11 14.51 5.93
C ILE B 485 -43.39 15.01 5.27
N ASP B 486 -43.27 16.05 4.46
CA ASP B 486 -44.42 16.58 3.71
C ASP B 486 -44.87 15.59 2.63
N GLU B 487 -46.17 15.33 2.54
CA GLU B 487 -46.67 14.27 1.65
C GLU B 487 -46.33 14.54 0.18
N GLY B 488 -46.00 13.48 -0.54
CA GLY B 488 -45.38 13.58 -1.85
C GLY B 488 -43.89 13.28 -1.75
N HIS B 489 -43.42 13.08 -0.51
CA HIS B 489 -42.01 12.78 -0.26
C HIS B 489 -41.83 11.50 0.57
N GLN C 2 -5.08 -40.36 -15.23
CA GLN C 2 -4.75 -41.54 -14.36
C GLN C 2 -3.98 -42.58 -15.17
N ARG C 3 -2.70 -42.76 -14.84
CA ARG C 3 -1.80 -43.60 -15.62
C ARG C 3 -2.12 -45.09 -15.47
N ARG C 4 -2.18 -45.78 -16.60
CA ARG C 4 -2.53 -47.19 -16.66
C ARG C 4 -1.51 -47.95 -17.48
N PHE C 5 -1.16 -49.16 -17.07
CA PHE C 5 -0.33 -50.05 -17.90
C PHE C 5 -1.13 -50.53 -19.12
N PRO C 6 -0.53 -50.53 -20.32
CA PRO C 6 -1.22 -51.12 -21.47
C PRO C 6 -1.66 -52.56 -21.20
N ASP C 7 -2.76 -52.98 -21.83
CA ASP C 7 -3.28 -54.34 -21.68
C ASP C 7 -2.26 -55.44 -21.98
N ASP C 8 -1.40 -55.21 -22.98
CA ASP C 8 -0.43 -56.22 -23.42
C ASP C 8 0.92 -56.20 -22.68
N PHE C 9 1.10 -55.30 -21.72
CA PHE C 9 2.30 -55.32 -20.88
C PHE C 9 2.31 -56.64 -20.08
N LEU C 10 3.44 -57.34 -20.09
CA LEU C 10 3.45 -58.67 -19.48
C LEU C 10 3.87 -58.60 -18.03
N PHE C 11 2.93 -58.89 -17.12
CA PHE C 11 3.30 -59.02 -15.72
C PHE C 11 3.54 -60.47 -15.33
N GLY C 12 4.63 -60.72 -14.63
CA GLY C 12 4.94 -62.06 -14.18
C GLY C 12 5.71 -62.15 -12.89
N THR C 13 6.20 -63.36 -12.63
CA THR C 13 7.13 -63.64 -11.56
C THR C 13 8.26 -64.49 -12.10
N ALA C 14 9.27 -64.73 -11.28
CA ALA C 14 10.49 -65.40 -11.72
C ALA C 14 11.04 -66.27 -10.62
N THR C 15 11.56 -67.43 -11.02
CA THR C 15 12.32 -68.31 -10.13
C THR C 15 13.59 -68.80 -10.83
N ALA C 16 14.43 -69.54 -10.09
CA ALA C 16 15.56 -70.27 -10.65
C ALA C 16 15.59 -71.70 -10.11
N SER C 17 16.04 -72.62 -10.95
CA SER C 17 16.02 -74.06 -10.67
CA SER C 17 15.98 -74.05 -10.66
C SER C 17 16.59 -74.44 -9.31
N TYR C 18 17.82 -74.02 -9.02
CA TYR C 18 18.43 -74.48 -7.80
C TYR C 18 17.68 -73.95 -6.58
N GLN C 19 17.08 -72.78 -6.73
CA GLN C 19 16.44 -72.10 -5.63
C GLN C 19 15.09 -72.69 -5.23
N ILE C 20 14.38 -73.37 -6.14
CA ILE C 20 13.03 -73.91 -5.88
C ILE C 20 12.84 -75.43 -6.07
N GLU C 21 13.60 -76.06 -6.97
CA GLU C 21 13.30 -77.43 -7.43
C GLU C 21 13.44 -78.53 -6.39
N GLY C 22 14.55 -78.50 -5.69
CA GLY C 22 14.95 -79.60 -4.84
C GLY C 22 15.26 -80.80 -5.71
N ALA C 23 14.96 -81.99 -5.19
CA ALA C 23 15.18 -83.23 -5.90
C ALA C 23 16.56 -83.26 -6.53
N TRP C 24 17.57 -82.92 -5.74
CA TRP C 24 18.91 -82.63 -6.27
C TRP C 24 19.62 -83.84 -6.89
N ASP C 25 19.28 -85.05 -6.45
CA ASP C 25 19.90 -86.27 -6.97
C ASP C 25 18.85 -87.28 -7.40
N GLU C 26 17.70 -86.78 -7.84
CA GLU C 26 16.59 -87.62 -8.18
C GLU C 26 16.58 -87.87 -9.68
N ASP C 27 16.12 -89.06 -10.05
CA ASP C 27 15.89 -89.44 -11.44
C ASP C 27 17.08 -89.15 -12.34
N GLY C 28 18.25 -89.56 -11.88
CA GLY C 28 19.45 -89.49 -12.71
C GLY C 28 20.12 -88.14 -12.78
N LYS C 29 19.66 -87.17 -11.97
CA LYS C 29 20.20 -85.83 -12.09
C LYS C 29 21.66 -85.79 -11.69
N GLY C 30 22.47 -85.12 -12.49
CA GLY C 30 23.89 -84.96 -12.19
C GLY C 30 24.19 -83.86 -11.19
N GLU C 31 25.36 -83.98 -10.56
CA GLU C 31 25.79 -83.02 -9.55
C GLU C 31 26.11 -81.69 -10.22
N ASN C 32 25.65 -80.58 -9.64
CA ASN C 32 26.03 -79.25 -10.12
C ASN C 32 26.93 -78.57 -9.11
N ILE C 33 27.48 -77.44 -9.50
CA ILE C 33 28.42 -76.72 -8.65
C ILE C 33 27.85 -76.26 -7.31
N TRP C 34 26.54 -76.04 -7.22
CA TRP C 34 25.95 -75.71 -5.93
C TRP C 34 25.87 -76.94 -5.01
N ASP C 35 25.39 -78.05 -5.54
CA ASP C 35 25.39 -79.30 -4.81
C ASP C 35 26.78 -79.59 -4.27
N TYR C 36 27.77 -79.45 -5.14
CA TYR C 36 29.13 -79.78 -4.78
C TYR C 36 29.60 -78.93 -3.65
N MET C 37 29.36 -77.62 -3.75
CA MET C 37 29.89 -76.69 -2.78
C MET C 37 29.26 -76.88 -1.41
N VAL C 38 27.94 -76.99 -1.37
CA VAL C 38 27.23 -77.07 -0.09
C VAL C 38 27.34 -78.43 0.59
N HIS C 39 27.70 -79.46 -0.16
CA HIS C 39 27.92 -80.76 0.46
C HIS C 39 29.33 -80.88 0.99
N ASN C 40 30.29 -80.27 0.29
CA ASN C 40 31.68 -80.36 0.71
C ASN C 40 32.17 -79.23 1.61
N THR C 41 31.47 -78.09 1.64
CA THR C 41 31.82 -76.99 2.54
C THR C 41 30.56 -76.27 2.93
N PRO C 42 29.70 -76.94 3.73
CA PRO C 42 28.41 -76.39 4.12
C PRO C 42 28.48 -75.04 4.83
N GLU C 43 29.61 -74.76 5.47
CA GLU C 43 29.81 -73.52 6.23
C GLU C 43 29.71 -72.23 5.41
N VAL C 44 29.81 -72.33 4.09
CA VAL C 44 29.67 -71.15 3.22
C VAL C 44 28.24 -70.58 3.20
N ILE C 45 27.24 -71.40 3.53
CA ILE C 45 25.88 -70.93 3.61
C ILE C 45 25.64 -70.37 5.01
N ARG C 46 25.13 -69.15 5.10
CA ARG C 46 25.11 -68.41 6.36
C ARG C 46 24.31 -69.09 7.50
N ASP C 47 23.29 -69.87 7.15
CA ASP C 47 22.48 -70.61 8.14
C ASP C 47 22.63 -72.14 8.01
N LEU C 48 23.69 -72.58 7.34
CA LEU C 48 23.98 -74.00 7.15
C LEU C 48 22.83 -74.79 6.53
N SER C 49 22.22 -74.21 5.50
CA SER C 49 21.15 -74.86 4.76
C SER C 49 21.59 -75.19 3.32
N ASN C 50 20.69 -75.72 2.50
CA ASN C 50 21.01 -76.03 1.11
C ASN C 50 19.76 -76.20 0.30
N GLY C 51 19.92 -76.37 -1.01
CA GLY C 51 18.79 -76.56 -1.90
C GLY C 51 18.51 -78.01 -2.26
N ASP C 52 18.89 -78.93 -1.37
CA ASP C 52 18.62 -80.35 -1.55
C ASP C 52 17.12 -80.55 -1.81
N ILE C 53 16.31 -79.90 -0.97
CA ILE C 53 14.86 -79.92 -1.12
C ILE C 53 14.28 -78.56 -1.53
N ALA C 54 14.84 -77.47 -1.02
CA ALA C 54 14.37 -76.11 -1.41
C ALA C 54 12.83 -75.99 -1.26
N ALA C 55 12.12 -75.45 -2.24
CA ALA C 55 10.66 -75.40 -2.19
C ALA C 55 9.97 -76.67 -2.73
N ASP C 56 10.77 -77.69 -3.03
CA ASP C 56 10.32 -78.96 -3.64
C ASP C 56 9.43 -78.80 -4.85
N SER C 57 9.76 -77.81 -5.69
CA SER C 57 8.97 -77.58 -6.88
C SER C 57 9.05 -78.75 -7.87
N TYR C 58 10.11 -79.55 -7.78
CA TYR C 58 10.17 -80.75 -8.61
C TYR C 58 8.91 -81.60 -8.46
N HIS C 59 8.39 -81.71 -7.24
CA HIS C 59 7.12 -82.43 -7.01
C HIS C 59 5.89 -81.53 -6.99
N ASN C 60 6.05 -80.27 -6.59
CA ASN C 60 4.92 -79.40 -6.30
C ASN C 60 4.56 -78.43 -7.40
N TYR C 61 5.01 -78.72 -8.63
CA TYR C 61 4.87 -77.77 -9.71
C TYR C 61 3.43 -77.38 -10.02
N LYS C 62 2.48 -78.30 -9.84
CA LYS C 62 1.08 -77.98 -10.13
C LYS C 62 0.57 -76.91 -9.18
N ARG C 63 0.96 -77.03 -7.92
CA ARG C 63 0.70 -75.99 -6.95
C ARG C 63 1.35 -74.64 -7.31
N ASP C 64 2.55 -74.65 -7.89
CA ASP C 64 3.18 -73.39 -8.36
C ASP C 64 2.31 -72.75 -9.43
N VAL C 65 1.76 -73.56 -10.32
CA VAL C 65 0.93 -73.02 -11.39
C VAL C 65 -0.40 -72.52 -10.85
N GLU C 66 -0.92 -73.14 -9.79
CA GLU C 66 -2.14 -72.69 -9.11
C GLU C 66 -1.91 -71.27 -8.57
N MET C 67 -0.73 -71.07 -7.98
CA MET C 67 -0.34 -69.79 -7.44
C MET C 67 -0.24 -68.72 -8.53
N MET C 68 0.29 -69.09 -9.69
CA MET C 68 0.38 -68.15 -10.81
C MET C 68 -1.02 -67.71 -11.24
N ARG C 69 -1.95 -68.65 -11.25
CA ARG C 69 -3.33 -68.38 -11.63
C ARG C 69 -3.99 -67.47 -10.59
N GLU C 70 -3.68 -67.69 -9.33
CA GLU C 70 -4.26 -66.91 -8.25
C GLU C 70 -3.80 -65.45 -8.34
N LEU C 71 -2.56 -65.23 -8.79
CA LEU C 71 -2.05 -63.89 -9.03
C LEU C 71 -2.57 -63.30 -10.33
N GLY C 72 -3.03 -64.15 -11.23
CA GLY C 72 -3.51 -63.70 -12.53
C GLY C 72 -2.36 -63.29 -13.45
N LEU C 73 -1.21 -63.94 -13.31
CA LEU C 73 -0.05 -63.63 -14.11
C LEU C 73 -0.29 -63.82 -15.60
N ASP C 74 0.44 -63.05 -16.38
CA ASP C 74 0.48 -63.21 -17.82
C ASP C 74 1.62 -64.15 -18.20
N ALA C 75 2.64 -64.24 -17.34
CA ALA C 75 3.91 -64.90 -17.71
C ALA C 75 4.64 -65.42 -16.48
N TYR C 76 5.56 -66.35 -16.68
CA TYR C 76 6.34 -66.91 -15.59
C TYR C 76 7.70 -67.23 -16.12
N ARG C 77 8.73 -66.81 -15.39
CA ARG C 77 10.08 -67.00 -15.82
C ARG C 77 10.72 -68.03 -14.92
N PHE C 78 11.35 -69.04 -15.50
CA PHE C 78 12.05 -70.06 -14.73
C PHE C 78 13.24 -70.61 -15.49
N SER C 79 14.15 -71.27 -14.78
CA SER C 79 15.38 -71.74 -15.39
C SER C 79 15.46 -73.24 -15.41
N LEU C 80 16.23 -73.75 -16.35
CA LEU C 80 16.47 -75.18 -16.50
C LEU C 80 17.76 -75.54 -15.81
N SER C 81 17.78 -76.73 -15.21
CA SER C 81 18.96 -77.27 -14.55
C SER C 81 19.70 -78.05 -15.58
N TRP C 82 20.87 -77.54 -15.96
CA TRP C 82 21.69 -78.15 -16.98
C TRP C 82 21.98 -79.59 -16.60
N ALA C 83 22.31 -79.82 -15.33
CA ALA C 83 22.64 -81.17 -14.87
C ALA C 83 21.45 -82.13 -14.83
N ARG C 84 20.24 -81.60 -14.68
CA ARG C 84 19.06 -82.45 -14.68
C ARG C 84 18.76 -82.97 -16.08
N ILE C 85 19.09 -82.18 -17.10
CA ILE C 85 18.85 -82.54 -18.50
C ILE C 85 20.04 -83.32 -19.10
N LEU C 86 21.26 -82.86 -18.83
CA LEU C 86 22.48 -83.55 -19.30
C LEU C 86 23.32 -83.83 -18.08
N PRO C 87 23.07 -84.96 -17.41
CA PRO C 87 23.78 -85.22 -16.15
C PRO C 87 25.29 -85.11 -16.24
N THR C 88 25.87 -85.42 -17.40
CA THR C 88 27.30 -85.29 -17.67
C THR C 88 27.74 -83.87 -18.05
N GLY C 89 26.82 -83.06 -18.54
CA GLY C 89 27.13 -81.78 -19.10
C GLY C 89 27.18 -81.86 -20.59
N MET C 90 27.55 -83.03 -21.12
CA MET C 90 27.68 -83.26 -22.56
C MET C 90 26.40 -83.84 -23.12
N ALA C 91 26.17 -83.58 -24.42
CA ALA C 91 24.89 -83.90 -25.07
C ALA C 91 24.68 -85.35 -25.54
N ASN C 92 25.63 -86.25 -25.26
CA ASN C 92 25.46 -87.67 -25.55
C ASN C 92 24.30 -88.34 -24.79
N GLU C 93 24.02 -87.84 -23.60
CA GLU C 93 23.05 -88.46 -22.69
C GLU C 93 22.04 -87.41 -22.22
N VAL C 94 20.83 -87.47 -22.76
CA VAL C 94 19.74 -86.60 -22.36
C VAL C 94 18.84 -87.33 -21.35
N ASN C 95 18.75 -86.84 -20.13
CA ASN C 95 17.99 -87.52 -19.07
C ASN C 95 16.48 -87.33 -19.25
N PRO C 96 15.75 -88.38 -19.69
CA PRO C 96 14.33 -88.24 -20.03
C PRO C 96 13.42 -87.83 -18.87
N ALA C 97 13.80 -88.10 -17.63
CA ALA C 97 13.04 -87.67 -16.46
C ALA C 97 13.14 -86.14 -16.25
N GLY C 98 14.34 -85.61 -16.47
CA GLY C 98 14.56 -84.16 -16.55
C GLY C 98 13.73 -83.48 -17.63
N ILE C 99 13.76 -84.03 -18.85
CA ILE C 99 12.96 -83.47 -19.94
C ILE C 99 11.47 -83.52 -19.62
N ALA C 100 11.03 -84.58 -18.94
CA ALA C 100 9.61 -84.78 -18.68
C ALA C 100 9.10 -83.84 -17.59
N PHE C 101 9.92 -83.54 -16.60
CA PHE C 101 9.57 -82.56 -15.59
C PHE C 101 9.26 -81.20 -16.22
N TYR C 102 10.21 -80.68 -16.99
CA TYR C 102 10.04 -79.37 -17.61
C TYR C 102 8.90 -79.37 -18.64
N ASN C 103 8.75 -80.45 -19.40
CA ASN C 103 7.58 -80.60 -20.27
C ASN C 103 6.29 -80.54 -19.43
N ASN C 104 6.30 -81.19 -18.27
CA ASN C 104 5.15 -81.15 -17.40
C ASN C 104 4.89 -79.75 -16.86
N TYR C 105 5.92 -79.11 -16.30
CA TYR C 105 5.79 -77.71 -15.83
C TYR C 105 5.23 -76.79 -16.91
N ILE C 106 5.83 -76.87 -18.10
CA ILE C 106 5.45 -76.02 -19.21
C ILE C 106 4.02 -76.26 -19.65
N ASP C 107 3.62 -77.53 -19.79
CA ASP C 107 2.29 -77.81 -20.29
C ASP C 107 1.24 -77.37 -19.26
N GLU C 108 1.52 -77.44 -17.96
CA GLU C 108 0.57 -76.92 -16.96
C GLU C 108 0.39 -75.41 -17.06
N MET C 109 1.45 -74.68 -17.35
CA MET C 109 1.36 -73.24 -17.53
C MET C 109 0.46 -72.95 -18.71
N LEU C 110 0.74 -73.61 -19.84
CA LEU C 110 0.07 -73.30 -21.11
C LEU C 110 -1.40 -73.67 -21.09
N LYS C 111 -1.73 -74.66 -20.29
CA LYS C 111 -3.11 -75.08 -20.09
C LYS C 111 -3.92 -73.92 -19.49
N TYR C 112 -3.29 -73.15 -18.63
CA TYR C 112 -3.97 -72.05 -17.97
C TYR C 112 -3.53 -70.69 -18.52
N ASN C 113 -3.03 -70.67 -19.73
CA ASN C 113 -2.76 -69.44 -20.45
C ASN C 113 -1.62 -68.57 -19.89
N ILE C 114 -0.64 -69.22 -19.25
CA ILE C 114 0.50 -68.51 -18.70
C ILE C 114 1.69 -68.70 -19.63
N THR C 115 2.28 -67.58 -20.05
CA THR C 115 3.40 -67.58 -20.96
C THR C 115 4.74 -67.96 -20.29
N PRO C 116 5.38 -69.04 -20.72
CA PRO C 116 6.69 -69.39 -20.15
C PRO C 116 7.85 -68.60 -20.73
N LEU C 117 8.75 -68.14 -19.87
CA LEU C 117 10.05 -67.58 -20.29
C LEU C 117 11.11 -68.44 -19.66
N ILE C 118 11.92 -69.09 -20.49
CA ILE C 118 12.91 -70.03 -19.99
C ILE C 118 14.28 -69.37 -19.94
N THR C 119 14.94 -69.48 -18.79
CA THR C 119 16.35 -69.15 -18.67
C THR C 119 17.19 -70.45 -18.78
N LEU C 120 18.11 -70.50 -19.75
CA LEU C 120 18.94 -71.67 -19.97
C LEU C 120 19.97 -71.86 -18.87
N TYR C 121 20.55 -70.76 -18.41
CA TYR C 121 21.57 -70.84 -17.38
C TYR C 121 21.35 -69.84 -16.28
N HIS C 122 21.09 -70.36 -15.07
CA HIS C 122 20.88 -69.56 -13.87
C HIS C 122 21.65 -70.17 -12.71
N TRP C 123 22.93 -70.47 -12.98
CA TRP C 123 24.06 -70.60 -12.03
C TRP C 123 24.40 -72.01 -11.56
N ASP C 124 23.80 -73.02 -12.17
CA ASP C 124 24.01 -74.40 -11.75
C ASP C 124 24.69 -75.22 -12.85
N LEU C 125 25.91 -74.82 -13.20
CA LEU C 125 26.77 -75.59 -14.10
C LEU C 125 26.97 -77.00 -13.59
N PRO C 126 26.94 -78.00 -14.48
CA PRO C 126 27.29 -79.36 -14.04
C PRO C 126 28.72 -79.43 -13.50
N GLN C 127 28.90 -80.14 -12.41
CA GLN C 127 30.18 -80.16 -11.72
C GLN C 127 31.28 -80.76 -12.58
N LYS C 128 30.94 -81.72 -13.43
CA LYS C 128 31.93 -82.32 -14.34
C LYS C 128 32.49 -81.32 -15.36
N LEU C 129 31.70 -80.31 -15.71
CA LEU C 129 32.17 -79.24 -16.58
C LEU C 129 33.00 -78.25 -15.78
N GLN C 130 32.69 -78.08 -14.50
CA GLN C 130 33.53 -77.25 -13.66
C GLN C 130 34.92 -77.85 -13.53
N GLU C 131 35.01 -79.17 -13.39
CA GLU C 131 36.32 -79.86 -13.35
C GLU C 131 37.21 -79.49 -14.55
N LEU C 132 36.61 -79.23 -15.71
CA LEU C 132 37.35 -78.84 -16.90
C LEU C 132 37.69 -77.34 -16.97
N GLY C 133 37.36 -76.59 -15.92
CA GLY C 133 37.59 -75.14 -15.89
C GLY C 133 36.32 -74.31 -16.00
N GLY C 134 35.20 -74.95 -16.32
CA GLY C 134 33.93 -74.25 -16.40
C GLY C 134 33.99 -73.04 -17.30
N PHE C 135 33.50 -71.91 -16.79
CA PHE C 135 33.45 -70.67 -17.57
C PHE C 135 34.82 -70.04 -17.84
N ALA C 136 35.85 -70.45 -17.10
CA ALA C 136 37.25 -70.08 -17.43
C ALA C 136 37.78 -70.74 -18.70
N ASN C 137 37.11 -71.80 -19.13
CA ASN C 137 37.50 -72.58 -20.29
C ASN C 137 36.70 -72.18 -21.51
N PRO C 138 37.39 -71.73 -22.57
CA PRO C 138 36.70 -71.23 -23.77
C PRO C 138 35.78 -72.23 -24.46
N LEU C 139 36.00 -73.52 -24.25
CA LEU C 139 35.13 -74.56 -24.84
C LEU C 139 33.69 -74.54 -24.28
N ILE C 140 33.49 -73.93 -23.11
CA ILE C 140 32.15 -73.71 -22.55
C ILE C 140 31.19 -73.15 -23.59
N SER C 141 31.68 -72.32 -24.51
CA SER C 141 30.80 -71.80 -25.55
C SER C 141 30.26 -72.95 -26.40
N ASP C 142 31.11 -73.93 -26.69
CA ASP C 142 30.69 -75.09 -27.47
C ASP C 142 29.85 -76.07 -26.64
N TRP C 143 30.19 -76.26 -25.38
CA TRP C 143 29.35 -77.08 -24.50
C TRP C 143 27.97 -76.44 -24.35
N PHE C 144 27.94 -75.13 -24.23
CA PHE C 144 26.70 -74.42 -24.02
C PHE C 144 25.82 -74.47 -25.25
N GLU C 145 26.43 -74.39 -26.43
CA GLU C 145 25.69 -74.45 -27.68
C GLU C 145 25.00 -75.81 -27.83
N ASP C 146 25.69 -76.87 -27.43
CA ASP C 146 25.13 -78.22 -27.50
C ASP C 146 23.97 -78.35 -26.53
N TYR C 147 24.11 -77.74 -25.37
CA TYR C 147 23.05 -77.73 -24.36
C TYR C 147 21.84 -76.99 -24.89
N ALA C 148 22.09 -75.79 -25.43
CA ALA C 148 21.07 -74.95 -26.05
C ALA C 148 20.31 -75.64 -27.18
N ARG C 149 21.03 -76.43 -27.98
CA ARG C 149 20.37 -77.21 -29.03
C ARG C 149 19.33 -78.12 -28.42
N VAL C 150 19.73 -78.85 -27.39
CA VAL C 150 18.82 -79.77 -26.69
C VAL C 150 17.58 -79.02 -26.15
N VAL C 151 17.81 -77.82 -25.64
CA VAL C 151 16.73 -77.01 -25.07
C VAL C 151 15.78 -76.50 -26.15
N PHE C 152 16.32 -75.98 -27.26
CA PHE C 152 15.46 -75.45 -28.31
C PHE C 152 14.62 -76.54 -28.96
N GLU C 153 15.22 -77.70 -29.23
CA GLU C 153 14.50 -78.77 -29.93
C GLU C 153 13.45 -79.43 -29.03
N ASN C 154 13.72 -79.54 -27.74
CA ASN C 154 12.74 -80.09 -26.82
C ASN C 154 11.62 -79.14 -26.39
N PHE C 155 11.89 -77.85 -26.26
CA PHE C 155 10.92 -76.95 -25.67
C PHE C 155 10.49 -75.81 -26.54
N GLY C 156 11.20 -75.57 -27.63
CA GLY C 156 10.95 -74.40 -28.46
C GLY C 156 9.66 -74.41 -29.24
N ASP C 157 9.00 -75.57 -29.32
CA ASP C 157 7.72 -75.67 -30.01
C ASP C 157 6.66 -74.92 -29.24
N ARG C 158 6.79 -74.92 -27.92
CA ARG C 158 5.82 -74.31 -27.03
C ARG C 158 6.33 -73.02 -26.43
N VAL C 159 7.63 -72.93 -26.16
CA VAL C 159 8.21 -71.74 -25.58
C VAL C 159 8.82 -70.85 -26.66
N LYS C 160 8.45 -69.57 -26.64
CA LYS C 160 8.87 -68.61 -27.65
C LYS C 160 9.75 -67.49 -27.08
N MET C 161 10.24 -67.66 -25.85
CA MET C 161 11.13 -66.69 -25.26
C MET C 161 12.21 -67.36 -24.41
N PHE C 162 13.44 -67.24 -24.88
CA PHE C 162 14.58 -67.86 -24.25
C PHE C 162 15.55 -66.79 -23.81
N ILE C 163 16.11 -67.00 -22.63
CA ILE C 163 17.13 -66.14 -22.08
C ILE C 163 18.33 -67.03 -21.86
N THR C 164 19.49 -66.64 -22.37
CA THR C 164 20.66 -67.52 -22.34
C THR C 164 21.19 -67.64 -20.92
N PHE C 165 21.63 -66.50 -20.40
CA PHE C 165 22.24 -66.43 -19.08
C PHE C 165 21.53 -65.42 -18.26
N ASN C 166 21.46 -65.73 -16.97
CA ASN C 166 21.02 -64.79 -15.97
C ASN C 166 22.19 -64.25 -15.16
N GLU C 167 22.39 -62.94 -15.26
CA GLU C 167 23.33 -62.19 -14.42
C GLU C 167 24.78 -62.68 -14.52
N PRO C 168 25.48 -62.29 -15.60
CA PRO C 168 26.89 -62.63 -15.78
C PRO C 168 27.85 -62.10 -14.72
N ARG C 169 27.48 -61.02 -14.03
CA ARG C 169 28.35 -60.49 -12.99
C ARG C 169 28.48 -61.48 -11.85
N GLU C 170 27.34 -62.05 -11.47
CA GLU C 170 27.27 -62.99 -10.37
C GLU C 170 27.97 -64.32 -10.72
N ILE C 171 27.88 -64.73 -11.98
CA ILE C 171 28.59 -65.91 -12.44
C ILE C 171 30.10 -65.64 -12.46
N CYS C 172 30.50 -64.60 -13.16
CA CYS C 172 31.92 -64.33 -13.38
C CYS C 172 32.64 -63.67 -12.22
N PHE C 173 32.17 -62.51 -11.79
CA PHE C 173 32.87 -61.80 -10.74
C PHE C 173 32.74 -62.48 -9.39
N GLU C 174 31.53 -62.86 -9.01
CA GLU C 174 31.31 -63.43 -7.68
C GLU C 174 31.72 -64.91 -7.55
N GLY C 175 31.58 -65.66 -8.64
CA GLY C 175 31.86 -67.10 -8.66
C GLY C 175 33.31 -67.45 -8.99
N TYR C 176 33.88 -66.76 -9.97
CA TYR C 176 35.26 -67.02 -10.42
C TYR C 176 36.25 -65.96 -9.97
N GLY C 177 35.83 -64.70 -9.95
CA GLY C 177 36.72 -63.60 -9.58
C GLY C 177 36.70 -63.29 -8.10
N SER C 178 36.11 -64.19 -7.31
CA SER C 178 35.82 -63.90 -5.91
C SER C 178 35.26 -65.16 -5.24
N ALA C 179 34.65 -65.01 -4.07
CA ALA C 179 34.22 -66.17 -3.30
C ALA C 179 32.84 -65.98 -2.69
N THR C 180 31.92 -65.36 -3.43
CA THR C 180 30.59 -65.11 -2.92
C THR C 180 29.48 -65.89 -3.66
N LYS C 181 29.84 -66.63 -4.71
CA LYS C 181 28.92 -67.54 -5.39
C LYS C 181 29.74 -68.77 -5.83
N ALA C 182 29.13 -69.94 -5.86
CA ALA C 182 29.80 -71.11 -6.46
C ALA C 182 30.28 -70.76 -7.87
N PRO C 183 31.47 -71.21 -8.27
CA PRO C 183 32.28 -72.21 -7.56
C PRO C 183 33.36 -71.62 -6.68
N ILE C 184 33.14 -70.41 -6.16
CA ILE C 184 34.06 -69.73 -5.24
C ILE C 184 35.53 -69.95 -5.59
N LEU C 185 35.87 -69.72 -6.84
CA LEU C 185 37.25 -69.95 -7.28
C LEU C 185 38.24 -68.98 -6.63
N ASN C 186 37.81 -67.75 -6.34
CA ASN C 186 38.69 -66.73 -5.76
C ASN C 186 39.93 -66.42 -6.61
N ALA C 187 39.79 -66.46 -7.91
CA ALA C 187 40.86 -66.11 -8.83
C ALA C 187 40.75 -64.61 -9.11
N THR C 188 41.15 -63.82 -8.15
CA THR C 188 40.79 -62.40 -8.17
C THR C 188 41.42 -61.61 -9.32
N ALA C 189 42.63 -61.98 -9.71
CA ALA C 189 43.36 -61.26 -10.77
C ALA C 189 42.69 -61.31 -12.14
N MET C 190 42.42 -62.52 -12.62
CA MET C 190 41.97 -62.73 -14.00
C MET C 190 40.64 -63.46 -14.15
N GLY C 191 40.15 -64.07 -13.07
CA GLY C 191 39.04 -65.01 -13.14
C GLY C 191 37.78 -64.43 -13.72
N ALA C 192 37.40 -63.27 -13.21
CA ALA C 192 36.24 -62.53 -13.69
C ALA C 192 36.33 -62.20 -15.17
N TYR C 193 37.53 -61.89 -15.67
CA TYR C 193 37.69 -61.42 -17.07
C TYR C 193 37.65 -62.53 -18.14
N LEU C 194 38.29 -63.64 -17.83
CA LEU C 194 38.21 -64.82 -18.69
C LEU C 194 36.77 -65.27 -18.81
N CYS C 195 36.10 -65.42 -17.67
CA CYS C 195 34.70 -65.85 -17.65
C CYS C 195 33.85 -64.96 -18.55
N ALA C 196 34.05 -63.65 -18.45
CA ALA C 196 33.21 -62.67 -19.12
C ALA C 196 33.25 -62.84 -20.62
N LYS C 197 34.48 -62.96 -21.09
CA LYS C 197 34.81 -63.24 -22.48
C LYS C 197 34.17 -64.56 -22.99
N ASN C 198 34.30 -65.61 -22.22
CA ASN C 198 33.76 -66.91 -22.62
C ASN C 198 32.23 -66.96 -22.54
N LEU C 199 31.67 -66.31 -21.52
CA LEU C 199 30.22 -66.25 -21.36
C LEU C 199 29.56 -65.52 -22.53
N VAL C 200 29.97 -64.29 -22.82
CA VAL C 200 29.36 -63.57 -23.96
C VAL C 200 29.54 -64.32 -25.27
N THR C 201 30.66 -65.02 -25.42
CA THR C 201 30.87 -65.85 -26.61
C THR C 201 29.95 -67.06 -26.64
N ALA C 202 29.73 -67.71 -25.50
CA ALA C 202 28.73 -68.78 -25.38
C ALA C 202 27.34 -68.25 -25.72
N HIS C 203 27.08 -67.00 -25.34
CA HIS C 203 25.80 -66.39 -25.66
C HIS C 203 25.61 -66.25 -27.17
N ALA C 204 26.61 -65.72 -27.85
CA ALA C 204 26.48 -65.46 -29.28
C ALA C 204 26.19 -66.76 -30.02
N LYS C 205 26.93 -67.82 -29.69
CA LYS C 205 26.71 -69.12 -30.34
C LYS C 205 25.29 -69.65 -30.18
N ALA C 206 24.74 -69.46 -28.99
CA ALA C 206 23.41 -69.96 -28.69
C ALA C 206 22.41 -69.18 -29.49
N TYR C 207 22.66 -67.88 -29.62
CA TYR C 207 21.80 -66.98 -30.41
C TYR C 207 21.82 -67.35 -31.88
N TYR C 208 23.00 -67.55 -32.44
CA TYR C 208 23.11 -67.89 -33.85
C TYR C 208 22.48 -69.24 -34.08
N LEU C 209 22.75 -70.18 -33.18
CA LEU C 209 22.06 -71.45 -33.22
C LEU C 209 20.54 -71.21 -33.33
N TYR C 210 19.98 -70.45 -32.38
CA TYR C 210 18.55 -70.14 -32.45
C TYR C 210 18.13 -69.51 -33.77
N ASP C 211 18.88 -68.50 -34.19
CA ASP C 211 18.52 -67.67 -35.33
C ASP C 211 18.49 -68.47 -36.63
N ARG C 212 19.44 -69.40 -36.74
CA ARG C 212 19.61 -70.20 -37.95
C ARG C 212 18.65 -71.40 -37.97
N GLU C 213 18.69 -72.21 -36.91
CA GLU C 213 18.12 -73.55 -36.92
C GLU C 213 16.81 -73.76 -36.18
N PHE C 214 16.29 -72.72 -35.51
CA PHE C 214 15.04 -72.87 -34.76
C PHE C 214 14.02 -71.77 -35.00
N ARG C 215 14.45 -70.51 -35.02
CA ARG C 215 13.52 -69.38 -35.25
C ARG C 215 12.66 -69.52 -36.50
N PRO C 216 13.27 -69.96 -37.63
CA PRO C 216 12.44 -70.08 -38.83
C PRO C 216 11.18 -70.93 -38.58
N VAL C 217 11.36 -72.05 -37.91
CA VAL C 217 10.26 -72.94 -37.53
C VAL C 217 9.42 -72.42 -36.34
N GLN C 218 10.10 -71.99 -35.28
CA GLN C 218 9.44 -71.74 -33.99
C GLN C 218 9.00 -70.29 -33.79
N GLY C 219 9.72 -69.35 -34.41
CA GLY C 219 9.31 -67.95 -34.46
C GLY C 219 9.22 -67.25 -33.11
N GLY C 220 10.12 -67.59 -32.21
CA GLY C 220 10.22 -66.93 -30.91
C GLY C 220 11.43 -66.03 -30.94
N GLN C 221 11.99 -65.75 -29.77
CA GLN C 221 13.21 -64.96 -29.70
C GLN C 221 14.10 -65.31 -28.52
N CYS C 222 15.31 -64.79 -28.55
CA CYS C 222 16.38 -65.25 -27.70
C CYS C 222 17.20 -64.06 -27.21
N GLY C 223 17.44 -64.02 -25.89
CA GLY C 223 18.04 -62.85 -25.27
C GLY C 223 18.96 -63.18 -24.12
N ILE C 224 19.34 -62.15 -23.38
CA ILE C 224 20.20 -62.33 -22.20
C ILE C 224 19.70 -61.40 -21.11
N THR C 225 19.91 -61.74 -19.84
CA THR C 225 19.59 -60.80 -18.76
C THR C 225 20.82 -60.39 -17.96
N ILE C 226 20.94 -59.09 -17.73
CA ILE C 226 22.08 -58.50 -17.11
C ILE C 226 21.56 -57.66 -15.95
N SER C 227 22.29 -57.72 -14.86
CA SER C 227 21.92 -56.99 -13.67
C SER C 227 22.37 -55.55 -13.89
N VAL C 228 21.43 -54.60 -13.90
CA VAL C 228 21.74 -53.18 -14.03
C VAL C 228 21.02 -52.31 -13.01
N ASN C 229 21.59 -52.31 -11.80
CA ASN C 229 21.29 -51.32 -10.79
C ASN C 229 21.90 -49.99 -11.24
N TRP C 230 21.48 -48.89 -10.62
CA TRP C 230 21.94 -47.60 -11.07
C TRP C 230 23.11 -47.26 -10.21
N PHE C 231 24.20 -46.87 -10.86
CA PHE C 231 25.38 -46.33 -10.18
C PHE C 231 25.55 -44.89 -10.68
N GLY C 232 25.36 -43.94 -9.76
CA GLY C 232 25.54 -42.53 -10.05
C GLY C 232 26.63 -41.91 -9.19
N PRO C 233 27.09 -40.72 -9.56
CA PRO C 233 28.14 -40.07 -8.78
C PRO C 233 27.65 -39.66 -7.41
N ALA C 234 28.47 -39.87 -6.39
CA ALA C 234 28.16 -39.42 -5.06
C ALA C 234 28.14 -37.89 -4.92
N THR C 235 28.88 -37.17 -5.77
CA THR C 235 28.83 -35.72 -5.80
C THR C 235 28.92 -35.30 -7.25
N PRO C 236 28.27 -34.18 -7.62
CA PRO C 236 28.26 -33.78 -9.05
C PRO C 236 29.60 -33.13 -9.49
N THR C 237 30.69 -33.91 -9.40
CA THR C 237 32.03 -33.47 -9.76
C THR C 237 32.52 -34.33 -10.93
N PRO C 238 33.41 -33.79 -11.77
CA PRO C 238 33.98 -34.60 -12.84
C PRO C 238 34.63 -35.90 -12.35
N GLU C 239 35.29 -35.84 -11.21
CA GLU C 239 35.99 -37.01 -10.65
C GLU C 239 34.98 -38.10 -10.32
N ASP C 240 33.90 -37.76 -9.62
CA ASP C 240 32.88 -38.74 -9.30
C ASP C 240 32.03 -39.16 -10.51
N GLU C 241 31.84 -38.26 -11.48
CA GLU C 241 31.16 -38.62 -12.71
C GLU C 241 31.97 -39.67 -13.50
N MET C 242 33.30 -39.57 -13.40
CA MET C 242 34.19 -40.55 -13.99
C MET C 242 34.16 -41.86 -13.22
N ALA C 243 34.17 -41.79 -11.89
CA ALA C 243 34.10 -42.98 -11.08
C ALA C 243 32.82 -43.78 -11.39
N ALA C 244 31.67 -43.10 -11.39
CA ALA C 244 30.40 -43.76 -11.63
C ALA C 244 30.39 -44.50 -12.94
N GLU C 245 30.95 -43.87 -13.98
CA GLU C 245 31.04 -44.45 -15.31
C GLU C 245 31.89 -45.73 -15.32
N LEU C 246 33.07 -45.68 -14.69
CA LEU C 246 33.93 -46.85 -14.61
C LEU C 246 33.25 -47.96 -13.80
N ARG C 247 32.59 -47.57 -12.71
CA ARG C 247 31.88 -48.53 -11.89
C ARG C 247 30.77 -49.19 -12.69
N ARG C 248 30.04 -48.40 -13.48
CA ARG C 248 29.02 -48.97 -14.34
C ARG C 248 29.61 -49.96 -15.36
N GLN C 249 30.79 -49.66 -15.88
CA GLN C 249 31.38 -50.51 -16.90
C GLN C 249 31.85 -51.80 -16.28
N GLY C 250 32.38 -51.71 -15.06
CA GLY C 250 32.82 -52.86 -14.31
C GLY C 250 31.70 -53.73 -13.78
N GLU C 251 30.56 -53.13 -13.44
CA GLU C 251 29.49 -53.87 -12.80
C GLU C 251 28.64 -54.59 -13.82
N TRP C 252 28.41 -53.94 -14.96
CA TRP C 252 27.59 -54.52 -16.01
C TRP C 252 28.03 -54.22 -17.43
N GLY C 253 28.80 -53.15 -17.68
CA GLY C 253 29.21 -52.82 -19.05
C GLY C 253 30.09 -53.88 -19.70
N ILE C 254 30.93 -54.51 -18.89
CA ILE C 254 31.75 -55.63 -19.35
C ILE C 254 30.93 -56.71 -20.10
N TYR C 255 29.75 -57.03 -19.58
CA TYR C 255 28.92 -58.09 -20.16
C TYR C 255 27.98 -57.54 -21.21
N ALA C 256 27.52 -56.31 -21.04
CA ALA C 256 26.53 -55.75 -21.93
C ALA C 256 27.13 -55.16 -23.23
N HIS C 257 28.28 -54.52 -23.12
CA HIS C 257 28.88 -53.83 -24.26
C HIS C 257 29.16 -54.78 -25.45
N PRO C 258 29.79 -55.95 -25.19
CA PRO C 258 30.12 -56.82 -26.33
C PRO C 258 28.91 -57.31 -27.13
N ILE C 259 27.73 -57.24 -26.54
CA ILE C 259 26.51 -57.75 -27.18
C ILE C 259 25.65 -56.65 -27.75
N PHE C 260 25.54 -55.55 -27.00
CA PHE C 260 24.55 -54.53 -27.30
C PHE C 260 25.12 -53.27 -27.94
N SER C 261 26.43 -53.06 -27.88
CA SER C 261 27.02 -51.84 -28.47
C SER C 261 27.15 -52.00 -29.98
N ALA C 262 27.26 -50.88 -30.69
CA ALA C 262 27.43 -50.91 -32.15
C ALA C 262 28.79 -51.47 -32.56
N GLU C 263 29.84 -51.12 -31.84
CA GLU C 263 31.22 -51.53 -32.19
C GLU C 263 31.66 -52.88 -31.56
N GLY C 264 31.05 -53.25 -30.43
CA GLY C 264 31.31 -54.54 -29.81
C GLY C 264 32.55 -54.49 -28.96
N GLY C 265 32.93 -55.65 -28.44
CA GLY C 265 34.08 -55.73 -27.53
C GLY C 265 33.78 -55.09 -26.19
N PHE C 266 34.83 -54.91 -25.40
CA PHE C 266 34.71 -54.36 -24.05
C PHE C 266 34.71 -52.82 -24.04
N PRO C 267 34.19 -52.22 -22.96
CA PRO C 267 34.16 -50.76 -22.82
C PRO C 267 35.56 -50.14 -22.76
N LYS C 268 35.76 -49.07 -23.52
CA LYS C 268 37.11 -48.52 -23.76
C LYS C 268 37.78 -47.94 -22.52
N GLU C 269 37.02 -47.22 -21.70
CA GLU C 269 37.59 -46.56 -20.54
C GLU C 269 38.09 -47.59 -19.53
N LEU C 270 37.28 -48.60 -19.23
CA LEU C 270 37.69 -49.60 -18.24
C LEU C 270 38.81 -50.50 -18.78
N SER C 271 38.76 -50.86 -20.06
CA SER C 271 39.83 -51.67 -20.65
CA SER C 271 39.81 -51.65 -20.69
C SER C 271 41.17 -50.94 -20.54
N ASP C 272 41.19 -49.63 -20.78
CA ASP C 272 42.41 -48.83 -20.57
C ASP C 272 42.88 -48.82 -19.13
N LYS C 273 41.96 -48.73 -18.17
CA LYS C 273 42.40 -48.76 -16.79
C LYS C 273 42.97 -50.13 -16.37
N ILE C 274 42.44 -51.20 -16.95
CA ILE C 274 42.93 -52.56 -16.67
C ILE C 274 44.29 -52.76 -17.35
N ALA C 275 44.39 -52.38 -18.63
CA ALA C 275 45.67 -52.42 -19.37
C ALA C 275 46.79 -51.71 -18.61
N GLU C 276 46.47 -50.55 -18.07
CA GLU C 276 47.41 -49.74 -17.32
C GLU C 276 47.78 -50.40 -15.99
N LYS C 277 46.78 -50.90 -15.25
CA LYS C 277 47.06 -51.62 -13.99
C LYS C 277 47.85 -52.93 -14.23
N SER C 278 47.55 -53.61 -15.33
CA SER C 278 48.15 -54.91 -15.64
C SER C 278 49.64 -54.73 -15.95
N ALA C 279 49.94 -53.89 -16.95
CA ALA C 279 51.32 -53.50 -17.30
C ALA C 279 52.11 -53.12 -16.06
N GLN C 280 51.50 -52.26 -15.25
CA GLN C 280 52.06 -51.82 -13.96
C GLN C 280 52.37 -52.96 -12.97
N GLN C 281 51.53 -54.01 -12.96
CA GLN C 281 51.69 -55.15 -12.04
C GLN C 281 52.66 -56.23 -12.54
N GLY C 282 53.23 -56.04 -13.73
CA GLY C 282 54.20 -57.01 -14.28
C GLY C 282 53.63 -57.97 -15.32
N TYR C 283 52.33 -57.93 -15.58
CA TYR C 283 51.75 -58.80 -16.60
C TYR C 283 52.29 -58.40 -17.98
N PRO C 284 52.67 -59.38 -18.80
CA PRO C 284 53.08 -59.05 -20.15
C PRO C 284 51.93 -58.60 -21.02
N TRP C 285 50.72 -59.01 -20.65
CA TRP C 285 49.50 -58.66 -21.39
C TRP C 285 48.48 -58.09 -20.41
N SER C 286 47.45 -57.42 -20.94
CA SER C 286 46.37 -56.93 -20.10
CA SER C 286 46.37 -56.93 -20.10
C SER C 286 45.59 -58.09 -19.54
N ARG C 287 45.22 -58.01 -18.27
CA ARG C 287 44.39 -59.01 -17.67
C ARG C 287 43.04 -59.05 -18.36
N LEU C 288 42.68 -57.98 -19.06
CA LEU C 288 41.48 -57.95 -19.90
C LEU C 288 41.84 -58.08 -21.38
N PRO C 289 41.68 -59.29 -21.93
CA PRO C 289 42.07 -59.51 -23.33
C PRO C 289 41.20 -58.71 -24.29
N GLU C 290 41.81 -57.85 -25.10
CA GLU C 290 41.06 -57.10 -26.09
C GLU C 290 40.47 -58.07 -27.12
N PHE C 291 39.26 -57.77 -27.61
CA PHE C 291 38.64 -58.59 -28.65
C PHE C 291 39.39 -58.37 -29.94
N THR C 292 39.53 -59.41 -30.75
CA THR C 292 40.00 -59.22 -32.12
C THR C 292 38.83 -58.63 -32.87
N GLU C 293 39.07 -58.20 -34.09
CA GLU C 293 38.04 -57.52 -34.87
C GLU C 293 36.95 -58.51 -35.28
N GLU C 294 37.36 -59.74 -35.59
CA GLU C 294 36.40 -60.78 -35.97
C GLU C 294 35.54 -61.23 -34.79
N GLU C 295 36.15 -61.30 -33.61
CA GLU C 295 35.41 -61.69 -32.40
C GLU C 295 34.30 -60.70 -32.06
N LYS C 296 34.55 -59.41 -32.26
CA LYS C 296 33.58 -58.43 -31.83
C LYS C 296 32.42 -58.31 -32.80
N ALA C 297 32.66 -58.56 -34.08
CA ALA C 297 31.57 -58.72 -35.04
C ALA C 297 30.76 -60.00 -34.76
N PHE C 298 31.42 -61.03 -34.23
CA PHE C 298 30.72 -62.27 -33.87
C PHE C 298 29.70 -62.01 -32.75
N VAL C 299 30.15 -61.37 -31.66
CA VAL C 299 29.36 -61.25 -30.44
C VAL C 299 28.30 -60.14 -30.49
N ARG C 300 28.64 -59.00 -31.08
CA ARG C 300 27.72 -57.87 -31.12
C ARG C 300 26.49 -58.15 -31.98
N GLY C 301 25.36 -57.62 -31.56
CA GLY C 301 24.13 -57.74 -32.33
C GLY C 301 23.38 -59.03 -32.10
N THR C 302 23.80 -59.79 -31.10
CA THR C 302 23.27 -61.13 -30.86
C THR C 302 22.21 -61.23 -29.75
N SER C 303 21.25 -60.31 -29.72
CA SER C 303 20.17 -60.42 -28.72
C SER C 303 18.91 -59.73 -29.18
N ASP C 304 17.79 -60.46 -29.10
CA ASP C 304 16.50 -59.93 -29.53
C ASP C 304 15.95 -58.94 -28.51
N PHE C 305 16.45 -58.99 -27.28
CA PHE C 305 15.99 -58.06 -26.25
C PHE C 305 17.03 -57.96 -25.13
N PHE C 306 16.93 -56.88 -24.36
CA PHE C 306 17.77 -56.65 -23.22
C PHE C 306 16.94 -56.95 -21.97
N GLY C 307 17.22 -58.07 -21.33
CA GLY C 307 16.61 -58.37 -20.06
C GLY C 307 17.35 -57.65 -18.96
N VAL C 308 16.62 -56.90 -18.14
CA VAL C 308 17.24 -56.17 -17.06
C VAL C 308 16.80 -56.70 -15.72
N ASN C 309 17.77 -57.11 -14.92
CA ASN C 309 17.55 -57.34 -13.52
C ASN C 309 17.95 -56.06 -12.83
N HIS C 310 17.00 -55.45 -12.11
CA HIS C 310 17.28 -54.22 -11.41
C HIS C 310 16.58 -54.18 -10.05
N TYR C 311 17.31 -53.80 -9.02
CA TYR C 311 16.79 -53.68 -7.66
C TYR C 311 16.91 -52.29 -7.02
N THR C 312 18.02 -51.62 -7.27
CA THR C 312 18.41 -50.50 -6.44
C THR C 312 19.39 -49.55 -7.15
N ALA C 313 19.89 -48.59 -6.36
CA ALA C 313 20.88 -47.63 -6.83
C ALA C 313 21.98 -47.47 -5.79
N PHE C 314 23.12 -46.98 -6.25
CA PHE C 314 24.28 -46.69 -5.40
C PHE C 314 24.90 -45.34 -5.72
N LEU C 315 25.48 -44.73 -4.71
CA LEU C 315 26.33 -43.55 -4.92
C LEU C 315 27.76 -44.05 -5.07
N VAL C 316 28.49 -43.49 -6.03
CA VAL C 316 29.85 -43.90 -6.33
C VAL C 316 30.85 -42.75 -6.19
N SER C 317 31.88 -42.96 -5.38
CA SER C 317 32.94 -41.96 -5.16
C SER C 317 34.28 -42.41 -5.72
N ALA C 318 35.06 -41.45 -6.20
CA ALA C 318 36.39 -41.72 -6.73
C ALA C 318 37.43 -41.82 -5.62
N THR C 319 37.09 -41.36 -4.40
CA THR C 319 37.99 -41.38 -3.24
C THR C 319 37.42 -41.98 -1.94
N GLU C 320 36.13 -41.81 -1.70
CA GLU C 320 35.56 -42.17 -0.40
C GLU C 320 35.06 -43.61 -0.34
N ARG C 321 35.25 -44.21 0.84
CA ARG C 321 34.66 -45.50 1.18
C ARG C 321 35.02 -46.63 0.23
N LYS C 322 36.19 -46.59 -0.40
CA LYS C 322 36.56 -47.73 -1.26
C LYS C 322 37.23 -48.83 -0.43
N GLY C 323 36.37 -49.57 0.29
CA GLY C 323 36.80 -50.56 1.27
C GLY C 323 37.75 -51.59 0.69
N PRO C 324 38.88 -51.85 1.38
CA PRO C 324 39.97 -52.71 0.90
C PRO C 324 39.58 -53.84 -0.05
N TYR C 325 40.02 -53.71 -1.31
CA TYR C 325 39.77 -54.73 -2.33
C TYR C 325 41.01 -55.60 -2.52
N PRO C 326 40.83 -56.89 -2.87
CA PRO C 326 41.98 -57.70 -3.21
C PRO C 326 42.76 -57.08 -4.37
N VAL C 327 44.08 -57.26 -4.37
CA VAL C 327 44.94 -56.74 -5.42
C VAL C 327 45.77 -57.89 -6.01
N PRO C 328 45.67 -58.14 -7.31
CA PRO C 328 44.79 -57.41 -8.24
C PRO C 328 43.34 -57.92 -8.18
N SER C 329 42.41 -57.13 -8.73
CA SER C 329 41.00 -57.49 -8.82
C SER C 329 40.21 -56.45 -9.59
N LEU C 330 39.00 -56.83 -9.99
CA LEU C 330 38.10 -55.97 -10.75
C LEU C 330 37.78 -54.67 -10.00
N LEU C 331 37.50 -54.77 -8.71
CA LEU C 331 37.16 -53.58 -7.93
C LEU C 331 38.37 -52.70 -7.72
N ASP C 332 39.55 -53.30 -7.58
CA ASP C 332 40.79 -52.51 -7.52
C ASP C 332 41.06 -51.82 -8.86
N ASP C 333 40.82 -52.51 -9.96
CA ASP C 333 40.98 -51.90 -11.28
C ASP C 333 40.02 -50.72 -11.42
N VAL C 334 38.75 -50.97 -11.12
CA VAL C 334 37.75 -49.91 -11.12
C VAL C 334 38.14 -48.77 -10.15
N ASP C 335 38.48 -49.13 -8.91
CA ASP C 335 38.98 -48.22 -7.87
C ASP C 335 37.99 -47.14 -7.41
N THR C 336 36.86 -47.56 -6.84
CA THR C 336 35.82 -46.63 -6.40
C THR C 336 35.16 -47.16 -5.13
N GLY C 337 34.49 -46.28 -4.41
CA GLY C 337 33.67 -46.67 -3.28
C GLY C 337 32.24 -46.47 -3.71
N SER C 338 31.33 -47.26 -3.17
CA SER C 338 29.92 -47.07 -3.42
C SER C 338 29.11 -47.44 -2.21
N TRP C 339 27.94 -46.83 -2.11
CA TRP C 339 27.07 -47.03 -0.96
C TRP C 339 25.65 -46.57 -1.29
N ALA C 340 24.69 -47.03 -0.50
CA ALA C 340 23.32 -46.54 -0.57
C ALA C 340 23.18 -45.29 0.31
N ASP C 341 22.39 -44.32 -0.14
CA ASP C 341 21.99 -43.20 0.71
C ASP C 341 21.36 -43.78 1.99
N ASP C 342 21.86 -43.31 3.14
CA ASP C 342 21.47 -43.86 4.43
C ASP C 342 19.99 -43.62 4.76
N SER C 343 19.36 -42.63 4.12
CA SER C 343 17.93 -42.40 4.32
C SER C 343 16.99 -43.35 3.55
N TRP C 344 17.51 -44.13 2.59
CA TRP C 344 16.66 -45.02 1.78
C TRP C 344 16.22 -46.24 2.57
N LEU C 345 14.95 -46.61 2.38
CA LEU C 345 14.35 -47.76 3.08
C LEU C 345 15.26 -48.98 2.93
N LYS C 346 15.62 -49.61 4.05
CA LYS C 346 16.48 -50.79 4.06
C LYS C 346 15.64 -52.07 4.07
N SER C 347 16.14 -53.09 3.38
CA SER C 347 15.51 -54.41 3.33
C SER C 347 16.31 -55.35 4.22
N ALA C 348 16.05 -56.65 4.12
CA ALA C 348 16.84 -57.65 4.83
C ALA C 348 18.22 -57.94 4.20
N SER C 349 18.48 -57.40 3.00
CA SER C 349 19.75 -57.59 2.32
C SER C 349 20.54 -56.29 2.27
N ALA C 350 21.82 -56.37 2.66
CA ALA C 350 22.68 -55.20 2.81
C ALA C 350 22.71 -54.33 1.57
N TRP C 351 22.74 -54.97 0.43
CA TRP C 351 22.93 -54.32 -0.85
C TRP C 351 21.65 -53.68 -1.39
N LEU C 352 20.51 -54.00 -0.77
CA LEU C 352 19.19 -53.73 -1.33
C LEU C 352 18.40 -52.69 -0.56
N THR C 353 18.21 -51.52 -1.16
CA THR C 353 17.39 -50.46 -0.59
C THR C 353 16.40 -49.90 -1.62
N LEU C 354 15.36 -49.22 -1.13
CA LEU C 354 14.39 -48.61 -2.02
C LEU C 354 14.92 -47.25 -2.49
N ALA C 355 15.30 -47.17 -3.76
CA ALA C 355 15.96 -45.98 -4.32
C ALA C 355 14.99 -45.34 -5.28
N PRO C 356 14.52 -44.12 -4.96
CA PRO C 356 13.50 -43.41 -5.73
C PRO C 356 13.72 -43.46 -7.23
N ASN C 357 12.75 -44.03 -7.95
CA ASN C 357 12.70 -44.03 -9.40
C ASN C 357 13.92 -44.68 -10.09
N SER C 358 14.53 -45.67 -9.43
CA SER C 358 15.81 -46.20 -9.90
C SER C 358 15.66 -46.99 -11.21
N ILE C 359 14.55 -47.70 -11.39
CA ILE C 359 14.31 -48.40 -12.65
C ILE C 359 14.38 -47.42 -13.82
N HIS C 360 13.61 -46.36 -13.74
CA HIS C 360 13.60 -45.32 -14.78
C HIS C 360 15.00 -44.74 -15.02
N THR C 361 15.70 -44.41 -13.95
CA THR C 361 17.07 -43.88 -14.09
C THR C 361 17.97 -44.86 -14.84
N ALA C 362 17.90 -46.15 -14.49
CA ALA C 362 18.77 -47.12 -15.10
C ALA C 362 18.40 -47.41 -16.57
N LEU C 363 17.10 -47.48 -16.86
CA LEU C 363 16.65 -47.85 -18.21
C LEU C 363 16.79 -46.71 -19.19
N THR C 364 16.63 -45.48 -18.70
CA THR C 364 16.86 -44.29 -19.51
C THR C 364 18.29 -44.30 -20.00
N HIS C 365 19.22 -44.49 -19.07
CA HIS C 365 20.64 -44.56 -19.40
C HIS C 365 20.92 -45.65 -20.42
N LEU C 366 20.46 -46.87 -20.14
CA LEU C 366 20.59 -47.99 -21.09
C LEU C 366 19.99 -47.67 -22.45
N ASN C 367 18.80 -47.07 -22.44
CA ASN C 367 18.04 -46.82 -23.66
C ASN C 367 18.84 -45.87 -24.58
N ASN C 368 19.47 -44.85 -23.99
CA ASN C 368 20.29 -43.92 -24.77
C ASN C 368 21.59 -44.53 -25.25
N LEU C 369 22.26 -45.28 -24.38
CA LEU C 369 23.55 -45.87 -24.69
C LEU C 369 23.50 -47.00 -25.73
N TYR C 370 22.39 -47.75 -25.78
CA TYR C 370 22.30 -48.91 -26.67
C TYR C 370 21.18 -48.85 -27.67
N ASN C 371 20.74 -47.63 -28.00
CA ASN C 371 19.91 -47.41 -29.16
C ASN C 371 18.58 -48.14 -29.14
N LYS C 372 17.79 -47.81 -28.13
CA LYS C 372 16.37 -48.15 -28.07
C LYS C 372 16.06 -49.64 -28.26
N PRO C 373 16.69 -50.52 -27.48
CA PRO C 373 16.32 -51.92 -27.60
C PRO C 373 14.96 -52.24 -26.98
N VAL C 374 14.54 -53.48 -27.12
CA VAL C 374 13.38 -54.00 -26.42
C VAL C 374 13.86 -54.36 -25.02
N PHE C 375 13.21 -53.83 -23.99
CA PHE C 375 13.54 -54.15 -22.61
C PHE C 375 12.48 -55.05 -21.96
N TYR C 376 12.94 -55.95 -21.10
CA TYR C 376 12.07 -56.58 -20.11
C TYR C 376 12.74 -56.43 -18.77
N ILE C 377 11.99 -56.08 -17.73
CA ILE C 377 12.53 -56.14 -16.38
C ILE C 377 12.34 -57.57 -15.90
N THR C 378 13.44 -58.32 -15.82
CA THR C 378 13.37 -59.76 -15.59
C THR C 378 13.46 -60.17 -14.13
N GLU C 379 13.88 -59.25 -13.26
CA GLU C 379 13.84 -59.44 -11.78
C GLU C 379 13.75 -58.11 -11.07
N ASN C 380 12.91 -58.04 -10.05
CA ASN C 380 12.79 -56.85 -9.22
C ASN C 380 12.01 -57.29 -7.99
N GLY C 381 12.46 -56.91 -6.81
CA GLY C 381 11.80 -57.41 -5.59
C GLY C 381 12.49 -57.00 -4.31
N TRP C 382 11.99 -57.52 -3.19
CA TRP C 382 12.31 -56.98 -1.87
C TRP C 382 12.47 -58.11 -0.87
N SER C 383 13.48 -58.00 0.00
CA SER C 383 13.78 -59.05 0.97
C SER C 383 13.30 -58.65 2.37
N THR C 384 12.78 -59.63 3.11
CA THR C 384 12.37 -59.46 4.52
C THR C 384 13.00 -60.60 5.34
N ASP C 385 13.26 -60.39 6.63
CA ASP C 385 13.91 -61.44 7.44
C ASP C 385 12.91 -62.56 7.82
N GLU C 386 13.39 -63.79 7.82
CA GLU C 386 12.52 -64.93 8.19
C GLU C 386 12.00 -64.82 9.64
N SER C 387 12.77 -64.17 10.52
CA SER C 387 12.41 -64.03 11.92
C SER C 387 11.31 -63.00 12.21
N ARG C 388 11.10 -62.07 11.28
CA ARG C 388 10.08 -61.03 11.42
C ARG C 388 8.77 -61.57 12.00
N GLU C 389 8.23 -60.86 13.01
CA GLU C 389 6.92 -61.18 13.59
C GLU C 389 5.90 -60.75 12.56
N ASN C 390 4.84 -61.54 12.40
CA ASN C 390 3.85 -61.29 11.36
C ASN C 390 4.45 -61.21 9.96
N SER C 391 5.05 -62.30 9.51
CA SER C 391 5.80 -62.29 8.25
C SER C 391 4.93 -62.27 6.99
N LEU C 392 3.62 -62.46 7.15
CA LEU C 392 2.68 -62.33 6.04
C LEU C 392 2.20 -60.89 5.81
N ILE C 393 2.45 -60.00 6.77
CA ILE C 393 2.14 -58.58 6.64
C ILE C 393 3.42 -57.84 6.27
N ASP C 394 3.49 -57.39 5.02
CA ASP C 394 4.72 -56.85 4.48
C ASP C 394 4.50 -55.52 3.77
N ASP C 395 4.28 -54.48 4.56
CA ASP C 395 4.02 -53.16 4.03
C ASP C 395 5.23 -52.54 3.34
N ASP C 396 6.43 -52.85 3.83
CA ASP C 396 7.65 -52.43 3.16
C ASP C 396 7.76 -53.03 1.76
N ARG C 397 7.39 -54.31 1.63
CA ARG C 397 7.45 -54.96 0.33
C ARG C 397 6.49 -54.26 -0.61
N ILE C 398 5.32 -53.91 -0.08
CA ILE C 398 4.25 -53.30 -0.85
C ILE C 398 4.65 -51.88 -1.31
N GLN C 399 5.31 -51.14 -0.42
CA GLN C 399 5.89 -49.85 -0.77
C GLN C 399 6.91 -49.93 -1.90
N TYR C 400 7.84 -50.89 -1.81
CA TYR C 400 8.84 -51.12 -2.85
C TYR C 400 8.20 -51.41 -4.22
N TYR C 401 7.29 -52.37 -4.24
CA TYR C 401 6.57 -52.68 -5.46
C TYR C 401 5.80 -51.51 -6.06
N ARG C 402 5.08 -50.75 -5.23
CA ARG C 402 4.34 -49.62 -5.75
C ARG C 402 5.28 -48.56 -6.35
N ALA C 403 6.44 -48.38 -5.75
CA ALA C 403 7.43 -47.45 -6.29
C ALA C 403 8.00 -47.97 -7.63
N SER C 404 8.21 -49.28 -7.71
CA SER C 404 8.68 -49.87 -8.95
C SER C 404 7.67 -49.66 -10.06
N MET C 405 6.38 -49.87 -9.76
CA MET C 405 5.32 -49.70 -10.75
C MET C 405 5.29 -48.25 -11.30
N GLU C 406 5.35 -47.27 -10.40
CA GLU C 406 5.36 -45.85 -10.80
C GLU C 406 6.55 -45.55 -11.73
N SER C 407 7.69 -46.16 -11.41
CA SER C 407 8.91 -46.00 -12.21
C SER C 407 8.75 -46.65 -13.57
N LEU C 408 8.11 -47.81 -13.64
CA LEU C 408 7.78 -48.42 -14.92
C LEU C 408 6.88 -47.50 -15.77
N LEU C 409 5.89 -46.88 -15.13
CA LEU C 409 4.98 -46.00 -15.84
C LEU C 409 5.71 -44.75 -16.35
N ASN C 410 6.70 -44.30 -15.58
CA ASN C 410 7.61 -43.24 -16.04
C ASN C 410 8.39 -43.64 -17.29
N CYS C 411 8.86 -44.89 -17.35
CA CYS C 411 9.56 -45.40 -18.53
C CYS C 411 8.68 -45.41 -19.77
N LEU C 412 7.48 -45.94 -19.62
CA LEU C 412 6.53 -45.99 -20.72
C LEU C 412 6.10 -44.61 -21.15
N ASP C 413 6.01 -43.66 -20.23
CA ASP C 413 5.75 -42.23 -20.53
C ASP C 413 6.85 -41.61 -21.41
N ASP C 414 8.09 -42.07 -21.24
CA ASP C 414 9.21 -41.62 -22.06
C ASP C 414 9.36 -42.36 -23.38
N GLY C 415 8.48 -43.31 -23.66
CA GLY C 415 8.57 -44.06 -24.90
C GLY C 415 9.69 -45.10 -24.89
N ILE C 416 10.16 -45.47 -23.71
CA ILE C 416 11.09 -46.58 -23.61
C ILE C 416 10.31 -47.86 -23.96
N ASN C 417 10.89 -48.71 -24.82
CA ASN C 417 10.19 -49.91 -25.32
C ASN C 417 10.21 -51.07 -24.33
N LEU C 418 9.50 -50.87 -23.22
CA LEU C 418 9.52 -51.80 -22.11
C LEU C 418 8.30 -52.71 -22.18
N LYS C 419 8.53 -54.01 -22.34
CA LYS C 419 7.45 -54.94 -22.68
C LYS C 419 6.90 -55.73 -21.51
N GLY C 420 7.65 -55.81 -20.42
CA GLY C 420 7.22 -56.67 -19.32
C GLY C 420 8.03 -56.52 -18.06
N TYR C 421 7.51 -57.14 -17.01
CA TYR C 421 8.03 -57.02 -15.68
C TYR C 421 7.82 -58.35 -14.96
N MET C 422 8.87 -58.81 -14.29
CA MET C 422 8.87 -60.05 -13.52
C MET C 422 9.31 -59.78 -12.10
N ALA C 423 8.43 -60.07 -11.16
CA ALA C 423 8.73 -59.89 -9.75
C ALA C 423 9.58 -61.03 -9.23
N TRP C 424 10.60 -60.70 -8.47
CA TRP C 424 11.39 -61.70 -7.79
C TRP C 424 10.96 -61.71 -6.31
N SER C 425 10.28 -62.76 -5.82
CA SER C 425 10.07 -64.04 -6.48
C SER C 425 8.63 -64.47 -6.32
N LEU C 426 8.16 -65.40 -7.14
CA LEU C 426 6.87 -66.03 -6.90
C LEU C 426 6.76 -66.51 -5.47
N MET C 427 7.83 -67.07 -4.95
CA MET C 427 7.81 -67.66 -3.61
C MET C 427 9.18 -67.68 -2.97
N ASP C 428 9.18 -67.84 -1.64
CA ASP C 428 10.43 -67.93 -0.89
C ASP C 428 11.24 -69.08 -1.44
N ASN C 429 12.56 -68.95 -1.39
CA ASN C 429 13.42 -69.94 -1.99
C ASN C 429 14.81 -69.85 -1.42
N PHE C 430 15.70 -70.71 -1.89
CA PHE C 430 17.06 -70.77 -1.39
C PHE C 430 17.82 -69.58 -1.96
N GLU C 431 18.20 -68.65 -1.09
CA GLU C 431 18.79 -67.38 -1.50
C GLU C 431 20.31 -67.45 -1.40
N TRP C 432 20.87 -68.46 -2.07
CA TRP C 432 22.31 -68.68 -2.22
C TRP C 432 23.08 -68.64 -0.90
N MET C 433 24.10 -67.80 -0.76
CA MET C 433 24.88 -67.80 0.49
C MET C 433 24.08 -67.38 1.73
N GLU C 434 22.89 -66.81 1.54
CA GLU C 434 22.07 -66.38 2.67
C GLU C 434 21.10 -67.46 3.12
N GLY C 435 21.04 -68.57 2.40
CA GLY C 435 20.11 -69.66 2.73
C GLY C 435 18.67 -69.18 2.74
N TYR C 436 17.97 -69.45 3.85
CA TYR C 436 16.57 -69.07 4.01
C TYR C 436 16.38 -67.87 4.96
N ILE C 437 17.44 -67.13 5.23
CA ILE C 437 17.36 -66.01 6.14
C ILE C 437 16.64 -64.84 5.47
N GLU C 438 16.91 -64.64 4.18
CA GLU C 438 16.33 -63.52 3.43
C GLU C 438 15.23 -64.09 2.53
N ARG C 439 14.03 -63.52 2.62
CA ARG C 439 12.87 -64.04 1.94
C ARG C 439 12.38 -63.05 0.87
N PHE C 440 12.29 -63.48 -0.38
CA PHE C 440 11.83 -62.59 -1.47
C PHE C 440 10.45 -62.91 -2.02
N GLY C 441 9.75 -63.88 -1.45
CA GLY C 441 8.53 -64.36 -2.06
C GLY C 441 7.31 -63.49 -1.88
N LEU C 442 6.46 -63.45 -2.89
CA LEU C 442 5.11 -62.97 -2.74
C LEU C 442 4.33 -63.96 -1.87
N TYR C 443 4.61 -65.24 -2.04
CA TYR C 443 4.12 -66.28 -1.16
C TYR C 443 5.22 -66.73 -0.23
N GLU C 444 4.89 -66.88 1.04
CA GLU C 444 5.81 -67.44 2.01
C GLU C 444 5.79 -68.95 1.84
N VAL C 445 6.96 -69.59 1.97
CA VAL C 445 7.07 -71.05 1.98
C VAL C 445 7.50 -71.50 3.39
N ASP C 446 6.92 -72.60 3.87
CA ASP C 446 7.32 -73.18 5.17
C ASP C 446 8.39 -74.26 4.92
N PHE C 447 9.64 -73.88 5.16
CA PHE C 447 10.76 -74.76 4.90
C PHE C 447 10.98 -75.81 6.00
N SER C 448 10.12 -75.80 7.03
CA SER C 448 10.14 -76.85 8.05
C SER C 448 8.95 -77.80 7.87
N ASP C 449 8.26 -77.67 6.74
CA ASP C 449 7.07 -78.46 6.42
C ASP C 449 7.38 -79.36 5.21
N PRO C 450 7.16 -80.70 5.34
CA PRO C 450 7.47 -81.58 4.21
C PRO C 450 6.74 -81.24 2.90
N ALA C 451 5.51 -80.73 3.02
CA ALA C 451 4.74 -80.32 1.85
C ALA C 451 5.14 -78.92 1.30
N ARG C 452 6.09 -78.25 1.95
CA ARG C 452 6.54 -76.89 1.58
C ARG C 452 5.38 -75.97 1.27
N THR C 453 4.52 -75.78 2.26
CA THR C 453 3.29 -75.04 2.04
C THR C 453 3.62 -73.60 1.67
N ARG C 454 2.97 -73.14 0.61
CA ARG C 454 3.08 -71.76 0.16
C ARG C 454 1.84 -70.98 0.60
N THR C 455 2.02 -69.87 1.29
CA THR C 455 0.91 -69.06 1.75
C THR C 455 1.12 -67.60 1.37
N PRO C 456 0.08 -66.97 0.83
CA PRO C 456 0.31 -65.68 0.20
C PRO C 456 0.48 -64.55 1.21
N ARG C 457 1.48 -63.71 0.99
CA ARG C 457 1.66 -62.51 1.77
C ARG C 457 0.77 -61.40 1.26
N LYS C 458 0.63 -60.37 2.08
CA LYS C 458 -0.18 -59.21 1.72
C LYS C 458 0.23 -58.67 0.34
N ALA C 459 1.54 -58.62 0.09
CA ALA C 459 2.08 -58.18 -1.21
C ALA C 459 1.53 -58.93 -2.43
N ALA C 460 1.21 -60.21 -2.27
CA ALA C 460 0.64 -60.99 -3.35
C ALA C 460 -0.74 -60.49 -3.74
N PHE C 461 -1.52 -60.08 -2.75
CA PHE C 461 -2.84 -59.54 -3.05
C PHE C 461 -2.72 -58.20 -3.78
N VAL C 462 -1.76 -57.39 -3.36
CA VAL C 462 -1.55 -56.09 -3.99
C VAL C 462 -1.08 -56.26 -5.44
N TYR C 463 -0.16 -57.18 -5.69
CA TYR C 463 0.32 -57.40 -7.06
C TYR C 463 -0.79 -57.91 -7.94
N LYS C 464 -1.55 -58.87 -7.43
CA LYS C 464 -2.74 -59.36 -8.10
C LYS C 464 -3.65 -58.23 -8.54
N HIS C 465 -3.87 -57.29 -7.64
CA HIS C 465 -4.76 -56.16 -7.88
C HIS C 465 -4.16 -55.22 -8.93
N ILE C 466 -2.86 -54.96 -8.82
CA ILE C 466 -2.15 -54.16 -9.85
C ILE C 466 -2.35 -54.73 -11.26
N ILE C 467 -2.16 -56.04 -11.42
CA ILE C 467 -2.24 -56.68 -12.74
C ILE C 467 -3.66 -56.64 -13.30
N LYS C 468 -4.63 -56.91 -12.43
CA LYS C 468 -6.04 -56.86 -12.78
C LYS C 468 -6.51 -55.47 -13.21
N HIS C 469 -6.16 -54.44 -12.45
CA HIS C 469 -6.67 -53.10 -12.76
C HIS C 469 -5.73 -52.28 -13.65
N ARG C 470 -4.46 -52.64 -13.67
CA ARG C 470 -3.42 -51.99 -14.47
C ARG C 470 -3.14 -50.56 -14.01
N VAL C 471 -3.35 -50.32 -12.71
CA VAL C 471 -3.05 -49.05 -12.06
C VAL C 471 -2.60 -49.33 -10.65
N VAL C 472 -1.88 -48.38 -10.07
CA VAL C 472 -1.48 -48.48 -8.67
C VAL C 472 -2.52 -47.76 -7.81
N ASP C 473 -3.21 -48.52 -6.94
CA ASP C 473 -4.19 -47.95 -6.00
C ASP C 473 -3.59 -47.93 -4.61
N TYR C 474 -3.28 -46.74 -4.13
CA TYR C 474 -2.60 -46.59 -2.87
C TYR C 474 -3.52 -46.84 -1.67
N GLU C 475 -4.82 -46.92 -1.92
CA GLU C 475 -5.79 -47.21 -0.87
C GLU C 475 -6.12 -48.69 -0.69
N TYR C 476 -5.60 -49.57 -1.55
CA TYR C 476 -5.98 -50.97 -1.50
C TYR C 476 -5.21 -51.75 -0.42
N GLU C 477 -5.98 -52.38 0.47
CA GLU C 477 -5.52 -53.46 1.35
C GLU C 477 -6.55 -54.60 1.28
N PRO C 478 -6.10 -55.83 1.12
CA PRO C 478 -7.06 -56.95 0.99
C PRO C 478 -7.94 -57.21 2.23
N GLU C 479 -9.23 -57.51 2.00
CA GLU C 479 -10.19 -57.82 3.06
C GLU C 479 -9.83 -59.13 3.79
N THR C 480 -9.45 -60.16 3.03
CA THR C 480 -9.02 -61.43 3.62
C THR C 480 -7.68 -61.88 3.03
N MET C 481 -6.99 -62.76 3.77
CA MET C 481 -5.70 -63.31 3.36
C MET C 481 -5.86 -64.65 2.64
N VAL C 482 -7.05 -64.92 2.06
CA VAL C 482 -7.28 -66.18 1.32
C VAL C 482 -7.35 -65.90 -0.18
N MET C 483 -6.49 -66.57 -0.95
CA MET C 483 -6.44 -66.39 -2.40
C MET C 483 -7.54 -67.18 -3.08
N THR C 484 -7.97 -66.67 -4.22
CA THR C 484 -8.90 -67.37 -5.10
C THR C 484 -8.52 -67.07 -6.53
N ILE C 485 -8.86 -67.97 -7.44
CA ILE C 485 -8.64 -67.75 -8.88
C ILE C 485 -9.82 -67.02 -9.49
N ASP C 486 -9.58 -65.88 -10.12
CA ASP C 486 -10.62 -65.10 -10.80
C ASP C 486 -11.00 -65.74 -12.12
N GLU C 487 -12.26 -65.58 -12.51
CA GLU C 487 -12.79 -66.17 -13.75
C GLU C 487 -11.99 -65.71 -14.95
N GLY C 488 -11.66 -66.65 -15.84
CA GLY C 488 -10.82 -66.39 -17.02
C GLY C 488 -9.33 -66.56 -16.78
N HIS C 489 -8.97 -67.08 -15.60
CA HIS C 489 -7.59 -67.48 -15.28
C HIS C 489 -7.56 -68.94 -14.78
N ARG D 3 82.58 -103.68 -29.50
CA ARG D 3 81.80 -102.50 -29.98
C ARG D 3 81.73 -101.39 -28.91
N ARG D 4 81.88 -100.16 -29.36
CA ARG D 4 82.08 -99.04 -28.44
C ARG D 4 81.29 -97.81 -28.84
N PHE D 5 80.84 -97.08 -27.83
CA PHE D 5 80.07 -95.86 -28.05
C PHE D 5 81.05 -94.81 -28.50
N PRO D 6 80.71 -94.08 -29.59
CA PRO D 6 81.54 -92.94 -29.95
C PRO D 6 81.72 -92.01 -28.75
N ASP D 7 82.83 -91.26 -28.73
CA ASP D 7 83.17 -90.46 -27.56
C ASP D 7 82.15 -89.34 -27.25
N ASP D 8 81.53 -88.78 -28.28
CA ASP D 8 80.57 -87.67 -28.11
C ASP D 8 79.12 -88.09 -27.78
N PHE D 9 78.89 -89.39 -27.64
CA PHE D 9 77.59 -89.89 -27.17
C PHE D 9 77.39 -89.47 -25.71
N LEU D 10 76.26 -88.81 -25.45
CA LEU D 10 75.99 -88.22 -24.14
C LEU D 10 75.44 -89.24 -23.17
N PHE D 11 76.20 -89.53 -22.12
CA PHE D 11 75.72 -90.35 -21.02
C PHE D 11 75.35 -89.46 -19.83
N GLY D 12 74.09 -89.48 -19.43
CA GLY D 12 73.67 -88.72 -18.27
C GLY D 12 72.75 -89.48 -17.36
N THR D 13 72.14 -88.73 -16.44
CA THR D 13 71.06 -89.23 -15.61
C THR D 13 69.93 -88.21 -15.65
N ALA D 14 68.80 -88.60 -15.04
CA ALA D 14 67.61 -87.76 -15.06
C ALA D 14 66.94 -87.70 -13.69
N THR D 15 66.26 -86.57 -13.46
CA THR D 15 65.45 -86.34 -12.26
C THR D 15 64.27 -85.44 -12.63
N ALA D 16 63.30 -85.36 -11.71
CA ALA D 16 62.18 -84.41 -11.82
C ALA D 16 61.99 -83.61 -10.53
N SER D 17 61.68 -82.33 -10.71
CA SER D 17 61.52 -81.35 -9.63
C SER D 17 60.79 -81.86 -8.40
N TYR D 18 59.53 -82.27 -8.56
CA TYR D 18 58.75 -82.71 -7.40
C TYR D 18 59.37 -83.93 -6.75
N GLN D 19 60.01 -84.79 -7.54
CA GLN D 19 60.52 -86.05 -7.04
C GLN D 19 61.78 -85.92 -6.20
N ILE D 20 62.60 -84.88 -6.42
CA ILE D 20 63.84 -84.67 -5.63
C ILE D 20 63.92 -83.41 -4.71
N GLU D 21 63.31 -82.30 -5.10
CA GLU D 21 63.58 -80.99 -4.45
C GLU D 21 63.14 -80.89 -2.99
N GLY D 22 61.88 -81.21 -2.71
CA GLY D 22 61.30 -80.90 -1.40
C GLY D 22 61.18 -79.39 -1.31
N ALA D 23 61.25 -78.85 -0.09
CA ALA D 23 61.11 -77.40 0.11
C ALA D 23 59.82 -76.93 -0.59
N TRP D 24 58.72 -77.64 -0.34
CA TRP D 24 57.50 -77.50 -1.14
C TRP D 24 56.80 -76.16 -0.95
N ASP D 25 56.90 -75.59 0.24
CA ASP D 25 56.39 -74.23 0.48
C ASP D 25 57.45 -73.25 1.01
N GLU D 26 58.70 -73.39 0.56
CA GLU D 26 59.78 -72.54 1.01
C GLU D 26 60.06 -71.43 0.00
N ASP D 27 60.55 -70.30 0.51
CA ASP D 27 60.94 -69.14 -0.29
C ASP D 27 59.89 -68.65 -1.29
N GLY D 28 58.63 -68.66 -0.88
CA GLY D 28 57.52 -68.18 -1.72
C GLY D 28 57.16 -69.06 -2.90
N LYS D 29 57.35 -70.38 -2.77
CA LYS D 29 56.92 -71.33 -3.80
C LYS D 29 55.40 -71.52 -3.76
N GLY D 30 54.78 -71.47 -4.94
CA GLY D 30 53.34 -71.67 -5.07
C GLY D 30 52.98 -73.14 -5.00
N GLU D 31 51.74 -73.40 -4.62
CA GLU D 31 51.23 -74.76 -4.53
C GLU D 31 51.12 -75.36 -5.92
N ASN D 32 51.51 -76.63 -6.08
CA ASN D 32 51.27 -77.35 -7.33
C ASN D 32 50.27 -78.49 -7.14
N ILE D 33 49.85 -79.08 -8.27
CA ILE D 33 48.82 -80.12 -8.23
C ILE D 33 49.21 -81.30 -7.35
N TRP D 34 50.50 -81.60 -7.24
CA TRP D 34 50.96 -82.68 -6.35
C TRP D 34 50.87 -82.32 -4.87
N ASP D 35 51.29 -81.12 -4.53
CA ASP D 35 51.13 -80.60 -3.16
C ASP D 35 49.68 -80.67 -2.72
N TYR D 36 48.82 -80.16 -3.59
CA TYR D 36 47.39 -80.09 -3.32
C TYR D 36 46.84 -81.49 -3.10
N MET D 37 47.20 -82.43 -3.97
CA MET D 37 46.62 -83.77 -3.93
C MET D 37 47.05 -84.58 -2.71
N VAL D 38 48.33 -84.54 -2.40
CA VAL D 38 48.84 -85.32 -1.25
C VAL D 38 48.39 -84.77 0.10
N HIS D 39 48.20 -83.45 0.20
CA HIS D 39 47.70 -82.85 1.45
C HIS D 39 46.18 -83.01 1.61
N ASN D 40 45.45 -82.86 0.52
CA ASN D 40 44.00 -83.07 0.55
C ASN D 40 43.63 -84.54 0.74
N THR D 41 44.23 -85.40 -0.06
CA THR D 41 43.89 -86.82 -0.04
C THR D 41 45.17 -87.67 0.04
N PRO D 42 45.80 -87.74 1.23
CA PRO D 42 47.12 -88.38 1.33
C PRO D 42 47.08 -89.86 0.98
N GLU D 43 45.95 -90.49 1.25
CA GLU D 43 45.78 -91.93 1.04
C GLU D 43 46.03 -92.39 -0.41
N VAL D 44 45.93 -91.50 -1.40
CA VAL D 44 46.24 -91.89 -2.79
C VAL D 44 47.67 -92.38 -2.99
N ILE D 45 48.55 -92.08 -2.03
CA ILE D 45 49.93 -92.58 -2.07
C ILE D 45 50.02 -93.84 -1.23
N ARG D 46 50.69 -94.85 -1.79
CA ARG D 46 50.69 -96.20 -1.25
C ARG D 46 51.26 -96.28 0.17
N ASP D 47 52.42 -95.67 0.39
CA ASP D 47 53.06 -95.72 1.71
C ASP D 47 52.68 -94.55 2.63
N LEU D 48 51.66 -93.78 2.24
CA LEU D 48 51.21 -92.59 3.00
C LEU D 48 52.34 -91.60 3.20
N SER D 49 53.13 -91.39 2.15
CA SER D 49 54.24 -90.44 2.17
CA SER D 49 54.25 -90.46 2.14
C SER D 49 53.97 -89.33 1.16
N ASN D 50 54.88 -88.36 1.05
CA ASN D 50 54.72 -87.26 0.10
C ASN D 50 56.08 -86.66 -0.29
N GLY D 51 56.04 -85.66 -1.18
CA GLY D 51 57.27 -84.99 -1.63
C GLY D 51 57.61 -83.68 -0.94
N ASP D 52 57.11 -83.50 0.29
CA ASP D 52 57.35 -82.29 1.09
C ASP D 52 58.83 -82.01 1.22
N ILE D 53 59.57 -83.04 1.65
CA ILE D 53 61.02 -83.00 1.78
C ILE D 53 61.69 -83.75 0.62
N ALA D 54 61.25 -84.99 0.37
CA ALA D 54 61.80 -85.83 -0.68
C ALA D 54 63.30 -86.07 -0.47
N ALA D 55 64.11 -85.89 -1.52
CA ALA D 55 65.57 -85.99 -1.41
C ALA D 55 66.20 -84.70 -0.88
N ASP D 56 65.35 -83.70 -0.65
CA ASP D 56 65.79 -82.40 -0.20
C ASP D 56 66.89 -81.80 -1.07
N SER D 57 66.82 -82.01 -2.38
CA SER D 57 67.79 -81.42 -3.30
C SER D 57 67.81 -79.87 -3.32
N TYR D 58 66.77 -79.24 -2.78
CA TYR D 58 66.77 -77.77 -2.61
C TYR D 58 67.97 -77.29 -1.76
N HIS D 59 68.28 -78.03 -0.70
CA HIS D 59 69.46 -77.73 0.12
C HIS D 59 70.68 -78.62 -0.21
N ASN D 60 70.48 -79.76 -0.86
CA ASN D 60 71.56 -80.71 -1.13
C ASN D 60 72.06 -80.71 -2.58
N TYR D 61 71.73 -79.68 -3.35
CA TYR D 61 72.13 -79.62 -4.76
C TYR D 61 73.64 -79.77 -5.01
N LYS D 62 74.47 -79.37 -4.04
CA LYS D 62 75.93 -79.48 -4.17
C LYS D 62 76.37 -80.93 -4.26
N ARG D 63 75.87 -81.70 -3.31
CA ARG D 63 76.07 -83.14 -3.23
C ARG D 63 75.53 -83.85 -4.47
N ASP D 64 74.38 -83.42 -4.97
CA ASP D 64 73.86 -83.96 -6.22
C ASP D 64 74.95 -83.86 -7.27
N VAL D 65 75.56 -82.68 -7.40
CA VAL D 65 76.55 -82.44 -8.46
C VAL D 65 77.86 -83.20 -8.23
N GLU D 66 78.24 -83.38 -6.98
CA GLU D 66 79.35 -84.25 -6.62
C GLU D 66 79.09 -85.67 -7.12
N MET D 67 77.88 -86.16 -6.84
CA MET D 67 77.44 -87.50 -7.26
C MET D 67 77.56 -87.69 -8.77
N MET D 68 77.17 -86.67 -9.54
CA MET D 68 77.34 -86.69 -11.00
C MET D 68 78.80 -86.91 -11.34
N ARG D 69 79.67 -86.11 -10.71
CA ARG D 69 81.11 -86.16 -10.95
C ARG D 69 81.72 -87.51 -10.58
N GLU D 70 81.24 -88.11 -9.50
CA GLU D 70 81.66 -89.45 -9.09
C GLU D 70 81.37 -90.48 -10.19
N LEU D 71 80.29 -90.28 -10.93
CA LEU D 71 79.92 -91.14 -12.06
C LEU D 71 80.59 -90.71 -13.35
N GLY D 72 81.07 -89.47 -13.42
CA GLY D 72 81.72 -89.01 -14.64
C GLY D 72 80.74 -88.75 -15.79
N LEU D 73 79.54 -88.26 -15.44
CA LEU D 73 78.50 -88.01 -16.42
C LEU D 73 78.95 -86.90 -17.34
N ASP D 74 78.50 -86.93 -18.59
CA ASP D 74 78.71 -85.84 -19.52
C ASP D 74 77.51 -84.88 -19.48
N ALA D 75 76.39 -85.34 -18.92
CA ALA D 75 75.15 -84.57 -18.93
C ALA D 75 74.17 -84.95 -17.83
N TYR D 76 73.22 -84.05 -17.58
CA TYR D 76 72.24 -84.24 -16.53
C TYR D 76 71.00 -83.52 -16.96
N ARG D 77 69.88 -84.22 -16.79
CA ARG D 77 68.60 -83.76 -17.27
C ARG D 77 67.68 -83.62 -16.07
N PHE D 78 67.09 -82.45 -15.92
CA PHE D 78 66.30 -82.10 -14.72
C PHE D 78 65.17 -81.15 -15.09
N SER D 79 64.17 -81.04 -14.21
CA SER D 79 62.99 -80.25 -14.53
C SER D 79 62.89 -78.96 -13.70
N LEU D 80 62.23 -77.96 -14.28
CA LEU D 80 61.93 -76.69 -13.58
C LEU D 80 60.51 -76.70 -13.01
N SER D 81 60.41 -76.45 -11.70
CA SER D 81 59.12 -76.31 -11.03
C SER D 81 58.46 -74.99 -11.39
N TRP D 82 57.46 -75.06 -12.27
CA TRP D 82 56.64 -73.91 -12.68
C TRP D 82 56.20 -73.03 -11.49
N ALA D 83 55.67 -73.65 -10.44
CA ALA D 83 55.16 -72.91 -9.28
C ALA D 83 56.27 -72.37 -8.35
N ARG D 84 57.49 -72.93 -8.45
CA ARG D 84 58.63 -72.35 -7.73
C ARG D 84 59.13 -71.10 -8.45
N ILE D 85 58.98 -71.04 -9.76
CA ILE D 85 59.40 -69.88 -10.54
C ILE D 85 58.29 -68.83 -10.61
N LEU D 86 57.10 -69.22 -11.06
CA LEU D 86 55.92 -68.34 -11.06
C LEU D 86 54.88 -68.89 -10.09
N PRO D 87 54.89 -68.42 -8.83
CA PRO D 87 53.99 -69.03 -7.84
C PRO D 87 52.49 -68.85 -8.09
N THR D 88 52.10 -67.86 -8.91
CA THR D 88 50.68 -67.71 -9.29
C THR D 88 50.39 -68.50 -10.57
N GLY D 89 51.45 -68.90 -11.26
CA GLY D 89 51.33 -69.55 -12.57
C GLY D 89 51.46 -68.60 -13.74
N MET D 90 51.21 -67.31 -13.51
CA MET D 90 51.32 -66.29 -14.57
C MET D 90 52.66 -65.58 -14.45
N ALA D 91 53.08 -64.92 -15.53
CA ALA D 91 54.42 -64.31 -15.61
C ALA D 91 54.50 -62.87 -15.09
N ASN D 92 53.68 -62.55 -14.09
CA ASN D 92 53.70 -61.25 -13.44
C ASN D 92 54.63 -61.26 -12.22
N GLU D 93 54.62 -62.36 -11.46
CA GLU D 93 55.48 -62.52 -10.30
C GLU D 93 56.52 -63.62 -10.58
N VAL D 94 57.78 -63.22 -10.68
CA VAL D 94 58.91 -64.11 -10.90
C VAL D 94 59.72 -64.23 -9.61
N ASN D 95 59.63 -65.39 -8.96
CA ASN D 95 60.18 -65.60 -7.62
C ASN D 95 61.70 -65.62 -7.62
N PRO D 96 62.35 -64.67 -6.91
CA PRO D 96 63.82 -64.61 -6.89
C PRO D 96 64.52 -65.82 -6.26
N ALA D 97 63.91 -66.43 -5.26
CA ALA D 97 64.49 -67.62 -4.63
C ALA D 97 64.42 -68.85 -5.55
N GLY D 98 63.39 -68.89 -6.39
CA GLY D 98 63.20 -69.95 -7.36
C GLY D 98 64.27 -69.92 -8.45
N ILE D 99 64.37 -68.80 -9.14
CA ILE D 99 65.43 -68.64 -10.15
C ILE D 99 66.83 -68.78 -9.55
N ALA D 100 67.03 -68.28 -8.34
CA ALA D 100 68.33 -68.41 -7.67
C ALA D 100 68.76 -69.87 -7.54
N PHE D 101 67.85 -70.71 -7.06
CA PHE D 101 68.16 -72.13 -6.84
C PHE D 101 68.56 -72.80 -8.14
N TYR D 102 67.81 -72.54 -9.22
CA TYR D 102 68.14 -73.13 -10.51
C TYR D 102 69.42 -72.55 -11.11
N ASN D 103 69.67 -71.26 -10.90
CA ASN D 103 70.95 -70.67 -11.30
C ASN D 103 72.14 -71.24 -10.56
N ASN D 104 72.00 -71.47 -9.27
CA ASN D 104 73.04 -72.14 -8.50
C ASN D 104 73.20 -73.63 -8.85
N TYR D 105 72.11 -74.30 -9.23
CA TYR D 105 72.17 -75.72 -9.63
C TYR D 105 72.93 -75.82 -10.94
N ILE D 106 72.48 -75.02 -11.91
CA ILE D 106 73.05 -75.00 -13.24
C ILE D 106 74.55 -74.69 -13.22
N ASP D 107 74.95 -73.69 -12.45
CA ASP D 107 76.34 -73.22 -12.46
C ASP D 107 77.31 -74.23 -11.82
N GLU D 108 76.84 -74.97 -10.82
CA GLU D 108 77.62 -76.05 -10.22
C GLU D 108 77.89 -77.17 -11.23
N MET D 109 76.94 -77.40 -12.13
CA MET D 109 77.13 -78.36 -13.22
C MET D 109 78.19 -77.88 -14.18
N LEU D 110 78.00 -76.68 -14.72
CA LEU D 110 78.91 -76.15 -15.73
C LEU D 110 80.31 -75.89 -15.15
N LYS D 111 80.39 -75.73 -13.83
CA LYS D 111 81.68 -75.65 -13.14
C LYS D 111 82.51 -76.93 -13.29
N TYR D 112 81.87 -78.06 -13.56
CA TYR D 112 82.59 -79.30 -13.83
C TYR D 112 82.19 -79.91 -15.17
N ASN D 113 81.85 -79.02 -16.11
CA ASN D 113 81.54 -79.38 -17.49
C ASN D 113 80.47 -80.47 -17.74
N ILE D 114 79.53 -80.59 -16.80
CA ILE D 114 78.34 -81.43 -16.96
C ILE D 114 77.30 -80.58 -17.66
N THR D 115 76.95 -80.93 -18.89
CA THR D 115 76.01 -80.13 -19.66
C THR D 115 74.57 -80.38 -19.20
N PRO D 116 73.83 -79.29 -18.89
CA PRO D 116 72.46 -79.40 -18.41
C PRO D 116 71.44 -79.52 -19.54
N LEU D 117 70.46 -80.40 -19.36
CA LEU D 117 69.28 -80.46 -20.23
C LEU D 117 68.07 -80.20 -19.35
N ILE D 118 67.24 -79.24 -19.76
CA ILE D 118 66.13 -78.82 -18.90
C ILE D 118 64.78 -79.25 -19.48
N THR D 119 63.98 -79.89 -18.64
CA THR D 119 62.57 -80.10 -18.92
C THR D 119 61.74 -78.96 -18.32
N LEU D 120 60.96 -78.27 -19.14
CA LEU D 120 60.11 -77.20 -18.64
C LEU D 120 58.98 -77.72 -17.76
N TYR D 121 58.29 -78.75 -18.25
CA TYR D 121 57.15 -79.32 -17.54
C TYR D 121 57.34 -80.81 -17.34
N HIS D 122 57.43 -81.21 -16.07
CA HIS D 122 57.49 -82.61 -15.66
C HIS D 122 56.46 -82.84 -14.53
N TRP D 123 55.22 -82.46 -14.81
CA TRP D 123 53.99 -82.89 -14.09
C TRP D 123 53.53 -82.06 -12.90
N ASP D 124 54.16 -80.91 -12.66
CA ASP D 124 53.86 -80.11 -11.47
C ASP D 124 53.29 -78.73 -11.85
N LEU D 125 52.09 -78.76 -12.42
CA LEU D 125 51.34 -77.55 -12.74
C LEU D 125 50.97 -76.80 -11.47
N PRO D 126 51.10 -75.46 -11.47
CA PRO D 126 50.58 -74.61 -10.36
C PRO D 126 49.10 -74.88 -10.08
N GLN D 127 48.70 -74.98 -8.82
CA GLN D 127 47.30 -75.30 -8.48
C GLN D 127 46.35 -74.21 -8.97
N LYS D 128 46.82 -72.98 -9.05
CA LYS D 128 46.01 -71.88 -9.54
C LYS D 128 45.63 -72.07 -10.98
N LEU D 129 46.50 -72.62 -11.82
CA LEU D 129 46.11 -72.88 -13.23
C LEU D 129 45.23 -74.14 -13.40
N GLN D 130 45.37 -75.11 -12.50
CA GLN D 130 44.49 -76.27 -12.53
C GLN D 130 43.06 -75.84 -12.19
N GLU D 131 42.91 -74.93 -11.23
CA GLU D 131 41.60 -74.31 -10.92
C GLU D 131 40.91 -73.72 -12.15
N LEU D 132 41.69 -73.20 -13.09
CA LEU D 132 41.16 -72.72 -14.37
C LEU D 132 40.92 -73.80 -15.45
N GLY D 133 41.12 -75.07 -15.10
CA GLY D 133 40.98 -76.20 -16.04
C GLY D 133 42.29 -76.92 -16.38
N GLY D 134 43.43 -76.24 -16.21
CA GLY D 134 44.74 -76.82 -16.51
C GLY D 134 44.85 -77.17 -17.98
N PHE D 135 45.36 -78.37 -18.26
CA PHE D 135 45.47 -78.86 -19.66
C PHE D 135 44.14 -79.10 -20.36
N ALA D 136 43.05 -79.18 -19.61
CA ALA D 136 41.71 -79.18 -20.20
C ALA D 136 41.37 -77.85 -20.90
N ASN D 137 41.98 -76.77 -20.43
CA ASN D 137 41.75 -75.43 -20.96
C ASN D 137 42.73 -75.12 -22.08
N PRO D 138 42.24 -74.81 -23.29
CA PRO D 138 43.18 -74.45 -24.36
C PRO D 138 44.03 -73.20 -24.09
N LEU D 139 43.60 -72.31 -23.21
CA LEU D 139 44.44 -71.18 -22.82
C LEU D 139 45.76 -71.64 -22.21
N ILE D 140 45.82 -72.89 -21.76
CA ILE D 140 47.07 -73.47 -21.26
C ILE D 140 48.22 -73.25 -22.22
N SER D 141 47.96 -73.21 -23.52
CA SER D 141 49.04 -73.00 -24.46
C SER D 141 49.66 -71.62 -24.30
N ASP D 142 48.84 -70.60 -23.98
CA ASP D 142 49.37 -69.24 -23.77
C ASP D 142 50.11 -69.11 -22.44
N TRP D 143 49.56 -69.70 -21.39
CA TRP D 143 50.21 -69.69 -20.07
C TRP D 143 51.53 -70.46 -20.08
N PHE D 144 51.63 -71.45 -20.97
CA PHE D 144 52.87 -72.21 -21.15
C PHE D 144 53.89 -71.39 -21.92
N GLU D 145 53.45 -70.77 -23.01
CA GLU D 145 54.28 -69.95 -23.87
C GLU D 145 54.90 -68.80 -23.09
N ASP D 146 54.15 -68.19 -22.16
CA ASP D 146 54.68 -67.13 -21.30
C ASP D 146 55.63 -67.70 -20.23
N TYR D 147 55.35 -68.91 -19.74
CA TYR D 147 56.24 -69.59 -18.80
C TYR D 147 57.51 -70.01 -19.51
N ALA D 148 57.38 -70.37 -20.78
CA ALA D 148 58.52 -70.65 -21.63
C ALA D 148 59.43 -69.44 -21.77
N ARG D 149 58.84 -68.27 -22.00
N ARG D 149 58.87 -68.26 -21.99
CA ARG D 149 59.59 -67.01 -22.11
CA ARG D 149 59.66 -67.05 -22.15
C ARG D 149 60.47 -66.80 -20.87
C ARG D 149 60.47 -66.74 -20.88
N VAL D 150 59.89 -66.97 -19.70
CA VAL D 150 60.64 -66.78 -18.45
C VAL D 150 61.83 -67.76 -18.33
N VAL D 151 61.62 -69.05 -18.67
CA VAL D 151 62.69 -70.06 -18.60
C VAL D 151 63.81 -69.79 -19.63
N PHE D 152 63.42 -69.47 -20.86
CA PHE D 152 64.37 -69.17 -21.91
C PHE D 152 65.27 -67.99 -21.57
N GLU D 153 64.66 -66.83 -21.29
CA GLU D 153 65.42 -65.63 -20.91
C GLU D 153 66.37 -65.95 -19.79
N ASN D 154 65.83 -66.45 -18.68
CA ASN D 154 66.65 -66.71 -17.50
C ASN D 154 67.74 -67.78 -17.62
N PHE D 155 67.55 -68.77 -18.46
CA PHE D 155 68.44 -69.91 -18.39
C PHE D 155 69.15 -70.29 -19.68
N GLY D 156 68.63 -69.82 -20.81
CA GLY D 156 69.07 -70.28 -22.12
C GLY D 156 70.41 -69.76 -22.59
N ASP D 157 70.99 -68.82 -21.84
CA ASP D 157 72.33 -68.35 -22.14
C ASP D 157 73.35 -69.47 -21.86
N ARG D 158 73.10 -70.27 -20.82
CA ARG D 158 73.95 -71.41 -20.46
C ARG D 158 73.39 -72.78 -20.92
N VAL D 159 72.07 -72.97 -20.85
CA VAL D 159 71.44 -74.26 -21.19
C VAL D 159 71.04 -74.29 -22.65
N LYS D 160 71.53 -75.28 -23.38
CA LYS D 160 71.33 -75.32 -24.84
C LYS D 160 70.37 -76.42 -25.32
N MET D 161 69.85 -77.22 -24.40
CA MET D 161 68.85 -78.20 -24.76
C MET D 161 67.64 -78.08 -23.86
N PHE D 162 66.51 -77.80 -24.51
CA PHE D 162 65.24 -77.64 -23.82
C PHE D 162 64.24 -78.66 -24.31
N ILE D 163 63.57 -79.31 -23.35
CA ILE D 163 62.45 -80.20 -23.63
C ILE D 163 61.17 -79.59 -23.04
N THR D 164 60.19 -79.33 -23.89
CA THR D 164 58.92 -78.75 -23.47
C THR D 164 58.20 -79.61 -22.43
N PHE D 165 57.66 -80.77 -22.85
CA PHE D 165 56.94 -81.68 -21.93
C PHE D 165 57.62 -83.03 -21.78
N ASN D 166 57.53 -83.60 -20.58
CA ASN D 166 57.90 -84.97 -20.32
C ASN D 166 56.67 -85.87 -20.21
N GLU D 167 56.56 -86.87 -21.09
CA GLU D 167 55.56 -87.92 -20.97
C GLU D 167 54.09 -87.42 -21.01
N PRO D 168 53.69 -86.90 -22.17
CA PRO D 168 52.31 -86.46 -22.32
C PRO D 168 51.27 -87.53 -21.93
N ARG D 169 51.55 -88.80 -22.16
CA ARG D 169 50.58 -89.83 -21.81
C ARG D 169 50.24 -89.81 -20.33
N GLU D 170 51.26 -89.70 -19.49
CA GLU D 170 51.01 -89.71 -18.08
C GLU D 170 50.49 -88.38 -17.56
N ILE D 171 50.52 -87.33 -18.39
CA ILE D 171 49.88 -86.05 -18.09
C ILE D 171 48.40 -86.12 -18.43
N CYS D 172 48.11 -86.40 -19.69
CA CYS D 172 46.76 -86.40 -20.19
C CYS D 172 45.95 -87.59 -19.73
N PHE D 173 46.45 -88.78 -20.02
CA PHE D 173 45.68 -89.98 -19.80
C PHE D 173 45.62 -90.34 -18.32
N GLU D 174 46.74 -90.33 -17.62
CA GLU D 174 46.72 -90.70 -16.20
C GLU D 174 46.20 -89.60 -15.28
N GLY D 175 46.43 -88.34 -15.65
CA GLY D 175 46.02 -87.19 -14.85
C GLY D 175 44.58 -86.73 -15.03
N TYR D 176 44.19 -86.60 -16.30
CA TYR D 176 42.88 -86.08 -16.69
C TYR D 176 41.92 -87.16 -17.15
N GLY D 177 42.44 -88.17 -17.85
CA GLY D 177 41.63 -89.29 -18.31
C GLY D 177 41.41 -90.39 -17.27
N SER D 178 41.92 -90.21 -16.06
CA SER D 178 42.01 -91.31 -15.10
C SER D 178 42.37 -90.81 -13.70
N ALA D 179 42.72 -91.73 -12.80
CA ALA D 179 42.98 -91.42 -11.40
C ALA D 179 44.34 -91.91 -10.87
N THR D 180 45.34 -91.98 -11.75
CA THR D 180 46.66 -92.54 -11.39
C THR D 180 47.77 -91.49 -11.32
N LYS D 181 47.47 -90.26 -11.72
CA LYS D 181 48.36 -89.11 -11.47
C LYS D 181 47.51 -87.89 -11.16
N ALA D 182 48.08 -86.94 -10.43
CA ALA D 182 47.48 -85.62 -10.26
C ALA D 182 47.19 -85.01 -11.64
N PRO D 183 46.07 -84.32 -11.81
CA PRO D 183 45.16 -83.98 -10.73
C PRO D 183 44.04 -84.99 -10.50
N ILE D 184 44.22 -86.22 -10.93
CA ILE D 184 43.21 -87.29 -10.80
C ILE D 184 41.79 -86.83 -11.13
N LEU D 185 41.64 -86.23 -12.31
CA LEU D 185 40.34 -85.70 -12.75
C LEU D 185 39.32 -86.77 -13.11
N ASN D 186 39.79 -87.84 -13.75
CA ASN D 186 38.95 -88.98 -14.04
C ASN D 186 37.84 -88.62 -15.00
N ALA D 187 38.13 -87.71 -15.93
CA ALA D 187 37.21 -87.44 -17.02
C ALA D 187 37.53 -88.49 -18.09
N THR D 188 37.03 -89.70 -17.87
CA THR D 188 37.45 -90.85 -18.65
C THR D 188 37.00 -90.72 -20.10
N ALA D 189 35.81 -90.18 -20.32
CA ALA D 189 35.26 -90.09 -21.68
C ALA D 189 36.08 -89.18 -22.61
N MET D 190 36.39 -87.97 -22.16
CA MET D 190 36.99 -86.94 -23.02
C MET D 190 38.29 -86.30 -22.53
N GLY D 191 38.60 -86.42 -21.24
CA GLY D 191 39.74 -85.71 -20.64
C GLY D 191 41.08 -85.92 -21.33
N ALA D 192 41.38 -87.17 -21.65
CA ALA D 192 42.65 -87.52 -22.29
C ALA D 192 42.82 -86.81 -23.64
N TYR D 193 41.73 -86.70 -24.39
CA TYR D 193 41.73 -86.16 -25.74
C TYR D 193 41.80 -84.64 -25.78
N LEU D 194 41.04 -84.00 -24.91
CA LEU D 194 41.13 -82.55 -24.74
C LEU D 194 42.55 -82.15 -24.35
N CYS D 195 43.09 -82.81 -23.33
CA CYS D 195 44.45 -82.55 -22.85
C CYS D 195 45.48 -82.72 -23.95
N ALA D 196 45.39 -83.82 -24.70
CA ALA D 196 46.40 -84.13 -25.72
C ALA D 196 46.45 -83.04 -26.79
N LYS D 197 45.29 -82.61 -27.23
CA LYS D 197 45.17 -81.53 -28.21
C LYS D 197 45.82 -80.24 -27.72
N ASN D 198 45.55 -79.86 -26.46
CA ASN D 198 46.03 -78.58 -25.95
C ASN D 198 47.51 -78.65 -25.62
N LEU D 199 47.98 -79.82 -25.20
CA LEU D 199 49.41 -80.02 -24.93
C LEU D 199 50.29 -79.87 -26.20
N VAL D 200 49.95 -80.55 -27.29
CA VAL D 200 50.77 -80.42 -28.50
C VAL D 200 50.71 -79.01 -29.11
N THR D 201 49.60 -78.32 -28.90
CA THR D 201 49.49 -76.92 -29.31
C THR D 201 50.36 -76.05 -28.38
N ALA D 202 50.43 -76.42 -27.11
CA ALA D 202 51.26 -75.70 -26.14
C ALA D 202 52.72 -75.94 -26.44
N HIS D 203 53.03 -77.18 -26.79
CA HIS D 203 54.38 -77.53 -27.25
C HIS D 203 54.75 -76.68 -28.45
N ALA D 204 53.90 -76.69 -29.46
CA ALA D 204 54.18 -75.99 -30.71
C ALA D 204 54.40 -74.51 -30.48
N LYS D 205 53.62 -73.90 -29.60
CA LYS D 205 53.77 -72.47 -29.29
C LYS D 205 55.11 -72.18 -28.64
N ALA D 206 55.51 -73.00 -27.68
CA ALA D 206 56.79 -72.83 -27.04
C ALA D 206 57.93 -73.08 -28.06
N TYR D 207 57.76 -74.04 -28.96
CA TYR D 207 58.77 -74.32 -29.97
C TYR D 207 59.04 -73.08 -30.81
N TYR D 208 57.97 -72.57 -31.44
CA TYR D 208 58.08 -71.38 -32.25
C TYR D 208 58.64 -70.16 -31.50
N LEU D 209 58.32 -70.04 -30.21
CA LEU D 209 58.88 -68.96 -29.40
C LEU D 209 60.39 -69.14 -29.31
N TYR D 210 60.84 -70.36 -29.02
CA TYR D 210 62.28 -70.62 -28.97
C TYR D 210 62.91 -70.32 -30.31
N ASP D 211 62.26 -70.81 -31.36
CA ASP D 211 62.78 -70.71 -32.71
C ASP D 211 63.08 -69.26 -33.09
N ARG D 212 62.08 -68.40 -32.98
CA ARG D 212 62.12 -67.08 -33.58
C ARG D 212 62.91 -66.09 -32.76
N GLU D 213 62.81 -66.20 -31.44
CA GLU D 213 63.27 -65.14 -30.56
C GLU D 213 64.35 -65.56 -29.56
N PHE D 214 64.83 -66.79 -29.66
CA PHE D 214 65.89 -67.24 -28.76
C PHE D 214 67.02 -68.06 -29.39
N ARG D 215 66.72 -68.77 -30.47
CA ARG D 215 67.72 -69.59 -31.15
C ARG D 215 68.80 -68.72 -31.81
N PRO D 216 68.41 -67.67 -32.56
CA PRO D 216 69.43 -66.79 -33.14
C PRO D 216 70.50 -66.31 -32.15
N VAL D 217 70.11 -65.94 -30.93
CA VAL D 217 71.08 -65.51 -29.93
C VAL D 217 71.69 -66.71 -29.21
N GLN D 218 70.87 -67.67 -28.81
CA GLN D 218 71.35 -68.75 -27.92
C GLN D 218 71.87 -70.00 -28.63
N GLY D 219 71.38 -70.26 -29.85
CA GLY D 219 71.86 -71.35 -30.69
C GLY D 219 71.34 -72.76 -30.42
N GLY D 220 70.76 -73.01 -29.24
CA GLY D 220 70.42 -74.36 -28.77
C GLY D 220 69.27 -75.07 -29.50
N GLN D 221 68.70 -76.08 -28.85
N GLN D 221 68.68 -76.04 -28.82
CA GLN D 221 67.61 -76.84 -29.47
CA GLN D 221 67.63 -76.89 -29.38
C GLN D 221 66.41 -77.01 -28.53
C GLN D 221 66.39 -76.98 -28.50
N CYS D 222 65.23 -77.12 -29.13
CA CYS D 222 63.97 -77.37 -28.41
C CYS D 222 63.28 -78.63 -28.94
N GLY D 223 62.97 -79.57 -28.04
CA GLY D 223 62.26 -80.79 -28.42
C GLY D 223 61.21 -81.20 -27.42
N ILE D 224 60.67 -82.40 -27.60
CA ILE D 224 59.72 -82.98 -26.66
C ILE D 224 60.15 -84.41 -26.32
N THR D 225 59.74 -84.86 -25.14
CA THR D 225 59.94 -86.22 -24.67
C THR D 225 58.60 -86.99 -24.66
N ILE D 226 58.55 -88.10 -25.37
CA ILE D 226 57.36 -88.96 -25.37
C ILE D 226 57.73 -90.38 -24.94
N SER D 227 56.90 -90.97 -24.10
CA SER D 227 57.11 -92.34 -23.64
C SER D 227 56.77 -93.32 -24.76
N VAL D 228 57.75 -94.11 -25.19
CA VAL D 228 57.54 -95.06 -26.26
C VAL D 228 58.08 -96.42 -25.89
N ASN D 229 57.31 -97.14 -25.08
CA ASN D 229 57.57 -98.56 -24.88
C ASN D 229 57.16 -99.32 -26.13
N TRP D 230 57.69 -100.53 -26.31
CA TRP D 230 57.32 -101.34 -27.47
C TRP D 230 56.02 -102.10 -27.23
N PHE D 231 55.10 -101.97 -28.17
CA PHE D 231 53.85 -102.71 -28.17
C PHE D 231 53.82 -103.54 -29.43
N GLY D 232 53.94 -104.85 -29.27
CA GLY D 232 53.99 -105.77 -30.43
C GLY D 232 52.90 -106.82 -30.43
N PRO D 233 52.61 -107.42 -31.60
CA PRO D 233 51.50 -108.37 -31.68
C PRO D 233 51.73 -109.61 -30.81
N ALA D 234 50.74 -109.98 -30.00
CA ALA D 234 50.83 -111.17 -29.17
C ALA D 234 51.00 -112.44 -30.02
N THR D 235 50.34 -112.47 -31.18
CA THR D 235 50.52 -113.55 -32.16
C THR D 235 50.77 -112.91 -33.51
N PRO D 236 51.50 -113.61 -34.41
CA PRO D 236 51.71 -113.06 -35.73
C PRO D 236 50.49 -113.33 -36.62
N THR D 237 49.43 -112.57 -36.37
CA THR D 237 48.17 -112.63 -37.14
C THR D 237 47.86 -111.22 -37.61
N PRO D 238 47.01 -111.07 -38.65
CA PRO D 238 46.64 -109.72 -39.06
C PRO D 238 45.76 -108.99 -38.03
N GLU D 239 44.94 -109.76 -37.29
CA GLU D 239 44.17 -109.24 -36.18
C GLU D 239 45.05 -108.57 -35.13
N ASP D 240 46.05 -109.30 -34.67
CA ASP D 240 46.90 -108.81 -33.58
C ASP D 240 47.91 -107.75 -34.01
N GLU D 241 48.29 -107.72 -35.29
CA GLU D 241 49.08 -106.60 -35.82
C GLU D 241 48.23 -105.34 -35.82
N MET D 242 47.00 -105.43 -36.29
CA MET D 242 46.09 -104.30 -36.23
C MET D 242 45.92 -103.82 -34.78
N ALA D 243 45.73 -104.75 -33.86
CA ALA D 243 45.56 -104.39 -32.46
C ALA D 243 46.76 -103.64 -31.90
N ALA D 244 47.95 -104.14 -32.20
CA ALA D 244 49.18 -103.57 -31.67
C ALA D 244 49.43 -102.20 -32.27
N GLU D 245 49.04 -102.00 -33.52
CA GLU D 245 49.09 -100.67 -34.09
C GLU D 245 48.12 -99.72 -33.40
N LEU D 246 46.90 -100.15 -33.16
CA LEU D 246 45.95 -99.27 -32.47
C LEU D 246 46.49 -98.90 -31.10
N ARG D 247 47.01 -99.89 -30.37
CA ARG D 247 47.55 -99.67 -29.03
C ARG D 247 48.72 -98.66 -29.02
N ARG D 248 49.63 -98.75 -29.98
CA ARG D 248 50.72 -97.80 -30.08
C ARG D 248 50.17 -96.39 -30.39
N GLN D 249 49.24 -96.32 -31.34
CA GLN D 249 48.55 -95.06 -31.66
C GLN D 249 47.88 -94.49 -30.42
N GLY D 250 47.21 -95.35 -29.67
CA GLY D 250 46.59 -94.96 -28.41
C GLY D 250 47.58 -94.53 -27.35
N GLU D 251 48.68 -95.26 -27.20
CA GLU D 251 49.63 -95.05 -26.09
C GLU D 251 50.61 -93.90 -26.30
N TRP D 252 51.02 -93.67 -27.55
CA TRP D 252 51.94 -92.56 -27.87
C TRP D 252 51.71 -91.90 -29.22
N GLY D 253 51.02 -92.57 -30.13
CA GLY D 253 50.74 -91.99 -31.46
C GLY D 253 49.98 -90.68 -31.42
N ILE D 254 48.98 -90.59 -30.55
CA ILE D 254 48.17 -89.37 -30.45
C ILE D 254 49.01 -88.14 -30.13
N TYR D 255 50.07 -88.33 -29.38
CA TYR D 255 50.98 -87.25 -28.99
C TYR D 255 52.11 -87.00 -29.99
N ALA D 256 52.64 -88.09 -30.57
CA ALA D 256 53.79 -87.99 -31.48
C ALA D 256 53.36 -87.57 -32.86
N HIS D 257 52.27 -88.17 -33.35
CA HIS D 257 51.88 -88.02 -34.73
C HIS D 257 51.68 -86.56 -35.15
N PRO D 258 51.02 -85.76 -34.32
CA PRO D 258 50.80 -84.35 -34.69
C PRO D 258 52.07 -83.55 -34.87
N ILE D 259 53.10 -83.86 -34.08
CA ILE D 259 54.33 -83.10 -34.10
C ILE D 259 55.31 -83.61 -35.18
N PHE D 260 55.41 -84.93 -35.30
CA PHE D 260 56.47 -85.57 -36.05
C PHE D 260 56.08 -86.16 -37.41
N SER D 261 54.79 -86.24 -37.72
CA SER D 261 54.34 -86.82 -39.01
C SER D 261 54.36 -85.77 -40.12
N ALA D 262 54.35 -86.24 -41.36
CA ALA D 262 54.31 -85.34 -42.52
C ALA D 262 52.93 -84.70 -42.68
N GLU D 263 51.88 -85.47 -42.43
CA GLU D 263 50.51 -84.95 -42.52
C GLU D 263 50.18 -84.03 -41.35
N GLY D 264 50.59 -84.47 -40.16
CA GLY D 264 50.13 -83.85 -38.93
C GLY D 264 48.78 -84.42 -38.53
N GLY D 265 48.21 -83.90 -37.47
CA GLY D 265 46.95 -84.39 -36.95
C GLY D 265 47.12 -85.64 -36.11
N PHE D 266 46.00 -86.22 -35.71
CA PHE D 266 46.01 -87.41 -34.90
C PHE D 266 46.16 -88.62 -35.83
N PRO D 267 46.60 -89.78 -35.30
CA PRO D 267 46.67 -91.00 -36.12
C PRO D 267 45.32 -91.40 -36.72
N LYS D 268 45.35 -91.79 -37.98
CA LYS D 268 44.13 -92.02 -38.75
C LYS D 268 43.32 -93.22 -38.23
N GLU D 269 43.99 -94.33 -38.00
CA GLU D 269 43.30 -95.58 -37.65
C GLU D 269 42.52 -95.40 -36.33
N LEU D 270 43.21 -94.85 -35.33
CA LEU D 270 42.60 -94.64 -34.02
C LEU D 270 41.51 -93.57 -34.07
N SER D 271 41.79 -92.49 -34.79
CA SER D 271 40.81 -91.41 -35.00
C SER D 271 39.46 -91.91 -35.51
N ASP D 272 39.48 -92.82 -36.47
CA ASP D 272 38.25 -93.37 -37.03
C ASP D 272 37.56 -94.35 -36.08
N LYS D 273 38.32 -95.07 -35.26
CA LYS D 273 37.71 -95.96 -34.29
C LYS D 273 36.99 -95.16 -33.19
N ILE D 274 37.63 -94.07 -32.74
CA ILE D 274 37.05 -93.19 -31.73
C ILE D 274 35.79 -92.48 -32.25
N ALA D 275 35.81 -92.04 -33.50
CA ALA D 275 34.60 -91.45 -34.13
C ALA D 275 33.43 -92.44 -34.24
N GLU D 276 33.75 -93.69 -34.56
CA GLU D 276 32.73 -94.74 -34.62
C GLU D 276 32.12 -94.99 -33.24
N LYS D 277 32.99 -95.06 -32.24
CA LYS D 277 32.53 -95.37 -30.88
C LYS D 277 31.72 -94.19 -30.32
N SER D 278 32.17 -92.98 -30.60
CA SER D 278 31.51 -91.76 -30.17
C SER D 278 30.10 -91.67 -30.74
N ALA D 279 30.00 -91.96 -32.03
CA ALA D 279 28.72 -91.96 -32.74
C ALA D 279 27.73 -92.94 -32.09
N GLN D 280 28.17 -94.18 -31.86
CA GLN D 280 27.29 -95.18 -31.25
C GLN D 280 27.01 -94.90 -29.77
N GLN D 281 27.85 -94.09 -29.12
CA GLN D 281 27.60 -93.69 -27.73
C GLN D 281 26.69 -92.45 -27.64
N GLY D 282 26.29 -91.93 -28.79
CA GLY D 282 25.32 -90.86 -28.83
C GLY D 282 25.89 -89.46 -28.86
N TYR D 283 27.22 -89.32 -28.88
CA TYR D 283 27.82 -87.99 -28.97
C TYR D 283 27.54 -87.38 -30.34
N PRO D 284 27.28 -86.07 -30.39
CA PRO D 284 27.09 -85.37 -31.67
C PRO D 284 28.37 -85.13 -32.47
N TRP D 285 29.53 -85.38 -31.85
CA TRP D 285 30.83 -85.23 -32.51
C TRP D 285 31.74 -86.31 -31.95
N SER D 286 32.94 -86.46 -32.51
CA SER D 286 33.90 -87.41 -31.95
C SER D 286 34.47 -86.84 -30.67
N ARG D 287 34.68 -87.72 -29.70
CA ARG D 287 35.33 -87.30 -28.47
C ARG D 287 36.79 -86.91 -28.73
N LEU D 288 37.32 -87.30 -29.88
CA LEU D 288 38.60 -86.79 -30.37
C LEU D 288 38.32 -85.68 -31.37
N PRO D 289 38.81 -84.47 -31.09
CA PRO D 289 38.64 -83.42 -32.09
C PRO D 289 39.59 -83.59 -33.28
N GLU D 290 39.07 -83.58 -34.51
CA GLU D 290 39.93 -83.49 -35.70
C GLU D 290 40.62 -82.13 -35.72
N PHE D 291 41.90 -82.13 -36.05
CA PHE D 291 42.61 -80.89 -36.31
C PHE D 291 42.01 -80.31 -37.60
N THR D 292 42.03 -78.98 -37.75
CA THR D 292 41.82 -78.35 -39.06
C THR D 292 43.15 -78.41 -39.82
N GLU D 293 43.12 -78.05 -41.10
CA GLU D 293 44.35 -78.01 -41.92
C GLU D 293 45.41 -77.10 -41.31
N GLU D 294 44.96 -75.98 -40.76
CA GLU D 294 45.84 -74.92 -40.29
C GLU D 294 46.46 -75.30 -38.95
N GLU D 295 45.67 -75.99 -38.12
CA GLU D 295 46.15 -76.54 -36.86
C GLU D 295 47.17 -77.66 -37.12
N LYS D 296 46.89 -78.46 -38.15
CA LYS D 296 47.82 -79.49 -38.62
C LYS D 296 49.14 -78.89 -39.07
N ALA D 297 49.08 -77.88 -39.93
CA ALA D 297 50.28 -77.15 -40.36
C ALA D 297 51.00 -76.58 -39.16
N PHE D 298 50.25 -75.94 -38.28
CA PHE D 298 50.84 -75.26 -37.14
C PHE D 298 51.64 -76.17 -36.22
N VAL D 299 51.14 -77.37 -35.95
CA VAL D 299 51.75 -78.26 -34.97
C VAL D 299 52.80 -79.19 -35.61
N ARG D 300 52.61 -79.57 -36.87
CA ARG D 300 53.59 -80.44 -37.53
C ARG D 300 54.90 -79.70 -37.85
N GLY D 301 56.03 -80.38 -37.62
CA GLY D 301 57.36 -79.83 -37.85
C GLY D 301 57.99 -79.16 -36.64
N THR D 302 57.38 -79.32 -35.46
CA THR D 302 57.71 -78.44 -34.34
C THR D 302 58.61 -79.07 -33.29
N SER D 303 59.55 -79.91 -33.71
CA SER D 303 60.52 -80.46 -32.77
C SER D 303 61.86 -80.70 -33.43
N ASP D 304 62.93 -80.28 -32.77
CA ASP D 304 64.30 -80.46 -33.27
C ASP D 304 64.75 -81.89 -33.08
N PHE D 305 64.27 -82.53 -32.02
CA PHE D 305 64.56 -83.92 -31.76
C PHE D 305 63.38 -84.64 -31.12
N PHE D 306 63.44 -85.96 -31.17
CA PHE D 306 62.45 -86.83 -30.59
C PHE D 306 63.08 -87.43 -29.35
N GLY D 307 62.72 -86.91 -28.18
CA GLY D 307 63.13 -87.53 -26.91
C GLY D 307 62.27 -88.74 -26.59
N VAL D 308 62.91 -89.86 -26.27
CA VAL D 308 62.22 -91.11 -26.05
C VAL D 308 62.43 -91.56 -24.63
N ASN D 309 61.35 -91.65 -23.87
CA ASN D 309 61.36 -92.37 -22.62
C ASN D 309 60.97 -93.80 -22.93
N HIS D 310 61.88 -94.74 -22.69
CA HIS D 310 61.61 -96.14 -22.95
C HIS D 310 62.08 -96.99 -21.80
N TYR D 311 61.23 -97.92 -21.39
CA TYR D 311 61.60 -98.88 -20.37
C TYR D 311 61.47 -100.35 -20.80
N THR D 312 60.47 -100.69 -21.59
CA THR D 312 60.10 -102.10 -21.73
C THR D 312 59.25 -102.38 -22.96
N ALA D 313 58.72 -103.59 -23.03
CA ALA D 313 57.85 -103.97 -24.13
C ALA D 313 56.60 -104.65 -23.61
N PHE D 314 55.64 -104.77 -24.52
CA PHE D 314 54.35 -105.38 -24.22
C PHE D 314 53.86 -106.20 -25.39
N LEU D 315 53.15 -107.28 -25.05
CA LEU D 315 52.43 -108.10 -26.03
C LEU D 315 50.97 -107.65 -26.08
N VAL D 316 50.45 -107.42 -27.28
CA VAL D 316 49.09 -106.90 -27.45
C VAL D 316 48.17 -107.83 -28.26
N SER D 317 46.98 -108.08 -27.73
CA SER D 317 45.99 -108.98 -28.34
C SER D 317 44.68 -108.28 -28.65
N ALA D 318 44.09 -108.63 -29.78
CA ALA D 318 42.79 -108.13 -30.18
C ALA D 318 41.64 -108.70 -29.33
N THR D 319 41.81 -109.90 -28.76
CA THR D 319 40.71 -110.56 -28.04
C THR D 319 41.02 -110.91 -26.59
N GLU D 320 42.28 -111.08 -26.22
CA GLU D 320 42.65 -111.70 -24.93
C GLU D 320 43.15 -110.73 -23.86
N ARG D 321 42.94 -111.11 -22.60
CA ARG D 321 43.45 -110.41 -21.43
C ARG D 321 43.11 -108.91 -21.31
N LYS D 322 42.12 -108.44 -22.05
CA LYS D 322 41.73 -107.04 -21.98
C LYS D 322 40.90 -106.82 -20.73
N GLY D 323 41.54 -106.34 -19.66
CA GLY D 323 40.84 -106.08 -18.41
C GLY D 323 39.76 -105.05 -18.68
N PRO D 324 38.50 -105.33 -18.29
CA PRO D 324 37.43 -104.36 -18.53
C PRO D 324 37.79 -102.93 -18.15
N TYR D 325 37.60 -101.99 -19.09
CA TYR D 325 38.00 -100.61 -18.90
C TYR D 325 36.75 -99.75 -18.71
N PRO D 326 36.91 -98.54 -18.16
CA PRO D 326 35.78 -97.62 -18.10
C PRO D 326 35.21 -97.40 -19.49
N VAL D 327 33.91 -97.11 -19.56
CA VAL D 327 33.26 -96.79 -20.82
C VAL D 327 32.50 -95.46 -20.63
N PRO D 328 32.67 -94.49 -21.53
CA PRO D 328 33.70 -94.51 -22.56
C PRO D 328 35.06 -94.20 -21.97
N SER D 329 36.12 -94.61 -22.66
CA SER D 329 37.49 -94.30 -22.25
C SER D 329 38.45 -94.57 -23.40
N LEU D 330 39.70 -94.14 -23.26
CA LEU D 330 40.70 -94.35 -24.30
C LEU D 330 41.03 -95.83 -24.50
N LEU D 331 41.23 -96.57 -23.41
CA LEU D 331 41.53 -98.00 -23.55
C LEU D 331 40.35 -98.78 -24.10
N ASP D 332 39.11 -98.40 -23.76
CA ASP D 332 37.95 -99.03 -24.40
C ASP D 332 37.86 -98.77 -25.91
N ASP D 333 38.32 -97.59 -26.35
CA ASP D 333 38.29 -97.22 -27.77
C ASP D 333 39.35 -97.95 -28.59
N VAL D 334 40.50 -98.18 -27.98
CA VAL D 334 41.56 -98.99 -28.59
C VAL D 334 41.09 -100.44 -28.62
N ASP D 335 40.56 -100.89 -27.48
CA ASP D 335 39.92 -102.20 -27.35
C ASP D 335 40.88 -103.37 -27.52
N THR D 336 41.94 -103.38 -26.72
CA THR D 336 42.96 -104.41 -26.75
C THR D 336 43.28 -104.85 -25.34
N GLY D 337 43.95 -105.99 -25.24
CA GLY D 337 44.58 -106.42 -24.00
C GLY D 337 46.10 -106.39 -24.19
N SER D 338 46.81 -106.22 -23.09
CA SER D 338 48.27 -106.07 -23.15
C SER D 338 48.89 -106.63 -21.89
N TRP D 339 50.01 -107.32 -22.06
CA TRP D 339 50.76 -107.87 -20.95
C TRP D 339 52.24 -108.04 -21.30
N ALA D 340 53.02 -108.36 -20.29
CA ALA D 340 54.43 -108.66 -20.44
C ALA D 340 54.61 -110.18 -20.52
N ASP D 341 55.45 -110.64 -21.45
CA ASP D 341 55.86 -112.04 -21.46
C ASP D 341 56.32 -112.42 -20.06
N ASP D 342 55.71 -113.45 -19.49
CA ASP D 342 55.93 -113.80 -18.08
C ASP D 342 57.36 -114.25 -17.74
N SER D 343 58.10 -114.75 -18.73
CA SER D 343 59.48 -115.16 -18.50
C SER D 343 60.43 -113.98 -18.32
N TRP D 344 60.05 -112.80 -18.83
CA TRP D 344 60.90 -111.61 -18.68
C TRP D 344 61.16 -111.26 -17.24
N LEU D 345 62.36 -110.75 -16.97
CA LEU D 345 62.80 -110.44 -15.62
C LEU D 345 61.90 -109.34 -15.04
N LYS D 346 61.49 -109.52 -13.79
CA LYS D 346 60.57 -108.61 -13.11
C LYS D 346 61.28 -107.63 -12.17
N SER D 347 60.84 -106.37 -12.21
CA SER D 347 61.35 -105.31 -11.33
C SER D 347 60.46 -105.20 -10.11
N ALA D 348 60.61 -104.12 -9.34
CA ALA D 348 59.71 -103.82 -8.24
C ALA D 348 58.41 -103.17 -8.72
N SER D 349 58.32 -102.82 -10.01
CA SER D 349 57.15 -102.18 -10.57
C SER D 349 56.45 -103.11 -11.56
N ALA D 350 55.18 -103.43 -11.30
CA ALA D 350 54.44 -104.40 -12.12
C ALA D 350 54.50 -104.15 -13.64
N TRP D 351 54.48 -102.89 -14.05
CA TRP D 351 54.51 -102.54 -15.47
C TRP D 351 55.89 -102.70 -16.11
N LEU D 352 56.94 -102.78 -15.30
CA LEU D 352 58.33 -102.76 -15.79
C LEU D 352 59.01 -104.12 -15.75
N THR D 353 59.41 -104.60 -16.92
CA THR D 353 60.18 -105.83 -17.04
C THR D 353 61.36 -105.61 -17.98
N LEU D 354 62.35 -106.51 -17.89
CA LEU D 354 63.49 -106.51 -18.80
C LEU D 354 63.08 -107.24 -20.07
N ALA D 355 62.87 -106.46 -21.13
CA ALA D 355 62.41 -106.99 -22.41
C ALA D 355 63.56 -106.85 -23.39
N PRO D 356 64.08 -108.00 -23.86
CA PRO D 356 65.36 -108.01 -24.54
C PRO D 356 65.33 -107.19 -25.82
N ASN D 357 66.30 -106.29 -25.93
CA ASN D 357 66.46 -105.40 -27.07
C ASN D 357 65.28 -104.46 -27.31
N SER D 358 64.52 -104.17 -26.27
CA SER D 358 63.30 -103.36 -26.45
C SER D 358 63.55 -101.94 -26.99
N ILE D 359 64.66 -101.31 -26.61
CA ILE D 359 64.97 -99.98 -27.13
C ILE D 359 65.04 -99.96 -28.66
N HIS D 360 65.82 -100.89 -29.22
CA HIS D 360 66.04 -100.98 -30.66
C HIS D 360 64.73 -101.30 -31.39
N THR D 361 63.96 -102.23 -30.86
CA THR D 361 62.66 -102.54 -31.43
C THR D 361 61.81 -101.25 -31.56
N ALA D 362 61.68 -100.53 -30.45
CA ALA D 362 60.87 -99.31 -30.42
C ALA D 362 61.41 -98.23 -31.36
N LEU D 363 62.70 -97.89 -31.21
CA LEU D 363 63.32 -96.86 -32.05
C LEU D 363 63.27 -97.13 -33.54
N THR D 364 63.49 -98.38 -33.92
CA THR D 364 63.45 -98.75 -35.34
C THR D 364 62.10 -98.39 -35.94
N HIS D 365 61.03 -98.75 -35.21
CA HIS D 365 59.68 -98.43 -35.65
C HIS D 365 59.52 -96.91 -35.81
N LEU D 366 60.01 -96.15 -34.82
CA LEU D 366 59.92 -94.69 -34.87
C LEU D 366 60.71 -94.13 -36.04
N ASN D 367 61.91 -94.68 -36.26
CA ASN D 367 62.78 -94.21 -37.34
C ASN D 367 62.17 -94.33 -38.73
N ASN D 368 61.40 -95.39 -38.97
CA ASN D 368 60.75 -95.60 -40.26
C ASN D 368 59.47 -94.78 -40.40
N LEU D 369 58.71 -94.69 -39.31
CA LEU D 369 57.43 -94.00 -39.31
C LEU D 369 57.59 -92.48 -39.49
N TYR D 370 58.56 -91.86 -38.80
CA TYR D 370 58.73 -90.40 -38.86
C TYR D 370 60.03 -89.91 -39.50
N ASN D 371 60.39 -90.49 -40.63
CA ASN D 371 61.49 -89.96 -41.46
C ASN D 371 62.79 -89.61 -40.70
N LYS D 372 63.35 -90.59 -40.00
CA LYS D 372 64.72 -90.48 -39.45
C LYS D 372 64.99 -89.22 -38.62
N PRO D 373 64.34 -89.09 -37.47
CA PRO D 373 64.65 -87.95 -36.64
C PRO D 373 65.90 -88.17 -35.78
N VAL D 374 66.28 -87.11 -35.08
CA VAL D 374 67.32 -87.15 -34.06
C VAL D 374 66.70 -87.65 -32.76
N PHE D 375 67.27 -88.69 -32.17
CA PHE D 375 66.70 -89.29 -30.98
C PHE D 375 67.59 -89.10 -29.77
N TYR D 376 66.97 -89.07 -28.59
CA TYR D 376 67.68 -89.23 -27.34
C TYR D 376 66.87 -90.18 -26.49
N ILE D 377 67.53 -91.02 -25.71
CA ILE D 377 66.87 -91.75 -24.67
C ILE D 377 66.93 -90.88 -23.42
N THR D 378 65.79 -90.29 -23.08
CA THR D 378 65.74 -89.34 -21.98
C THR D 378 65.38 -89.99 -20.65
N GLU D 379 64.94 -91.25 -20.67
CA GLU D 379 64.72 -92.04 -19.46
C GLU D 379 64.81 -93.53 -19.75
N ASN D 380 65.44 -94.26 -18.84
CA ASN D 380 65.57 -95.71 -18.91
C ASN D 380 66.14 -96.20 -17.57
N GLY D 381 65.50 -97.18 -16.96
CA GLY D 381 65.93 -97.58 -15.62
C GLY D 381 65.16 -98.71 -15.01
N TRP D 382 65.62 -99.12 -13.83
CA TRP D 382 65.12 -100.31 -13.15
C TRP D 382 64.71 -99.91 -11.76
N SER D 383 63.66 -100.55 -11.24
CA SER D 383 63.20 -100.27 -9.89
C SER D 383 63.48 -101.46 -9.01
N THR D 384 63.88 -101.18 -7.77
CA THR D 384 64.11 -102.20 -6.76
C THR D 384 63.26 -101.87 -5.55
N ASP D 385 62.82 -102.91 -4.83
CA ASP D 385 61.96 -102.73 -3.65
C ASP D 385 62.76 -102.24 -2.44
N GLU D 386 62.19 -101.29 -1.70
CA GLU D 386 62.89 -100.63 -0.59
C GLU D 386 63.24 -101.59 0.55
N SER D 387 62.42 -102.63 0.73
CA SER D 387 62.49 -103.48 1.91
C SER D 387 63.63 -104.52 1.90
N ARG D 388 64.19 -104.83 0.73
CA ARG D 388 65.24 -105.86 0.68
C ARG D 388 66.55 -105.34 1.28
N GLU D 389 67.23 -106.18 2.07
CA GLU D 389 68.54 -105.82 2.62
C GLU D 389 69.61 -106.06 1.56
N ASN D 390 70.78 -105.44 1.76
CA ASN D 390 71.83 -105.43 0.75
C ASN D 390 71.31 -104.66 -0.44
N SER D 391 70.58 -103.59 -0.13
CA SER D 391 69.97 -102.73 -1.12
C SER D 391 71.00 -102.08 -2.03
N LEU D 392 72.26 -102.05 -1.58
CA LEU D 392 73.34 -101.51 -2.41
C LEU D 392 73.75 -102.47 -3.53
N ILE D 393 73.58 -103.77 -3.29
CA ILE D 393 73.96 -104.80 -4.28
C ILE D 393 72.79 -105.12 -5.19
N ASP D 394 72.84 -104.61 -6.42
CA ASP D 394 71.69 -104.61 -7.33
C ASP D 394 72.07 -105.21 -8.69
N ASP D 395 72.27 -106.51 -8.67
CA ASP D 395 72.68 -107.25 -9.86
C ASP D 395 71.59 -107.21 -10.94
N ASP D 396 70.34 -107.26 -10.51
CA ASP D 396 69.21 -107.14 -11.46
C ASP D 396 69.22 -105.79 -12.18
N ARG D 397 69.52 -104.71 -11.46
CA ARG D 397 69.63 -103.39 -12.11
C ARG D 397 70.82 -103.37 -13.08
N ILE D 398 71.94 -103.93 -12.64
CA ILE D 398 73.16 -104.01 -13.48
C ILE D 398 72.89 -104.73 -14.79
N GLN D 399 72.19 -105.84 -14.69
CA GLN D 399 71.81 -106.63 -15.85
C GLN D 399 70.89 -105.84 -16.79
N TYR D 400 69.89 -105.18 -16.21
CA TYR D 400 68.96 -104.35 -16.97
C TYR D 400 69.74 -103.27 -17.74
N TYR D 401 70.70 -102.63 -17.07
CA TYR D 401 71.44 -101.55 -17.71
C TYR D 401 72.36 -102.04 -18.84
N ARG D 402 73.04 -103.16 -18.61
N ARG D 402 73.04 -103.15 -18.62
CA ARG D 402 73.93 -103.75 -19.61
CA ARG D 402 73.95 -103.69 -19.64
C ARG D 402 73.15 -104.10 -20.88
C ARG D 402 73.16 -104.11 -20.89
N ALA D 403 72.01 -104.74 -20.69
CA ALA D 403 71.10 -105.06 -21.80
C ALA D 403 70.68 -103.80 -22.57
N SER D 404 70.38 -102.72 -21.85
CA SER D 404 70.04 -101.44 -22.49
C SER D 404 71.18 -100.90 -23.33
N MET D 405 72.40 -100.99 -22.81
CA MET D 405 73.59 -100.59 -23.56
C MET D 405 73.75 -101.38 -24.85
N GLU D 406 73.50 -102.70 -24.81
CA GLU D 406 73.59 -103.51 -26.04
C GLU D 406 72.60 -103.05 -27.09
N SER D 407 71.40 -102.67 -26.66
CA SER D 407 70.36 -102.25 -27.60
CA SER D 407 70.37 -102.23 -27.59
C SER D 407 70.73 -100.91 -28.24
N LEU D 408 71.35 -100.01 -27.48
CA LEU D 408 71.81 -98.72 -27.99
C LEU D 408 72.81 -98.94 -29.10
N LEU D 409 73.80 -99.78 -28.78
CA LEU D 409 74.79 -100.20 -29.76
C LEU D 409 74.11 -100.82 -30.97
N ASN D 410 73.08 -101.63 -30.74
CA ASN D 410 72.30 -102.17 -31.86
C ASN D 410 71.69 -101.08 -32.73
N CYS D 411 71.20 -99.99 -32.12
CA CYS D 411 70.62 -98.88 -32.89
C CYS D 411 71.70 -98.13 -33.65
N LEU D 412 72.84 -97.93 -33.01
CA LEU D 412 73.91 -97.15 -33.59
C LEU D 412 74.51 -97.80 -34.83
N ASP D 413 74.86 -99.07 -34.73
CA ASP D 413 75.57 -99.72 -35.85
C ASP D 413 74.68 -100.15 -37.02
N ASP D 414 73.40 -99.78 -36.99
CA ASP D 414 72.61 -99.75 -38.23
C ASP D 414 71.93 -98.40 -38.44
N GLY D 415 72.63 -97.33 -38.05
CA GLY D 415 72.36 -95.98 -38.55
C GLY D 415 71.18 -95.19 -37.98
N ILE D 416 70.68 -95.57 -36.80
CA ILE D 416 69.65 -94.77 -36.14
C ILE D 416 70.32 -93.56 -35.48
N ASN D 417 69.85 -92.36 -35.82
CA ASN D 417 70.48 -91.15 -35.34
C ASN D 417 70.21 -90.91 -33.85
N LEU D 418 70.96 -91.65 -33.03
CA LEU D 418 70.81 -91.65 -31.59
C LEU D 418 72.00 -90.93 -30.91
N LYS D 419 71.73 -89.81 -30.28
CA LYS D 419 72.81 -88.93 -29.79
C LYS D 419 73.05 -88.92 -28.27
N GLY D 420 72.29 -89.69 -27.49
CA GLY D 420 72.47 -89.69 -26.05
C GLY D 420 71.54 -90.56 -25.24
N TYR D 421 71.86 -90.76 -23.97
CA TYR D 421 71.17 -91.70 -23.11
C TYR D 421 71.16 -91.19 -21.66
N MET D 422 69.98 -91.06 -21.05
CA MET D 422 69.87 -90.65 -19.64
C MET D 422 69.32 -91.76 -18.77
N ALA D 423 70.07 -92.15 -17.76
CA ALA D 423 69.60 -93.13 -16.78
C ALA D 423 68.58 -92.54 -15.80
N TRP D 424 67.51 -93.27 -15.54
CA TRP D 424 66.55 -92.92 -14.50
C TRP D 424 66.75 -93.82 -13.29
N SER D 425 67.29 -93.32 -12.19
CA SER D 425 67.59 -91.92 -11.96
C SER D 425 68.93 -91.82 -11.23
N LEU D 426 69.50 -90.62 -11.22
CA LEU D 426 70.65 -90.36 -10.37
C LEU D 426 70.49 -90.94 -8.97
N MET D 427 69.31 -90.79 -8.38
CA MET D 427 69.08 -91.20 -7.01
C MET D 427 67.64 -91.57 -6.73
N ASP D 428 67.44 -92.24 -5.61
CA ASP D 428 66.12 -92.56 -5.13
C ASP D 428 65.33 -91.26 -4.91
N ASN D 429 64.07 -91.27 -5.35
CA ASN D 429 63.24 -90.09 -5.31
C ASN D 429 61.77 -90.46 -5.05
N PHE D 430 60.90 -89.44 -4.95
CA PHE D 430 59.49 -89.67 -4.69
C PHE D 430 58.87 -90.22 -5.96
N GLU D 431 58.44 -91.48 -5.95
CA GLU D 431 57.91 -92.11 -7.17
C GLU D 431 56.38 -92.03 -7.23
N TRP D 432 55.89 -90.80 -7.28
CA TRP D 432 54.49 -90.50 -7.47
C TRP D 432 53.59 -91.36 -6.59
N MET D 433 52.57 -92.02 -7.15
CA MET D 433 51.63 -92.79 -6.34
C MET D 433 52.25 -93.96 -5.55
N GLU D 434 53.49 -94.32 -5.88
CA GLU D 434 54.19 -95.40 -5.18
C GLU D 434 54.98 -94.89 -3.98
N GLY D 435 55.35 -93.60 -4.04
CA GLY D 435 56.09 -92.98 -2.96
C GLY D 435 57.53 -93.44 -2.92
N TYR D 436 57.91 -94.07 -1.82
CA TYR D 436 59.29 -94.52 -1.62
C TYR D 436 59.39 -96.05 -1.56
N ILE D 437 58.40 -96.75 -2.08
CA ILE D 437 58.46 -98.21 -2.16
C ILE D 437 59.40 -98.61 -3.30
N GLU D 438 59.17 -98.05 -4.49
CA GLU D 438 59.97 -98.37 -5.66
C GLU D 438 61.16 -97.42 -5.79
N ARG D 439 62.37 -97.97 -5.71
CA ARG D 439 63.62 -97.21 -5.78
C ARG D 439 64.30 -97.35 -7.14
N PHE D 440 64.51 -96.22 -7.82
CA PHE D 440 65.11 -96.19 -9.16
C PHE D 440 66.54 -95.65 -9.16
N GLY D 441 67.10 -95.42 -7.98
CA GLY D 441 68.36 -94.70 -7.87
C GLY D 441 69.62 -95.53 -8.07
N LEU D 442 70.53 -94.99 -8.87
CA LEU D 442 71.93 -95.42 -8.87
C LEU D 442 72.53 -95.21 -7.47
N TYR D 443 72.11 -94.10 -6.85
CA TYR D 443 72.39 -93.82 -5.45
C TYR D 443 71.16 -94.07 -4.59
N GLU D 444 71.34 -94.79 -3.50
CA GLU D 444 70.29 -95.01 -2.52
C GLU D 444 70.19 -93.80 -1.61
N VAL D 445 68.97 -93.43 -1.21
CA VAL D 445 68.75 -92.34 -0.24
C VAL D 445 68.10 -92.89 1.04
N ASP D 446 68.57 -92.39 2.19
CA ASP D 446 67.95 -92.72 3.47
C ASP D 446 66.88 -91.67 3.79
N PHE D 447 65.62 -92.02 3.53
CA PHE D 447 64.52 -91.07 3.65
C PHE D 447 64.07 -90.85 5.10
N SER D 448 64.61 -91.65 6.01
CA SER D 448 64.40 -91.42 7.43
C SER D 448 65.56 -90.64 8.03
N ASP D 449 66.37 -90.00 7.17
CA ASP D 449 67.60 -89.36 7.60
C ASP D 449 67.58 -87.90 7.22
N PRO D 450 67.66 -86.98 8.21
CA PRO D 450 67.56 -85.53 7.95
C PRO D 450 68.50 -85.01 6.86
N ALA D 451 69.72 -85.55 6.80
CA ALA D 451 70.67 -85.16 5.75
C ALA D 451 70.30 -85.79 4.40
N ARG D 452 69.46 -86.84 4.45
CA ARG D 452 68.99 -87.55 3.26
C ARG D 452 70.21 -88.08 2.51
N THR D 453 71.03 -88.83 3.25
CA THR D 453 72.32 -89.28 2.76
C THR D 453 72.11 -90.13 1.51
N ARG D 454 72.91 -89.83 0.48
CA ARG D 454 73.01 -90.65 -0.73
C ARG D 454 74.24 -91.55 -0.66
N THR D 455 74.06 -92.84 -0.94
CA THR D 455 75.15 -93.82 -0.95
C THR D 455 75.04 -94.69 -2.23
N PRO D 456 76.15 -94.81 -2.98
CA PRO D 456 76.11 -95.47 -4.30
C PRO D 456 75.77 -96.97 -4.24
N ARG D 457 74.90 -97.40 -5.14
CA ARG D 457 74.65 -98.83 -5.33
C ARG D 457 75.72 -99.39 -6.26
N LYS D 458 75.84 -100.71 -6.28
CA LYS D 458 76.81 -101.38 -7.15
C LYS D 458 76.69 -100.89 -8.60
N ALA D 459 75.45 -100.77 -9.08
CA ALA D 459 75.21 -100.35 -10.47
C ALA D 459 75.78 -98.99 -10.81
N ALA D 460 75.94 -98.13 -9.81
CA ALA D 460 76.55 -96.79 -10.02
C ALA D 460 77.99 -96.92 -10.57
N PHE D 461 78.73 -97.85 -9.98
CA PHE D 461 80.09 -98.14 -10.40
C PHE D 461 80.10 -98.75 -11.79
N VAL D 462 79.21 -99.70 -12.01
CA VAL D 462 79.11 -100.33 -13.33
C VAL D 462 78.81 -99.26 -14.38
N TYR D 463 77.90 -98.33 -14.08
CA TYR D 463 77.55 -97.27 -15.03
C TYR D 463 78.73 -96.34 -15.31
N LYS D 464 79.41 -95.93 -14.25
CA LYS D 464 80.61 -95.12 -14.34
C LYS D 464 81.60 -95.79 -15.30
N HIS D 465 81.90 -97.05 -15.00
CA HIS D 465 82.82 -97.87 -15.79
C HIS D 465 82.49 -97.81 -17.28
N ILE D 466 81.22 -98.04 -17.61
CA ILE D 466 80.74 -97.98 -19.00
C ILE D 466 80.97 -96.62 -19.61
N ILE D 467 80.73 -95.56 -18.83
CA ILE D 467 80.95 -94.19 -19.30
C ILE D 467 82.43 -93.93 -19.53
N LYS D 468 83.26 -94.39 -18.59
CA LYS D 468 84.71 -94.27 -18.67
C LYS D 468 85.32 -94.98 -19.89
N HIS D 469 84.94 -96.24 -20.09
CA HIS D 469 85.58 -97.08 -21.10
C HIS D 469 84.79 -97.25 -22.42
N ARG D 470 83.56 -96.73 -22.45
CA ARG D 470 82.72 -96.70 -23.66
C ARG D 470 82.35 -98.09 -24.20
N VAL D 471 82.36 -99.09 -23.33
CA VAL D 471 82.09 -100.46 -23.72
C VAL D 471 81.42 -101.16 -22.57
N VAL D 472 80.65 -102.19 -22.90
CA VAL D 472 79.99 -103.02 -21.92
C VAL D 472 80.86 -104.23 -21.71
N ASP D 473 81.36 -104.41 -20.50
CA ASP D 473 82.28 -105.50 -20.16
C ASP D 473 81.70 -106.35 -19.06
N TYR D 474 81.22 -107.54 -19.41
CA TYR D 474 80.40 -108.34 -18.50
C TYR D 474 81.16 -108.96 -17.34
N GLU D 475 82.49 -108.92 -17.39
CA GLU D 475 83.30 -109.51 -16.33
C GLU D 475 83.67 -108.49 -15.26
N TYR D 476 83.59 -107.19 -15.57
CA TYR D 476 83.85 -106.16 -14.57
C TYR D 476 82.88 -106.24 -13.41
N GLU D 477 83.42 -106.26 -12.21
CA GLU D 477 82.66 -105.96 -11.02
C GLU D 477 83.48 -104.96 -10.23
N PRO D 478 82.79 -104.07 -9.50
CA PRO D 478 83.50 -103.04 -8.76
C PRO D 478 84.29 -103.62 -7.60
N GLU D 479 85.55 -103.19 -7.48
CA GLU D 479 86.43 -103.69 -6.43
C GLU D 479 86.17 -102.94 -5.12
N THR D 480 85.50 -101.79 -5.24
CA THR D 480 85.19 -100.93 -4.09
C THR D 480 83.71 -100.54 -4.08
N MET D 481 83.20 -100.29 -2.88
CA MET D 481 81.85 -99.74 -2.71
C MET D 481 81.91 -98.26 -2.39
N VAL D 482 83.11 -97.70 -2.33
CA VAL D 482 83.32 -96.28 -2.09
C VAL D 482 83.63 -95.56 -3.40
N MET D 483 82.96 -94.43 -3.61
CA MET D 483 83.16 -93.63 -4.81
C MET D 483 84.34 -92.68 -4.69
N THR D 484 84.80 -92.22 -5.85
CA THR D 484 85.88 -91.25 -5.98
C THR D 484 85.65 -90.50 -7.29
N ILE D 485 86.34 -89.38 -7.47
CA ILE D 485 86.24 -88.60 -8.70
C ILE D 485 87.52 -88.77 -9.52
N ASP D 486 87.37 -89.13 -10.79
CA ASP D 486 88.52 -89.25 -11.70
C ASP D 486 88.96 -87.86 -12.15
N GLU D 487 90.20 -87.75 -12.62
CA GLU D 487 90.78 -86.48 -13.06
C GLU D 487 90.04 -85.88 -14.26
N GLY D 488 89.80 -84.57 -14.22
CA GLY D 488 89.18 -83.85 -15.33
C GLY D 488 87.68 -83.98 -15.34
N ARG E 3 -1.90 51.57 3.97
CA ARG E 3 -1.55 52.98 3.57
C ARG E 3 -1.48 53.88 4.79
N ARG E 4 -1.04 55.11 4.57
CA ARG E 4 -0.78 56.06 5.66
C ARG E 4 -1.77 57.23 5.71
N PHE E 5 -2.45 57.39 6.85
CA PHE E 5 -3.20 58.62 7.13
C PHE E 5 -2.23 59.78 7.34
N PRO E 6 -2.47 60.94 6.70
CA PRO E 6 -1.59 62.07 7.01
C PRO E 6 -1.68 62.51 8.48
N ASP E 7 -0.70 63.28 8.94
CA ASP E 7 -0.70 63.77 10.32
C ASP E 7 -1.82 64.80 10.56
N ASP E 8 -2.17 65.55 9.51
CA ASP E 8 -3.31 66.50 9.51
C ASP E 8 -4.65 65.88 9.90
N PHE E 9 -4.82 64.58 9.61
CA PHE E 9 -6.08 63.90 9.87
C PHE E 9 -6.39 63.81 11.36
N LEU E 10 -7.44 64.51 11.78
CA LEU E 10 -7.85 64.52 13.17
C LEU E 10 -8.63 63.26 13.49
N PHE E 11 -8.06 62.38 14.28
CA PHE E 11 -8.80 61.27 14.84
C PHE E 11 -9.30 61.64 16.22
N GLY E 12 -10.39 60.99 16.64
CA GLY E 12 -10.98 61.23 17.93
C GLY E 12 -12.17 60.34 18.16
N THR E 13 -12.96 60.65 19.18
CA THR E 13 -14.20 59.93 19.47
C THR E 13 -15.36 60.92 19.73
N ALA E 14 -16.51 60.40 20.18
CA ALA E 14 -17.69 61.25 20.33
C ALA E 14 -18.67 60.70 21.35
N THR E 15 -19.38 61.65 21.97
CA THR E 15 -20.36 61.39 23.01
C THR E 15 -21.45 62.45 22.92
N ALA E 16 -22.55 62.22 23.62
CA ALA E 16 -23.63 63.20 23.69
C ALA E 16 -24.12 63.36 25.13
N SER E 17 -24.56 64.58 25.44
CA SER E 17 -24.84 65.01 26.81
C SER E 17 -25.72 64.05 27.60
N TYR E 18 -26.94 63.78 27.13
CA TYR E 18 -27.84 62.89 27.88
C TYR E 18 -27.32 61.46 28.01
N GLN E 19 -26.46 61.04 27.09
CA GLN E 19 -25.99 59.67 27.06
C GLN E 19 -24.86 59.45 28.09
N ILE E 20 -23.98 60.43 28.22
CA ILE E 20 -22.88 60.32 29.21
C ILE E 20 -23.14 61.03 30.55
N GLU E 21 -23.69 62.25 30.52
CA GLU E 21 -23.63 63.18 31.69
C GLU E 21 -24.23 62.69 33.02
N GLY E 22 -25.45 62.17 33.02
CA GLY E 22 -26.15 61.92 34.28
C GLY E 22 -26.44 63.24 34.98
N ALA E 23 -26.53 63.23 36.31
CA ALA E 23 -26.66 64.48 37.08
C ALA E 23 -27.77 65.37 36.49
N TRP E 24 -28.94 64.76 36.37
CA TRP E 24 -30.02 65.26 35.53
C TRP E 24 -30.84 66.39 36.18
N ASP E 25 -30.88 66.42 37.51
CA ASP E 25 -31.43 67.57 38.26
C ASP E 25 -30.38 68.11 39.25
N GLU E 26 -29.21 68.45 38.72
CA GLU E 26 -28.08 68.81 39.55
C GLU E 26 -27.69 70.23 39.23
N ASP E 27 -27.45 71.00 40.29
CA ASP E 27 -27.10 72.43 40.20
C ASP E 27 -28.15 73.19 39.39
N GLY E 28 -29.41 72.81 39.58
CA GLY E 28 -30.54 73.49 38.94
C GLY E 28 -30.64 73.29 37.44
N LYS E 29 -30.36 72.07 36.98
CA LYS E 29 -30.53 71.74 35.57
C LYS E 29 -32.03 71.55 35.29
N GLY E 30 -32.51 72.21 34.22
CA GLY E 30 -33.90 72.05 33.82
C GLY E 30 -34.16 70.66 33.28
N GLU E 31 -35.39 70.19 33.48
CA GLU E 31 -35.85 68.95 32.90
C GLU E 31 -35.81 69.01 31.35
N ASN E 32 -35.36 67.93 30.70
CA ASN E 32 -35.46 67.84 29.23
C ASN E 32 -36.50 66.82 28.76
N ILE E 33 -36.66 66.73 27.44
CA ILE E 33 -37.69 65.85 26.86
C ILE E 33 -37.49 64.35 27.15
N TRP E 34 -36.25 63.91 27.26
CA TRP E 34 -36.00 62.53 27.67
C TRP E 34 -36.28 62.29 29.15
N ASP E 35 -35.82 63.20 30.02
CA ASP E 35 -36.18 63.16 31.46
C ASP E 35 -37.67 62.96 31.55
N TYR E 36 -38.43 63.80 30.83
CA TYR E 36 -39.90 63.74 30.86
C TYR E 36 -40.45 62.41 30.38
N MET E 37 -39.94 61.95 29.24
CA MET E 37 -40.43 60.72 28.63
C MET E 37 -40.12 59.50 29.50
N VAL E 38 -38.88 59.37 29.96
CA VAL E 38 -38.49 58.19 30.76
C VAL E 38 -39.14 58.18 32.15
N HIS E 39 -39.42 59.37 32.70
CA HIS E 39 -40.09 59.46 33.99
C HIS E 39 -41.61 59.32 33.88
N ASN E 40 -42.20 59.85 32.81
CA ASN E 40 -43.65 59.70 32.58
C ASN E 40 -44.02 58.32 32.02
N THR E 41 -43.32 57.93 30.95
CA THR E 41 -43.50 56.60 30.32
C THR E 41 -42.17 55.81 30.28
N PRO E 42 -41.77 55.20 31.42
CA PRO E 42 -40.52 54.42 31.47
C PRO E 42 -40.52 53.20 30.53
N GLU E 43 -41.66 52.52 30.46
CA GLU E 43 -41.85 51.36 29.58
C GLU E 43 -41.46 51.55 28.10
N VAL E 44 -41.25 52.78 27.67
CA VAL E 44 -40.84 53.07 26.31
C VAL E 44 -39.39 52.66 26.06
N ILE E 45 -38.58 52.60 27.11
CA ILE E 45 -37.23 52.10 27.02
C ILE E 45 -37.33 50.58 27.21
N ARG E 46 -36.46 49.83 26.52
CA ARG E 46 -36.60 48.38 26.45
C ARG E 46 -36.14 47.69 27.74
N ASP E 47 -34.96 48.05 28.23
CA ASP E 47 -34.46 47.53 29.52
C ASP E 47 -35.01 48.33 30.70
N LEU E 48 -36.12 49.04 30.49
CA LEU E 48 -36.76 49.87 31.52
C LEU E 48 -35.76 50.62 32.38
N SER E 49 -34.87 51.35 31.74
CA SER E 49 -33.83 52.11 32.42
C SER E 49 -33.96 53.58 32.03
N ASN E 50 -32.97 54.39 32.39
CA ASN E 50 -32.96 55.81 32.06
C ASN E 50 -31.54 56.38 32.14
N GLY E 51 -31.42 57.69 31.90
CA GLY E 51 -30.12 58.39 31.90
C GLY E 51 -29.88 59.35 33.07
N ASP E 52 -30.45 59.06 34.24
CA ASP E 52 -30.26 59.91 35.44
C ASP E 52 -28.77 60.04 35.83
N ILE E 53 -28.10 58.89 35.86
CA ILE E 53 -26.69 58.81 36.20
C ILE E 53 -25.85 58.53 34.96
N ALA E 54 -26.27 57.56 34.15
CA ALA E 54 -25.58 57.23 32.91
C ALA E 54 -24.10 56.85 33.17
N ALA E 55 -23.16 57.44 32.44
CA ALA E 55 -21.73 57.24 32.69
C ALA E 55 -21.17 58.26 33.70
N ASP E 56 -22.01 59.18 34.17
CA ASP E 56 -21.67 60.17 35.19
C ASP E 56 -20.50 61.06 34.82
N SER E 57 -20.42 61.48 33.57
CA SER E 57 -19.29 62.35 33.15
C SER E 57 -19.34 63.76 33.76
N TYR E 58 -20.45 64.13 34.40
CA TYR E 58 -20.54 65.38 35.15
C TYR E 58 -19.50 65.33 36.27
N HIS E 59 -19.45 64.20 36.98
CA HIS E 59 -18.38 63.93 37.97
C HIS E 59 -17.03 63.50 37.34
N ASN E 60 -17.05 62.58 36.37
CA ASN E 60 -15.82 61.90 35.93
C ASN E 60 -15.11 62.50 34.72
N TYR E 61 -15.41 63.75 34.39
CA TYR E 61 -14.81 64.39 33.20
C TYR E 61 -13.27 64.39 33.13
N LYS E 62 -12.59 64.44 34.28
CA LYS E 62 -11.13 64.34 34.31
C LYS E 62 -10.70 63.01 33.70
N ARG E 63 -11.26 61.93 34.25
CA ARG E 63 -11.06 60.58 33.74
C ARG E 63 -11.29 60.47 32.21
N ASP E 64 -12.40 61.02 31.72
CA ASP E 64 -12.72 60.99 30.28
C ASP E 64 -11.58 61.53 29.44
N VAL E 65 -10.95 62.59 29.94
CA VAL E 65 -9.86 63.25 29.23
C VAL E 65 -8.60 62.36 29.27
N GLU E 66 -8.46 61.59 30.35
CA GLU E 66 -7.35 60.64 30.49
C GLU E 66 -7.48 59.53 29.45
N MET E 67 -8.69 59.01 29.29
CA MET E 67 -9.00 58.04 28.25
C MET E 67 -8.69 58.63 26.88
N MET E 68 -9.00 59.90 26.68
CA MET E 68 -8.63 60.57 25.44
C MET E 68 -7.11 60.51 25.20
N ARG E 69 -6.33 60.85 26.24
CA ARG E 69 -4.87 60.82 26.17
C ARG E 69 -4.35 59.40 26.01
N GLU E 70 -4.94 58.46 26.75
CA GLU E 70 -4.69 57.02 26.61
C GLU E 70 -4.80 56.55 25.16
N LEU E 71 -5.89 56.94 24.47
CA LEU E 71 -6.07 56.59 23.07
C LEU E 71 -5.15 57.39 22.15
N GLY E 72 -4.82 58.63 22.55
CA GLY E 72 -3.94 59.48 21.75
C GLY E 72 -4.69 60.39 20.81
N LEU E 73 -5.92 60.73 21.19
CA LEU E 73 -6.84 61.45 20.32
C LEU E 73 -6.32 62.84 20.01
N ASP E 74 -6.44 63.25 18.76
CA ASP E 74 -6.21 64.64 18.35
C ASP E 74 -7.44 65.49 18.70
N ALA E 75 -8.59 64.83 18.84
CA ALA E 75 -9.87 65.54 19.02
C ALA E 75 -10.88 64.75 19.86
N TYR E 76 -11.93 65.44 20.29
CA TYR E 76 -13.05 64.87 21.04
C TYR E 76 -14.31 65.70 20.81
N ARG E 77 -15.40 65.01 20.48
CA ARG E 77 -16.66 65.67 20.20
C ARG E 77 -17.63 65.37 21.31
N PHE E 78 -18.26 66.43 21.84
CA PHE E 78 -19.26 66.26 22.88
C PHE E 78 -20.40 67.27 22.66
N SER E 79 -21.52 67.04 23.33
CA SER E 79 -22.66 67.94 23.17
C SER E 79 -22.98 68.66 24.48
N LEU E 80 -23.59 69.84 24.33
CA LEU E 80 -24.01 70.65 25.46
C LEU E 80 -25.49 70.44 25.76
N SER E 81 -25.81 70.27 27.03
CA SER E 81 -27.18 70.13 27.47
C SER E 81 -27.82 71.54 27.56
N TRP E 82 -28.59 71.89 26.55
CA TRP E 82 -29.41 73.10 26.52
C TRP E 82 -30.03 73.41 27.87
N ALA E 83 -30.63 72.41 28.51
CA ALA E 83 -31.32 72.61 29.77
C ALA E 83 -30.37 72.89 30.93
N ARG E 84 -29.18 72.28 30.93
CA ARG E 84 -28.19 72.48 31.98
C ARG E 84 -27.73 73.92 32.01
N ILE E 85 -27.58 74.51 30.82
CA ILE E 85 -27.14 75.88 30.65
C ILE E 85 -28.30 76.89 30.81
N LEU E 86 -29.44 76.63 30.18
CA LEU E 86 -30.63 77.49 30.28
C LEU E 86 -31.86 76.67 30.70
N PRO E 87 -32.08 76.48 32.03
CA PRO E 87 -33.10 75.53 32.55
C PRO E 87 -34.56 75.81 32.23
N THR E 88 -34.89 77.05 31.86
CA THR E 88 -36.24 77.39 31.39
C THR E 88 -36.27 77.37 29.88
N GLY E 89 -35.09 77.22 29.25
CA GLY E 89 -34.96 77.19 27.81
C GLY E 89 -34.55 78.54 27.28
N MET E 90 -34.93 79.60 28.00
CA MET E 90 -34.72 80.96 27.54
C MET E 90 -33.47 81.53 28.20
N ALA E 91 -32.88 82.54 27.56
CA ALA E 91 -31.64 83.15 28.06
C ALA E 91 -31.83 84.12 29.23
N ASN E 92 -32.92 84.01 29.99
CA ASN E 92 -33.08 84.84 31.18
C ASN E 92 -32.10 84.44 32.29
N GLU E 93 -32.00 83.13 32.52
CA GLU E 93 -31.13 82.54 33.54
C GLU E 93 -30.04 81.68 32.90
N VAL E 94 -28.84 82.24 32.76
CA VAL E 94 -27.65 81.44 32.41
C VAL E 94 -27.14 80.80 33.69
N ASN E 95 -27.25 79.49 33.81
CA ASN E 95 -26.86 78.79 35.03
C ASN E 95 -25.33 78.68 35.13
N PRO E 96 -24.73 79.24 36.22
CA PRO E 96 -23.26 79.32 36.28
C PRO E 96 -22.55 77.98 36.51
N ALA E 97 -23.22 77.03 37.17
CA ALA E 97 -22.68 75.68 37.38
C ALA E 97 -22.60 74.91 36.06
N GLY E 98 -23.65 75.01 35.25
CA GLY E 98 -23.61 74.50 33.89
C GLY E 98 -22.41 75.07 33.15
N ILE E 99 -22.21 76.39 33.23
CA ILE E 99 -21.08 77.02 32.52
C ILE E 99 -19.72 76.60 33.09
N ALA E 100 -19.67 76.39 34.39
CA ALA E 100 -18.44 75.96 35.06
C ALA E 100 -18.01 74.60 34.50
N PHE E 101 -18.89 73.63 34.60
CA PHE E 101 -18.64 72.27 34.09
C PHE E 101 -18.06 72.21 32.66
N TYR E 102 -18.75 72.80 31.69
CA TYR E 102 -18.27 72.71 30.32
C TYR E 102 -16.92 73.40 30.14
N ASN E 103 -16.72 74.53 30.82
CA ASN E 103 -15.41 75.20 30.90
C ASN E 103 -14.31 74.33 31.54
N ASN E 104 -14.67 73.61 32.61
CA ASN E 104 -13.78 72.64 33.25
C ASN E 104 -13.38 71.52 32.27
N TYR E 105 -14.39 70.95 31.61
CA TYR E 105 -14.19 69.91 30.59
C TYR E 105 -13.26 70.46 29.52
N ILE E 106 -13.66 71.59 28.91
CA ILE E 106 -12.87 72.23 27.85
C ILE E 106 -11.41 72.46 28.25
N ASP E 107 -11.19 73.05 29.43
CA ASP E 107 -9.82 73.40 29.83
C ASP E 107 -8.99 72.17 30.20
N GLU E 108 -9.63 71.20 30.86
CA GLU E 108 -9.01 69.92 31.13
C GLU E 108 -8.42 69.30 29.85
N MET E 109 -9.28 69.04 28.86
CA MET E 109 -8.84 68.44 27.60
C MET E 109 -7.90 69.37 26.84
N LEU E 110 -8.14 70.68 26.92
CA LEU E 110 -7.32 71.65 26.18
C LEU E 110 -5.93 71.83 26.83
N LYS E 111 -5.83 71.42 28.09
CA LYS E 111 -4.54 71.36 28.78
C LYS E 111 -3.63 70.38 28.06
N TYR E 112 -4.19 69.21 27.72
CA TYR E 112 -3.46 68.11 27.10
C TYR E 112 -3.55 68.04 25.56
N ASN E 113 -3.70 69.19 24.92
CA ASN E 113 -3.60 69.31 23.46
C ASN E 113 -4.68 68.58 22.64
N ILE E 114 -5.80 68.25 23.27
CA ILE E 114 -6.96 67.67 22.60
C ILE E 114 -7.86 68.79 22.12
N THR E 115 -8.11 68.88 20.81
CA THR E 115 -9.04 69.89 20.29
C THR E 115 -10.47 69.45 20.57
N PRO E 116 -11.28 70.31 21.22
CA PRO E 116 -12.68 69.97 21.48
C PRO E 116 -13.56 70.33 20.27
N LEU E 117 -14.54 69.47 19.97
CA LEU E 117 -15.58 69.78 18.99
C LEU E 117 -16.89 69.82 19.72
N ILE E 118 -17.69 70.86 19.48
CA ILE E 118 -18.89 71.07 20.27
C ILE E 118 -20.18 71.01 19.46
N THR E 119 -21.09 70.17 19.95
CA THR E 119 -22.43 70.06 19.40
C THR E 119 -23.45 70.77 20.29
N LEU E 120 -24.07 71.83 19.76
CA LEU E 120 -25.02 72.62 20.53
C LEU E 120 -26.25 71.82 20.88
N TYR E 121 -26.79 71.06 19.92
CA TYR E 121 -27.99 70.26 20.16
C TYR E 121 -27.86 68.78 19.78
N HIS E 122 -28.06 67.90 20.76
CA HIS E 122 -28.04 66.47 20.53
C HIS E 122 -29.21 65.81 21.26
N TRP E 123 -30.41 66.32 20.95
CA TRP E 123 -31.70 65.68 21.24
C TRP E 123 -32.21 65.94 22.66
N ASP E 124 -31.60 66.92 23.32
CA ASP E 124 -31.82 67.24 24.74
C ASP E 124 -32.61 68.57 24.90
N LEU E 125 -33.75 68.67 24.22
CA LEU E 125 -34.56 69.91 24.26
C LEU E 125 -35.17 70.13 25.63
N PRO E 126 -35.06 71.35 26.20
CA PRO E 126 -35.76 71.63 27.47
C PRO E 126 -37.26 71.36 27.37
N GLN E 127 -37.82 70.67 28.35
CA GLN E 127 -39.23 70.29 28.32
C GLN E 127 -40.15 71.51 28.26
N LYS E 128 -39.73 72.60 28.91
CA LYS E 128 -40.45 73.88 28.85
C LYS E 128 -40.69 74.31 27.40
N LEU E 129 -39.68 74.15 26.54
CA LEU E 129 -39.83 74.50 25.13
C LEU E 129 -40.68 73.52 24.32
N GLN E 130 -40.76 72.26 24.76
CA GLN E 130 -41.59 71.27 24.07
C GLN E 130 -43.07 71.54 24.27
N GLU E 131 -43.43 71.96 25.48
CA GLU E 131 -44.77 72.47 25.80
C GLU E 131 -45.25 73.49 24.77
N LEU E 132 -44.35 74.32 24.28
CA LEU E 132 -44.69 75.35 23.31
C LEU E 132 -44.62 74.88 21.85
N GLY E 133 -44.47 73.56 21.65
CA GLY E 133 -44.45 72.96 20.32
C GLY E 133 -43.09 72.40 19.93
N GLY E 134 -42.05 72.73 20.69
CA GLY E 134 -40.71 72.29 20.37
C GLY E 134 -40.32 72.70 18.96
N PHE E 135 -39.71 71.78 18.21
CA PHE E 135 -39.31 71.99 16.80
C PHE E 135 -40.46 72.14 15.78
N ALA E 136 -41.67 71.78 16.16
CA ALA E 136 -42.85 72.09 15.36
C ALA E 136 -43.12 73.62 15.29
N ASN E 137 -42.67 74.36 16.32
CA ASN E 137 -42.92 75.80 16.43
C ASN E 137 -41.78 76.60 15.79
N PRO E 138 -42.08 77.43 14.78
CA PRO E 138 -41.06 78.24 14.10
C PRO E 138 -40.26 79.17 15.01
N LEU E 139 -40.84 79.59 16.13
CA LEU E 139 -40.08 80.39 17.09
C LEU E 139 -38.86 79.66 17.72
N ILE E 140 -38.76 78.34 17.55
CA ILE E 140 -37.56 77.57 17.98
C ILE E 140 -36.31 78.13 17.31
N SER E 141 -36.49 78.70 16.13
CA SER E 141 -35.42 79.35 15.40
C SER E 141 -34.77 80.46 16.22
N ASP E 142 -35.61 81.21 16.96
CA ASP E 142 -35.16 82.33 17.75
C ASP E 142 -34.64 81.85 19.07
N TRP E 143 -35.32 80.88 19.67
CA TRP E 143 -34.88 80.36 20.94
C TRP E 143 -33.52 79.69 20.81
N PHE E 144 -33.28 79.02 19.68
CA PHE E 144 -32.03 78.33 19.50
C PHE E 144 -30.89 79.32 19.29
N GLU E 145 -31.13 80.41 18.55
CA GLU E 145 -30.09 81.44 18.38
C GLU E 145 -29.67 82.09 19.72
N ASP E 146 -30.64 82.43 20.56
CA ASP E 146 -30.36 82.94 21.92
C ASP E 146 -29.53 81.97 22.73
N TYR E 147 -29.79 80.69 22.56
CA TYR E 147 -28.97 79.66 23.19
C TYR E 147 -27.58 79.65 22.53
N ALA E 148 -27.54 79.63 21.20
CA ALA E 148 -26.28 79.70 20.47
C ALA E 148 -25.40 80.90 20.84
N ARG E 149 -26.01 82.07 21.09
CA ARG E 149 -25.26 83.23 21.54
C ARG E 149 -24.57 82.96 22.88
N VAL E 150 -25.30 82.38 23.83
CA VAL E 150 -24.69 82.02 25.11
C VAL E 150 -23.45 81.15 24.85
N VAL E 151 -23.62 80.10 24.05
CA VAL E 151 -22.56 79.14 23.78
C VAL E 151 -21.35 79.82 23.17
N PHE E 152 -21.57 80.60 22.12
CA PHE E 152 -20.46 81.25 21.44
C PHE E 152 -19.67 82.18 22.37
N GLU E 153 -20.37 83.08 23.06
CA GLU E 153 -19.71 84.06 23.93
C GLU E 153 -18.96 83.42 25.10
N ASN E 154 -19.47 82.30 25.60
CA ASN E 154 -18.80 81.59 26.70
C ASN E 154 -17.64 80.70 26.27
N PHE E 155 -17.80 79.92 25.19
CA PHE E 155 -16.77 78.95 24.84
C PHE E 155 -16.01 79.21 23.52
N GLY E 156 -16.51 80.14 22.70
CA GLY E 156 -15.95 80.36 21.36
C GLY E 156 -14.52 80.92 21.28
N ASP E 157 -14.01 81.40 22.40
CA ASP E 157 -12.62 81.87 22.47
C ASP E 157 -11.60 80.72 22.38
N ARG E 158 -11.96 79.57 22.98
CA ARG E 158 -11.11 78.38 22.93
C ARG E 158 -11.64 77.33 21.92
N VAL E 159 -12.94 77.05 21.95
CA VAL E 159 -13.52 76.07 21.04
C VAL E 159 -13.70 76.71 19.66
N LYS E 160 -13.02 76.15 18.64
CA LYS E 160 -13.11 76.66 17.26
C LYS E 160 -13.91 75.75 16.31
N MET E 161 -14.50 74.69 16.86
CA MET E 161 -15.34 73.78 16.06
C MET E 161 -16.75 73.68 16.66
N PHE E 162 -17.72 74.30 16.00
CA PHE E 162 -19.12 74.26 16.44
C PHE E 162 -20.03 73.56 15.42
N ILE E 163 -20.72 72.54 15.91
CA ILE E 163 -21.77 71.82 15.19
C ILE E 163 -23.13 72.18 15.78
N THR E 164 -23.95 72.86 14.98
CA THR E 164 -25.28 73.29 15.42
C THR E 164 -26.14 72.11 15.86
N PHE E 165 -26.48 71.24 14.91
CA PHE E 165 -27.36 70.09 15.16
C PHE E 165 -26.74 68.74 14.82
N ASN E 166 -27.07 67.73 15.61
CA ASN E 166 -26.67 66.36 15.31
C ASN E 166 -27.84 65.50 14.85
N GLU E 167 -27.79 65.07 13.59
CA GLU E 167 -28.76 64.10 13.03
C GLU E 167 -30.21 64.59 13.11
N PRO E 168 -30.55 65.57 12.26
CA PRO E 168 -31.92 66.08 12.15
C PRO E 168 -32.98 65.01 11.91
N ARG E 169 -32.65 63.93 11.20
CA ARG E 169 -33.64 62.90 10.90
C ARG E 169 -34.17 62.24 12.16
N GLU E 170 -33.25 61.98 13.08
CA GLU E 170 -33.60 61.35 14.33
C GLU E 170 -34.41 62.31 15.21
N ILE E 171 -34.19 63.61 15.03
CA ILE E 171 -34.98 64.64 15.74
C ILE E 171 -36.35 64.75 15.09
N CYS E 172 -36.37 65.10 13.81
CA CYS E 172 -37.61 65.38 13.08
C CYS E 172 -38.47 64.16 12.76
N PHE E 173 -37.92 63.19 12.04
CA PHE E 173 -38.71 62.04 11.62
C PHE E 173 -39.04 61.13 12.81
N GLU E 174 -38.05 60.77 13.59
CA GLU E 174 -38.27 59.83 14.67
C GLU E 174 -38.97 60.42 15.90
N GLY E 175 -38.71 61.70 16.17
CA GLY E 175 -39.27 62.37 17.34
C GLY E 175 -40.65 62.99 17.14
N TYR E 176 -40.83 63.64 16.00
CA TYR E 176 -42.09 64.34 15.69
C TYR E 176 -42.94 63.58 14.69
N GLY E 177 -42.30 62.92 13.72
CA GLY E 177 -43.00 62.21 12.66
C GLY E 177 -43.24 60.75 12.93
N SER E 178 -42.91 60.29 14.14
CA SER E 178 -43.23 58.93 14.57
C SER E 178 -43.01 58.80 16.08
N ALA E 179 -42.66 57.60 16.55
CA ALA E 179 -42.65 57.35 17.98
C ALA E 179 -41.44 56.54 18.41
N THR E 180 -40.25 56.91 17.93
CA THR E 180 -39.03 56.16 18.23
C THR E 180 -37.92 57.01 18.88
N LYS E 181 -38.18 58.30 19.08
CA LYS E 181 -37.35 59.16 19.91
C LYS E 181 -38.27 60.15 20.59
N ALA E 182 -37.83 60.68 21.72
CA ALA E 182 -38.54 61.76 22.36
C ALA E 182 -38.60 62.89 21.33
N PRO E 183 -39.72 63.60 21.25
CA PRO E 183 -40.82 63.53 22.20
C PRO E 183 -41.94 62.55 21.84
N ILE E 184 -41.67 61.59 20.96
CA ILE E 184 -42.64 60.59 20.51
C ILE E 184 -44.00 61.17 20.14
N LEU E 185 -43.96 62.25 19.36
CA LEU E 185 -45.16 63.01 19.03
C LEU E 185 -46.09 62.25 18.09
N ASN E 186 -45.52 61.54 17.13
CA ASN E 186 -46.27 60.69 16.22
C ASN E 186 -47.20 61.47 15.30
N ALA E 187 -46.81 62.68 14.92
CA ALA E 187 -47.59 63.46 13.95
C ALA E 187 -47.07 63.05 12.58
N THR E 188 -47.59 61.95 12.06
CA THR E 188 -46.93 61.30 10.94
C THR E 188 -47.10 62.04 9.63
N ALA E 189 -48.23 62.73 9.44
CA ALA E 189 -48.48 63.40 8.17
C ALA E 189 -47.57 64.61 7.92
N MET E 190 -47.34 65.41 8.96
CA MET E 190 -46.64 66.71 8.80
C MET E 190 -45.54 66.99 9.81
N GLY E 191 -45.47 66.17 10.87
CA GLY E 191 -44.50 66.36 11.94
C GLY E 191 -43.09 66.55 11.43
N ALA E 192 -42.59 65.57 10.69
CA ALA E 192 -41.20 65.58 10.25
C ALA E 192 -40.88 66.76 9.32
N TYR E 193 -41.89 67.25 8.61
CA TYR E 193 -41.72 68.31 7.61
C TYR E 193 -41.70 69.71 8.22
N LEU E 194 -42.60 69.99 9.15
CA LEU E 194 -42.56 71.22 9.91
C LEU E 194 -41.26 71.30 10.67
N CYS E 195 -40.86 70.19 11.31
CA CYS E 195 -39.59 70.13 12.06
C CYS E 195 -38.37 70.42 11.19
N ALA E 196 -38.35 69.82 10.00
CA ALA E 196 -37.20 69.96 9.12
C ALA E 196 -36.98 71.40 8.71
N LYS E 197 -38.06 72.05 8.27
CA LYS E 197 -38.04 73.46 7.91
C LYS E 197 -37.54 74.34 9.08
N ASN E 198 -38.12 74.15 10.25
CA ASN E 198 -37.74 74.92 11.43
C ASN E 198 -36.27 74.69 11.83
N LEU E 199 -35.83 73.44 11.76
CA LEU E 199 -34.49 73.09 12.20
C LEU E 199 -33.41 73.67 11.27
N VAL E 200 -33.60 73.56 9.95
CA VAL E 200 -32.62 74.15 9.04
C VAL E 200 -32.60 75.69 9.14
N THR E 201 -33.73 76.29 9.47
CA THR E 201 -33.82 77.74 9.70
C THR E 201 -33.12 78.12 11.01
N ALA E 202 -33.34 77.33 12.07
CA ALA E 202 -32.59 77.51 13.32
C ALA E 202 -31.08 77.46 13.08
N HIS E 203 -30.64 76.46 12.32
CA HIS E 203 -29.24 76.32 12.00
C HIS E 203 -28.69 77.57 11.31
N ALA E 204 -29.45 78.10 10.35
CA ALA E 204 -29.02 79.27 9.57
C ALA E 204 -28.85 80.51 10.45
N LYS E 205 -29.69 80.63 11.47
CA LYS E 205 -29.62 81.77 12.39
C LYS E 205 -28.41 81.64 13.28
N ALA E 206 -28.16 80.43 13.78
CA ALA E 206 -27.00 80.18 14.61
C ALA E 206 -25.74 80.39 13.79
N TYR E 207 -25.79 80.05 12.50
CA TYR E 207 -24.64 80.31 11.63
C TYR E 207 -24.40 81.81 11.44
N TYR E 208 -25.40 82.52 10.93
CA TYR E 208 -25.22 83.94 10.67
C TYR E 208 -24.80 84.72 11.91
N LEU E 209 -25.26 84.29 13.08
CA LEU E 209 -24.78 84.85 14.33
C LEU E 209 -23.27 84.70 14.36
N TYR E 210 -22.79 83.46 14.25
CA TYR E 210 -21.35 83.17 14.30
C TYR E 210 -20.62 83.98 13.23
N ASP E 211 -21.07 83.88 12.00
CA ASP E 211 -20.41 84.52 10.87
C ASP E 211 -20.25 86.03 11.08
N ARG E 212 -21.36 86.71 11.35
CA ARG E 212 -21.38 88.17 11.42
C ARG E 212 -20.75 88.68 12.71
N GLU E 213 -21.07 88.05 13.83
CA GLU E 213 -20.69 88.59 15.13
C GLU E 213 -19.45 87.99 15.76
N PHE E 214 -19.29 86.67 15.70
CA PHE E 214 -18.22 85.98 16.46
C PHE E 214 -17.02 85.52 15.63
N ARG E 215 -17.23 85.16 14.37
CA ARG E 215 -16.11 84.68 13.55
C ARG E 215 -14.97 85.70 13.48
N PRO E 216 -15.29 86.98 13.14
CA PRO E 216 -14.21 87.96 12.93
C PRO E 216 -13.28 88.05 14.13
N VAL E 217 -13.86 87.90 15.33
CA VAL E 217 -13.10 87.86 16.58
C VAL E 217 -12.46 86.50 16.83
N GLN E 218 -13.27 85.44 16.83
CA GLN E 218 -12.85 84.12 17.28
C GLN E 218 -12.13 83.26 16.23
N GLY E 219 -12.37 83.55 14.95
CA GLY E 219 -11.77 82.81 13.82
C GLY E 219 -12.08 81.31 13.71
N GLY E 220 -13.21 80.88 14.26
CA GLY E 220 -13.55 79.46 14.34
C GLY E 220 -14.46 78.99 13.22
N GLN E 221 -15.14 77.87 13.46
CA GLN E 221 -15.87 77.15 12.40
C GLN E 221 -17.24 76.71 12.87
N CYS E 222 -18.26 76.95 12.04
CA CYS E 222 -19.65 76.58 12.35
C CYS E 222 -20.26 75.65 11.31
N GLY E 223 -20.74 74.48 11.74
CA GLY E 223 -21.31 73.53 10.81
C GLY E 223 -22.46 72.71 11.36
N ILE E 224 -22.75 71.63 10.64
CA ILE E 224 -23.85 70.75 11.01
C ILE E 224 -23.50 69.30 10.67
N THR E 225 -24.04 68.40 11.50
CA THR E 225 -23.88 66.96 11.32
C THR E 225 -25.19 66.34 10.83
N ILE E 226 -25.10 65.55 9.76
CA ILE E 226 -26.25 64.94 9.10
C ILE E 226 -25.99 63.46 8.89
N SER E 227 -26.93 62.63 9.31
CA SER E 227 -26.81 61.18 9.17
C SER E 227 -26.93 60.76 7.70
N VAL E 228 -25.85 60.19 7.14
CA VAL E 228 -25.83 59.83 5.73
C VAL E 228 -25.33 58.40 5.54
N ASN E 229 -26.23 57.46 5.78
CA ASN E 229 -25.96 56.10 5.42
C ASN E 229 -26.08 56.01 3.92
N TRP E 230 -25.43 55.01 3.33
CA TRP E 230 -25.57 54.80 1.90
C TRP E 230 -26.89 54.11 1.57
N PHE E 231 -27.63 54.67 0.61
CA PHE E 231 -28.84 54.05 0.06
C PHE E 231 -28.62 53.84 -1.41
N GLY E 232 -28.57 52.57 -1.80
CA GLY E 232 -28.33 52.22 -3.20
C GLY E 232 -29.43 51.36 -3.77
N PRO E 233 -29.47 51.28 -5.11
CA PRO E 233 -30.51 50.54 -5.82
C PRO E 233 -30.37 49.04 -5.59
N ALA E 234 -31.44 48.36 -5.18
CA ALA E 234 -31.43 46.90 -4.94
C ALA E 234 -31.11 46.06 -6.19
N THR E 235 -31.44 46.59 -7.37
CA THR E 235 -31.03 46.01 -8.64
C THR E 235 -30.59 47.13 -9.58
N PRO E 236 -29.61 46.86 -10.45
CA PRO E 236 -29.14 47.88 -11.40
C PRO E 236 -30.18 48.15 -12.51
N THR E 237 -31.26 48.82 -12.15
CA THR E 237 -32.33 49.16 -13.08
C THR E 237 -32.76 50.60 -12.76
N PRO E 238 -33.14 51.38 -13.78
CA PRO E 238 -33.52 52.78 -13.53
C PRO E 238 -34.65 52.95 -12.50
N GLU E 239 -35.51 51.95 -12.36
CA GLU E 239 -36.59 52.00 -11.37
C GLU E 239 -36.00 52.07 -10.00
N ASP E 240 -35.14 51.11 -9.68
CA ASP E 240 -34.51 51.05 -8.37
C ASP E 240 -33.51 52.19 -8.19
N GLU E 241 -32.94 52.67 -9.28
CA GLU E 241 -31.97 53.79 -9.24
C GLU E 241 -32.69 55.07 -8.81
N MET E 242 -33.88 55.32 -9.34
CA MET E 242 -34.63 56.51 -8.91
C MET E 242 -35.36 56.29 -7.58
N ALA E 243 -35.59 55.04 -7.19
CA ALA E 243 -36.10 54.74 -5.86
C ALA E 243 -35.04 55.03 -4.79
N ALA E 244 -33.79 54.69 -5.11
CA ALA E 244 -32.66 54.98 -4.23
C ALA E 244 -32.55 56.49 -4.04
N GLU E 245 -32.50 57.22 -5.15
CA GLU E 245 -32.52 58.68 -5.15
C GLU E 245 -33.58 59.25 -4.20
N LEU E 246 -34.79 58.75 -4.33
CA LEU E 246 -35.91 59.29 -3.56
C LEU E 246 -35.76 58.99 -2.07
N ARG E 247 -35.23 57.80 -1.78
CA ARG E 247 -35.03 57.36 -0.40
C ARG E 247 -33.91 58.18 0.27
N ARG E 248 -32.82 58.42 -0.46
CA ARG E 248 -31.78 59.34 -0.04
C ARG E 248 -32.32 60.72 0.26
N GLN E 249 -33.11 61.26 -0.67
CA GLN E 249 -33.74 62.55 -0.47
C GLN E 249 -34.60 62.56 0.76
N GLY E 250 -35.31 61.47 0.99
CA GLY E 250 -36.18 61.38 2.17
C GLY E 250 -35.39 61.17 3.44
N GLU E 251 -34.29 60.44 3.34
CA GLU E 251 -33.54 60.09 4.54
C GLU E 251 -32.63 61.23 5.01
N TRP E 252 -31.94 61.87 4.07
CA TRP E 252 -31.01 62.94 4.39
C TRP E 252 -31.06 64.20 3.50
N GLY E 253 -31.59 64.10 2.27
CA GLY E 253 -31.60 65.24 1.32
C GLY E 253 -32.53 66.36 1.76
N ILE E 254 -33.61 65.98 2.44
CA ILE E 254 -34.56 66.93 2.97
C ILE E 254 -33.87 67.93 3.93
N TYR E 255 -32.88 67.46 4.70
CA TYR E 255 -32.16 68.27 5.70
C TYR E 255 -30.87 68.85 5.13
N ALA E 256 -30.21 68.09 4.26
CA ALA E 256 -28.96 68.51 3.67
C ALA E 256 -29.14 69.49 2.55
N HIS E 257 -30.19 69.33 1.76
CA HIS E 257 -30.25 70.09 0.53
C HIS E 257 -30.39 71.60 0.74
N PRO E 258 -31.24 72.03 1.68
CA PRO E 258 -31.36 73.49 1.87
C PRO E 258 -30.05 74.21 2.26
N ILE E 259 -29.15 73.48 2.91
CA ILE E 259 -27.92 74.04 3.47
C ILE E 259 -26.73 73.94 2.53
N PHE E 260 -26.64 72.85 1.76
CA PHE E 260 -25.47 72.62 0.92
C PHE E 260 -25.68 72.67 -0.59
N SER E 261 -26.91 72.82 -1.06
CA SER E 261 -27.12 72.91 -2.51
C SER E 261 -26.84 74.34 -2.98
N ALA E 262 -26.46 74.48 -4.25
CA ALA E 262 -26.16 75.79 -4.82
C ALA E 262 -27.41 76.66 -4.94
N GLU E 263 -28.57 76.01 -5.03
CA GLU E 263 -29.86 76.70 -5.20
C GLU E 263 -30.70 76.74 -3.90
N GLY E 264 -30.40 75.84 -2.96
CA GLY E 264 -31.15 75.80 -1.69
C GLY E 264 -32.55 75.21 -1.79
N GLY E 265 -33.29 75.25 -0.70
CA GLY E 265 -34.60 74.65 -0.66
C GLY E 265 -34.52 73.14 -0.61
N PHE E 266 -35.69 72.50 -0.59
CA PHE E 266 -35.78 71.06 -0.48
C PHE E 266 -35.46 70.40 -1.80
N PRO E 267 -35.16 69.08 -1.79
CA PRO E 267 -34.83 68.39 -3.04
C PRO E 267 -36.03 68.28 -3.96
N LYS E 268 -35.82 68.59 -5.24
CA LYS E 268 -36.95 68.76 -6.18
C LYS E 268 -37.81 67.50 -6.34
N GLU E 269 -37.17 66.35 -6.47
CA GLU E 269 -37.90 65.12 -6.84
C GLU E 269 -38.85 64.73 -5.73
N LEU E 270 -38.30 64.59 -4.53
CA LEU E 270 -39.10 64.31 -3.35
C LEU E 270 -40.20 65.36 -3.13
N SER E 271 -39.85 66.63 -3.29
CA SER E 271 -40.80 67.72 -3.09
C SER E 271 -42.05 67.59 -3.96
N ASP E 272 -41.86 67.21 -5.22
CA ASP E 272 -42.96 66.98 -6.15
C ASP E 272 -43.80 65.78 -5.75
N LYS E 273 -43.16 64.71 -5.33
CA LYS E 273 -43.88 63.54 -4.82
C LYS E 273 -44.77 63.88 -3.64
N ILE E 274 -44.29 64.71 -2.72
CA ILE E 274 -45.09 65.01 -1.52
C ILE E 274 -46.28 65.89 -1.86
N ALA E 275 -46.07 66.83 -2.79
CA ALA E 275 -47.13 67.67 -3.35
C ALA E 275 -48.24 66.85 -4.04
N GLU E 276 -47.85 65.96 -4.95
CA GLU E 276 -48.80 65.08 -5.63
C GLU E 276 -49.63 64.31 -4.63
N LYS E 277 -48.95 63.70 -3.67
CA LYS E 277 -49.61 62.87 -2.65
C LYS E 277 -50.49 63.69 -1.71
N SER E 278 -50.06 64.92 -1.39
CA SER E 278 -50.80 65.80 -0.49
C SER E 278 -52.13 66.23 -1.10
N ALA E 279 -52.07 66.68 -2.35
CA ALA E 279 -53.25 67.12 -3.06
C ALA E 279 -54.28 65.99 -3.19
N GLN E 280 -53.82 64.79 -3.52
CA GLN E 280 -54.74 63.67 -3.66
C GLN E 280 -55.27 63.16 -2.31
N GLN E 281 -54.62 63.53 -1.20
CA GLN E 281 -55.15 63.22 0.14
C GLN E 281 -56.13 64.28 0.68
N GLY E 282 -56.25 65.39 -0.05
CA GLY E 282 -57.22 66.44 0.26
C GLY E 282 -56.64 67.67 0.95
N TYR E 283 -55.32 67.73 1.11
CA TYR E 283 -54.70 68.89 1.73
C TYR E 283 -54.80 70.06 0.77
N PRO E 284 -55.13 71.27 1.28
CA PRO E 284 -55.17 72.45 0.43
C PRO E 284 -53.79 72.92 -0.03
N TRP E 285 -52.75 72.54 0.72
CA TRP E 285 -51.37 72.86 0.38
C TRP E 285 -50.51 71.62 0.51
N SER E 286 -49.31 71.68 -0.04
CA SER E 286 -48.38 70.58 0.11
C SER E 286 -47.95 70.45 1.57
N ARG E 287 -47.93 69.21 2.05
CA ARG E 287 -47.44 68.93 3.39
C ARG E 287 -45.95 69.26 3.57
N LEU E 288 -45.20 69.45 2.47
CA LEU E 288 -43.84 69.99 2.52
C LEU E 288 -43.79 71.24 1.65
N PRO E 289 -44.30 72.35 2.18
CA PRO E 289 -44.37 73.55 1.34
C PRO E 289 -42.99 74.05 0.90
N GLU E 290 -42.92 74.50 -0.35
CA GLU E 290 -41.68 75.04 -0.90
C GLU E 290 -41.18 76.24 -0.09
N PHE E 291 -39.86 76.39 -0.06
CA PHE E 291 -39.22 77.58 0.45
C PHE E 291 -39.53 78.72 -0.49
N THR E 292 -39.73 79.91 0.06
CA THR E 292 -39.73 81.11 -0.77
C THR E 292 -38.30 81.37 -1.24
N GLU E 293 -38.14 82.15 -2.31
CA GLU E 293 -36.81 82.45 -2.85
C GLU E 293 -35.90 83.16 -1.84
N GLU E 294 -36.51 83.90 -0.91
CA GLU E 294 -35.79 84.60 0.16
C GLU E 294 -35.30 83.60 1.21
N GLU E 295 -36.16 82.63 1.54
CA GLU E 295 -35.81 81.54 2.45
C GLU E 295 -34.75 80.62 1.87
N LYS E 296 -34.87 80.28 0.58
CA LYS E 296 -33.81 79.53 -0.08
C LYS E 296 -32.50 80.26 0.13
N ALA E 297 -32.49 81.54 -0.21
CA ALA E 297 -31.30 82.39 -0.08
C ALA E 297 -30.76 82.46 1.33
N PHE E 298 -31.65 82.57 2.32
CA PHE E 298 -31.24 82.68 3.71
C PHE E 298 -30.53 81.41 4.18
N VAL E 299 -31.11 80.25 3.88
CA VAL E 299 -30.61 78.99 4.46
C VAL E 299 -29.43 78.40 3.68
N ARG E 300 -29.34 78.64 2.38
CA ARG E 300 -28.27 78.02 1.59
C ARG E 300 -26.90 78.63 1.89
N GLY E 301 -25.86 77.80 1.86
CA GLY E 301 -24.48 78.25 2.06
C GLY E 301 -24.11 78.53 3.50
N THR E 302 -24.91 78.03 4.44
CA THR E 302 -24.73 78.32 5.86
C THR E 302 -23.98 77.25 6.62
N SER E 303 -22.98 76.63 6.00
CA SER E 303 -22.11 75.72 6.74
C SER E 303 -20.68 75.80 6.23
N ASP E 304 -19.74 75.76 7.17
CA ASP E 304 -18.31 75.77 6.85
C ASP E 304 -17.82 74.39 6.45
N PHE E 305 -18.50 73.34 6.96
CA PHE E 305 -18.20 71.97 6.61
C PHE E 305 -19.46 71.08 6.63
N PHE E 306 -19.32 69.86 6.14
CA PHE E 306 -20.37 68.83 6.17
C PHE E 306 -19.99 67.75 7.19
N GLY E 307 -20.66 67.76 8.33
CA GLY E 307 -20.46 66.70 9.31
C GLY E 307 -21.30 65.49 8.93
N VAL E 308 -20.65 64.37 8.65
CA VAL E 308 -21.35 63.16 8.25
C VAL E 308 -21.27 62.11 9.34
N ASN E 309 -22.41 61.78 9.92
CA ASN E 309 -22.55 60.56 10.69
C ASN E 309 -22.88 59.45 9.70
N HIS E 310 -22.12 58.37 9.73
CA HIS E 310 -22.32 57.24 8.83
C HIS E 310 -21.98 55.94 9.53
N TYR E 311 -22.84 54.94 9.36
CA TYR E 311 -22.62 53.61 9.92
C TYR E 311 -22.68 52.43 8.94
N THR E 312 -23.46 52.54 7.85
CA THR E 312 -23.87 51.37 7.08
C THR E 312 -24.53 51.73 5.74
N ALA E 313 -25.04 50.72 5.06
CA ALA E 313 -25.66 50.90 3.76
C ALA E 313 -26.93 50.05 3.69
N PHE E 314 -27.79 50.39 2.73
CA PHE E 314 -29.07 49.74 2.54
C PHE E 314 -29.33 49.56 1.05
N LEU E 315 -30.17 48.59 0.74
CA LEU E 315 -30.66 48.38 -0.62
C LEU E 315 -32.09 48.89 -0.71
N VAL E 316 -32.39 49.58 -1.80
CA VAL E 316 -33.72 50.17 -2.00
C VAL E 316 -34.34 49.65 -3.27
N SER E 317 -35.61 49.24 -3.16
CA SER E 317 -36.41 48.83 -4.30
C SER E 317 -37.58 49.77 -4.50
N ALA E 318 -37.94 49.98 -5.76
CA ALA E 318 -39.17 50.68 -6.11
C ALA E 318 -40.40 49.83 -5.76
N THR E 319 -40.27 48.51 -5.84
CA THR E 319 -41.43 47.61 -5.71
C THR E 319 -41.38 46.67 -4.52
N GLU E 320 -40.21 46.13 -4.22
CA GLU E 320 -40.12 45.01 -3.28
C GLU E 320 -39.95 45.41 -1.82
N ARG E 321 -40.63 44.66 -0.96
CA ARG E 321 -40.37 44.62 0.49
C ARG E 321 -40.63 45.95 1.17
N LYS E 322 -41.77 46.53 0.85
CA LYS E 322 -42.18 47.75 1.49
C LYS E 322 -42.82 47.40 2.81
N GLY E 323 -42.46 48.13 3.85
CA GLY E 323 -43.07 47.94 5.16
C GLY E 323 -44.51 48.44 5.14
N PRO E 324 -45.20 48.32 6.28
CA PRO E 324 -46.53 48.88 6.39
C PRO E 324 -46.47 50.32 6.92
N TYR E 325 -46.20 51.28 6.04
CA TYR E 325 -46.05 52.68 6.44
C TYR E 325 -47.42 53.33 6.75
N PRO E 326 -47.47 54.17 7.79
CA PRO E 326 -48.71 54.92 8.00
C PRO E 326 -49.03 55.86 6.84
N VAL E 327 -50.28 56.28 6.76
CA VAL E 327 -50.73 57.19 5.72
C VAL E 327 -51.48 58.37 6.37
N PRO E 328 -51.09 59.61 6.09
CA PRO E 328 -49.91 59.96 5.31
C PRO E 328 -48.66 59.83 6.18
N SER E 329 -47.49 59.79 5.53
CA SER E 329 -46.19 59.72 6.22
C SER E 329 -45.04 59.91 5.24
N LEU E 330 -43.88 60.26 5.78
CA LEU E 330 -42.70 60.48 4.95
C LEU E 330 -42.31 59.22 4.18
N LEU E 331 -42.35 58.06 4.81
CA LEU E 331 -41.99 56.82 4.10
C LEU E 331 -43.04 56.39 3.08
N ASP E 332 -44.31 56.70 3.34
CA ASP E 332 -45.37 56.45 2.35
C ASP E 332 -45.26 57.42 1.17
N ASP E 333 -44.72 58.62 1.41
CA ASP E 333 -44.47 59.59 0.33
C ASP E 333 -43.31 59.15 -0.55
N VAL E 334 -42.27 58.60 0.07
CA VAL E 334 -41.13 58.11 -0.69
C VAL E 334 -41.49 56.80 -1.40
N ASP E 335 -42.22 55.94 -0.69
CA ASP E 335 -42.87 54.75 -1.26
C ASP E 335 -41.87 53.71 -1.79
N THR E 336 -40.94 53.30 -0.94
CA THR E 336 -39.90 52.36 -1.32
C THR E 336 -39.78 51.28 -0.27
N GLY E 337 -39.17 50.16 -0.62
CA GLY E 337 -38.75 49.17 0.34
C GLY E 337 -37.25 49.30 0.50
N SER E 338 -36.76 49.08 1.70
CA SER E 338 -35.33 49.19 2.01
C SER E 338 -34.91 48.14 3.02
N TRP E 339 -33.72 47.57 2.83
CA TRP E 339 -33.20 46.47 3.66
C TRP E 339 -31.69 46.43 3.55
N ALA E 340 -31.05 45.87 4.58
CA ALA E 340 -29.62 45.65 4.54
C ALA E 340 -29.39 44.33 3.80
N ASP E 341 -28.32 44.27 3.01
CA ASP E 341 -27.89 43.01 2.40
C ASP E 341 -27.59 42.01 3.53
N ASP E 342 -28.23 40.86 3.45
CA ASP E 342 -28.21 39.88 4.52
C ASP E 342 -26.92 39.05 4.58
N SER E 343 -26.01 39.27 3.62
CA SER E 343 -24.73 38.60 3.60
C SER E 343 -23.65 39.39 4.36
N TRP E 344 -24.04 40.53 4.93
CA TRP E 344 -23.10 41.32 5.73
C TRP E 344 -23.15 40.97 7.20
N LEU E 345 -22.00 41.15 7.86
CA LEU E 345 -21.87 40.96 9.28
C LEU E 345 -22.85 41.87 10.03
N LYS E 346 -23.61 41.28 10.94
CA LYS E 346 -24.64 41.99 11.70
C LYS E 346 -24.11 42.41 13.06
N SER E 347 -24.63 43.53 13.57
CA SER E 347 -24.30 44.01 14.92
C SER E 347 -25.39 43.58 15.88
N ALA E 348 -25.33 44.11 17.09
CA ALA E 348 -26.42 43.94 18.05
C ALA E 348 -27.61 44.87 17.71
N SER E 349 -27.39 45.87 16.86
CA SER E 349 -28.44 46.79 16.43
C SER E 349 -29.01 46.35 15.08
N ALA E 350 -30.32 46.11 15.01
CA ALA E 350 -30.98 45.60 13.80
C ALA E 350 -30.65 46.41 12.52
N TRP E 351 -30.64 47.73 12.64
CA TRP E 351 -30.29 48.64 11.53
C TRP E 351 -28.83 48.61 11.07
N LEU E 352 -27.92 48.11 11.91
CA LEU E 352 -26.48 48.31 11.68
C LEU E 352 -25.78 47.00 11.25
N THR E 353 -25.13 47.04 10.08
CA THR E 353 -24.37 45.91 9.57
C THR E 353 -23.06 46.46 9.03
N LEU E 354 -22.04 45.61 8.91
CA LEU E 354 -20.79 46.05 8.30
C LEU E 354 -20.92 46.01 6.77
N ALA E 355 -21.19 47.16 6.18
CA ALA E 355 -21.28 47.31 4.73
C ALA E 355 -19.92 47.73 4.19
N PRO E 356 -19.22 46.81 3.50
CA PRO E 356 -17.85 47.08 3.05
C PRO E 356 -17.73 48.33 2.22
N ASN E 357 -16.77 49.18 2.55
CA ASN E 357 -16.52 50.42 1.81
C ASN E 357 -17.68 51.45 1.78
N SER E 358 -18.62 51.37 2.73
CA SER E 358 -19.80 52.26 2.70
C SER E 358 -19.46 53.75 2.85
N ILE E 359 -18.55 54.09 3.78
CA ILE E 359 -18.13 55.50 3.93
C ILE E 359 -17.75 56.09 2.59
N HIS E 360 -16.89 55.36 1.87
CA HIS E 360 -16.42 55.82 0.57
C HIS E 360 -17.57 56.01 -0.39
N THR E 361 -18.50 55.06 -0.42
CA THR E 361 -19.66 55.16 -1.31
C THR E 361 -20.54 56.41 -1.04
N ALA E 362 -20.84 56.70 0.23
CA ALA E 362 -21.68 57.85 0.58
C ALA E 362 -20.97 59.18 0.36
N LEU E 363 -19.71 59.26 0.78
CA LEU E 363 -18.93 60.51 0.63
C LEU E 363 -18.69 60.83 -0.84
N THR E 364 -18.37 59.81 -1.63
CA THR E 364 -18.21 60.01 -3.07
C THR E 364 -19.46 60.69 -3.62
N HIS E 365 -20.64 60.22 -3.22
CA HIS E 365 -21.91 60.79 -3.71
C HIS E 365 -22.13 62.21 -3.18
N LEU E 366 -21.84 62.43 -1.90
CA LEU E 366 -21.95 63.78 -1.33
C LEU E 366 -20.98 64.74 -2.03
N ASN E 367 -19.77 64.26 -2.27
CA ASN E 367 -18.71 65.08 -2.82
C ASN E 367 -19.13 65.62 -4.19
N ASN E 368 -19.75 64.75 -4.97
CA ASN E 368 -20.17 65.09 -6.33
C ASN E 368 -21.38 66.01 -6.37
N LEU E 369 -22.30 65.78 -5.43
CA LEU E 369 -23.58 66.48 -5.44
C LEU E 369 -23.48 67.91 -4.92
N TYR E 370 -22.68 68.12 -3.87
CA TYR E 370 -22.59 69.42 -3.23
C TYR E 370 -21.25 70.11 -3.44
N ASN E 371 -20.77 70.11 -4.69
CA ASN E 371 -19.60 70.89 -5.05
C ASN E 371 -18.49 70.85 -3.99
N LYS E 372 -18.02 69.64 -3.70
CA LYS E 372 -16.76 69.47 -2.97
C LYS E 372 -16.68 70.29 -1.68
N PRO E 373 -17.48 69.92 -0.67
CA PRO E 373 -17.34 70.58 0.62
C PRO E 373 -16.24 69.93 1.45
N VAL E 374 -16.02 70.50 2.65
CA VAL E 374 -15.08 69.97 3.63
C VAL E 374 -15.84 68.94 4.45
N PHE E 375 -15.30 67.73 4.59
CA PHE E 375 -15.99 66.65 5.30
C PHE E 375 -15.33 66.27 6.61
N TYR E 376 -16.14 65.96 7.61
CA TYR E 376 -15.67 65.22 8.78
C TYR E 376 -16.64 64.07 8.94
N ILE E 377 -16.11 62.90 9.28
CA ILE E 377 -16.94 61.81 9.73
C ILE E 377 -17.09 62.00 11.21
N THR E 378 -18.25 62.49 11.62
CA THR E 378 -18.49 62.85 13.02
C THR E 378 -19.03 61.71 13.88
N GLU E 379 -19.36 60.58 13.26
CA GLU E 379 -19.77 59.38 14.01
C GLU E 379 -19.66 58.16 13.14
N ASN E 380 -19.25 57.05 13.75
CA ASN E 380 -19.07 55.75 13.09
C ASN E 380 -18.68 54.76 14.17
N GLY E 381 -19.39 53.63 14.25
CA GLY E 381 -19.15 52.70 15.34
C GLY E 381 -19.94 51.42 15.28
N TRP E 382 -19.74 50.57 16.27
CA TRP E 382 -20.24 49.21 16.25
C TRP E 382 -20.88 48.86 17.56
N SER E 383 -21.97 48.13 17.52
CA SER E 383 -22.68 47.77 18.73
C SER E 383 -22.54 46.30 19.07
N THR E 384 -22.35 46.01 20.35
CA THR E 384 -22.29 44.65 20.84
C THR E 384 -23.26 44.49 22.01
N ASP E 385 -23.72 43.28 22.23
CA ASP E 385 -24.69 42.99 23.30
C ASP E 385 -24.04 43.11 24.70
N GLU E 386 -24.87 43.42 25.70
CA GLU E 386 -24.48 43.32 27.11
C GLU E 386 -24.30 41.87 27.54
N SER E 387 -25.15 40.97 27.02
CA SER E 387 -25.09 39.54 27.32
C SER E 387 -23.80 38.83 26.92
N ARG E 388 -23.06 39.43 25.99
CA ARG E 388 -21.81 38.86 25.48
C ARG E 388 -20.96 38.27 26.59
N GLU E 389 -20.53 37.01 26.41
CA GLU E 389 -19.86 36.25 27.46
C GLU E 389 -18.47 36.79 27.82
N ASN E 390 -17.80 37.45 26.87
CA ASN E 390 -16.48 38.03 27.12
C ASN E 390 -16.36 39.39 26.47
N SER E 391 -17.08 40.36 27.04
CA SER E 391 -17.35 41.61 26.33
C SER E 391 -16.12 42.49 26.07
N LEU E 392 -15.00 42.24 26.73
CA LEU E 392 -13.79 43.02 26.47
C LEU E 392 -13.15 42.60 25.15
N ILE E 393 -13.47 41.37 24.70
CA ILE E 393 -13.05 40.89 23.38
C ILE E 393 -14.12 41.19 22.32
N ASP E 394 -13.69 41.94 21.31
CA ASP E 394 -14.61 42.59 20.37
C ASP E 394 -14.06 42.56 18.95
N ASP E 395 -13.86 41.35 18.44
CA ASP E 395 -13.28 41.12 17.09
C ASP E 395 -14.18 41.69 15.99
N ASP E 396 -15.47 41.41 16.08
CA ASP E 396 -16.47 42.06 15.21
C ASP E 396 -16.28 43.58 15.15
N ARG E 397 -16.14 44.20 16.31
CA ARG E 397 -15.93 45.63 16.38
C ARG E 397 -14.64 45.98 15.65
N ILE E 398 -13.63 45.11 15.78
CA ILE E 398 -12.33 45.36 15.17
C ILE E 398 -12.39 45.26 13.65
N GLN E 399 -13.17 44.31 13.12
CA GLN E 399 -13.37 44.21 11.64
C GLN E 399 -13.97 45.51 11.15
N TYR E 400 -15.04 45.92 11.82
CA TYR E 400 -15.78 47.13 11.46
C TYR E 400 -14.88 48.34 11.38
N TYR E 401 -14.15 48.57 12.47
CA TYR E 401 -13.31 49.75 12.55
C TYR E 401 -12.23 49.69 11.47
N ARG E 402 -11.64 48.52 11.24
CA ARG E 402 -10.62 48.39 10.20
C ARG E 402 -11.19 48.62 8.81
N ALA E 403 -12.37 48.04 8.56
CA ALA E 403 -13.09 48.28 7.32
C ALA E 403 -13.29 49.78 7.15
N SER E 404 -13.82 50.43 8.18
CA SER E 404 -14.01 51.88 8.14
C SER E 404 -12.71 52.61 7.77
N MET E 405 -11.59 52.22 8.36
CA MET E 405 -10.29 52.87 8.06
C MET E 405 -9.89 52.76 6.58
N GLU E 406 -9.98 51.55 6.01
CA GLU E 406 -9.61 51.36 4.61
C GLU E 406 -10.45 52.27 3.75
N SER E 407 -11.72 52.36 4.13
CA SER E 407 -12.69 53.19 3.43
C SER E 407 -12.28 54.68 3.46
N LEU E 408 -11.77 55.13 4.59
CA LEU E 408 -11.27 56.52 4.73
C LEU E 408 -10.11 56.79 3.77
N LEU E 409 -9.16 55.86 3.76
CA LEU E 409 -7.98 56.00 2.91
C LEU E 409 -8.36 56.03 1.43
N ASN E 410 -9.42 55.31 1.08
CA ASN E 410 -9.96 55.36 -0.29
C ASN E 410 -10.43 56.76 -0.65
N CYS E 411 -11.08 57.43 0.30
CA CYS E 411 -11.53 58.80 0.08
C CYS E 411 -10.33 59.72 -0.14
N LEU E 412 -9.34 59.57 0.73
CA LEU E 412 -8.12 60.36 0.64
C LEU E 412 -7.41 60.13 -0.69
N ASP E 413 -7.37 58.87 -1.13
CA ASP E 413 -6.78 58.53 -2.43
C ASP E 413 -7.56 59.13 -3.59
N ASP E 414 -8.88 59.25 -3.44
CA ASP E 414 -9.71 59.85 -4.48
C ASP E 414 -9.74 61.40 -4.42
N GLY E 415 -9.05 61.98 -3.45
CA GLY E 415 -8.94 63.42 -3.36
C GLY E 415 -10.17 64.08 -2.77
N ILE E 416 -10.89 63.35 -1.93
CA ILE E 416 -11.99 63.92 -1.15
C ILE E 416 -11.40 64.71 0.01
N ASN E 417 -11.92 65.91 0.26
CA ASN E 417 -11.44 66.75 1.37
C ASN E 417 -12.02 66.29 2.70
N LEU E 418 -11.59 65.12 3.14
CA LEU E 418 -12.02 64.56 4.41
C LEU E 418 -10.99 64.91 5.48
N LYS E 419 -11.43 65.60 6.54
CA LYS E 419 -10.51 66.20 7.52
C LYS E 419 -10.36 65.45 8.84
N GLY E 420 -11.22 64.48 9.13
CA GLY E 420 -11.13 63.80 10.42
C GLY E 420 -12.20 62.75 10.67
N TYR E 421 -12.08 62.05 11.79
CA TYR E 421 -12.89 60.89 12.07
C TYR E 421 -13.15 60.80 13.56
N MET E 422 -14.41 60.63 13.93
CA MET E 422 -14.81 60.49 15.32
C MET E 422 -15.50 59.17 15.49
N ALA E 423 -14.87 58.27 16.23
CA ALA E 423 -15.48 56.98 16.54
C ALA E 423 -16.62 57.19 17.51
N TRP E 424 -17.73 56.50 17.27
CA TRP E 424 -18.81 56.42 18.25
C TRP E 424 -18.73 55.05 18.91
N SER E 425 -18.53 54.97 20.22
CA SER E 425 -18.40 56.11 21.13
C SER E 425 -17.10 55.94 21.91
N LEU E 426 -16.57 57.04 22.43
CA LEU E 426 -15.46 56.95 23.37
C LEU E 426 -15.71 55.85 24.41
N MET E 427 -16.92 55.82 24.97
CA MET E 427 -17.27 54.82 25.98
C MET E 427 -18.75 54.45 25.92
N ASP E 428 -19.09 53.34 26.54
CA ASP E 428 -20.47 52.91 26.63
C ASP E 428 -21.33 54.02 27.22
N ASN E 429 -22.61 54.01 26.84
CA ASN E 429 -23.54 55.05 27.26
C ASN E 429 -25.02 54.62 27.14
N PHE E 430 -25.93 55.55 27.42
CA PHE E 430 -27.38 55.27 27.34
C PHE E 430 -27.81 55.41 25.88
N GLU E 431 -28.04 54.29 25.21
CA GLU E 431 -28.42 54.32 23.78
C GLU E 431 -29.94 54.41 23.62
N TRP E 432 -30.44 55.57 24.00
CA TRP E 432 -31.82 55.99 23.76
C TRP E 432 -32.81 54.86 24.08
N MET E 433 -33.69 54.49 23.15
CA MET E 433 -34.77 53.54 23.45
C MET E 433 -34.29 52.11 23.72
N GLU E 434 -33.01 51.84 23.47
CA GLU E 434 -32.40 50.55 23.78
C GLU E 434 -31.75 50.49 25.16
N GLY E 435 -31.42 51.66 25.71
CA GLY E 435 -30.91 51.72 27.06
C GLY E 435 -29.47 51.28 27.10
N TYR E 436 -29.22 50.22 27.86
CA TYR E 436 -27.85 49.72 28.05
C TYR E 436 -27.61 48.34 27.42
N ILE E 437 -28.61 47.78 26.74
CA ILE E 437 -28.45 46.45 26.15
C ILE E 437 -27.53 46.46 24.92
N GLU E 438 -27.38 47.62 24.28
CA GLU E 438 -26.51 47.76 23.12
C GLU E 438 -25.36 48.71 23.43
N ARG E 439 -24.13 48.22 23.27
CA ARG E 439 -22.91 48.90 23.71
C ARG E 439 -22.03 49.33 22.55
N PHE E 440 -21.69 50.61 22.51
CA PHE E 440 -20.88 51.16 21.42
C PHE E 440 -19.47 51.58 21.84
N GLY E 441 -19.14 51.43 23.12
CA GLY E 441 -17.91 52.04 23.63
C GLY E 441 -16.61 51.35 23.27
N LEU E 442 -15.60 52.15 22.93
CA LEU E 442 -14.23 51.65 22.89
C LEU E 442 -13.75 51.26 24.28
N TYR E 443 -14.40 51.78 25.32
CA TYR E 443 -14.27 51.29 26.70
C TYR E 443 -15.62 50.78 27.17
N GLU E 444 -15.61 49.67 27.91
CA GLU E 444 -16.81 49.17 28.58
C GLU E 444 -17.07 50.06 29.78
N VAL E 445 -18.31 50.04 30.27
CA VAL E 445 -18.67 50.79 31.46
C VAL E 445 -19.48 49.87 32.37
N ASP E 446 -19.18 49.90 33.66
CA ASP E 446 -19.95 49.13 34.63
C ASP E 446 -21.10 50.01 35.15
N PHE E 447 -22.26 49.86 34.55
CA PHE E 447 -23.43 50.67 34.90
C PHE E 447 -24.11 50.23 36.21
N SER E 448 -23.72 49.08 36.77
CA SER E 448 -24.22 48.67 38.09
C SER E 448 -23.26 49.04 39.24
N ASP E 449 -22.17 49.74 38.91
CA ASP E 449 -21.15 50.14 39.87
C ASP E 449 -21.12 51.68 40.01
N PRO E 450 -21.38 52.20 41.23
CA PRO E 450 -21.44 53.64 41.54
C PRO E 450 -20.39 54.54 40.88
N ALA E 451 -19.15 54.05 40.71
CA ALA E 451 -18.07 54.83 40.09
C ALA E 451 -18.05 54.77 38.55
N ARG E 452 -18.92 53.95 37.94
CA ARG E 452 -19.07 53.88 36.47
C ARG E 452 -17.74 53.71 35.74
N THR E 453 -17.00 52.70 36.19
CA THR E 453 -15.61 52.51 35.78
C THR E 453 -15.52 52.16 34.30
N ARG E 454 -14.61 52.83 33.60
CA ARG E 454 -14.36 52.60 32.20
C ARG E 454 -13.20 51.60 32.04
N THR E 455 -13.46 50.47 31.38
CA THR E 455 -12.44 49.45 31.08
C THR E 455 -12.18 49.37 29.57
N PRO E 456 -10.92 49.59 29.14
CA PRO E 456 -10.65 49.55 27.69
C PRO E 456 -10.86 48.16 27.07
N ARG E 457 -11.50 48.13 25.91
CA ARG E 457 -11.77 46.91 25.16
C ARG E 457 -10.67 46.74 24.13
N LYS E 458 -10.64 45.56 23.53
CA LYS E 458 -9.62 45.21 22.58
C LYS E 458 -9.53 46.28 21.46
N ALA E 459 -10.66 46.83 21.05
CA ALA E 459 -10.67 47.79 19.93
C ALA E 459 -10.00 49.10 20.26
N ALA E 460 -10.00 49.44 21.55
CA ALA E 460 -9.34 50.66 22.02
C ALA E 460 -7.87 50.66 21.61
N PHE E 461 -7.24 49.52 21.84
CA PHE E 461 -5.83 49.35 21.57
C PHE E 461 -5.59 49.42 20.08
N VAL E 462 -6.48 48.82 19.30
CA VAL E 462 -6.38 48.88 17.83
C VAL E 462 -6.50 50.33 17.38
N TYR E 463 -7.52 51.03 17.89
CA TYR E 463 -7.75 52.41 17.52
C TYR E 463 -6.55 53.27 17.94
N LYS E 464 -6.08 53.08 19.16
CA LYS E 464 -4.85 53.75 19.64
C LYS E 464 -3.67 53.47 18.70
N HIS E 465 -3.52 52.19 18.33
CA HIS E 465 -2.47 51.78 17.39
C HIS E 465 -2.58 52.51 16.05
N ILE E 466 -3.82 52.63 15.54
CA ILE E 466 -4.04 53.28 14.26
C ILE E 466 -3.67 54.76 14.31
N ILE E 467 -4.05 55.46 15.39
CA ILE E 467 -3.74 56.89 15.53
C ILE E 467 -2.23 57.06 15.57
N LYS E 468 -1.58 56.19 16.34
CA LYS E 468 -0.14 56.29 16.55
C LYS E 468 0.62 56.14 15.24
N HIS E 469 0.29 55.10 14.47
CA HIS E 469 1.06 54.77 13.27
C HIS E 469 0.49 55.33 11.98
N ARG E 470 -0.77 55.82 12.05
CA ARG E 470 -1.48 56.30 10.86
C ARG E 470 -1.60 55.20 9.77
N VAL E 471 -1.72 53.95 10.23
CA VAL E 471 -1.70 52.75 9.36
C VAL E 471 -2.55 51.66 9.99
N VAL E 472 -3.17 50.83 9.14
CA VAL E 472 -3.89 49.65 9.61
C VAL E 472 -2.97 48.44 9.51
N ASP E 473 -2.97 47.60 10.54
CA ASP E 473 -2.13 46.43 10.58
C ASP E 473 -2.93 45.26 11.09
N TYR E 474 -3.20 44.29 10.20
CA TYR E 474 -4.15 43.21 10.49
C TYR E 474 -3.56 42.10 11.37
N GLU E 475 -2.27 41.87 11.25
CA GLU E 475 -1.59 40.90 12.10
C GLU E 475 -1.59 41.38 13.56
N TYR E 476 -1.47 42.70 13.74
CA TYR E 476 -1.46 43.32 15.08
C TYR E 476 -2.54 42.78 16.05
N GLU E 477 -2.17 42.65 17.33
CA GLU E 477 -3.04 42.16 18.40
C GLU E 477 -2.75 43.00 19.67
N PRO E 478 -3.48 42.76 20.78
CA PRO E 478 -3.28 43.54 21.99
C PRO E 478 -2.35 42.82 22.98
N GLU E 479 -1.21 43.43 23.26
CA GLU E 479 -0.15 42.78 24.03
C GLU E 479 -0.63 42.62 25.46
N THR E 480 -1.01 43.75 26.05
CA THR E 480 -1.66 43.79 27.35
C THR E 480 -3.06 44.35 27.13
N MET E 481 -3.91 44.18 28.14
CA MET E 481 -5.21 44.85 28.18
C MET E 481 -5.15 45.90 29.30
N VAL E 482 -4.13 46.76 29.23
CA VAL E 482 -3.92 47.85 30.19
C VAL E 482 -3.29 49.04 29.46
N MET E 483 -3.92 50.21 29.61
CA MET E 483 -3.53 51.40 28.86
C MET E 483 -2.47 52.22 29.60
N THR E 484 -1.68 52.95 28.82
CA THR E 484 -0.78 53.99 29.32
C THR E 484 -0.77 55.13 28.30
N ILE E 485 -0.24 56.28 28.69
CA ILE E 485 -0.12 57.44 27.81
C ILE E 485 1.33 57.50 27.29
N ASP E 486 1.51 58.01 26.07
CA ASP E 486 2.80 57.90 25.38
C ASP E 486 3.67 59.16 25.45
N GLU E 487 3.14 60.28 24.96
CA GLU E 487 3.96 61.46 24.65
C GLU E 487 4.87 61.88 25.81
N ARG F 3 -89.49 104.40 27.70
CA ARG F 3 -88.13 103.99 27.21
C ARG F 3 -88.12 102.52 26.78
N ARG F 4 -87.99 102.29 25.48
CA ARG F 4 -88.19 100.96 24.89
C ARG F 4 -87.04 100.59 23.96
N PHE F 5 -86.67 99.31 23.96
CA PHE F 5 -85.67 98.80 23.01
C PHE F 5 -86.24 98.87 21.58
N PRO F 6 -85.45 99.39 20.62
CA PRO F 6 -85.94 99.46 19.22
C PRO F 6 -86.36 98.11 18.61
N ASP F 7 -87.14 98.15 17.53
CA ASP F 7 -87.49 96.93 16.77
C ASP F 7 -86.21 96.24 16.28
N ASP F 8 -85.35 97.02 15.63
CA ASP F 8 -84.03 96.57 15.20
C ASP F 8 -83.09 96.35 16.40
N PHE F 9 -83.29 95.26 17.14
CA PHE F 9 -82.44 94.95 18.29
C PHE F 9 -82.58 93.49 18.66
N LEU F 10 -81.51 92.73 18.44
CA LEU F 10 -81.52 91.28 18.54
C LEU F 10 -81.30 90.80 19.96
N PHE F 11 -82.34 90.28 20.58
CA PHE F 11 -82.17 89.55 21.83
C PHE F 11 -81.86 88.11 21.47
N GLY F 12 -81.24 87.39 22.41
CA GLY F 12 -80.83 86.03 22.17
C GLY F 12 -80.22 85.34 23.37
N THR F 13 -79.70 84.14 23.12
CA THR F 13 -79.00 83.35 24.12
C THR F 13 -77.70 82.82 23.53
N ALA F 14 -76.91 82.16 24.36
CA ALA F 14 -75.58 81.77 23.96
C ALA F 14 -75.17 80.46 24.59
N THR F 15 -74.43 79.67 23.82
CA THR F 15 -73.89 78.41 24.28
C THR F 15 -72.53 78.20 23.67
N ALA F 16 -71.82 77.21 24.19
CA ALA F 16 -70.54 76.78 23.63
C ALA F 16 -70.60 75.28 23.31
N SER F 17 -69.97 74.87 22.20
CA SER F 17 -69.93 73.48 21.74
C SER F 17 -69.64 72.46 22.85
N TYR F 18 -68.45 72.50 23.44
CA TYR F 18 -68.06 71.51 24.46
C TYR F 18 -68.94 71.52 25.70
N GLN F 19 -69.61 72.65 25.95
CA GLN F 19 -70.46 72.78 27.13
C GLN F 19 -71.84 72.12 26.94
N ILE F 20 -72.41 72.21 25.75
CA ILE F 20 -73.75 71.63 25.46
C ILE F 20 -73.78 70.31 24.68
N GLU F 21 -72.83 70.11 23.75
CA GLU F 21 -72.97 69.11 22.67
C GLU F 21 -72.96 67.65 23.08
N GLY F 22 -72.03 67.29 23.97
CA GLY F 22 -71.78 65.89 24.29
C GLY F 22 -71.28 65.13 23.06
N ALA F 23 -71.40 63.80 23.12
CA ALA F 23 -71.03 62.92 22.01
C ALA F 23 -69.62 63.24 21.53
N TRP F 24 -68.66 63.06 22.44
CA TRP F 24 -67.30 63.53 22.25
C TRP F 24 -66.49 62.70 21.24
N ASP F 25 -66.89 61.43 21.07
CA ASP F 25 -66.18 60.49 20.18
C ASP F 25 -67.15 59.84 19.19
N GLU F 26 -68.19 60.56 18.81
CA GLU F 26 -69.23 60.00 17.98
C GLU F 26 -68.96 60.40 16.53
N ASP F 27 -69.15 59.46 15.62
CA ASP F 27 -69.00 59.68 14.19
C ASP F 27 -67.66 60.35 13.82
N GLY F 28 -66.58 59.85 14.43
CA GLY F 28 -65.21 60.24 14.08
C GLY F 28 -64.79 61.64 14.47
N LYS F 29 -65.33 62.14 15.57
CA LYS F 29 -64.91 63.42 16.09
C LYS F 29 -63.56 63.21 16.76
N GLY F 30 -62.58 64.04 16.41
CA GLY F 30 -61.26 63.99 17.04
C GLY F 30 -61.31 64.41 18.50
N GLU F 31 -60.32 64.00 19.28
CA GLU F 31 -60.26 64.42 20.67
C GLU F 31 -59.77 65.86 20.71
N ASN F 32 -60.37 66.66 21.59
CA ASN F 32 -59.94 68.03 21.78
C ASN F 32 -59.23 68.21 23.12
N ILE F 33 -58.71 69.42 23.34
CA ILE F 33 -57.88 69.66 24.51
C ILE F 33 -58.63 69.50 25.81
N TRP F 34 -59.94 69.64 25.79
CA TRP F 34 -60.76 69.40 26.98
C TRP F 34 -60.97 67.92 27.22
N ASP F 35 -61.45 67.21 26.20
CA ASP F 35 -61.52 65.74 26.26
C ASP F 35 -60.24 65.21 26.89
N TYR F 36 -59.11 65.54 26.27
CA TYR F 36 -57.80 65.06 26.73
C TYR F 36 -57.51 65.37 28.20
N MET F 37 -57.81 66.59 28.64
CA MET F 37 -57.48 66.98 30.02
C MET F 37 -58.37 66.27 31.03
N VAL F 38 -59.69 66.25 30.78
CA VAL F 38 -60.60 65.63 31.76
C VAL F 38 -60.37 64.13 31.86
N HIS F 39 -59.95 63.49 30.77
CA HIS F 39 -59.66 62.05 30.80
C HIS F 39 -58.30 61.72 31.39
N ASN F 40 -57.31 62.58 31.21
CA ASN F 40 -55.98 62.29 31.75
C ASN F 40 -55.82 62.70 33.20
N THR F 41 -56.35 63.87 33.55
CA THR F 41 -56.36 64.36 34.94
C THR F 41 -57.76 64.90 35.27
N PRO F 42 -58.69 63.99 35.64
CA PRO F 42 -60.07 64.42 35.93
C PRO F 42 -60.22 65.25 37.21
N GLU F 43 -59.24 65.16 38.11
CA GLU F 43 -59.22 65.93 39.36
C GLU F 43 -59.32 67.46 39.19
N VAL F 44 -58.83 68.00 38.08
CA VAL F 44 -58.83 69.45 37.86
C VAL F 44 -60.24 70.06 37.78
N ILE F 45 -61.24 69.22 37.59
CA ILE F 45 -62.63 69.67 37.64
C ILE F 45 -63.16 69.48 39.07
N ARG F 46 -63.77 70.53 39.62
CA ARG F 46 -64.23 70.51 41.02
C ARG F 46 -64.94 69.23 41.40
N ASP F 47 -66.03 68.96 40.69
CA ASP F 47 -66.94 67.86 41.01
C ASP F 47 -66.62 66.53 40.31
N LEU F 48 -65.38 66.40 39.80
CA LEU F 48 -64.96 65.27 38.96
C LEU F 48 -66.02 64.96 37.89
N SER F 49 -66.12 65.85 36.91
CA SER F 49 -67.16 65.79 35.89
C SER F 49 -66.52 65.94 34.51
N ASN F 50 -67.34 65.91 33.45
CA ASN F 50 -66.84 66.15 32.08
C ASN F 50 -67.95 66.42 31.07
N GLY F 51 -67.55 66.81 29.87
CA GLY F 51 -68.49 67.14 28.81
C GLY F 51 -68.69 66.04 27.78
N ASP F 52 -68.44 64.79 28.18
CA ASP F 52 -68.61 63.62 27.29
C ASP F 52 -70.03 63.57 26.74
N ILE F 53 -70.99 63.45 27.65
CA ILE F 53 -72.37 63.84 27.40
C ILE F 53 -72.57 65.00 28.36
N ALA F 54 -72.89 66.18 27.84
CA ALA F 54 -73.13 67.31 28.70
C ALA F 54 -74.64 67.55 28.74
N ALA F 55 -75.13 68.30 27.77
CA ALA F 55 -76.56 68.48 27.59
C ALA F 55 -77.04 67.70 26.36
N ASP F 56 -76.14 66.86 25.82
CA ASP F 56 -76.41 66.03 24.65
C ASP F 56 -77.19 66.74 23.56
N SER F 57 -76.76 67.96 23.24
CA SER F 57 -77.40 68.74 22.18
C SER F 57 -77.06 68.23 20.79
N TYR F 58 -76.09 67.31 20.71
CA TYR F 58 -75.85 66.55 19.48
C TYR F 58 -77.14 65.80 19.12
N HIS F 59 -77.69 65.10 20.11
CA HIS F 59 -78.96 64.37 19.98
C HIS F 59 -80.24 65.17 20.32
N ASN F 60 -80.11 66.39 20.84
CA ASN F 60 -81.28 67.17 21.28
C ASN F 60 -81.48 68.51 20.59
N TYR F 61 -80.71 68.75 19.53
CA TYR F 61 -80.80 70.02 18.80
C TYR F 61 -82.23 70.40 18.39
N LYS F 62 -83.11 69.40 18.23
CA LYS F 62 -84.54 69.61 17.97
C LYS F 62 -85.21 70.43 19.09
N ARG F 63 -85.01 69.97 20.31
CA ARG F 63 -85.56 70.62 21.47
C ARG F 63 -85.00 72.04 21.65
N ASP F 64 -83.69 72.19 21.49
CA ASP F 64 -83.03 73.46 21.70
C ASP F 64 -83.59 74.57 20.80
N VAL F 65 -84.03 74.23 19.59
CA VAL F 65 -84.64 75.26 18.73
C VAL F 65 -86.09 75.53 19.14
N GLU F 66 -86.73 74.61 19.86
CA GLU F 66 -88.07 74.88 20.43
C GLU F 66 -87.98 75.88 21.58
N MET F 67 -87.28 75.51 22.65
CA MET F 67 -87.04 76.42 23.78
C MET F 67 -86.59 77.84 23.36
N MET F 68 -85.89 77.95 22.23
CA MET F 68 -85.60 79.27 21.67
C MET F 68 -86.86 80.01 21.22
N ARG F 69 -87.72 79.32 20.47
CA ARG F 69 -88.99 79.90 20.02
C ARG F 69 -89.99 80.10 21.18
N GLU F 70 -89.87 79.27 22.22
CA GLU F 70 -90.58 79.48 23.48
C GLU F 70 -90.05 80.69 24.28
N LEU F 71 -89.14 81.46 23.68
CA LEU F 71 -88.72 82.74 24.21
C LEU F 71 -88.76 83.85 23.14
N GLY F 72 -89.05 83.50 21.89
CA GLY F 72 -89.22 84.47 20.82
C GLY F 72 -87.95 85.22 20.47
N LEU F 73 -86.82 84.52 20.53
CA LEU F 73 -85.52 85.15 20.30
C LEU F 73 -85.42 85.61 18.85
N ASP F 74 -84.80 86.75 18.61
CA ASP F 74 -84.43 87.13 17.26
C ASP F 74 -83.24 86.29 16.80
N ALA F 75 -82.43 85.80 17.75
CA ALA F 75 -81.17 85.15 17.41
C ALA F 75 -80.65 84.17 18.46
N TYR F 76 -79.64 83.39 18.07
CA TYR F 76 -79.00 82.41 18.96
C TYR F 76 -77.54 82.22 18.58
N ARG F 77 -76.68 82.19 19.60
CA ARG F 77 -75.25 82.11 19.41
C ARG F 77 -74.71 80.81 20.01
N PHE F 78 -73.88 80.14 19.21
CA PHE F 78 -73.36 78.82 19.56
C PHE F 78 -72.05 78.62 18.80
N SER F 79 -71.18 77.76 19.31
CA SER F 79 -69.88 77.52 18.65
C SER F 79 -69.78 76.16 17.97
N LEU F 80 -68.80 76.08 17.07
CA LEU F 80 -68.45 74.87 16.36
C LEU F 80 -67.29 74.16 17.05
N SER F 81 -67.39 72.85 17.18
CA SER F 81 -66.28 72.05 17.64
C SER F 81 -65.34 71.90 16.44
N TRP F 82 -64.12 72.40 16.59
CA TRP F 82 -63.09 72.29 15.54
C TRP F 82 -62.78 70.80 15.30
N ALA F 83 -62.60 70.04 16.37
CA ALA F 83 -62.29 68.61 16.25
C ALA F 83 -63.44 67.76 15.70
N ARG F 84 -64.69 68.25 15.75
CA ARG F 84 -65.81 67.51 15.17
C ARG F 84 -65.86 67.70 13.66
N ILE F 85 -65.46 68.87 13.18
CA ILE F 85 -65.39 69.16 11.75
C ILE F 85 -64.07 68.68 11.13
N LEU F 86 -62.94 69.00 11.75
CA LEU F 86 -61.61 68.58 11.24
C LEU F 86 -60.90 67.77 12.33
N PRO F 87 -61.16 66.45 12.38
CA PRO F 87 -60.67 65.64 13.50
C PRO F 87 -59.16 65.62 13.72
N THR F 88 -58.38 65.84 12.67
CA THR F 88 -56.92 65.93 12.81
C THR F 88 -56.45 67.35 13.03
N GLY F 89 -57.30 68.34 12.75
CA GLY F 89 -56.98 69.75 12.88
C GLY F 89 -56.85 70.41 11.52
N MET F 90 -56.38 69.65 10.54
CA MET F 90 -56.12 70.15 9.21
C MET F 90 -57.30 69.91 8.27
N ALA F 91 -57.30 70.62 7.15
CA ALA F 91 -58.45 70.68 6.24
C ALA F 91 -58.59 69.47 5.30
N ASN F 92 -57.64 68.55 5.37
CA ASN F 92 -57.59 67.40 4.47
C ASN F 92 -58.77 66.46 4.65
N GLU F 93 -59.24 66.32 5.89
CA GLU F 93 -60.31 65.40 6.24
C GLU F 93 -61.47 66.16 6.90
N VAL F 94 -62.43 66.58 6.07
CA VAL F 94 -63.65 67.21 6.54
C VAL F 94 -64.63 66.10 6.93
N ASN F 95 -64.87 65.95 8.24
CA ASN F 95 -65.76 64.92 8.76
C ASN F 95 -67.20 65.21 8.30
N PRO F 96 -67.89 64.21 7.68
CA PRO F 96 -69.23 64.51 7.16
C PRO F 96 -70.29 64.63 8.25
N ALA F 97 -70.14 63.87 9.33
CA ALA F 97 -71.04 63.95 10.50
C ALA F 97 -71.13 65.36 11.08
N GLY F 98 -69.97 65.93 11.41
CA GLY F 98 -69.91 67.29 11.90
C GLY F 98 -70.59 68.27 10.97
N ILE F 99 -70.22 68.24 9.69
CA ILE F 99 -70.77 69.19 8.73
C ILE F 99 -72.29 69.14 8.65
N ALA F 100 -72.84 67.95 8.45
CA ALA F 100 -74.28 67.79 8.22
C ALA F 100 -75.05 68.18 9.46
N PHE F 101 -74.53 67.78 10.63
CA PHE F 101 -75.10 68.17 11.92
C PHE F 101 -75.30 69.69 12.06
N TYR F 102 -74.23 70.45 11.88
CA TYR F 102 -74.32 71.91 12.01
C TYR F 102 -75.19 72.50 10.90
N ASN F 103 -75.18 71.84 9.74
CA ASN F 103 -76.18 72.14 8.73
C ASN F 103 -77.60 71.84 9.21
N ASN F 104 -77.79 70.80 10.03
CA ASN F 104 -79.11 70.51 10.61
C ASN F 104 -79.58 71.52 11.68
N TYR F 105 -78.67 71.91 12.58
CA TYR F 105 -78.94 72.98 13.57
C TYR F 105 -79.26 74.28 12.84
N ILE F 106 -78.35 74.70 11.97
CA ILE F 106 -78.58 75.92 11.21
C ILE F 106 -79.93 75.89 10.48
N ASP F 107 -80.20 74.79 9.77
CA ASP F 107 -81.44 74.66 8.97
C ASP F 107 -82.71 74.72 9.83
N GLU F 108 -82.67 74.11 11.01
CA GLU F 108 -83.83 74.10 11.91
C GLU F 108 -84.16 75.51 12.42
N MET F 109 -83.15 76.19 12.98
CA MET F 109 -83.27 77.58 13.42
C MET F 109 -83.94 78.41 12.34
N LEU F 110 -83.29 78.44 11.17
CA LEU F 110 -83.59 79.43 10.13
C LEU F 110 -84.94 79.24 9.41
N LYS F 111 -85.56 78.06 9.59
CA LYS F 111 -86.95 77.84 9.13
C LYS F 111 -87.91 78.66 9.98
N TYR F 112 -87.65 78.67 11.29
CA TYR F 112 -88.45 79.42 12.25
C TYR F 112 -87.99 80.89 12.33
N ASN F 113 -87.32 81.36 11.28
CA ASN F 113 -86.88 82.74 11.16
C ASN F 113 -86.12 83.25 12.40
N ILE F 114 -85.25 82.40 12.95
CA ILE F 114 -84.29 82.76 14.00
C ILE F 114 -82.92 82.95 13.34
N THR F 115 -82.19 83.98 13.76
CA THR F 115 -80.86 84.23 13.18
C THR F 115 -79.77 83.49 13.96
N PRO F 116 -79.00 82.62 13.27
CA PRO F 116 -77.88 81.93 13.90
C PRO F 116 -76.65 82.81 13.96
N LEU F 117 -75.97 82.79 15.10
CA LEU F 117 -74.69 83.50 15.28
C LEU F 117 -73.62 82.48 15.63
N ILE F 118 -72.58 82.43 14.84
CA ILE F 118 -71.62 81.34 14.94
C ILE F 118 -70.25 81.79 15.45
N THR F 119 -69.78 81.12 16.50
CA THR F 119 -68.40 81.28 16.97
C THR F 119 -67.48 80.18 16.43
N LEU F 120 -66.49 80.54 15.63
CA LEU F 120 -65.54 79.55 15.12
C LEU F 120 -64.81 78.82 16.25
N TYR F 121 -64.34 79.55 17.27
CA TYR F 121 -63.55 78.95 18.33
C TYR F 121 -64.00 79.32 19.75
N HIS F 122 -64.55 78.35 20.47
CA HIS F 122 -64.91 78.56 21.86
C HIS F 122 -64.20 77.52 22.73
N TRP F 123 -62.87 77.50 22.60
CA TRP F 123 -61.94 76.81 23.53
C TRP F 123 -61.75 75.30 23.28
N ASP F 124 -62.13 74.84 22.09
CA ASP F 124 -62.31 73.41 21.81
C ASP F 124 -61.24 72.92 20.81
N LEU F 125 -59.97 73.26 21.07
CA LEU F 125 -58.89 73.04 20.09
C LEU F 125 -58.60 71.55 19.94
N PRO F 126 -58.36 71.10 18.71
CA PRO F 126 -57.94 69.72 18.50
C PRO F 126 -56.63 69.40 19.20
N GLN F 127 -56.63 68.28 19.92
CA GLN F 127 -55.45 67.86 20.68
C GLN F 127 -54.23 67.69 19.77
N LYS F 128 -54.44 67.26 18.53
CA LYS F 128 -53.33 67.10 17.60
C LYS F 128 -52.59 68.41 17.41
N LEU F 129 -53.33 69.50 17.31
CA LEU F 129 -52.73 70.80 17.11
C LEU F 129 -52.11 71.29 18.39
N GLN F 130 -52.67 70.92 19.54
CA GLN F 130 -52.08 71.31 20.82
C GLN F 130 -50.68 70.73 20.99
N GLU F 131 -50.50 69.48 20.60
CA GLU F 131 -49.18 68.85 20.73
C GLU F 131 -48.14 69.42 19.76
N LEU F 132 -48.56 70.17 18.76
CA LEU F 132 -47.65 70.99 17.97
C LEU F 132 -47.45 72.40 18.56
N GLY F 133 -47.96 72.65 19.77
CA GLY F 133 -47.78 73.94 20.45
C GLY F 133 -49.05 74.76 20.53
N GLY F 134 -50.05 74.43 19.71
CA GLY F 134 -51.33 75.11 19.79
C GLY F 134 -51.20 76.59 19.51
N PHE F 135 -51.80 77.40 20.36
CA PHE F 135 -51.74 78.88 20.18
C PHE F 135 -50.38 79.51 20.40
N ALA F 136 -49.45 78.77 21.00
CA ALA F 136 -48.07 79.24 21.16
C ALA F 136 -47.28 79.20 19.87
N ASN F 137 -47.83 78.48 18.88
CA ASN F 137 -47.20 78.30 17.59
C ASN F 137 -47.84 79.24 16.59
N PRO F 138 -47.05 80.12 15.96
CA PRO F 138 -47.57 81.06 14.97
C PRO F 138 -48.30 80.38 13.81
N LEU F 139 -47.97 79.12 13.51
CA LEU F 139 -48.63 78.41 12.42
C LEU F 139 -50.12 78.19 12.69
N ILE F 140 -50.55 78.32 13.94
CA ILE F 140 -51.98 78.28 14.31
C ILE F 140 -52.81 79.26 13.49
N SER F 141 -52.20 80.35 13.04
CA SER F 141 -52.91 81.32 12.26
C SER F 141 -53.21 80.78 10.86
N ASP F 142 -52.34 79.89 10.37
CA ASP F 142 -52.59 79.17 9.11
C ASP F 142 -53.60 78.05 9.27
N TRP F 143 -53.46 77.27 10.34
CA TRP F 143 -54.41 76.21 10.63
C TRP F 143 -55.78 76.80 10.92
N PHE F 144 -55.81 77.99 11.52
CA PHE F 144 -57.08 78.63 11.76
C PHE F 144 -57.72 79.10 10.46
N GLU F 145 -56.93 79.74 9.61
CA GLU F 145 -57.43 80.19 8.33
C GLU F 145 -58.13 79.03 7.58
N ASP F 146 -57.40 77.96 7.29
CA ASP F 146 -57.97 76.81 6.58
C ASP F 146 -59.27 76.31 7.17
N TYR F 147 -59.36 76.28 8.50
CA TYR F 147 -60.56 75.87 9.20
C TYR F 147 -61.66 76.87 8.99
N ALA F 148 -61.29 78.15 8.87
CA ALA F 148 -62.25 79.19 8.57
C ALA F 148 -62.84 79.00 7.18
N ARG F 149 -61.98 78.79 6.20
CA ARG F 149 -62.40 78.52 4.83
C ARG F 149 -63.49 77.45 4.78
N VAL F 150 -63.35 76.42 5.60
CA VAL F 150 -64.30 75.31 5.63
C VAL F 150 -65.61 75.71 6.30
N VAL F 151 -65.50 76.43 7.41
CA VAL F 151 -66.68 76.90 8.11
C VAL F 151 -67.49 77.80 7.19
N PHE F 152 -66.82 78.75 6.54
CA PHE F 152 -67.48 79.70 5.69
C PHE F 152 -68.16 78.99 4.51
N GLU F 153 -67.37 78.30 3.68
CA GLU F 153 -67.90 77.74 2.44
C GLU F 153 -69.08 76.81 2.67
N ASN F 154 -69.10 76.11 3.81
CA ASN F 154 -70.24 75.27 4.15
C ASN F 154 -71.44 76.02 4.71
N PHE F 155 -71.20 76.99 5.59
CA PHE F 155 -72.30 77.59 6.36
C PHE F 155 -72.62 79.05 6.03
N GLY F 156 -71.72 79.74 5.34
CA GLY F 156 -71.91 81.14 5.02
C GLY F 156 -72.98 81.46 3.99
N ASP F 157 -73.45 80.44 3.27
CA ASP F 157 -74.59 80.59 2.34
C ASP F 157 -75.83 81.05 3.11
N ARG F 158 -76.00 80.56 4.33
CA ARG F 158 -77.08 80.97 5.22
C ARG F 158 -76.57 81.94 6.31
N VAL F 159 -75.78 81.44 7.25
CA VAL F 159 -75.32 82.21 8.44
C VAL F 159 -74.57 83.48 8.08
N LYS F 160 -75.06 84.62 8.56
CA LYS F 160 -74.46 85.91 8.24
C LYS F 160 -73.69 86.59 9.39
N MET F 161 -73.66 85.97 10.58
CA MET F 161 -72.87 86.48 11.73
C MET F 161 -71.79 85.49 12.23
N PHE F 162 -70.53 85.84 11.98
CA PHE F 162 -69.39 85.00 12.39
C PHE F 162 -68.46 85.66 13.44
N ILE F 163 -68.29 85.00 14.58
CA ILE F 163 -67.31 85.39 15.60
C ILE F 163 -66.12 84.42 15.54
N THR F 164 -64.94 84.95 15.24
CA THR F 164 -63.76 84.09 15.15
C THR F 164 -63.44 83.44 16.48
N PHE F 165 -63.16 84.26 17.49
CA PHE F 165 -62.74 83.74 18.79
C PHE F 165 -63.64 84.28 19.88
N ASN F 166 -63.90 83.43 20.87
CA ASN F 166 -64.55 83.83 22.09
C ASN F 166 -63.56 83.91 23.25
N GLU F 167 -63.45 85.10 23.83
CA GLU F 167 -62.67 85.34 25.06
C GLU F 167 -61.18 84.96 25.01
N PRO F 168 -60.38 85.71 24.25
CA PRO F 168 -58.94 85.49 24.15
C PRO F 168 -58.18 85.43 25.49
N ARG F 169 -58.68 86.10 26.52
CA ARG F 169 -58.06 86.10 27.84
C ARG F 169 -58.13 84.71 28.46
N GLU F 170 -59.28 84.07 28.32
CA GLU F 170 -59.48 82.72 28.85
C GLU F 170 -58.63 81.71 28.09
N ILE F 171 -58.41 81.95 26.81
CA ILE F 171 -57.57 81.09 26.00
C ILE F 171 -56.10 81.29 26.40
N CYS F 172 -55.61 82.51 26.27
CA CYS F 172 -54.18 82.81 26.42
C CYS F 172 -53.69 82.81 27.85
N PHE F 173 -54.22 83.73 28.66
CA PHE F 173 -53.78 83.83 30.03
C PHE F 173 -54.14 82.58 30.83
N GLU F 174 -55.37 82.11 30.68
CA GLU F 174 -55.86 81.08 31.58
C GLU F 174 -55.43 79.67 31.16
N GLY F 175 -55.24 79.46 29.86
CA GLY F 175 -54.88 78.15 29.31
C GLY F 175 -53.38 77.97 29.11
N TYR F 176 -52.71 79.02 28.63
CA TYR F 176 -51.29 78.94 28.32
C TYR F 176 -50.43 79.64 29.36
N GLY F 177 -50.87 80.83 29.77
CA GLY F 177 -50.16 81.61 30.77
C GLY F 177 -50.37 81.19 32.21
N SER F 178 -51.16 80.16 32.46
CA SER F 178 -51.40 79.68 33.84
C SER F 178 -52.06 78.30 33.79
N ALA F 179 -52.91 77.97 34.77
CA ALA F 179 -53.39 76.59 34.91
C ALA F 179 -54.87 76.43 35.26
N THR F 180 -55.73 77.31 34.74
CA THR F 180 -57.17 77.22 35.08
C THR F 180 -58.09 77.03 33.87
N LYS F 181 -57.52 76.87 32.68
CA LYS F 181 -58.26 76.35 31.52
C LYS F 181 -57.35 75.38 30.77
N ALA F 182 -57.94 74.43 30.06
CA ALA F 182 -57.19 73.63 29.08
C ALA F 182 -56.45 74.60 28.15
N PRO F 183 -55.18 74.35 27.83
CA PRO F 183 -54.47 73.11 28.12
C PRO F 183 -53.58 73.17 29.36
N ILE F 184 -53.90 74.05 30.30
CA ILE F 184 -53.16 74.20 31.58
C ILE F 184 -51.64 74.17 31.45
N LEU F 185 -51.13 74.82 30.41
CA LEU F 185 -49.71 74.81 30.16
C LEU F 185 -48.89 75.38 31.32
N ASN F 186 -49.42 76.40 31.99
CA ASN F 186 -48.73 77.03 33.11
C ASN F 186 -47.38 77.58 32.71
N ALA F 187 -47.30 78.16 31.50
CA ALA F 187 -46.10 78.86 31.06
C ALA F 187 -46.26 80.35 31.37
N THR F 188 -46.04 80.69 32.65
CA THR F 188 -46.42 81.99 33.20
C THR F 188 -45.67 83.15 32.58
N ALA F 189 -44.39 82.95 32.30
CA ALA F 189 -43.56 84.04 31.85
C ALA F 189 -44.03 84.59 30.51
N MET F 190 -44.19 83.71 29.53
CA MET F 190 -44.43 84.12 28.15
C MET F 190 -45.65 83.52 27.47
N GLY F 191 -46.33 82.57 28.12
CA GLY F 191 -47.42 81.84 27.47
C GLY F 191 -48.53 82.73 26.95
N ALA F 192 -49.04 83.58 27.83
CA ALA F 192 -50.10 84.50 27.48
C ALA F 192 -49.69 85.36 26.30
N TYR F 193 -48.46 85.88 26.33
CA TYR F 193 -48.02 86.87 25.36
C TYR F 193 -47.83 86.29 23.96
N LEU F 194 -47.22 85.11 23.88
CA LEU F 194 -47.14 84.36 22.62
C LEU F 194 -48.53 84.04 22.09
N CYS F 195 -49.40 83.51 22.94
CA CYS F 195 -50.78 83.21 22.55
C CYS F 195 -51.54 84.45 22.07
N ALA F 196 -51.39 85.58 22.76
CA ALA F 196 -52.08 86.79 22.38
C ALA F 196 -51.72 87.20 20.96
N LYS F 197 -50.42 87.22 20.68
CA LYS F 197 -49.92 87.60 19.36
C LYS F 197 -50.45 86.68 18.24
N ASN F 198 -50.44 85.39 18.51
CA ASN F 198 -50.81 84.42 17.50
C ASN F 198 -52.31 84.45 17.23
N LEU F 199 -53.09 84.70 18.27
CA LEU F 199 -54.54 84.73 18.18
C LEU F 199 -55.09 85.93 17.39
N VAL F 200 -54.49 87.10 17.57
CA VAL F 200 -54.98 88.28 16.86
C VAL F 200 -54.61 88.17 15.39
N THR F 201 -53.42 87.66 15.11
CA THR F 201 -53.02 87.31 13.75
C THR F 201 -53.97 86.29 13.13
N ALA F 202 -54.25 85.20 13.85
CA ALA F 202 -55.21 84.20 13.39
C ALA F 202 -56.55 84.84 13.07
N HIS F 203 -57.01 85.72 13.96
CA HIS F 203 -58.22 86.44 13.71
C HIS F 203 -58.13 87.26 12.43
N ALA F 204 -57.05 88.02 12.30
CA ALA F 204 -56.87 88.87 11.14
C ALA F 204 -56.94 88.08 9.83
N LYS F 205 -56.34 86.89 9.81
CA LYS F 205 -56.28 86.09 8.58
C LYS F 205 -57.63 85.53 8.20
N ALA F 206 -58.45 85.17 9.18
CA ALA F 206 -59.78 84.66 8.92
C ALA F 206 -60.71 85.79 8.46
N TYR F 207 -60.50 86.98 8.99
CA TYR F 207 -61.28 88.14 8.59
C TYR F 207 -60.98 88.52 7.13
N TYR F 208 -59.71 88.68 6.79
CA TYR F 208 -59.32 89.00 5.42
C TYR F 208 -59.76 87.92 4.43
N LEU F 209 -59.81 86.67 4.89
CA LEU F 209 -60.32 85.59 4.07
C LEU F 209 -61.80 85.87 3.83
N TYR F 210 -62.55 86.07 4.90
CA TYR F 210 -63.98 86.34 4.78
C TYR F 210 -64.22 87.56 3.90
N ASP F 211 -63.41 88.58 4.09
CA ASP F 211 -63.57 89.83 3.37
C ASP F 211 -63.45 89.62 1.87
N ARG F 212 -62.30 89.14 1.43
CA ARG F 212 -62.01 89.10 -0.01
C ARG F 212 -62.62 87.90 -0.74
N GLU F 213 -62.87 86.80 -0.04
CA GLU F 213 -63.28 85.54 -0.69
C GLU F 213 -64.68 85.01 -0.35
N PHE F 214 -65.37 85.60 0.62
CA PHE F 214 -66.73 85.11 0.98
C PHE F 214 -67.81 86.20 1.15
N ARG F 215 -67.43 87.43 1.46
CA ARG F 215 -68.40 88.51 1.69
C ARG F 215 -69.09 88.96 0.38
N PRO F 216 -68.31 89.29 -0.68
CA PRO F 216 -68.92 89.62 -1.97
C PRO F 216 -70.10 88.73 -2.38
N VAL F 217 -70.02 87.43 -2.07
CA VAL F 217 -71.09 86.51 -2.43
C VAL F 217 -72.13 86.36 -1.30
N GLN F 218 -71.67 86.14 -0.08
CA GLN F 218 -72.57 85.82 1.05
C GLN F 218 -73.10 87.05 1.81
N GLY F 219 -72.34 88.14 1.80
CA GLY F 219 -72.79 89.42 2.35
C GLY F 219 -72.92 89.58 3.87
N GLY F 220 -72.54 88.57 4.67
CA GLY F 220 -72.67 88.65 6.15
C GLY F 220 -71.56 89.42 6.87
N GLN F 221 -71.44 89.19 8.18
CA GLN F 221 -70.48 89.90 9.05
C GLN F 221 -69.48 88.97 9.75
N CYS F 222 -68.24 89.45 9.90
CA CYS F 222 -67.21 88.74 10.67
C CYS F 222 -66.58 89.67 11.70
N GLY F 223 -66.66 89.29 12.98
CA GLY F 223 -66.03 90.03 14.07
C GLY F 223 -65.34 89.15 15.10
N ILE F 224 -65.22 89.67 16.32
CA ILE F 224 -64.56 88.95 17.42
C ILE F 224 -65.26 89.31 18.72
N THR F 225 -65.13 88.46 19.72
CA THR F 225 -65.73 88.66 21.02
C THR F 225 -64.65 88.70 22.10
N ILE F 226 -64.61 89.77 22.88
CA ILE F 226 -63.59 89.95 23.91
C ILE F 226 -64.27 90.29 25.21
N SER F 227 -63.80 89.69 26.30
CA SER F 227 -64.43 89.88 27.60
C SER F 227 -63.96 91.19 28.24
N VAL F 228 -64.88 92.15 28.37
CA VAL F 228 -64.58 93.44 28.99
C VAL F 228 -65.46 93.69 30.19
N ASN F 229 -65.08 93.10 31.31
CA ASN F 229 -65.60 93.53 32.61
C ASN F 229 -65.04 94.92 32.92
N TRP F 230 -65.70 95.66 33.81
CA TRP F 230 -65.21 97.00 34.16
C TRP F 230 -64.13 96.94 35.23
N PHE F 231 -63.00 97.56 34.95
CA PHE F 231 -61.92 97.68 35.92
C PHE F 231 -61.71 99.16 36.20
N GLY F 232 -62.13 99.58 37.38
CA GLY F 232 -62.05 100.97 37.78
C GLY F 232 -61.20 101.17 39.01
N PRO F 233 -60.68 102.41 39.20
CA PRO F 233 -59.79 102.71 40.33
C PRO F 233 -60.51 102.57 41.65
N ALA F 234 -59.84 101.94 42.62
CA ALA F 234 -60.46 101.72 43.92
C ALA F 234 -60.55 103.03 44.73
N THR F 235 -59.62 103.95 44.51
CA THR F 235 -59.74 105.31 45.05
C THR F 235 -59.45 106.28 43.92
N PRO F 236 -59.93 107.53 44.02
CA PRO F 236 -59.79 108.45 42.88
C PRO F 236 -58.44 109.15 42.82
N THR F 237 -57.37 108.38 42.95
CA THR F 237 -56.02 108.91 42.92
C THR F 237 -55.32 108.53 41.61
N PRO F 238 -54.32 109.32 41.18
CA PRO F 238 -53.57 108.96 39.96
C PRO F 238 -52.89 107.57 40.02
N GLU F 239 -52.49 107.11 41.21
CA GLU F 239 -51.83 105.80 41.34
C GLU F 239 -52.81 104.70 40.96
N ASP F 240 -54.06 104.84 41.41
CA ASP F 240 -55.07 103.84 41.15
C ASP F 240 -55.70 104.03 39.78
N GLU F 241 -55.66 105.25 39.25
CA GLU F 241 -56.09 105.46 37.86
C GLU F 241 -55.12 104.80 36.89
N MET F 242 -53.83 104.88 37.19
CA MET F 242 -52.81 104.17 36.41
C MET F 242 -53.00 102.65 36.61
N ALA F 243 -53.04 102.19 37.85
CA ALA F 243 -53.32 100.79 38.14
C ALA F 243 -54.50 100.24 37.32
N ALA F 244 -55.62 100.98 37.33
CA ALA F 244 -56.80 100.58 36.60
C ALA F 244 -56.55 100.51 35.11
N GLU F 245 -55.89 101.51 34.55
CA GLU F 245 -55.52 101.53 33.14
C GLU F 245 -54.70 100.28 32.77
N LEU F 246 -53.68 99.99 33.58
CA LEU F 246 -52.83 98.82 33.36
C LEU F 246 -53.58 97.51 33.51
N ARG F 247 -54.43 97.40 34.52
CA ARG F 247 -55.20 96.19 34.68
C ARG F 247 -56.16 95.99 33.48
N ARG F 248 -56.76 97.05 32.98
CA ARG F 248 -57.60 96.95 31.80
C ARG F 248 -56.80 96.49 30.58
N GLN F 249 -55.61 97.06 30.42
CA GLN F 249 -54.79 96.69 29.28
C GLN F 249 -54.38 95.21 29.34
N GLY F 250 -54.07 94.73 30.52
CA GLY F 250 -53.63 93.36 30.69
C GLY F 250 -54.77 92.37 30.61
N GLU F 251 -55.95 92.78 31.02
CA GLU F 251 -57.09 91.89 31.10
C GLU F 251 -57.73 91.77 29.74
N TRP F 252 -57.93 92.89 29.04
CA TRP F 252 -58.52 92.88 27.72
C TRP F 252 -57.86 93.73 26.66
N GLY F 253 -57.13 94.78 27.02
CA GLY F 253 -56.61 95.68 26.01
C GLY F 253 -55.57 95.05 25.12
N ILE F 254 -54.84 94.10 25.69
CA ILE F 254 -53.84 93.35 24.95
C ILE F 254 -54.41 92.63 23.72
N TYR F 255 -55.66 92.16 23.80
CA TYR F 255 -56.33 91.50 22.69
C TYR F 255 -57.10 92.49 21.81
N ALA F 256 -57.79 93.45 22.42
CA ALA F 256 -58.62 94.39 21.68
C ALA F 256 -57.78 95.39 20.90
N HIS F 257 -56.74 95.94 21.53
CA HIS F 257 -56.02 97.06 20.95
C HIS F 257 -55.46 96.83 19.55
N PRO F 258 -54.85 95.66 19.31
CA PRO F 258 -54.26 95.42 18.00
C PRO F 258 -55.29 95.42 16.87
N ILE F 259 -56.51 94.98 17.17
CA ILE F 259 -57.56 94.86 16.17
C ILE F 259 -58.36 96.16 16.01
N PHE F 260 -58.74 96.76 17.13
CA PHE F 260 -59.66 97.91 17.14
C PHE F 260 -59.03 99.30 17.15
N SER F 261 -57.80 99.44 17.65
CA SER F 261 -57.16 100.76 17.65
C SER F 261 -56.74 101.16 16.24
N ALA F 262 -56.44 102.45 16.05
CA ALA F 262 -56.06 102.98 14.74
C ALA F 262 -54.55 102.91 14.55
N GLU F 263 -53.81 102.94 15.65
CA GLU F 263 -52.35 102.80 15.60
C GLU F 263 -52.01 101.31 15.48
N GLY F 264 -52.85 100.45 16.06
CA GLY F 264 -52.61 99.02 16.07
C GLY F 264 -51.57 98.65 17.12
N GLY F 265 -51.22 97.37 17.17
CA GLY F 265 -50.19 96.89 18.09
C GLY F 265 -50.69 96.78 19.51
N PHE F 266 -49.79 96.47 20.42
CA PHE F 266 -50.15 96.28 21.83
C PHE F 266 -50.30 97.64 22.51
N PRO F 267 -51.03 97.70 23.64
CA PRO F 267 -51.22 98.98 24.32
C PRO F 267 -49.90 99.49 24.89
N LYS F 268 -49.63 100.78 24.70
CA LYS F 268 -48.31 101.36 25.01
C LYS F 268 -47.87 101.23 26.47
N GLU F 269 -48.80 101.42 27.40
CA GLU F 269 -48.43 101.51 28.80
C GLU F 269 -48.04 100.14 29.42
N LEU F 270 -48.84 99.11 29.18
CA LEU F 270 -48.53 97.76 29.69
C LEU F 270 -47.31 97.20 28.96
N SER F 271 -47.23 97.44 27.65
CA SER F 271 -46.07 97.07 26.84
C SER F 271 -44.72 97.57 27.41
N ASP F 272 -44.66 98.84 27.79
CA ASP F 272 -43.46 99.43 28.41
C ASP F 272 -43.16 98.80 29.78
N LYS F 273 -44.21 98.54 30.55
CA LYS F 273 -44.06 97.89 31.87
C LYS F 273 -43.51 96.45 31.75
N ILE F 274 -43.98 95.71 30.74
CA ILE F 274 -43.51 94.35 30.55
C ILE F 274 -42.03 94.38 30.15
N ALA F 275 -41.67 95.29 29.25
CA ALA F 275 -40.27 95.43 28.81
C ALA F 275 -39.33 95.72 29.99
N GLU F 276 -39.71 96.70 30.80
CA GLU F 276 -38.97 97.05 32.01
C GLU F 276 -38.76 95.83 32.91
N LYS F 277 -39.85 95.13 33.23
CA LYS F 277 -39.77 93.93 34.07
C LYS F 277 -38.93 92.81 33.43
N SER F 278 -39.02 92.67 32.11
CA SER F 278 -38.28 91.67 31.35
C SER F 278 -36.77 91.92 31.37
N ALA F 279 -36.35 93.09 30.89
CA ALA F 279 -34.93 93.51 31.01
C ALA F 279 -34.41 93.29 32.43
N GLN F 280 -35.23 93.65 33.41
CA GLN F 280 -34.89 93.48 34.83
C GLN F 280 -34.73 92.01 35.25
N GLN F 281 -35.48 91.11 34.60
CA GLN F 281 -35.44 89.69 34.94
C GLN F 281 -34.36 88.93 34.16
N GLY F 282 -33.69 89.62 33.23
CA GLY F 282 -32.55 89.07 32.51
C GLY F 282 -32.86 88.56 31.11
N TYR F 283 -34.08 88.79 30.64
CA TYR F 283 -34.46 88.39 29.27
C TYR F 283 -33.76 89.35 28.33
N PRO F 284 -33.31 88.87 27.16
CA PRO F 284 -32.68 89.75 26.16
C PRO F 284 -33.65 90.53 25.28
N TRP F 285 -34.94 90.35 25.51
CA TRP F 285 -35.98 91.13 24.84
C TRP F 285 -37.18 91.11 25.76
N SER F 286 -38.18 91.93 25.47
CA SER F 286 -39.40 91.90 26.27
C SER F 286 -40.12 90.56 26.08
N ARG F 287 -40.63 90.00 27.16
CA ARG F 287 -41.46 88.81 27.10
C ARG F 287 -42.75 89.09 26.30
N LEU F 288 -43.06 90.36 26.05
CA LEU F 288 -44.05 90.75 25.06
C LEU F 288 -43.35 91.21 23.77
N PRO F 289 -43.48 90.44 22.68
CA PRO F 289 -42.87 90.93 21.44
C PRO F 289 -43.59 92.18 20.96
N GLU F 290 -42.86 93.18 20.47
CA GLU F 290 -43.51 94.32 19.84
C GLU F 290 -43.99 93.93 18.43
N PHE F 291 -45.03 94.62 17.93
CA PHE F 291 -45.46 94.46 16.53
C PHE F 291 -44.54 95.27 15.62
N THR F 292 -44.15 94.71 14.47
CA THR F 292 -43.51 95.52 13.43
C THR F 292 -44.57 96.41 12.77
N GLU F 293 -44.12 97.38 11.97
CA GLU F 293 -45.02 98.33 11.31
C GLU F 293 -46.04 97.60 10.43
N GLU F 294 -45.57 96.63 9.66
CA GLU F 294 -46.46 95.85 8.78
C GLU F 294 -47.41 94.92 9.54
N GLU F 295 -46.96 94.37 10.66
CA GLU F 295 -47.82 93.55 11.52
C GLU F 295 -48.95 94.37 12.14
N LYS F 296 -48.65 95.60 12.56
CA LYS F 296 -49.69 96.48 13.10
C LYS F 296 -50.71 96.76 12.00
N ALA F 297 -50.19 97.15 10.84
CA ALA F 297 -51.03 97.47 9.68
C ALA F 297 -51.93 96.29 9.25
N PHE F 298 -51.39 95.08 9.37
CA PHE F 298 -52.10 93.86 8.99
C PHE F 298 -53.27 93.57 9.95
N VAL F 299 -53.01 93.57 11.25
CA VAL F 299 -54.02 93.17 12.24
C VAL F 299 -55.11 94.23 12.50
N ARG F 300 -54.75 95.52 12.44
CA ARG F 300 -55.73 96.58 12.76
C ARG F 300 -56.85 96.70 11.73
N GLY F 301 -58.07 96.95 12.23
CA GLY F 301 -59.24 97.15 11.38
C GLY F 301 -59.92 95.88 10.92
N THR F 302 -59.49 94.74 11.46
CA THR F 302 -59.92 93.45 10.94
C THR F 302 -61.16 92.94 11.66
N SER F 303 -62.11 93.84 11.95
CA SER F 303 -63.36 93.42 12.57
C SER F 303 -64.52 94.33 12.15
N ASP F 304 -65.65 93.72 11.78
CA ASP F 304 -66.84 94.44 11.35
C ASP F 304 -67.58 95.00 12.57
N PHE F 305 -67.57 94.23 13.65
CA PHE F 305 -68.16 94.68 14.90
C PHE F 305 -67.27 94.29 16.09
N PHE F 306 -67.67 94.75 17.28
CA PHE F 306 -66.96 94.45 18.51
C PHE F 306 -67.95 93.75 19.44
N GLY F 307 -67.78 92.44 19.60
CA GLY F 307 -68.57 91.66 20.55
C GLY F 307 -67.98 91.82 21.93
N VAL F 308 -68.85 91.92 22.93
CA VAL F 308 -68.39 92.09 24.29
C VAL F 308 -69.01 91.05 25.22
N ASN F 309 -68.15 90.28 25.90
CA ASN F 309 -68.58 89.48 27.03
C ASN F 309 -68.42 90.34 28.26
N HIS F 310 -69.53 90.70 28.90
CA HIS F 310 -69.48 91.50 30.12
C HIS F 310 -70.33 90.88 31.19
N TYR F 311 -69.78 90.81 32.39
CA TYR F 311 -70.52 90.34 33.54
C TYR F 311 -70.58 91.36 34.69
N THR F 312 -69.43 91.90 35.08
CA THR F 312 -69.29 92.51 36.40
C THR F 312 -68.26 93.66 36.40
N ALA F 313 -67.88 94.11 37.60
CA ALA F 313 -66.89 95.18 37.73
C ALA F 313 -65.96 94.92 38.90
N PHE F 314 -64.81 95.58 38.88
CA PHE F 314 -63.81 95.42 39.92
C PHE F 314 -63.21 96.76 40.28
N LEU F 315 -62.76 96.85 41.53
CA LEU F 315 -61.98 97.97 42.05
C LEU F 315 -60.49 97.62 41.94
N VAL F 316 -59.69 98.53 41.38
CA VAL F 316 -58.27 98.25 41.15
C VAL F 316 -57.36 99.21 41.92
N SER F 317 -56.47 98.61 42.71
CA SER F 317 -55.51 99.35 43.54
C SER F 317 -54.09 99.15 43.06
N ALA F 318 -53.25 100.17 43.21
CA ALA F 318 -51.83 100.03 42.92
C ALA F 318 -51.07 99.28 44.04
N THR F 319 -51.69 99.11 45.20
CA THR F 319 -50.95 98.61 46.37
C THR F 319 -51.67 97.56 47.20
N GLU F 320 -52.97 97.71 47.39
CA GLU F 320 -53.72 96.86 48.31
C GLU F 320 -54.19 95.54 47.70
N ARG F 321 -54.24 94.51 48.55
CA ARG F 321 -54.87 93.23 48.23
C ARG F 321 -54.27 92.60 46.96
N LYS F 322 -52.95 92.62 46.90
CA LYS F 322 -52.20 91.94 45.85
C LYS F 322 -52.06 90.48 46.25
N GLY F 323 -52.59 89.58 45.43
CA GLY F 323 -52.41 88.16 45.65
C GLY F 323 -50.98 87.80 45.34
N PRO F 324 -50.56 86.59 45.75
CA PRO F 324 -49.24 86.15 45.32
C PRO F 324 -49.36 85.69 43.87
N TYR F 325 -48.73 86.43 42.97
CA TYR F 325 -48.71 86.06 41.57
C TYR F 325 -47.36 85.40 41.26
N PRO F 326 -47.35 84.41 40.35
CA PRO F 326 -46.04 83.86 39.98
C PRO F 326 -45.19 84.93 39.32
N VAL F 327 -43.87 84.74 39.34
CA VAL F 327 -42.94 85.68 38.72
C VAL F 327 -42.04 84.86 37.82
N PRO F 328 -41.88 85.24 36.54
CA PRO F 328 -42.64 86.31 35.89
C PRO F 328 -44.04 85.83 35.55
N SER F 329 -44.95 86.78 35.32
CA SER F 329 -46.32 86.45 34.96
C SER F 329 -47.05 87.71 34.53
N LEU F 330 -48.22 87.54 33.91
CA LEU F 330 -48.97 88.69 33.41
C LEU F 330 -49.46 89.56 34.58
N LEU F 331 -50.09 88.94 35.58
CA LEU F 331 -50.59 89.69 36.73
C LEU F 331 -49.45 90.29 37.54
N ASP F 332 -48.27 89.68 37.53
CA ASP F 332 -47.13 90.32 38.20
C ASP F 332 -46.67 91.51 37.38
N ASP F 333 -46.72 91.40 36.06
CA ASP F 333 -46.32 92.51 35.20
C ASP F 333 -47.21 93.75 35.39
N VAL F 334 -48.50 93.51 35.65
CA VAL F 334 -49.46 94.59 35.87
C VAL F 334 -49.24 95.21 37.24
N ASP F 335 -49.01 94.36 38.24
CA ASP F 335 -48.62 94.77 39.58
C ASP F 335 -49.76 95.53 40.27
N THR F 336 -50.82 94.80 40.57
CA THR F 336 -52.11 95.40 40.86
C THR F 336 -52.95 94.49 41.74
N GLY F 337 -53.80 95.09 42.56
CA GLY F 337 -54.77 94.36 43.39
C GLY F 337 -56.15 94.62 42.82
N SER F 338 -57.08 93.70 43.06
CA SER F 338 -58.37 93.71 42.39
C SER F 338 -59.42 92.99 43.23
N TRP F 339 -60.61 93.54 43.30
CA TRP F 339 -61.69 92.94 44.10
C TRP F 339 -63.04 93.59 43.82
N ALA F 340 -64.08 92.94 44.30
CA ALA F 340 -65.44 93.46 44.18
C ALA F 340 -65.82 94.16 45.48
N ASP F 341 -66.60 95.24 45.38
CA ASP F 341 -67.12 95.91 46.57
C ASP F 341 -67.99 94.93 47.36
N ASP F 342 -67.62 94.72 48.62
CA ASP F 342 -68.25 93.67 49.44
C ASP F 342 -69.76 93.80 49.63
N SER F 343 -70.34 94.91 49.18
CA SER F 343 -71.78 95.14 49.29
C SER F 343 -72.55 94.63 48.09
N TRP F 344 -71.87 94.48 46.96
CA TRP F 344 -72.51 94.06 45.74
C TRP F 344 -73.03 92.63 45.87
N LEU F 345 -74.13 92.34 45.20
CA LEU F 345 -74.79 91.04 45.28
C LEU F 345 -73.92 89.91 44.71
N LYS F 346 -73.60 88.94 45.55
CA LYS F 346 -72.79 87.78 45.15
C LYS F 346 -73.60 86.76 44.34
N SER F 347 -72.89 85.95 43.57
CA SER F 347 -73.46 84.78 42.90
C SER F 347 -72.76 83.56 43.47
N ALA F 348 -72.96 82.39 42.83
CA ALA F 348 -72.20 81.19 43.20
C ALA F 348 -70.75 81.28 42.73
N SER F 349 -70.50 82.05 41.67
CA SER F 349 -69.13 82.29 41.17
C SER F 349 -68.49 83.46 41.91
N ALA F 350 -67.40 83.19 42.62
CA ALA F 350 -66.73 84.18 43.46
C ALA F 350 -66.18 85.41 42.73
N TRP F 351 -66.07 85.33 41.41
CA TRP F 351 -65.59 86.44 40.58
C TRP F 351 -66.76 87.26 40.03
N LEU F 352 -67.98 86.79 40.27
CA LEU F 352 -69.16 87.33 39.61
C LEU F 352 -70.09 87.93 40.65
N THR F 353 -70.42 89.20 40.45
CA THR F 353 -71.29 89.95 41.36
C THR F 353 -72.13 90.93 40.55
N LEU F 354 -73.23 91.37 41.14
CA LEU F 354 -74.07 92.38 40.51
C LEU F 354 -73.43 93.75 40.75
N ALA F 355 -73.01 94.37 39.66
CA ALA F 355 -72.32 95.64 39.72
C ALA F 355 -73.17 96.69 39.02
N PRO F 356 -73.80 97.58 39.81
CA PRO F 356 -74.63 98.66 39.31
C PRO F 356 -74.08 99.32 38.04
N ASN F 357 -74.91 99.26 37.00
CA ASN F 357 -74.68 99.88 35.70
C ASN F 357 -73.36 99.48 34.97
N SER F 358 -72.86 98.28 35.29
CA SER F 358 -71.53 97.86 34.81
C SER F 358 -71.42 97.79 33.30
N ILE F 359 -72.48 97.36 32.63
CA ILE F 359 -72.44 97.29 31.17
C ILE F 359 -72.19 98.67 30.55
N HIS F 360 -72.95 99.66 31.01
CA HIS F 360 -72.79 101.04 30.53
C HIS F 360 -71.39 101.62 30.85
N THR F 361 -70.87 101.34 32.04
CA THR F 361 -69.54 101.83 32.43
C THR F 361 -68.51 101.28 31.43
N ALA F 362 -68.50 99.96 31.28
CA ALA F 362 -67.58 99.28 30.37
C ALA F 362 -67.66 99.79 28.94
N LEU F 363 -68.87 99.91 28.42
CA LEU F 363 -69.08 100.24 27.01
C LEU F 363 -68.80 101.68 26.68
N THR F 364 -69.07 102.57 27.61
CA THR F 364 -68.76 103.99 27.42
C THR F 364 -67.25 104.16 27.23
N HIS F 365 -66.47 103.49 28.08
CA HIS F 365 -65.01 103.50 27.96
C HIS F 365 -64.56 103.00 26.59
N LEU F 366 -65.11 101.87 26.16
CA LEU F 366 -64.76 101.33 24.84
C LEU F 366 -65.16 102.26 23.71
N ASN F 367 -66.38 102.78 23.80
CA ASN F 367 -66.92 103.67 22.78
C ASN F 367 -66.01 104.86 22.52
N ASN F 368 -65.52 105.46 23.59
CA ASN F 368 -64.60 106.58 23.48
C ASN F 368 -63.20 106.16 23.07
N LEU F 369 -62.76 105.00 23.54
CA LEU F 369 -61.41 104.52 23.25
C LEU F 369 -61.21 104.07 21.81
N TYR F 370 -62.27 103.59 21.16
CA TYR F 370 -62.15 103.03 19.81
C TYR F 370 -63.16 103.58 18.78
N ASN F 371 -63.44 104.88 18.85
CA ASN F 371 -64.28 105.57 17.83
C ASN F 371 -65.65 104.97 17.56
N LYS F 372 -66.37 104.55 18.60
CA LYS F 372 -67.69 103.96 18.43
C LYS F 372 -67.70 102.91 17.32
N PRO F 373 -67.40 101.65 17.68
CA PRO F 373 -67.69 100.56 16.75
C PRO F 373 -69.13 100.10 16.95
N VAL F 374 -69.52 99.07 16.19
CA VAL F 374 -70.77 98.35 16.45
C VAL F 374 -70.54 97.38 17.61
N PHE F 375 -71.46 97.34 18.57
CA PHE F 375 -71.32 96.47 19.73
C PHE F 375 -72.41 95.42 19.76
N TYR F 376 -72.07 94.23 20.23
CA TYR F 376 -73.08 93.30 20.73
C TYR F 376 -72.62 92.80 22.07
N ILE F 377 -73.56 92.64 23.00
CA ILE F 377 -73.27 91.91 24.21
C ILE F 377 -73.47 90.45 23.88
N THR F 378 -72.36 89.81 23.54
CA THR F 378 -72.36 88.41 23.15
C THR F 378 -72.52 87.49 24.36
N GLU F 379 -72.33 88.01 25.57
CA GLU F 379 -72.45 87.18 26.77
C GLU F 379 -72.69 88.01 28.03
N ASN F 380 -73.66 87.57 28.84
CA ASN F 380 -74.00 88.19 30.12
C ASN F 380 -75.01 87.31 30.82
N GLY F 381 -74.82 87.03 32.09
CA GLY F 381 -75.70 86.11 32.80
C GLY F 381 -75.31 85.93 34.24
N TRP F 382 -76.00 85.05 34.95
CA TRP F 382 -75.89 84.96 36.42
C TRP F 382 -75.83 83.52 36.89
N SER F 383 -75.13 83.30 38.00
CA SER F 383 -74.70 81.98 38.44
C SER F 383 -75.42 81.50 39.70
N THR F 384 -76.56 80.86 39.51
CA THR F 384 -77.27 80.23 40.62
C THR F 384 -76.56 78.92 40.93
N ASP F 385 -76.65 78.47 42.17
CA ASP F 385 -76.06 77.19 42.52
C ASP F 385 -76.95 76.04 42.05
N GLU F 386 -76.35 74.88 41.82
CA GLU F 386 -77.07 73.68 41.34
C GLU F 386 -78.07 73.13 42.33
N SER F 387 -77.65 73.01 43.58
CA SER F 387 -78.38 72.26 44.60
C SER F 387 -79.41 73.13 45.32
N ARG F 388 -79.36 74.44 45.09
CA ARG F 388 -80.28 75.39 45.72
C ARG F 388 -81.72 75.01 45.40
N GLU F 389 -82.42 74.52 46.42
CA GLU F 389 -83.84 74.14 46.32
C GLU F 389 -84.67 75.22 45.62
N ASN F 390 -85.69 74.77 44.89
CA ASN F 390 -86.48 75.64 44.03
C ASN F 390 -85.58 76.32 43.02
N SER F 391 -84.80 75.50 42.30
CA SER F 391 -83.89 75.99 41.28
C SER F 391 -84.65 76.65 40.14
N LEU F 392 -85.93 76.34 40.01
CA LEU F 392 -86.83 77.06 39.10
C LEU F 392 -87.04 78.51 39.55
N ILE F 393 -87.14 78.71 40.86
CA ILE F 393 -87.35 80.04 41.45
C ILE F 393 -86.00 80.70 41.71
N ASP F 394 -85.57 81.51 40.74
CA ASP F 394 -84.25 82.10 40.72
C ASP F 394 -84.38 83.61 40.81
N ASP F 395 -84.63 84.09 42.02
CA ASP F 395 -84.98 85.50 42.25
C ASP F 395 -83.84 86.42 41.80
N ASP F 396 -82.67 86.24 42.40
CA ASP F 396 -81.45 87.01 42.08
C ASP F 396 -81.13 87.17 40.58
N ARG F 397 -81.30 86.10 39.80
CA ARG F 397 -81.01 86.17 38.37
C ARG F 397 -81.91 87.20 37.71
N ILE F 398 -83.14 87.29 38.19
CA ILE F 398 -84.10 88.23 37.62
C ILE F 398 -83.61 89.67 37.86
N GLN F 399 -83.16 89.97 39.07
CA GLN F 399 -82.65 91.33 39.33
C GLN F 399 -81.44 91.63 38.45
N TYR F 400 -80.49 90.70 38.40
CA TYR F 400 -79.33 90.83 37.53
C TYR F 400 -79.71 91.21 36.11
N TYR F 401 -80.69 90.48 35.56
CA TYR F 401 -81.07 90.65 34.16
C TYR F 401 -81.80 91.97 33.93
N ARG F 402 -82.62 92.36 34.90
CA ARG F 402 -83.27 93.66 34.83
C ARG F 402 -82.19 94.74 34.93
N ALA F 403 -81.31 94.57 35.92
CA ALA F 403 -80.18 95.47 36.12
C ALA F 403 -79.44 95.69 34.80
N SER F 404 -79.17 94.58 34.10
CA SER F 404 -78.46 94.64 32.83
C SER F 404 -79.28 95.34 31.74
N MET F 405 -80.58 95.04 31.69
CA MET F 405 -81.45 95.68 30.70
C MET F 405 -81.47 97.21 30.84
N GLU F 406 -81.47 97.71 32.08
CA GLU F 406 -81.46 99.17 32.31
C GLU F 406 -80.21 99.80 31.73
N SER F 407 -79.07 99.19 32.06
CA SER F 407 -77.78 99.62 31.54
C SER F 407 -77.78 99.66 30.03
N LEU F 408 -78.35 98.64 29.39
CA LEU F 408 -78.46 98.61 27.93
C LEU F 408 -79.16 99.86 27.44
N LEU F 409 -80.29 100.16 28.05
CA LEU F 409 -81.07 101.34 27.70
C LEU F 409 -80.22 102.60 27.91
N ASN F 410 -79.48 102.62 29.02
CA ASN F 410 -78.55 103.72 29.26
C ASN F 410 -77.54 103.94 28.11
N CYS F 411 -76.96 102.86 27.59
CA CYS F 411 -76.05 102.99 26.43
C CYS F 411 -76.82 103.47 25.21
N LEU F 412 -78.02 102.94 25.05
CA LEU F 412 -78.89 103.36 23.95
C LEU F 412 -79.22 104.85 24.04
N ASP F 413 -79.54 105.31 25.24
CA ASP F 413 -79.77 106.74 25.46
C ASP F 413 -78.53 107.58 25.14
N ASP F 414 -77.37 107.12 25.60
CA ASP F 414 -76.14 107.89 25.40
C ASP F 414 -75.65 107.86 23.96
N GLY F 415 -76.36 107.12 23.10
CA GLY F 415 -76.09 107.11 21.66
C GLY F 415 -75.05 106.09 21.23
N ILE F 416 -74.82 105.07 22.07
CA ILE F 416 -73.82 104.04 21.77
C ILE F 416 -74.45 103.01 20.83
N ASN F 417 -73.76 102.73 19.74
CA ASN F 417 -74.25 101.82 18.70
C ASN F 417 -74.23 100.35 19.15
N LEU F 418 -75.15 100.00 20.04
CA LEU F 418 -75.32 98.65 20.56
C LEU F 418 -76.53 97.99 19.86
N LYS F 419 -76.33 96.81 19.26
CA LYS F 419 -77.34 96.23 18.37
C LYS F 419 -77.95 94.91 18.82
N GLY F 420 -77.56 94.39 19.97
CA GLY F 420 -78.15 93.16 20.48
C GLY F 420 -77.54 92.66 21.78
N TYR F 421 -78.14 91.62 22.34
CA TYR F 421 -77.76 91.12 23.64
C TYR F 421 -78.06 89.64 23.72
N MET F 422 -77.13 88.87 24.29
CA MET F 422 -77.26 87.41 24.37
C MET F 422 -77.05 86.99 25.81
N ALA F 423 -78.09 86.44 26.41
CA ALA F 423 -77.99 85.92 27.77
C ALA F 423 -77.09 84.70 27.80
N TRP F 424 -76.46 84.46 28.96
CA TRP F 424 -75.70 83.27 29.17
C TRP F 424 -76.25 82.54 30.37
N SER F 425 -76.75 81.31 30.20
CA SER F 425 -76.80 80.59 28.93
C SER F 425 -78.23 80.11 28.65
N LEU F 426 -78.55 79.85 27.38
CA LEU F 426 -79.83 79.24 27.00
C LEU F 426 -80.28 78.15 27.97
N MET F 427 -79.34 77.33 28.43
CA MET F 427 -79.65 76.28 29.40
C MET F 427 -78.40 75.96 30.20
N ASP F 428 -78.56 75.18 31.27
CA ASP F 428 -77.43 74.77 32.10
C ASP F 428 -76.46 73.94 31.27
N ASN F 429 -75.20 73.90 31.72
CA ASN F 429 -74.13 73.25 30.95
C ASN F 429 -72.87 73.04 31.77
N PHE F 430 -71.95 72.29 31.20
CA PHE F 430 -70.63 72.06 31.80
C PHE F 430 -69.88 73.40 31.85
N GLU F 431 -69.63 73.91 33.05
CA GLU F 431 -68.93 75.17 33.20
C GLU F 431 -67.47 74.93 33.56
N TRP F 432 -66.75 74.37 32.60
CA TRP F 432 -65.30 74.24 32.65
C TRP F 432 -64.81 73.67 33.98
N MET F 433 -63.84 74.29 34.65
CA MET F 433 -63.27 73.70 35.87
C MET F 433 -64.30 73.53 36.99
N GLU F 434 -65.44 74.19 36.86
CA GLU F 434 -66.47 74.15 37.89
C GLU F 434 -67.49 73.05 37.64
N GLY F 435 -67.57 72.59 36.39
CA GLY F 435 -68.44 71.50 36.02
C GLY F 435 -69.90 71.88 36.06
N TYR F 436 -70.65 71.18 36.90
CA TYR F 436 -72.09 71.35 36.98
C TYR F 436 -72.55 72.00 38.29
N ILE F 437 -71.60 72.52 39.07
CA ILE F 437 -71.91 73.19 40.33
C ILE F 437 -72.62 74.53 40.08
N GLU F 438 -72.09 75.31 39.15
CA GLU F 438 -72.59 76.65 38.89
C GLU F 438 -73.45 76.64 37.64
N ARG F 439 -74.69 77.11 37.76
CA ARG F 439 -75.66 77.05 36.66
C ARG F 439 -75.96 78.45 36.14
N PHE F 440 -75.86 78.64 34.83
CA PHE F 440 -76.16 79.90 34.20
C PHE F 440 -77.39 79.82 33.34
N GLY F 441 -78.08 78.69 33.43
CA GLY F 441 -79.16 78.39 32.50
C GLY F 441 -80.46 79.08 32.83
N LEU F 442 -81.05 79.70 31.81
CA LEU F 442 -82.43 80.11 31.86
C LEU F 442 -83.36 78.90 32.05
N TYR F 443 -82.96 77.73 31.52
CA TYR F 443 -83.59 76.44 31.84
C TYR F 443 -82.69 75.63 32.77
N GLU F 444 -83.27 74.98 33.78
CA GLU F 444 -82.54 73.97 34.53
C GLU F 444 -82.43 72.75 33.61
N VAL F 445 -81.45 71.89 33.86
CA VAL F 445 -81.37 70.58 33.19
C VAL F 445 -81.09 69.51 34.22
N ASP F 446 -81.80 68.39 34.08
CA ASP F 446 -81.56 67.25 34.95
C ASP F 446 -80.35 66.49 34.40
N PHE F 447 -79.23 66.56 35.13
CA PHE F 447 -78.05 65.78 34.76
C PHE F 447 -78.17 64.38 35.32
N SER F 448 -79.11 63.65 34.72
CA SER F 448 -79.48 62.30 35.17
C SER F 448 -80.35 61.64 34.10
N ASP F 449 -81.42 62.33 33.71
CA ASP F 449 -82.25 61.91 32.58
C ASP F 449 -81.45 61.93 31.28
N PRO F 450 -81.38 60.78 30.58
CA PRO F 450 -80.75 60.70 29.25
C PRO F 450 -81.27 61.71 28.23
N ALA F 451 -82.56 62.04 28.30
CA ALA F 451 -83.13 63.10 27.47
C ALA F 451 -82.67 64.48 27.94
N ARG F 452 -82.32 64.59 29.23
CA ARG F 452 -81.79 65.81 29.85
C ARG F 452 -82.86 66.90 29.96
N ARG F 454 -84.64 69.29 30.30
CA ARG F 454 -84.54 70.73 30.50
C ARG F 454 -85.88 71.41 30.76
N THR F 455 -86.02 71.96 31.97
CA THR F 455 -87.25 72.66 32.39
C THR F 455 -86.96 74.15 32.71
N PRO F 456 -87.81 75.08 32.20
CA PRO F 456 -87.55 76.51 32.41
C PRO F 456 -87.54 76.98 33.88
N ARG F 457 -87.00 78.17 34.12
CA ARG F 457 -86.96 78.79 35.44
C ARG F 457 -87.78 80.07 35.42
N LYS F 458 -88.06 80.61 36.61
CA LYS F 458 -88.75 81.89 36.77
C LYS F 458 -88.18 82.93 35.77
N ALA F 459 -86.86 83.04 35.72
CA ALA F 459 -86.15 84.03 34.90
C ALA F 459 -86.39 83.91 33.38
N ALA F 460 -86.64 82.69 32.92
CA ALA F 460 -86.91 82.42 31.51
C ALA F 460 -88.14 83.16 31.00
N PHE F 461 -89.19 83.13 31.81
CA PHE F 461 -90.43 83.81 31.47
C PHE F 461 -90.18 85.33 31.47
N VAL F 462 -89.51 85.81 32.51
CA VAL F 462 -89.09 87.22 32.59
C VAL F 462 -88.41 87.69 31.29
N TYR F 463 -87.40 86.94 30.83
CA TYR F 463 -86.67 87.31 29.62
C TYR F 463 -87.56 87.28 28.37
N LYS F 464 -88.53 86.36 28.33
CA LYS F 464 -89.55 86.35 27.29
C LYS F 464 -90.41 87.61 27.37
N HIS F 465 -90.94 87.87 28.56
CA HIS F 465 -91.74 89.07 28.88
C HIS F 465 -91.08 90.29 28.21
N ILE F 466 -89.78 90.43 28.44
CA ILE F 466 -89.02 91.58 27.98
C ILE F 466 -88.96 91.67 26.47
N ILE F 467 -88.47 90.62 25.82
CA ILE F 467 -88.24 90.63 24.36
C ILE F 467 -89.50 91.00 23.58
N LYS F 468 -90.63 90.41 23.95
CA LYS F 468 -91.92 90.68 23.31
C LYS F 468 -92.36 92.16 23.39
N HIS F 469 -92.38 92.72 24.60
CA HIS F 469 -92.80 94.11 24.82
C HIS F 469 -91.70 95.16 24.57
N ARG F 470 -90.43 94.74 24.68
CA ARG F 470 -89.27 95.62 24.50
C ARG F 470 -89.12 96.66 25.63
N VAL F 471 -89.62 96.30 26.81
CA VAL F 471 -89.54 97.11 28.03
C VAL F 471 -89.48 96.18 29.24
N VAL F 472 -89.21 96.74 30.41
CA VAL F 472 -89.09 95.99 31.66
C VAL F 472 -90.37 96.17 32.50
N ASP F 473 -90.53 95.37 33.56
CA ASP F 473 -91.69 95.47 34.44
C ASP F 473 -91.45 94.77 35.77
N TYR F 474 -91.33 95.54 36.85
CA TYR F 474 -90.98 94.98 38.16
C TYR F 474 -92.24 94.50 38.91
C1 NAG G . 2.56 -10.54 5.42
C2 NAG G . 2.27 -10.66 6.90
C3 NAG G . 1.72 -12.06 7.21
C4 NAG G . 0.63 -12.51 6.24
C5 NAG G . 1.03 -12.20 4.79
C6 NAG G . -0.09 -12.52 3.80
C7 NAG G . 3.78 -9.40 8.38
C8 NAG G . 5.13 -9.38 9.06
N2 NAG G . 3.51 -10.47 7.63
O3 NAG G . 1.29 -12.09 8.56
O4 NAG G . 0.52 -13.91 6.34
O5 NAG G . 1.40 -10.84 4.66
O6 NAG G . -1.05 -11.48 3.79
O7 NAG G . 3.01 -8.46 8.53
C1 NAG G . -0.80 -14.39 6.72
C2 NAG G . -1.33 -15.65 6.01
C3 NAG G . -1.89 -16.70 6.99
C4 NAG G . -1.77 -16.27 8.45
C5 NAG G . -2.32 -14.84 8.56
C6 NAG G . -2.47 -14.38 10.01
C7 NAG G . -2.44 -15.67 3.78
C8 NAG G . -3.59 -15.12 2.95
N2 NAG G . -2.36 -15.24 5.06
O3 NAG G . -1.23 -17.94 6.84
O4 NAG G . -2.49 -17.20 9.24
O5 NAG G . -1.51 -13.90 7.86
O6 NAG G . -1.20 -14.28 10.61
O7 NAG G . -1.68 -16.45 3.25
C1 NAG H . 7.42 18.93 5.79
C2 NAG H . 7.74 18.97 7.28
C3 NAG H . 8.28 20.32 7.75
C4 NAG H . 9.10 21.07 6.69
C5 NAG H . 8.51 20.91 5.30
C6 NAG H . 9.37 21.58 4.23
C7 NAG H . 6.35 17.48 8.72
C8 NAG H . 7.43 16.44 8.79
N2 NAG H . 6.54 18.61 8.02
O3 NAG H . 9.07 20.09 8.89
O4 NAG H . 9.15 22.45 7.02
O5 NAG H . 8.39 19.54 4.97
O6 NAG H . 10.66 21.02 4.26
O7 NAG H . 5.28 17.29 9.31
C1 NAG H . 10.41 22.87 7.61
C2 NAG H . 10.78 24.37 7.53
C3 NAG H . 12.29 24.56 7.47
C4 NAG H . 12.95 23.71 8.55
C5 NAG H . 12.61 22.23 8.35
C6 NAG H . 13.27 21.35 9.42
C7 NAG H . 9.28 26.06 6.54
C8 NAG H . 8.69 26.61 5.29
N2 NAG H . 10.12 25.01 6.40
O3 NAG H . 12.59 25.92 7.68
O4 NAG H . 14.36 23.89 8.54
O5 NAG H . 11.21 22.02 8.42
O6 NAG H . 14.35 20.66 8.85
O7 NAG H . 9.00 26.57 7.62
C1 NAG I . 36.75 -92.82 -11.88
C2 NAG I . 35.94 -93.06 -10.59
C3 NAG I . 35.62 -94.55 -10.47
C4 NAG I . 34.84 -95.01 -11.72
C5 NAG I . 35.62 -94.61 -12.97
C6 NAG I . 34.88 -94.90 -14.27
C7 NAG I . 37.75 -92.80 -8.89
C8 NAG I . 38.21 -92.01 -7.69
N2 NAG I . 36.57 -92.44 -9.43
O3 NAG I . 34.92 -94.81 -9.28
O4 NAG I . 34.62 -96.41 -11.70
O5 NAG I . 35.96 -93.23 -12.98
O6 NAG I . 34.17 -93.75 -14.68
O7 NAG I . 38.46 -93.71 -9.30
C1 NAG I . 33.22 -96.84 -11.74
C2 NAG I . 32.78 -97.81 -12.86
C3 NAG I . 31.92 -98.95 -12.31
C4 NAG I . 30.92 -98.53 -11.23
C5 NAG I . 30.99 -97.05 -10.82
C6 NAG I . 30.25 -96.79 -9.51
C7 NAG I . 32.26 -97.34 -15.25
C8 NAG I . 31.43 -96.55 -16.22
N2 NAG I . 32.05 -97.12 -13.94
O3 NAG I . 32.75 -99.96 -11.79
O4 NAG I . 29.61 -98.83 -11.67
O5 NAG I . 32.33 -96.61 -10.64
O6 NAG I . 29.07 -97.57 -9.44
O7 NAG I . 33.09 -98.14 -15.70
C TRS J . 24.33 -11.85 1.49
C1 TRS J . 23.12 -12.65 0.98
C2 TRS J . 25.26 -12.74 2.28
C3 TRS J . 23.87 -10.69 2.37
N TRS J . 25.06 -11.28 0.32
O1 TRS J . 22.74 -12.21 -0.32
O2 TRS J . 24.59 -13.16 3.48
O3 TRS J . 25.01 -10.19 3.09
C TRS K . -14.34 20.12 3.04
C1 TRS K . -13.89 18.99 3.95
C2 TRS K . -13.20 20.61 2.14
C3 TRS K . -14.88 21.29 3.86
N TRS K . -15.43 19.60 2.18
O1 TRS K . -15.00 18.53 4.75
O2 TRS K . -13.73 21.12 0.92
O3 TRS K . -14.01 21.56 4.98
C1 NAG L . 41.09 -64.86 -1.89
C2 NAG L . 41.38 -65.36 -0.47
C3 NAG L . 42.27 -64.44 0.40
C4 NAG L . 43.40 -63.81 -0.40
C5 NAG L . 42.80 -63.18 -1.65
C6 NAG L . 43.85 -62.42 -2.47
C7 NAG L . 39.55 -66.78 0.28
C8 NAG L . 38.21 -66.86 0.94
N2 NAG L . 40.10 -65.57 0.17
O3 NAG L . 42.82 -65.21 1.44
O4 NAG L . 44.12 -62.87 0.40
O5 NAG L . 42.23 -64.21 -2.45
O6 NAG L . 43.56 -62.55 -3.84
O7 NAG L . 40.12 -67.80 -0.14
C TRS M . 19.06 -62.56 -6.36
C1 TRS M . 19.64 -61.61 -5.33
C2 TRS M . 19.23 -63.98 -5.84
C3 TRS M . 19.74 -62.40 -7.71
N TRS M . 17.60 -62.27 -6.53
O1 TRS M . 21.04 -61.87 -5.23
O2 TRS M . 17.96 -64.56 -5.52
O3 TRS M . 20.19 -61.05 -7.85
C TRS N . 58.35 -92.99 -14.35
C1 TRS N . 59.72 -92.44 -14.02
C2 TRS N . 58.02 -92.78 -15.82
C3 TRS N . 57.28 -92.35 -13.48
N TRS N . 58.37 -94.45 -14.05
O1 TRS N . 60.05 -91.34 -14.86
O2 TRS N . 56.94 -93.61 -16.25
O3 TRS N . 56.75 -93.30 -12.54
C1 NAG O . -48.82 56.49 15.70
C2 NAG O . -49.24 55.46 16.75
C3 NAG O . -49.85 54.20 16.13
C4 NAG O . -50.88 54.54 15.05
C5 NAG O . -50.30 55.56 14.08
C6 NAG O . -51.32 55.98 13.04
C7 NAG O . -47.91 55.04 18.82
C8 NAG O . -49.07 55.37 19.72
N2 NAG O . -48.04 55.08 17.49
O3 NAG O . -50.44 53.39 17.12
O4 NAG O . -51.26 53.36 14.35
O5 NAG O . -49.88 56.72 14.78
O6 NAG O . -50.61 56.74 12.10
O7 NAG O . -46.83 54.70 19.31
C TRS P . -26.58 57.34 17.58
C1 TRS P . -27.71 56.52 18.21
C2 TRS P . -26.52 57.46 16.05
C3 TRS P . -25.50 57.98 18.46
N TRS P . -25.76 56.07 17.52
O1 TRS P . -27.73 55.18 17.69
O2 TRS P . -27.34 56.45 15.45
O3 TRS P . -25.88 59.31 18.83
C1 NAG Q . -47.31 76.88 37.85
C2 NAG Q . -47.08 75.80 38.90
C3 NAG Q . -46.95 76.43 40.29
C4 NAG Q . -45.76 77.38 40.29
C5 NAG Q . -45.92 78.40 39.16
C6 NAG Q . -44.63 79.23 39.05
C7 NAG Q . -49.33 74.88 39.28
C8 NAG Q . -50.25 73.70 39.07
N2 NAG Q . -48.08 74.76 38.79
O3 NAG Q . -46.83 75.45 41.30
O4 NAG Q . -45.59 78.03 41.54
O5 NAG Q . -46.23 77.81 37.90
O6 NAG Q . -44.40 79.69 37.73
O7 NAG Q . -49.73 75.87 39.88
C TRS R . -67.70 81.75 30.93
C1 TRS R . -67.28 80.87 32.13
C2 TRS R . -67.75 80.88 29.68
C3 TRS R . -66.74 82.92 30.71
N TRS R . -69.06 82.29 31.15
O1 TRS R . -68.28 80.93 33.16
O2 TRS R . -68.18 81.65 28.55
O3 TRS R . -66.21 83.45 31.94
#